data_9K2I
#
_entry.id   9K2I
#
_cell.length_a   112.303
_cell.length_b   147.504
_cell.length_c   122.171
_cell.angle_alpha   90.00
_cell.angle_beta   94.25
_cell.angle_gamma   90.00
#
_symmetry.space_group_name_H-M   'P 1 21 1'
#
loop_
_entity.id
_entity.type
_entity.pdbx_description
1 polymer 'MHC class I antigen'
2 polymer Beta-2-microglobulin
3 polymer PHE-SER-GLY-GLU-TYR-ILE-PRO-THR-VAL
4 polymer 'T cell receptor 5934 chain beta'
5 polymer 'T cell receptor5934 chain alpha'
#
loop_
_entity_poly.entity_id
_entity_poly.type
_entity_poly.pdbx_seq_one_letter_code
_entity_poly.pdbx_strand_id
1 'polypeptide(L)'
;MGSHSMRYFFTSVSRPGRGEPRFIAVGYVDDTQFVRFDSDAASQRMEPRAPWIEQEGPEYWDGETRKVKAHSQTHRVDLG
TLRGYYNQSEAGSHTVQRMYGCDVGSDWRFLRGYHQYAYDGKDYIALKEDLRSWTAADMAAQTTKHKWEAAHVAEQLRAY
LEGTCVEWLRRYLENGKETLQRTDAPKTHMTHHAVSDHEATLRCWALSFYPAEITLTWQRDGEDQTQDTELVETRPAGDG
TFQKWAAVVVPSGQEQRYTCHVQHEGLPKPLTLRWE
;
A,F,K,P
2 'polypeptide(L)'
;MIQRTPKIQVYSRHPAENGKSNFLNCYVSGFHPSDIEVDLLKNGERIEKVEHSDLSFSKDWSFYLLYYTEFTPTEKDEYA
CRVNHVTLSQPKIVKWDRDM
;
B,G,L,Q
3 'polypeptide(L)' FSGEYIPTV C,H,M,R
4 'polypeptide(L)'
;MDTAVSQTPKYLVTQMGNDKSIKCEQNLGHDTMYWYKQDSKKFLKIMFSYNNKELIINETVPNRFSPKSPDKAHLNLHIN
SLELGDSAVYFCASSQLAGGPLYNEQFFGPGTRLTVLEDLKNVFPPEVAVFEPSEAEISHTQKATLVCLATGFYPDHVEL
SWWVNGKEVHSGVCTDPQPLKEQPALNDSRYALSSRLRVSATFWQNPRNHFRCQVQFYGLSENDEWTQDRAKPVTQIVSA
EAWGRAD
;
J,E,T,O
5 'polypeptide(L)'
;MGENVEQHPSTLSVQEGDSAVIKCTYSDSASNYFPWYKQELGKGPQLIIDIRSNVGEKKDQRIAVTLNKTAKHFSLHITE
TQPEDSAVYFCAASRGGAQKLVFGQGTRLTINPNIQNPDPAVYQLRDSKSSDKSVCLFTDFDSQTNVSQSKDSDVYITDK
CVLDMRSMDFKSNSAVAWSNKSDFACANAFNNSIIPEDTFFPSPESS
;
I,D,S,N
#
# COMPACT_ATOMS: atom_id res chain seq x y z
N GLY A 2 -15.26 5.23 26.99
CA GLY A 2 -16.26 6.22 26.62
C GLY A 2 -16.02 7.55 27.29
N SER A 3 -15.23 7.54 28.35
CA SER A 3 -14.79 8.78 28.99
C SER A 3 -13.97 9.67 28.04
N HIS A 4 -14.05 10.99 28.26
CA HIS A 4 -13.20 11.92 27.53
C HIS A 4 -12.67 13.01 28.46
N SER A 5 -11.80 13.87 27.92
CA SER A 5 -11.23 14.94 28.71
C SER A 5 -10.58 16.06 27.88
N MET A 6 -10.72 17.30 28.36
CA MET A 6 -9.90 18.45 27.94
C MET A 6 -8.99 18.81 29.07
N ARG A 7 -7.72 19.07 28.77
CA ARG A 7 -6.78 19.39 29.83
C ARG A 7 -5.72 20.37 29.36
N TYR A 8 -5.70 21.56 29.97
CA TYR A 8 -4.65 22.54 29.67
C TYR A 8 -3.52 22.44 30.69
N PHE A 9 -2.29 22.58 30.21
CA PHE A 9 -1.08 22.45 31.03
C PHE A 9 -0.24 23.72 30.92
N PHE A 10 0.11 24.32 32.06
CA PHE A 10 0.88 25.58 32.06
C PHE A 10 2.18 25.58 32.86
N THR A 11 3.28 25.85 32.17
CA THR A 11 4.56 25.97 32.86
C THR A 11 5.26 27.30 32.54
N SER A 12 5.45 28.09 33.59
CA SER A 12 6.28 29.27 33.50
C SER A 12 7.38 29.16 34.54
N VAL A 13 8.59 29.47 34.08
CA VAL A 13 9.77 29.27 34.88
C VAL A 13 10.63 30.54 34.72
N SER A 14 10.99 31.11 35.87
CA SER A 14 11.57 32.43 35.99
C SER A 14 13.02 32.51 35.59
N ARG A 15 13.35 33.46 34.74
CA ARG A 15 14.74 33.66 34.32
C ARG A 15 15.34 34.93 34.94
N PRO A 16 15.93 34.85 36.15
CA PRO A 16 16.47 36.08 36.77
C PRO A 16 17.57 36.69 35.91
N GLY A 17 17.39 37.95 35.53
CA GLY A 17 18.39 38.64 34.73
C GLY A 17 18.26 38.41 33.23
N ARG A 18 17.79 37.23 32.82
CA ARG A 18 17.73 36.91 31.39
C ARG A 18 16.31 37.06 30.85
N GLY A 19 15.80 38.29 30.95
CA GLY A 19 14.53 38.66 30.35
C GLY A 19 13.34 38.23 31.17
N GLU A 20 12.29 37.80 30.48
CA GLU A 20 11.01 37.38 31.07
C GLU A 20 11.07 35.90 31.47
N PRO A 21 9.98 35.34 32.06
CA PRO A 21 10.15 33.91 32.34
C PRO A 21 9.84 33.10 31.11
N ARG A 22 10.40 31.90 31.02
CA ARG A 22 10.05 30.99 29.93
C ARG A 22 8.66 30.46 30.24
N PHE A 23 7.80 30.44 29.23
CA PHE A 23 6.40 30.07 29.39
C PHE A 23 5.95 29.06 28.33
N ILE A 24 5.62 27.84 28.77
CA ILE A 24 5.14 26.82 27.84
C ILE A 24 3.74 26.37 28.24
N ALA A 25 2.78 26.47 27.32
CA ALA A 25 1.42 25.99 27.56
C ALA A 25 0.98 24.95 26.53
N VAL A 26 0.36 23.86 26.98
CA VAL A 26 -0.16 22.86 26.05
C VAL A 26 -1.58 22.40 26.37
N GLY A 27 -2.35 22.15 25.31
CA GLY A 27 -3.71 21.64 25.42
C GLY A 27 -3.84 20.19 24.94
N TYR A 28 -4.71 19.42 25.60
CA TYR A 28 -4.93 18.00 25.29
C TYR A 28 -6.41 17.70 25.25
N VAL A 29 -6.86 16.94 24.26
CA VAL A 29 -8.10 16.20 24.46
C VAL A 29 -7.74 14.73 24.64
N ASP A 30 -8.23 14.10 25.71
CA ASP A 30 -7.80 12.74 26.04
C ASP A 30 -6.26 12.68 26.05
N ASP A 31 -5.69 11.87 25.14
CA ASP A 31 -4.24 11.66 25.05
C ASP A 31 -3.60 12.20 23.75
N THR A 32 -4.39 12.89 22.96
CA THR A 32 -3.90 13.76 21.89
C THR A 32 -3.55 15.19 22.43
N GLN A 33 -2.37 15.73 22.08
CA GLN A 33 -2.10 17.15 22.24
C GLN A 33 -2.70 17.89 21.04
N PHE A 34 -3.31 19.06 21.25
CA PHE A 34 -3.96 19.70 20.11
C PHE A 34 -3.68 21.18 19.93
N VAL A 35 -3.26 21.86 21.00
CA VAL A 35 -2.72 23.21 20.84
C VAL A 35 -1.47 23.33 21.69
N ARG A 36 -0.60 24.30 21.35
CA ARG A 36 0.54 24.66 22.20
C ARG A 36 0.86 26.15 22.16
N PHE A 37 1.59 26.59 23.20
CA PHE A 37 2.22 27.90 23.20
C PHE A 37 3.59 27.84 23.91
N ASP A 38 4.60 28.40 23.21
CA ASP A 38 5.97 28.50 23.71
C ASP A 38 6.40 29.95 23.51
N SER A 39 6.79 30.62 24.59
CA SER A 39 7.12 32.05 24.56
C SER A 39 8.36 32.31 23.74
N ASP A 40 9.28 31.34 23.72
CA ASP A 40 10.54 31.49 23.00
C ASP A 40 10.32 31.31 21.51
N ALA A 41 9.23 30.66 21.15
CA ALA A 41 8.87 30.53 19.76
C ALA A 41 8.66 31.90 19.13
N ALA A 42 8.62 31.92 17.80
CA ALA A 42 8.69 33.18 17.07
C ALA A 42 7.33 33.79 16.93
N SER A 43 6.37 32.92 16.59
CA SER A 43 5.05 33.36 16.16
C SER A 43 4.25 34.05 17.28
N GLN A 44 4.50 33.66 18.54
CA GLN A 44 3.91 34.32 19.70
C GLN A 44 2.39 34.24 19.64
N ARG A 45 1.90 33.20 18.95
CA ARG A 45 0.48 32.84 18.93
C ARG A 45 0.33 31.43 19.45
N MET A 46 -0.91 31.11 19.80
CA MET A 46 -1.29 29.75 20.09
C MET A 46 -1.20 28.95 18.79
N GLU A 47 -0.72 27.72 18.89
CA GLU A 47 -0.46 26.92 17.69
C GLU A 47 -1.27 25.61 17.66
N PRO A 48 -1.75 25.20 16.46
CA PRO A 48 -2.32 23.86 16.34
C PRO A 48 -1.27 22.75 16.46
N ARG A 49 -1.68 21.61 17.02
CA ARG A 49 -0.92 20.36 16.99
C ARG A 49 -1.84 19.13 16.63
N ALA A 50 -2.98 19.40 15.99
CA ALA A 50 -3.92 18.36 15.58
C ALA A 50 -4.82 18.92 14.52
N PRO A 51 -5.17 18.09 13.52
CA PRO A 51 -5.76 18.63 12.29
C PRO A 51 -7.18 19.21 12.49
N TRP A 52 -7.90 18.63 13.41
CA TRP A 52 -9.31 18.96 13.56
C TRP A 52 -9.54 20.32 14.21
N ILE A 53 -8.48 20.86 14.81
CA ILE A 53 -8.57 22.19 15.42
C ILE A 53 -8.22 23.25 14.40
N GLU A 54 -7.49 22.85 13.35
CA GLU A 54 -6.99 23.77 12.32
C GLU A 54 -8.19 24.40 11.64
N GLN A 55 -9.28 23.64 11.67
CA GLN A 55 -10.60 24.02 11.17
C GLN A 55 -10.96 25.41 11.66
N GLU A 56 -10.64 25.67 12.92
CA GLU A 56 -11.16 26.83 13.65
C GLU A 56 -10.75 28.20 13.09
N GLY A 57 -11.71 29.11 13.00
CA GLY A 57 -11.52 30.39 12.38
C GLY A 57 -10.66 31.38 13.14
N PRO A 58 -10.53 32.59 12.59
CA PRO A 58 -9.54 33.52 13.13
C PRO A 58 -9.82 33.89 14.57
N GLU A 59 -11.08 34.18 14.90
CA GLU A 59 -11.40 34.67 16.24
C GLU A 59 -11.04 33.65 17.31
N TYR A 60 -11.26 32.38 17.02
CA TYR A 60 -10.84 31.32 17.93
C TYR A 60 -9.36 31.47 18.24
N TRP A 61 -8.54 31.55 17.19
CA TRP A 61 -7.08 31.58 17.34
C TRP A 61 -6.57 32.91 17.90
N ASP A 62 -7.07 34.05 17.39
CA ASP A 62 -6.78 35.35 18.00
C ASP A 62 -7.09 35.21 19.48
N GLY A 63 -8.32 34.81 19.76
CA GLY A 63 -8.78 34.61 21.11
C GLY A 63 -7.88 33.76 21.99
N GLU A 64 -7.55 32.57 21.53
CA GLU A 64 -6.76 31.65 22.35
C GLU A 64 -5.36 32.20 22.61
N THR A 65 -4.87 33.00 21.65
CA THR A 65 -3.58 33.68 21.75
C THR A 65 -3.59 34.68 22.88
N ARG A 66 -4.60 35.55 22.89
CA ARG A 66 -4.76 36.49 23.98
C ARG A 66 -4.83 35.77 25.35
N LYS A 67 -5.71 34.79 25.53
CA LYS A 67 -5.93 34.26 26.86
C LYS A 67 -4.65 33.59 27.40
N VAL A 68 -3.83 33.08 26.51
CA VAL A 68 -2.74 32.25 26.97
C VAL A 68 -1.59 33.17 27.30
N LYS A 69 -1.49 34.26 26.57
CA LYS A 69 -0.59 35.32 26.96
C LYS A 69 -0.96 35.87 28.37
N ALA A 70 -2.23 36.23 28.54
CA ALA A 70 -2.74 36.66 29.84
C ALA A 70 -2.46 35.62 30.92
N HIS A 71 -2.34 34.36 30.52
CA HIS A 71 -2.02 33.33 31.49
C HIS A 71 -0.63 33.55 32.06
N SER A 72 0.32 33.89 31.17
CA SER A 72 1.70 34.09 31.60
C SER A 72 1.88 35.39 32.41
N GLN A 73 1.28 36.50 31.95
CA GLN A 73 1.30 37.74 32.75
C GLN A 73 0.91 37.46 34.18
N THR A 74 -0.16 36.70 34.34
CA THR A 74 -0.57 36.30 35.68
C THR A 74 0.54 35.51 36.35
N HIS A 75 1.04 34.49 35.67
CA HIS A 75 2.05 33.63 36.27
C HIS A 75 3.25 34.45 36.65
N ARG A 76 3.41 35.54 35.92
CA ARG A 76 4.59 36.36 36.10
C ARG A 76 4.52 37.12 37.41
N VAL A 77 3.34 37.69 37.66
CA VAL A 77 2.99 38.36 38.91
C VAL A 77 3.14 37.43 40.10
N ASP A 78 2.43 36.32 40.03
CA ASP A 78 2.56 35.23 41.00
C ASP A 78 4.02 34.93 41.39
N LEU A 79 4.88 34.86 40.38
CA LEU A 79 6.27 34.50 40.60
C LEU A 79 6.92 35.40 41.65
N GLY A 80 6.60 36.68 41.60
CA GLY A 80 7.05 37.64 42.57
C GLY A 80 6.32 37.42 43.88
N THR A 81 4.99 37.45 43.79
CA THR A 81 4.14 37.25 44.94
C THR A 81 4.55 36.08 45.80
N LEU A 82 5.03 35.03 45.14
CA LEU A 82 5.35 33.79 45.82
C LEU A 82 6.76 33.88 46.40
N ARG A 83 7.64 34.65 45.75
CA ARG A 83 8.92 35.02 46.37
C ARG A 83 8.65 35.67 47.72
N GLY A 84 7.76 36.66 47.70
CA GLY A 84 7.31 37.28 48.93
C GLY A 84 6.84 36.25 49.94
N TYR A 85 5.83 35.49 49.56
CA TYR A 85 5.17 34.56 50.47
C TYR A 85 6.21 33.65 51.15
N TYR A 86 7.20 33.21 50.40
CA TYR A 86 8.15 32.25 50.95
C TYR A 86 9.45 32.91 51.43
N ASN A 87 9.55 34.23 51.27
CA ASN A 87 10.78 34.96 51.62
C ASN A 87 12.01 34.41 50.89
N GLN A 88 12.15 34.80 49.62
CA GLN A 88 13.16 34.19 48.74
C GLN A 88 13.99 35.26 48.03
N SER A 89 15.28 34.97 47.80
CA SER A 89 16.12 35.92 47.11
C SER A 89 15.57 36.15 45.72
N GLU A 90 15.81 37.34 45.18
CA GLU A 90 15.31 37.72 43.87
C GLU A 90 16.26 37.14 42.83
N ALA A 91 17.29 36.45 43.31
CA ALA A 91 18.37 35.98 42.48
C ALA A 91 18.18 34.53 42.06
N GLY A 92 17.42 33.77 42.85
CA GLY A 92 17.11 32.41 42.49
C GLY A 92 16.12 32.36 41.33
N SER A 93 16.06 31.24 40.61
CA SER A 93 14.97 30.99 39.66
C SER A 93 13.88 30.08 40.25
N HIS A 94 12.66 30.21 39.74
CA HIS A 94 11.57 29.42 40.24
C HIS A 94 10.57 29.00 39.17
N THR A 95 9.82 27.94 39.48
CA THR A 95 8.88 27.34 38.54
C THR A 95 7.44 27.37 39.06
N VAL A 96 6.55 27.99 38.30
CA VAL A 96 5.14 27.93 38.61
C VAL A 96 4.44 26.99 37.62
N GLN A 97 3.71 26.00 38.13
CA GLN A 97 2.90 25.12 37.27
C GLN A 97 1.43 25.16 37.61
N ARG A 98 0.62 25.11 36.55
CA ARG A 98 -0.83 25.16 36.63
C ARG A 98 -1.42 24.25 35.57
N MET A 99 -2.32 23.37 36.01
CA MET A 99 -3.15 22.52 35.14
C MET A 99 -4.60 22.51 35.57
N TYR A 100 -5.49 22.69 34.61
CA TYR A 100 -6.90 22.47 34.89
C TYR A 100 -7.56 21.70 33.74
N GLY A 101 -8.84 21.36 33.93
CA GLY A 101 -9.63 20.71 32.88
C GLY A 101 -10.89 19.98 33.34
N CYS A 102 -11.61 19.41 32.37
CA CYS A 102 -12.88 18.74 32.62
C CYS A 102 -12.96 17.38 31.96
N ASP A 103 -13.67 16.48 32.65
CA ASP A 103 -13.92 15.11 32.19
C ASP A 103 -15.39 14.92 31.83
N VAL A 104 -15.66 14.16 30.80
CA VAL A 104 -17.04 13.85 30.47
C VAL A 104 -17.16 12.36 30.37
N GLY A 105 -18.39 11.87 30.40
CA GLY A 105 -18.66 10.44 30.27
C GLY A 105 -19.05 10.12 28.85
N SER A 106 -19.53 8.89 28.65
CA SER A 106 -19.92 8.36 27.32
C SER A 106 -21.13 9.11 26.78
N ASP A 107 -21.86 9.73 27.72
CA ASP A 107 -22.93 10.68 27.44
C ASP A 107 -22.44 12.07 27.07
N TRP A 108 -21.13 12.31 27.16
CA TRP A 108 -20.52 13.61 26.88
C TRP A 108 -21.04 14.72 27.79
N ARG A 109 -21.57 14.34 28.95
CA ARG A 109 -21.95 15.30 29.99
C ARG A 109 -20.86 15.46 31.02
N PHE A 110 -20.87 16.59 31.71
CA PHE A 110 -19.88 16.86 32.74
C PHE A 110 -19.82 15.77 33.80
N LEU A 111 -18.62 15.24 33.99
CA LEU A 111 -18.36 14.34 35.09
C LEU A 111 -17.62 15.05 36.21
N ARG A 112 -16.37 15.42 35.94
CA ARG A 112 -15.43 15.95 36.94
C ARG A 112 -14.80 17.28 36.51
N GLY A 113 -14.26 18.02 37.49
CA GLY A 113 -13.46 19.22 37.21
C GLY A 113 -12.12 19.30 37.96
N TYR A 114 -11.16 20.06 37.41
CA TYR A 114 -9.83 20.22 38.05
C TYR A 114 -9.28 21.62 37.92
N HIS A 115 -8.43 22.00 38.87
CA HIS A 115 -7.66 23.24 38.76
C HIS A 115 -6.62 23.29 39.87
N GLN A 116 -5.37 23.01 39.52
CA GLN A 116 -4.38 22.80 40.53
C GLN A 116 -3.18 23.62 40.24
N TYR A 117 -2.40 23.87 41.28
CA TYR A 117 -1.34 24.86 41.19
C TYR A 117 -0.14 24.38 41.99
N ALA A 118 1.05 24.76 41.57
CA ALA A 118 2.26 24.24 42.17
C ALA A 118 3.43 25.23 42.09
N TYR A 119 4.10 25.42 43.23
CA TYR A 119 5.30 26.25 43.27
C TYR A 119 6.47 25.29 43.41
N ASP A 120 7.49 25.50 42.58
CA ASP A 120 8.71 24.69 42.57
C ASP A 120 8.36 23.19 42.61
N GLY A 121 7.43 22.80 41.76
CA GLY A 121 7.06 21.41 41.52
C GLY A 121 6.46 20.67 42.70
N LYS A 122 5.88 21.43 43.61
CA LYS A 122 5.25 20.90 44.82
C LYS A 122 3.85 21.47 44.98
N ASP A 123 2.93 20.70 45.56
CA ASP A 123 1.57 21.18 45.72
C ASP A 123 1.52 22.49 46.43
N TYR A 124 0.71 23.40 45.92
CA TYR A 124 0.49 24.70 46.57
C TYR A 124 -0.96 24.73 47.05
N ILE A 125 -1.82 25.22 46.17
CA ILE A 125 -3.24 25.16 46.38
C ILE A 125 -3.83 24.43 45.18
N ALA A 126 -5.03 23.90 45.36
CA ALA A 126 -5.77 23.28 44.26
C ALA A 126 -7.27 23.26 44.58
N LEU A 127 -8.05 23.10 43.52
CA LEU A 127 -9.48 23.12 43.63
C LEU A 127 -9.92 21.73 44.03
N LYS A 128 -10.82 21.64 45.00
CA LYS A 128 -11.25 20.33 45.51
C LYS A 128 -12.32 19.74 44.63
N GLU A 129 -12.71 18.52 44.96
CA GLU A 129 -13.48 17.74 44.05
C GLU A 129 -14.81 18.40 43.65
N ASP A 130 -15.36 19.24 44.52
CA ASP A 130 -16.71 19.76 44.30
C ASP A 130 -16.74 21.09 43.57
N LEU A 131 -15.56 21.57 43.20
CA LEU A 131 -15.34 22.89 42.59
C LEU A 131 -15.89 24.08 43.40
N ARG A 132 -15.78 23.99 44.72
CA ARG A 132 -16.27 25.07 45.54
C ARG A 132 -15.33 25.43 46.71
N SER A 133 -14.65 24.44 47.31
CA SER A 133 -13.66 24.76 48.33
C SER A 133 -12.23 24.47 47.88
N TRP A 134 -11.26 24.77 48.73
CA TRP A 134 -9.87 24.61 48.35
C TRP A 134 -9.04 23.73 49.28
N THR A 135 -7.98 23.12 48.75
CA THR A 135 -6.97 22.46 49.57
C THR A 135 -5.65 23.14 49.39
N ALA A 136 -5.15 23.73 50.47
CA ALA A 136 -3.82 24.36 50.47
C ALA A 136 -2.80 23.41 51.10
N ALA A 137 -1.62 23.33 50.51
CA ALA A 137 -0.63 22.34 50.89
C ALA A 137 0.33 22.82 51.97
N ASP A 138 0.40 24.14 52.16
CA ASP A 138 1.32 24.73 53.13
C ASP A 138 0.87 26.10 53.64
N MET A 139 1.71 26.68 54.50
CA MET A 139 1.35 27.90 55.19
C MET A 139 1.10 29.01 54.18
N ALA A 140 1.99 29.14 53.21
CA ALA A 140 1.83 30.15 52.16
C ALA A 140 0.50 30.07 51.41
N ALA A 141 0.12 28.88 50.95
CA ALA A 141 -1.08 28.73 50.14
C ALA A 141 -2.30 28.95 51.00
N GLN A 142 -2.15 28.71 52.29
CA GLN A 142 -3.17 29.04 53.26
C GLN A 142 -3.62 30.49 53.12
N THR A 143 -2.65 31.40 53.10
CA THR A 143 -2.87 32.81 52.79
C THR A 143 -3.78 32.90 51.57
N THR A 144 -3.31 32.33 50.47
CA THR A 144 -4.01 32.37 49.19
C THR A 144 -5.41 31.74 49.20
N LYS A 145 -5.59 30.67 49.98
CA LYS A 145 -6.90 30.06 50.12
C LYS A 145 -7.94 31.10 50.52
N HIS A 146 -7.76 31.62 51.73
CA HIS A 146 -8.65 32.60 52.34
C HIS A 146 -8.95 33.70 51.34
N LYS A 147 -7.87 34.25 50.78
CA LYS A 147 -8.01 35.41 49.93
C LYS A 147 -8.87 35.06 48.75
N TRP A 148 -8.73 33.83 48.29
CA TRP A 148 -9.51 33.36 47.14
C TRP A 148 -10.93 33.09 47.54
N GLU A 149 -11.11 32.46 48.70
CA GLU A 149 -12.45 32.21 49.21
C GLU A 149 -13.23 33.51 49.25
N ALA A 150 -12.63 34.54 49.86
CA ALA A 150 -13.25 35.86 50.00
C ALA A 150 -13.41 36.54 48.65
N ALA A 151 -12.46 36.27 47.75
CA ALA A 151 -12.44 36.88 46.42
C ALA A 151 -13.31 36.13 45.43
N HIS A 152 -13.95 35.06 45.87
CA HIS A 152 -14.89 34.33 45.02
C HIS A 152 -14.24 33.73 43.76
N VAL A 153 -13.04 33.17 43.89
CA VAL A 153 -12.31 32.63 42.75
C VAL A 153 -12.98 31.37 42.19
N ALA A 154 -13.29 30.42 43.07
CA ALA A 154 -13.97 29.19 42.69
C ALA A 154 -15.16 29.45 41.78
N GLU A 155 -16.07 30.31 42.25
CA GLU A 155 -17.30 30.63 41.51
C GLU A 155 -17.09 30.90 40.04
N GLN A 156 -15.91 31.37 39.65
CA GLN A 156 -15.74 31.62 38.24
C GLN A 156 -15.13 30.43 37.54
N LEU A 157 -14.04 29.93 38.12
CA LEU A 157 -13.36 28.77 37.58
C LEU A 157 -14.34 27.66 37.33
N ARG A 158 -15.29 27.56 38.26
CA ARG A 158 -16.23 26.46 38.15
C ARG A 158 -17.16 26.57 36.94
N ALA A 159 -17.71 27.75 36.69
CA ALA A 159 -18.52 27.98 35.51
C ALA A 159 -17.77 27.56 34.24
N TYR A 160 -16.46 27.77 34.21
CA TYR A 160 -15.66 27.33 33.08
C TYR A 160 -15.67 25.84 33.10
N LEU A 161 -15.15 25.31 34.20
CA LEU A 161 -14.95 23.87 34.28
C LEU A 161 -16.25 23.09 34.09
N GLU A 162 -17.35 23.49 34.75
CA GLU A 162 -18.63 22.77 34.60
C GLU A 162 -19.25 23.08 33.24
N GLY A 163 -18.94 24.24 32.67
CA GLY A 163 -19.67 24.70 31.49
C GLY A 163 -18.91 24.91 30.18
N THR A 164 -18.14 26.01 30.07
CA THR A 164 -17.53 26.34 28.79
C THR A 164 -16.46 25.31 28.39
N CYS A 165 -15.68 24.86 29.39
CA CYS A 165 -14.78 23.73 29.22
C CYS A 165 -15.51 22.58 28.55
N VAL A 166 -16.62 22.16 29.15
CA VAL A 166 -17.28 20.96 28.68
C VAL A 166 -17.98 21.20 27.35
N GLU A 167 -18.57 22.38 27.16
CA GLU A 167 -19.22 22.67 25.89
C GLU A 167 -18.28 22.39 24.75
N TRP A 168 -17.07 22.92 24.92
CA TRP A 168 -16.05 22.90 23.88
C TRP A 168 -15.49 21.50 23.66
N LEU A 169 -15.27 20.78 24.76
CA LEU A 169 -14.76 19.43 24.70
C LEU A 169 -15.70 18.64 23.80
N ARG A 170 -16.98 18.98 23.85
CA ARG A 170 -17.93 18.30 22.97
C ARG A 170 -17.68 18.73 21.53
N ARG A 171 -17.70 20.04 21.32
CA ARG A 171 -17.41 20.63 20.02
C ARG A 171 -16.18 19.99 19.37
N TYR A 172 -15.11 19.83 20.15
CA TYR A 172 -13.87 19.26 19.62
C TYR A 172 -14.07 17.81 19.23
N LEU A 173 -14.72 17.06 20.11
CA LEU A 173 -14.83 15.62 19.90
C LEU A 173 -15.49 15.29 18.57
N GLU A 174 -16.42 16.10 18.12
CA GLU A 174 -17.11 15.77 16.90
C GLU A 174 -16.48 16.39 15.69
N ASN A 175 -15.85 17.56 15.84
CA ASN A 175 -15.12 18.14 14.72
C ASN A 175 -13.87 17.31 14.44
N GLY A 176 -13.41 16.60 15.48
CA GLY A 176 -12.26 15.71 15.42
C GLY A 176 -12.76 14.30 15.58
N LYS A 177 -13.91 14.10 14.94
CA LYS A 177 -14.68 12.88 14.86
C LYS A 177 -13.82 11.63 14.82
N GLU A 178 -12.82 11.63 13.93
CA GLU A 178 -12.04 10.42 13.57
C GLU A 178 -10.76 10.22 14.37
N THR A 179 -10.07 11.31 14.72
CA THR A 179 -8.84 11.16 15.47
C THR A 179 -9.10 10.78 16.92
N LEU A 180 -10.15 11.36 17.49
CA LEU A 180 -10.30 11.38 18.94
C LEU A 180 -11.00 10.15 19.45
N GLN A 181 -12.01 9.73 18.69
CA GLN A 181 -12.73 8.50 18.93
C GLN A 181 -12.28 7.37 18.01
N ARG A 182 -10.99 7.10 17.98
CA ARG A 182 -10.48 5.89 17.36
C ARG A 182 -10.12 4.99 18.51
N THR A 183 -9.80 3.74 18.22
CA THR A 183 -9.41 2.88 19.32
C THR A 183 -8.38 1.86 18.81
N ASP A 184 -7.13 2.33 18.75
CA ASP A 184 -5.99 1.54 18.27
C ASP A 184 -5.42 0.58 19.31
N ALA A 185 -5.61 -0.71 19.06
CA ALA A 185 -5.31 -1.77 20.01
C ALA A 185 -3.85 -2.17 19.93
N PRO A 186 -3.30 -2.69 21.03
CA PRO A 186 -1.87 -3.02 21.16
C PRO A 186 -1.35 -4.14 20.25
N LYS A 187 -0.35 -3.84 19.44
CA LYS A 187 0.37 -4.88 18.72
C LYS A 187 1.40 -5.57 19.64
N THR A 188 1.03 -6.72 20.18
CA THR A 188 1.85 -7.42 21.17
C THR A 188 2.74 -8.54 20.60
N HIS A 189 3.80 -8.85 21.33
CA HIS A 189 4.64 -10.04 21.10
C HIS A 189 5.45 -10.32 22.36
N MET A 190 6.46 -11.17 22.28
CA MET A 190 7.27 -11.46 23.46
C MET A 190 8.73 -11.63 23.05
N THR A 191 9.64 -11.50 24.02
CA THR A 191 11.06 -11.65 23.77
C THR A 191 11.73 -12.49 24.86
N HIS A 192 12.92 -12.99 24.53
CA HIS A 192 13.70 -13.75 25.48
C HIS A 192 15.11 -13.22 25.50
N HIS A 193 15.55 -12.97 26.72
CA HIS A 193 16.91 -12.60 27.02
C HIS A 193 17.30 -13.38 28.24
N ALA A 194 18.47 -13.98 28.17
CA ALA A 194 18.89 -14.94 29.16
C ALA A 194 19.40 -14.28 30.45
N VAL A 195 20.40 -13.40 30.26
CA VAL A 195 21.37 -12.95 31.29
C VAL A 195 21.83 -14.28 31.91
N SER A 196 22.09 -14.33 33.21
CA SER A 196 22.15 -15.62 33.89
C SER A 196 23.18 -16.53 33.25
N ASP A 197 22.85 -17.80 33.36
CA ASP A 197 22.90 -18.66 32.21
C ASP A 197 21.64 -19.53 32.28
N HIS A 198 21.29 -19.99 33.48
CA HIS A 198 20.05 -20.74 33.71
C HIS A 198 18.94 -20.09 34.58
N GLU A 199 18.75 -18.79 34.40
CA GLU A 199 17.41 -18.18 34.51
C GLU A 199 17.24 -17.38 33.22
N ALA A 200 16.13 -16.69 33.04
CA ALA A 200 15.91 -15.99 31.78
C ALA A 200 14.85 -14.92 31.91
N THR A 201 15.08 -13.75 31.31
CA THR A 201 14.10 -12.65 31.41
C THR A 201 13.05 -12.80 30.30
N LEU A 202 11.81 -12.50 30.63
CA LEU A 202 10.70 -12.66 29.69
C LEU A 202 9.99 -11.34 29.52
N ARG A 203 9.91 -10.86 28.29
CA ARG A 203 9.47 -9.50 28.07
C ARG A 203 8.26 -9.38 27.14
N CYS A 204 7.15 -8.94 27.74
CA CYS A 204 5.87 -8.82 27.06
C CYS A 204 5.69 -7.40 26.52
N TRP A 205 5.59 -7.26 25.20
CA TRP A 205 5.56 -5.94 24.56
C TRP A 205 4.17 -5.48 24.17
N ALA A 206 3.89 -4.19 24.35
CA ALA A 206 2.68 -3.58 23.82
C ALA A 206 3.08 -2.38 22.98
N LEU A 207 2.51 -2.26 21.80
CA LEU A 207 2.90 -1.23 20.86
C LEU A 207 1.72 -0.60 20.16
N SER A 208 2.01 0.49 19.44
CA SER A 208 1.05 1.22 18.62
C SER A 208 -0.37 1.29 19.14
N PHE A 209 -0.54 1.58 20.43
CA PHE A 209 -1.88 1.60 20.98
C PHE A 209 -2.26 2.97 21.48
N TYR A 210 -3.51 3.33 21.22
CA TYR A 210 -4.09 4.59 21.71
C TYR A 210 -5.53 4.37 22.20
N PRO A 211 -5.88 4.98 23.34
CA PRO A 211 -5.10 5.84 24.23
C PRO A 211 -4.08 5.09 25.05
N ALA A 212 -3.43 5.78 25.98
CA ALA A 212 -2.25 5.24 26.63
C ALA A 212 -2.57 4.32 27.80
N GLU A 213 -3.85 4.09 28.05
CA GLU A 213 -4.26 3.30 29.22
C GLU A 213 -4.24 1.81 28.90
N ILE A 214 -3.35 1.10 29.61
CA ILE A 214 -3.09 -0.31 29.34
C ILE A 214 -2.49 -1.00 30.57
N THR A 215 -2.81 -2.28 30.74
CA THR A 215 -2.33 -3.10 31.87
C THR A 215 -1.50 -4.31 31.43
N LEU A 216 -0.23 -4.36 31.83
CA LEU A 216 0.56 -5.55 31.54
C LEU A 216 0.97 -6.34 32.79
N THR A 217 0.38 -7.53 32.95
CA THR A 217 0.67 -8.43 34.08
C THR A 217 1.37 -9.74 33.67
N TRP A 218 2.26 -10.23 34.52
CA TRP A 218 2.96 -11.52 34.38
C TRP A 218 2.53 -12.45 35.54
N GLN A 219 2.63 -13.78 35.40
CA GLN A 219 1.84 -14.69 36.27
C GLN A 219 2.22 -16.06 36.92
N ARG A 220 1.60 -16.24 38.10
CA ARG A 220 1.30 -17.53 38.74
C ARG A 220 1.21 -18.71 37.75
N ASP A 221 0.17 -18.62 36.93
CA ASP A 221 -0.39 -19.56 35.93
C ASP A 221 -1.69 -20.12 36.44
N GLY A 222 -2.12 -19.50 37.51
CA GLY A 222 -3.52 -19.44 37.82
C GLY A 222 -3.82 -17.93 37.90
N GLU A 223 -2.86 -17.07 38.32
CA GLU A 223 -3.15 -15.66 38.59
C GLU A 223 -2.05 -14.76 39.23
N ASP A 224 -1.22 -14.08 38.42
CA ASP A 224 -0.30 -12.96 38.84
C ASP A 224 1.15 -13.26 39.31
N GLN A 225 1.94 -12.19 39.48
CA GLN A 225 3.31 -12.27 40.02
C GLN A 225 3.97 -10.85 40.09
N THR A 226 4.52 -10.41 41.24
CA THR A 226 5.39 -9.21 41.23
C THR A 226 6.62 -9.42 42.13
N GLN A 227 7.38 -10.47 41.82
CA GLN A 227 8.68 -10.70 42.43
C GLN A 227 9.62 -9.73 41.73
N ASP A 228 9.62 -9.88 40.41
CA ASP A 228 10.42 -9.09 39.49
C ASP A 228 9.66 -8.72 38.23
N THR A 229 8.34 -8.57 38.29
CA THR A 229 7.69 -8.06 37.09
C THR A 229 8.13 -6.59 36.97
N GLU A 230 9.24 -6.39 36.27
CA GLU A 230 9.78 -5.05 36.03
C GLU A 230 8.92 -4.41 34.96
N LEU A 231 8.54 -3.16 35.18
CA LEU A 231 7.59 -2.50 34.31
C LEU A 231 8.05 -1.06 34.08
N VAL A 232 7.99 -0.59 32.84
CA VAL A 232 8.51 0.74 32.51
C VAL A 232 7.39 1.68 32.12
N GLU A 233 7.59 2.96 32.44
CA GLU A 233 6.64 4.01 32.06
C GLU A 233 6.17 3.97 30.61
N THR A 234 4.85 3.86 30.43
CA THR A 234 4.21 4.03 29.12
C THR A 234 4.88 5.21 28.44
N ARG A 235 5.26 5.05 27.19
CA ARG A 235 6.10 6.02 26.51
C ARG A 235 5.51 6.30 25.14
N PRO A 236 5.73 7.51 24.61
CA PRO A 236 5.11 7.87 23.33
C PRO A 236 5.94 7.45 22.10
N ALA A 237 5.30 7.25 20.97
CA ALA A 237 6.06 6.87 19.80
C ALA A 237 6.38 8.08 18.96
N GLY A 238 5.54 9.10 19.10
CA GLY A 238 5.63 10.29 18.28
C GLY A 238 4.72 10.26 17.08
N ASP A 239 3.99 9.16 16.91
CA ASP A 239 2.96 9.10 15.87
C ASP A 239 1.53 9.20 16.45
N GLY A 240 1.44 9.33 17.77
CA GLY A 240 0.13 9.49 18.36
C GLY A 240 -0.19 8.29 19.21
N THR A 241 0.63 7.26 19.11
CA THR A 241 0.33 6.05 19.85
C THR A 241 1.36 5.87 20.93
N PHE A 242 1.22 4.79 21.69
CA PHE A 242 2.07 4.58 22.85
C PHE A 242 2.61 3.15 22.97
N GLN A 243 3.55 2.96 23.88
CA GLN A 243 4.28 1.70 24.07
C GLN A 243 4.45 1.37 25.54
N LYS A 244 4.56 0.09 25.87
CA LYS A 244 4.89 -0.30 27.24
C LYS A 244 5.46 -1.70 27.23
N TRP A 245 6.09 -2.11 28.32
CA TRP A 245 6.38 -3.53 28.47
C TRP A 245 6.50 -3.96 29.93
N ALA A 246 6.29 -5.25 30.16
CA ALA A 246 6.46 -5.84 31.49
C ALA A 246 7.41 -7.03 31.38
N ALA A 247 8.20 -7.28 32.42
CA ALA A 247 9.22 -8.34 32.31
C ALA A 247 9.39 -9.19 33.57
N VAL A 248 9.61 -10.49 33.38
CA VAL A 248 9.90 -11.43 34.47
C VAL A 248 11.16 -12.25 34.19
N VAL A 249 12.06 -12.37 35.17
CA VAL A 249 13.17 -13.31 35.04
C VAL A 249 12.69 -14.66 35.61
N VAL A 250 12.97 -15.75 34.88
CA VAL A 250 12.23 -17.00 35.06
C VAL A 250 13.22 -18.19 35.09
N PRO A 251 12.88 -19.30 35.80
CA PRO A 251 13.81 -20.44 35.65
C PRO A 251 13.76 -21.07 34.24
N SER A 252 14.90 -21.54 33.77
CA SER A 252 15.12 -21.84 32.33
C SER A 252 14.25 -22.90 31.64
N GLY A 253 13.64 -23.82 32.35
CA GLY A 253 12.84 -24.78 31.62
C GLY A 253 11.38 -24.84 32.00
N GLN A 254 10.87 -23.77 32.60
CA GLN A 254 9.43 -23.64 32.75
C GLN A 254 8.93 -22.30 32.26
N GLU A 255 9.60 -21.79 31.23
CA GLU A 255 9.09 -20.63 30.52
C GLU A 255 7.65 -20.89 30.13
N GLN A 256 7.25 -22.16 30.03
CA GLN A 256 5.97 -22.53 29.41
C GLN A 256 4.77 -22.60 30.37
N ARG A 257 4.99 -22.24 31.63
CA ARG A 257 3.87 -21.81 32.49
C ARG A 257 4.10 -20.52 33.29
N TYR A 258 4.42 -19.44 32.55
CA TYR A 258 4.30 -18.02 32.95
C TYR A 258 3.58 -17.13 31.90
N THR A 259 2.24 -17.06 31.81
CA THR A 259 1.64 -16.15 30.79
C THR A 259 1.61 -14.63 31.08
N CYS A 260 1.38 -13.85 30.02
CA CYS A 260 1.27 -12.39 30.07
C CYS A 260 -0.10 -11.90 29.57
N HIS A 261 -0.75 -11.06 30.37
CA HIS A 261 -2.07 -10.53 30.01
C HIS A 261 -2.06 -9.05 29.68
N VAL A 262 -2.79 -8.73 28.61
CA VAL A 262 -2.74 -7.44 27.95
C VAL A 262 -4.17 -6.90 27.82
N GLN A 263 -4.61 -6.13 28.83
CA GLN A 263 -5.93 -5.50 28.80
C GLN A 263 -5.84 -4.06 28.29
N HIS A 264 -6.83 -3.65 27.50
CA HIS A 264 -6.81 -2.35 26.83
C HIS A 264 -8.17 -2.14 26.23
N GLU A 265 -8.58 -0.89 26.10
CA GLU A 265 -9.74 -0.61 25.27
C GLU A 265 -9.41 -1.02 23.84
N GLY A 266 -10.37 -0.96 22.93
CA GLY A 266 -10.05 -1.32 21.55
C GLY A 266 -9.74 -2.79 21.29
N LEU A 267 -9.38 -3.52 22.34
CA LEU A 267 -9.41 -4.99 22.33
C LEU A 267 -10.81 -5.51 22.68
N PRO A 268 -11.42 -6.26 21.75
CA PRO A 268 -12.76 -6.82 21.96
C PRO A 268 -12.75 -7.69 23.19
N LYS A 269 -11.94 -8.74 23.12
CA LYS A 269 -11.68 -9.56 24.29
C LYS A 269 -10.21 -9.43 24.65
N PRO A 270 -9.90 -9.40 25.97
CA PRO A 270 -8.56 -9.27 26.54
C PRO A 270 -7.59 -10.33 25.99
N LEU A 271 -6.33 -9.97 25.87
CA LEU A 271 -5.39 -10.83 25.20
C LEU A 271 -4.53 -11.57 26.21
N THR A 272 -4.41 -12.87 26.04
CA THR A 272 -3.44 -13.63 26.82
C THR A 272 -2.38 -14.08 25.84
N LEU A 273 -1.15 -14.04 26.29
CA LEU A 273 -0.06 -14.14 25.36
C LEU A 273 1.08 -14.89 25.95
N ARG A 274 1.44 -16.01 25.34
CA ARG A 274 2.70 -16.59 25.77
C ARG A 274 3.62 -17.31 24.83
N TRP A 275 4.83 -17.49 25.35
CA TRP A 275 5.94 -18.08 24.66
C TRP A 275 6.04 -19.60 24.82
N GLU A 276 5.46 -20.29 23.83
CA GLU A 276 5.46 -21.75 23.70
C GLU A 276 6.81 -22.42 24.01
N MET B 1 11.60 23.91 46.29
CA MET B 1 12.98 23.74 45.85
C MET B 1 13.31 22.24 45.77
N ILE B 2 12.40 21.45 45.21
CA ILE B 2 12.54 19.98 45.15
C ILE B 2 13.24 19.53 43.88
N GLN B 3 13.82 18.34 43.91
CA GLN B 3 14.62 17.86 42.79
C GLN B 3 14.42 16.38 42.47
N ARG B 4 13.79 16.15 41.32
CA ARG B 4 13.64 14.82 40.74
C ARG B 4 14.57 14.69 39.51
N THR B 5 15.23 13.55 39.33
CA THR B 5 16.21 13.41 38.24
C THR B 5 15.61 12.59 37.08
N PRO B 6 15.98 12.89 35.83
CA PRO B 6 15.18 12.35 34.70
C PRO B 6 15.34 10.85 34.50
N LYS B 7 14.24 10.15 34.27
CA LYS B 7 14.35 8.75 33.86
C LYS B 7 14.41 8.71 32.34
N ILE B 8 15.24 7.83 31.81
CA ILE B 8 15.54 7.88 30.39
C ILE B 8 15.10 6.60 29.70
N GLN B 9 14.53 6.75 28.50
CA GLN B 9 14.15 5.60 27.68
C GLN B 9 14.49 5.82 26.19
N VAL B 10 15.36 4.97 25.62
CA VAL B 10 15.75 5.09 24.20
C VAL B 10 15.26 3.92 23.36
N TYR B 11 14.66 4.26 22.21
CA TYR B 11 13.93 3.29 21.41
C TYR B 11 13.50 4.00 20.14
N SER B 12 12.95 3.24 19.20
CA SER B 12 12.48 3.79 17.94
C SER B 12 10.93 3.77 17.85
N ARG B 13 10.39 4.63 16.99
CA ARG B 13 8.94 4.75 16.81
C ARG B 13 8.32 3.40 16.46
N HIS B 14 8.76 2.86 15.33
CA HIS B 14 8.44 1.51 14.84
C HIS B 14 9.57 0.49 15.08
N PRO B 15 9.34 -0.81 14.71
CA PRO B 15 10.45 -1.78 14.88
C PRO B 15 11.71 -1.50 14.04
N ALA B 16 12.85 -1.97 14.55
CA ALA B 16 14.14 -1.62 13.96
C ALA B 16 14.54 -2.58 12.83
N GLU B 17 14.11 -2.24 11.61
CA GLU B 17 14.56 -2.96 10.41
C GLU B 17 15.66 -2.18 9.73
N ASN B 18 16.76 -2.85 9.39
CA ASN B 18 17.88 -2.12 8.81
C ASN B 18 17.43 -1.62 7.45
N GLY B 19 17.96 -0.47 7.05
CA GLY B 19 17.72 0.00 5.69
C GLY B 19 16.39 0.65 5.31
N LYS B 20 15.39 0.63 6.19
CA LYS B 20 14.24 1.48 5.92
C LYS B 20 13.93 2.45 7.06
N SER B 21 13.22 3.54 6.73
CA SER B 21 13.22 4.75 7.53
C SER B 21 12.40 4.66 8.80
N ASN B 22 12.98 5.13 9.90
CA ASN B 22 12.35 5.02 11.22
C ASN B 22 12.60 6.32 12.00
N PHE B 23 12.33 6.31 13.30
CA PHE B 23 12.51 7.49 14.17
C PHE B 23 13.15 7.09 15.50
N LEU B 24 14.15 7.84 15.93
CA LEU B 24 14.85 7.47 17.16
C LEU B 24 14.39 8.36 18.30
N ASN B 25 13.61 7.79 19.21
CA ASN B 25 12.97 8.55 20.28
C ASN B 25 13.76 8.51 21.58
N CYS B 26 13.80 9.66 22.29
CA CYS B 26 14.37 9.67 23.63
C CYS B 26 13.44 10.32 24.63
N TYR B 27 12.87 9.51 25.51
CA TYR B 27 11.84 9.99 26.39
C TYR B 27 12.36 10.24 27.81
N VAL B 28 12.51 11.52 28.12
CA VAL B 28 12.86 11.94 29.47
C VAL B 28 11.58 12.26 30.23
N SER B 29 11.54 11.81 31.47
CA SER B 29 10.34 11.87 32.24
C SER B 29 10.61 11.85 33.74
N GLY B 30 9.67 12.37 34.53
CA GLY B 30 9.73 12.26 35.96
C GLY B 30 10.74 13.20 36.60
N PHE B 31 11.10 14.28 35.91
CA PHE B 31 12.17 15.16 36.40
C PHE B 31 11.72 16.57 36.82
N HIS B 32 12.56 17.19 37.65
CA HIS B 32 12.33 18.54 38.12
C HIS B 32 13.60 19.20 38.60
N PRO B 33 13.84 20.43 38.14
CA PRO B 33 12.97 21.28 37.32
C PRO B 33 13.00 21.04 35.81
N SER B 34 12.35 21.96 35.09
CA SER B 34 12.10 21.88 33.66
C SER B 34 13.32 22.05 32.78
N ASP B 35 14.33 22.75 33.27
CA ASP B 35 15.59 22.88 32.54
C ASP B 35 16.22 21.52 32.35
N ILE B 36 16.42 21.09 31.11
CA ILE B 36 17.16 19.86 30.86
C ILE B 36 17.88 19.95 29.52
N GLU B 37 19.02 19.26 29.42
CA GLU B 37 19.81 19.27 28.20
C GLU B 37 19.84 17.86 27.63
N VAL B 38 19.33 17.69 26.41
CA VAL B 38 19.22 16.36 25.81
C VAL B 38 19.73 16.33 24.38
N ASP B 39 20.67 15.43 24.13
CA ASP B 39 21.24 15.26 22.80
C ASP B 39 21.11 13.82 22.33
N LEU B 40 21.06 13.62 21.01
CA LEU B 40 21.10 12.26 20.47
C LEU B 40 22.41 11.99 19.74
N LEU B 41 22.90 10.76 19.88
CA LEU B 41 24.22 10.39 19.39
C LEU B 41 24.18 9.28 18.36
N LYS B 42 24.99 9.47 17.30
CA LYS B 42 25.28 8.44 16.31
C LYS B 42 26.75 8.09 16.43
N ASN B 43 27.03 6.90 16.96
CA ASN B 43 28.39 6.42 17.17
C ASN B 43 29.24 7.43 17.92
N GLY B 44 28.68 8.03 18.96
CA GLY B 44 29.43 8.99 19.74
C GLY B 44 29.29 10.42 19.24
N GLU B 45 28.68 10.61 18.07
CA GLU B 45 28.58 11.96 17.52
C GLU B 45 27.18 12.55 17.60
N ARG B 46 27.16 13.86 17.84
CA ARG B 46 25.94 14.62 18.11
C ARG B 46 25.13 14.81 16.83
N ILE B 47 23.82 14.54 16.92
CA ILE B 47 22.91 14.69 15.79
C ILE B 47 22.24 16.06 15.85
N GLU B 48 22.03 16.69 14.70
CA GLU B 48 21.63 18.09 14.69
C GLU B 48 20.15 18.28 14.35
N LYS B 49 19.62 17.58 13.34
CA LYS B 49 18.18 17.63 13.04
C LYS B 49 17.46 16.79 14.09
N VAL B 50 17.41 17.34 15.30
CA VAL B 50 16.74 16.74 16.44
C VAL B 50 15.64 17.68 16.95
N GLU B 51 14.38 17.25 16.85
CA GLU B 51 13.26 18.01 17.44
C GLU B 51 12.90 17.49 18.83
N HIS B 52 12.08 18.25 19.55
CA HIS B 52 11.53 17.76 20.82
C HIS B 52 10.07 18.15 21.00
N SER B 53 9.39 17.42 21.88
CA SER B 53 8.01 17.73 22.25
C SER B 53 7.85 19.09 22.95
N ASP B 54 6.61 19.46 23.24
CA ASP B 54 6.37 20.64 24.08
C ASP B 54 6.38 20.18 25.53
N LEU B 55 6.86 21.03 26.41
CA LEU B 55 7.04 20.68 27.81
C LEU B 55 5.70 20.34 28.42
N SER B 56 5.64 19.25 29.18
CA SER B 56 4.45 18.97 29.98
C SER B 56 4.81 18.23 31.26
N PHE B 57 3.80 17.92 32.07
CA PHE B 57 4.08 17.34 33.38
C PHE B 57 2.99 16.36 33.80
N SER B 58 3.28 15.62 34.86
CA SER B 58 2.48 14.50 35.36
C SER B 58 1.44 14.86 36.40
N LYS B 59 0.96 13.82 37.09
CA LYS B 59 0.04 14.06 38.18
C LYS B 59 0.85 14.68 39.31
N ASP B 60 2.09 14.23 39.45
CA ASP B 60 2.98 14.76 40.50
C ASP B 60 3.80 15.99 40.12
N TRP B 61 3.42 16.67 39.03
CA TRP B 61 4.10 17.91 38.61
C TRP B 61 5.50 17.68 38.02
N SER B 62 5.93 16.44 37.92
CA SER B 62 7.22 16.17 37.30
C SER B 62 7.08 16.35 35.78
N PHE B 63 8.17 16.78 35.14
CA PHE B 63 8.14 17.12 33.72
C PHE B 63 8.43 15.90 32.83
N TYR B 64 7.98 15.95 31.58
CA TYR B 64 8.36 14.91 30.64
C TYR B 64 8.56 15.51 29.27
N LEU B 65 9.54 14.95 28.55
CA LEU B 65 9.88 15.43 27.23
C LEU B 65 10.21 14.26 26.29
N LEU B 66 9.89 14.42 25.01
CA LEU B 66 10.30 13.45 23.99
C LEU B 66 11.21 14.06 22.96
N TYR B 67 12.48 13.69 23.01
CA TYR B 67 13.40 14.06 21.96
C TYR B 67 13.42 12.95 20.92
N TYR B 68 13.45 13.37 19.66
CA TYR B 68 13.29 12.45 18.54
C TYR B 68 13.93 12.93 17.22
N THR B 69 14.48 11.97 16.48
CA THR B 69 15.03 12.25 15.16
C THR B 69 14.75 11.14 14.18
N GLU B 70 14.76 11.50 12.90
CA GLU B 70 14.53 10.55 11.83
C GLU B 70 15.85 9.94 11.39
N PHE B 71 15.89 8.62 11.37
CA PHE B 71 17.11 7.90 11.10
C PHE B 71 16.79 6.57 10.41
N THR B 72 17.71 6.10 9.58
CA THR B 72 17.61 4.75 9.07
C THR B 72 18.74 3.96 9.73
N PRO B 73 18.38 2.95 10.54
CA PRO B 73 19.38 2.24 11.36
C PRO B 73 20.19 1.23 10.54
N THR B 74 21.39 0.88 11.00
CA THR B 74 22.20 -0.13 10.31
C THR B 74 22.92 -1.11 11.23
N GLU B 75 23.57 -2.08 10.58
CA GLU B 75 24.42 -3.06 11.23
C GLU B 75 25.41 -2.34 12.14
N LYS B 76 26.30 -1.56 11.51
CA LYS B 76 27.40 -0.81 12.12
C LYS B 76 26.97 0.23 13.13
N ASP B 77 26.00 1.06 12.73
CA ASP B 77 25.67 2.26 13.46
C ASP B 77 25.07 1.95 14.84
N GLU B 78 25.59 2.62 15.86
CA GLU B 78 25.02 2.60 17.21
C GLU B 78 24.50 3.98 17.58
N TYR B 79 23.27 4.05 18.10
CA TYR B 79 22.73 5.36 18.47
C TYR B 79 22.63 5.45 19.98
N ALA B 80 22.68 6.68 20.47
CA ALA B 80 22.72 6.91 21.91
C ALA B 80 22.14 8.26 22.28
N CYS B 81 21.70 8.34 23.53
CA CYS B 81 21.00 9.49 24.05
C CYS B 81 21.78 10.07 25.20
N ARG B 82 22.14 11.34 25.11
CA ARG B 82 22.87 11.96 26.20
C ARG B 82 22.01 13.04 26.87
N VAL B 83 21.89 12.96 28.19
CA VAL B 83 21.00 13.81 28.98
C VAL B 83 21.73 14.43 30.17
N ASN B 84 21.85 15.75 30.20
CA ASN B 84 22.47 16.39 31.35
C ASN B 84 21.42 17.11 32.20
N HIS B 85 21.61 17.09 33.52
CA HIS B 85 20.70 17.79 34.42
C HIS B 85 21.42 18.47 35.59
N VAL B 86 20.66 19.27 36.33
CA VAL B 86 21.14 19.83 37.56
C VAL B 86 21.36 18.73 38.58
N THR B 87 20.52 17.69 38.49
CA THR B 87 20.59 16.56 39.41
C THR B 87 21.72 15.58 39.08
N LEU B 88 22.46 15.82 38.00
CA LEU B 88 23.40 14.81 37.50
C LEU B 88 24.84 15.28 37.54
N SER B 89 25.67 14.44 38.15
CA SER B 89 27.12 14.64 38.30
C SER B 89 27.79 14.97 36.97
N GLN B 90 27.77 13.97 36.11
CA GLN B 90 28.24 14.07 34.76
C GLN B 90 27.03 13.77 33.89
N PRO B 91 27.07 14.19 32.61
CA PRO B 91 26.01 13.77 31.69
C PRO B 91 25.78 12.26 31.76
N LYS B 92 24.55 11.81 31.66
CA LYS B 92 24.26 10.38 31.64
C LYS B 92 24.01 10.03 30.19
N ILE B 93 24.63 8.94 29.75
CA ILE B 93 24.53 8.51 28.36
C ILE B 93 23.84 7.14 28.33
N VAL B 94 22.84 7.00 27.47
CA VAL B 94 22.13 5.72 27.34
C VAL B 94 22.15 5.27 25.89
N LYS B 95 22.53 4.01 25.68
CA LYS B 95 22.66 3.42 24.35
C LYS B 95 21.34 2.79 23.91
N TRP B 96 21.00 2.95 22.64
CA TRP B 96 19.84 2.31 22.04
C TRP B 96 19.90 0.78 22.09
N ASP B 97 18.73 0.15 22.09
CA ASP B 97 18.66 -1.29 22.15
C ASP B 97 17.36 -1.70 21.46
N ARG B 98 17.44 -2.52 20.41
CA ARG B 98 16.26 -2.84 19.59
C ARG B 98 15.19 -3.67 20.32
N ASP B 99 15.55 -4.21 21.47
CA ASP B 99 14.71 -5.17 22.19
C ASP B 99 14.32 -4.66 23.58
N MET B 100 14.76 -3.44 23.89
CA MET B 100 14.35 -2.72 25.11
C MET B 100 13.78 -1.30 24.83
N PHE C 1 -11.68 25.95 24.02
CA PHE C 1 -11.34 27.07 24.87
C PHE C 1 -10.40 26.81 26.01
N SER C 2 -9.91 27.91 26.55
CA SER C 2 -9.01 27.93 27.68
C SER C 2 -9.54 29.09 28.49
N GLY C 3 -9.24 29.10 29.79
CA GLY C 3 -9.93 29.96 30.73
C GLY C 3 -9.97 31.44 30.40
N GLU C 4 -11.13 32.06 30.59
CA GLU C 4 -11.20 33.49 30.34
C GLU C 4 -10.84 34.28 31.61
N TYR C 5 -10.90 33.58 32.73
CA TYR C 5 -10.56 34.12 34.03
C TYR C 5 -9.50 33.22 34.64
N ILE C 6 -8.66 33.83 35.46
CA ILE C 6 -7.55 33.18 36.12
C ILE C 6 -7.12 34.08 37.31
N PRO C 7 -7.06 33.51 38.52
CA PRO C 7 -6.75 34.26 39.74
C PRO C 7 -5.25 34.53 39.89
N THR C 8 -4.88 35.23 40.97
CA THR C 8 -3.49 35.58 41.30
C THR C 8 -3.16 35.02 42.67
N VAL C 9 -2.19 34.12 42.79
CA VAL C 9 -1.91 33.54 44.11
C VAL C 9 -1.52 34.62 45.12
N GLY D 2 23.25 -17.60 -12.16
CA GLY D 2 24.13 -18.75 -12.02
C GLY D 2 23.76 -19.86 -12.98
N SER D 3 23.90 -21.11 -12.55
CA SER D 3 23.39 -22.25 -13.30
C SER D 3 21.85 -22.23 -13.46
N HIS D 4 21.38 -22.78 -14.58
CA HIS D 4 19.94 -22.95 -14.81
C HIS D 4 19.64 -24.33 -15.42
N SER D 5 18.36 -24.65 -15.64
CA SER D 5 18.01 -25.92 -16.26
C SER D 5 16.62 -25.93 -16.83
N MET D 6 16.46 -26.64 -17.93
CA MET D 6 15.13 -27.04 -18.36
C MET D 6 14.99 -28.53 -18.11
N ARG D 7 13.87 -28.95 -17.56
CA ARG D 7 13.68 -30.36 -17.23
C ARG D 7 12.24 -30.78 -17.43
N TYR D 8 12.02 -31.71 -18.37
CA TYR D 8 10.71 -32.27 -18.59
C TYR D 8 10.55 -33.57 -17.86
N PHE D 9 9.34 -33.77 -17.34
CA PHE D 9 9.00 -34.97 -16.60
C PHE D 9 7.79 -35.65 -17.21
N PHE D 10 7.94 -36.93 -17.56
CA PHE D 10 6.84 -37.64 -18.22
C PHE D 10 6.38 -38.93 -17.53
N THR D 11 5.11 -38.95 -17.18
CA THR D 11 4.54 -40.12 -16.56
C THR D 11 3.31 -40.57 -17.31
N SER D 12 3.41 -41.76 -17.88
CA SER D 12 2.23 -42.43 -18.42
C SER D 12 2.13 -43.82 -17.76
N VAL D 13 0.92 -44.12 -17.29
CA VAL D 13 0.68 -45.24 -16.40
C VAL D 13 -0.58 -46.04 -16.83
N SER D 14 -0.39 -47.35 -17.00
CA SER D 14 -1.36 -48.18 -17.70
C SER D 14 -2.64 -48.52 -16.91
N ARG D 15 -3.79 -48.28 -17.53
CA ARG D 15 -5.08 -48.60 -16.92
C ARG D 15 -5.71 -49.83 -17.58
N PRO D 16 -5.39 -51.04 -17.09
CA PRO D 16 -5.98 -52.21 -17.75
C PRO D 16 -7.49 -52.23 -17.64
N GLY D 17 -8.13 -52.33 -18.78
CA GLY D 17 -9.57 -52.43 -18.86
C GLY D 17 -10.38 -51.15 -18.98
N ARG D 18 -9.97 -50.06 -18.33
CA ARG D 18 -10.73 -48.82 -18.48
C ARG D 18 -9.98 -47.78 -19.34
N GLY D 19 -9.81 -48.13 -20.61
CA GLY D 19 -9.30 -47.23 -21.63
C GLY D 19 -7.80 -47.08 -21.78
N GLU D 20 -7.38 -45.85 -22.03
CA GLU D 20 -5.98 -45.56 -22.26
C GLU D 20 -5.25 -45.33 -20.94
N PRO D 21 -3.93 -45.19 -20.99
CA PRO D 21 -3.20 -44.95 -19.74
C PRO D 21 -3.26 -43.48 -19.41
N ARG D 22 -3.06 -43.16 -18.14
CA ARG D 22 -3.01 -41.77 -17.67
C ARG D 22 -1.68 -41.19 -18.05
N PHE D 23 -1.69 -39.96 -18.55
CA PHE D 23 -0.47 -39.34 -19.04
C PHE D 23 -0.29 -37.95 -18.47
N ILE D 24 0.76 -37.80 -17.66
CA ILE D 24 1.10 -36.50 -17.09
C ILE D 24 2.48 -36.01 -17.56
N ALA D 25 2.50 -34.82 -18.16
CA ALA D 25 3.75 -34.18 -18.57
C ALA D 25 3.89 -32.82 -17.88
N VAL D 26 5.06 -32.54 -17.33
CA VAL D 26 5.24 -31.24 -16.71
C VAL D 26 6.60 -30.67 -17.14
N GLY D 27 6.63 -29.35 -17.30
CA GLY D 27 7.83 -28.64 -17.69
C GLY D 27 8.34 -27.79 -16.55
N TYR D 28 9.66 -27.67 -16.43
CA TYR D 28 10.27 -26.85 -15.39
C TYR D 28 11.43 -26.04 -15.96
N VAL D 29 11.52 -24.76 -15.64
CA VAL D 29 12.84 -24.10 -15.67
C VAL D 29 13.22 -23.87 -14.21
N ASP D 30 14.40 -24.36 -13.87
CA ASP D 30 14.87 -24.42 -12.50
C ASP D 30 13.83 -25.12 -11.65
N ASP D 31 13.23 -24.42 -10.69
CA ASP D 31 12.27 -25.01 -9.75
C ASP D 31 10.87 -24.40 -9.94
N THR D 32 10.70 -23.60 -11.00
CA THR D 32 9.39 -23.16 -11.49
C THR D 32 8.70 -24.19 -12.42
N GLN D 33 7.43 -24.52 -12.18
CA GLN D 33 6.71 -25.32 -13.16
C GLN D 33 6.25 -24.28 -14.18
N PHE D 34 6.23 -24.56 -15.48
CA PHE D 34 5.78 -23.51 -16.38
C PHE D 34 4.82 -23.96 -17.46
N VAL D 35 4.88 -25.26 -17.80
CA VAL D 35 3.83 -25.95 -18.59
C VAL D 35 3.46 -27.29 -18.00
N ARG D 36 2.23 -27.72 -18.32
CA ARG D 36 1.75 -29.08 -18.02
C ARG D 36 0.91 -29.65 -19.14
N PHE D 37 0.77 -30.98 -19.14
CA PHE D 37 -0.25 -31.67 -19.91
C PHE D 37 -0.74 -32.83 -19.08
N ASP D 38 -2.07 -32.93 -19.06
CA ASP D 38 -2.79 -33.97 -18.35
C ASP D 38 -3.86 -34.51 -19.27
N SER D 39 -3.88 -35.82 -19.42
CA SER D 39 -4.78 -36.49 -20.35
C SER D 39 -6.23 -36.42 -19.89
N ASP D 40 -6.46 -36.52 -18.60
CA ASP D 40 -7.83 -36.49 -18.09
C ASP D 40 -8.41 -35.09 -18.02
N ALA D 41 -7.53 -34.10 -18.14
CA ALA D 41 -7.96 -32.71 -18.24
C ALA D 41 -8.84 -32.53 -19.46
N ALA D 42 -9.52 -31.39 -19.50
CA ALA D 42 -10.56 -31.20 -20.49
C ALA D 42 -9.97 -30.72 -21.80
N SER D 43 -9.10 -29.71 -21.68
CA SER D 43 -8.61 -28.97 -22.84
C SER D 43 -7.72 -29.81 -23.75
N GLN D 44 -7.03 -30.81 -23.20
CA GLN D 44 -6.30 -31.75 -24.06
C GLN D 44 -5.21 -31.09 -24.91
N ARG D 45 -4.72 -29.93 -24.43
CA ARG D 45 -3.56 -29.22 -24.98
C ARG D 45 -2.53 -29.04 -23.86
N MET D 46 -1.31 -28.62 -24.24
CA MET D 46 -0.29 -28.20 -23.28
C MET D 46 -0.72 -26.94 -22.57
N GLU D 47 -0.48 -26.86 -21.26
CA GLU D 47 -1.02 -25.75 -20.47
C GLU D 47 0.04 -24.87 -19.76
N PRO D 48 -0.10 -23.53 -19.84
CA PRO D 48 0.82 -22.67 -19.09
C PRO D 48 0.60 -22.76 -17.60
N ARG D 49 1.70 -22.71 -16.82
CA ARG D 49 1.64 -22.67 -15.36
C ARG D 49 2.57 -21.59 -14.80
N ALA D 50 2.91 -20.62 -15.64
CA ALA D 50 3.79 -19.51 -15.27
C ALA D 50 3.61 -18.37 -16.26
N PRO D 51 3.65 -17.13 -15.78
CA PRO D 51 3.11 -16.04 -16.61
C PRO D 51 3.90 -15.76 -17.86
N TRP D 52 5.20 -15.95 -17.79
CA TRP D 52 6.06 -15.52 -18.88
C TRP D 52 6.00 -16.46 -20.06
N ILE D 53 5.43 -17.65 -19.85
CA ILE D 53 5.32 -18.61 -20.94
C ILE D 53 4.02 -18.31 -21.67
N GLU D 54 3.12 -17.59 -21.01
CA GLU D 54 1.86 -17.25 -21.65
C GLU D 54 2.09 -16.37 -22.87
N GLN D 55 3.19 -15.64 -22.84
CA GLN D 55 3.59 -14.75 -23.91
C GLN D 55 3.49 -15.45 -25.29
N GLU D 56 3.93 -16.70 -25.29
CA GLU D 56 4.21 -17.43 -26.50
C GLU D 56 3.01 -17.55 -27.42
N GLY D 57 3.21 -17.27 -28.71
CA GLY D 57 2.10 -17.21 -29.66
C GLY D 57 1.49 -18.55 -29.95
N PRO D 58 0.50 -18.57 -30.85
CA PRO D 58 -0.31 -19.78 -31.09
C PRO D 58 0.50 -20.96 -31.61
N GLU D 59 1.38 -20.74 -32.57
CA GLU D 59 2.16 -21.84 -33.13
C GLU D 59 3.01 -22.55 -32.08
N TYR D 60 3.57 -21.81 -31.12
CA TYR D 60 4.30 -22.43 -30.02
C TYR D 60 3.42 -23.50 -29.41
N TRP D 61 2.20 -23.12 -29.09
CA TRP D 61 1.28 -23.96 -28.37
C TRP D 61 0.73 -25.14 -29.19
N ASP D 62 0.35 -24.87 -30.44
CA ASP D 62 -0.04 -25.96 -31.34
C ASP D 62 1.01 -27.06 -31.30
N GLY D 63 2.22 -26.73 -31.70
CA GLY D 63 3.30 -27.70 -31.67
C GLY D 63 3.48 -28.41 -30.34
N GLU D 64 3.61 -27.65 -29.27
CA GLU D 64 4.00 -28.23 -27.99
C GLU D 64 2.98 -29.23 -27.52
N THR D 65 1.73 -29.01 -27.94
CA THR D 65 0.66 -29.95 -27.67
C THR D 65 0.91 -31.20 -28.50
N ARG D 66 1.19 -30.95 -29.78
CA ARG D 66 1.55 -32.00 -30.71
C ARG D 66 2.64 -32.88 -30.13
N LYS D 67 3.73 -32.26 -29.70
CA LYS D 67 4.88 -33.01 -29.23
C LYS D 67 4.57 -33.75 -27.94
N VAL D 68 3.62 -33.25 -27.17
CA VAL D 68 3.44 -33.85 -25.86
C VAL D 68 2.50 -35.00 -26.01
N LYS D 69 1.56 -34.87 -26.95
CA LYS D 69 0.77 -36.02 -27.36
C LYS D 69 1.65 -37.12 -27.93
N ALA D 70 2.48 -36.75 -28.90
CA ALA D 70 3.41 -37.68 -29.50
C ALA D 70 4.22 -38.37 -28.40
N HIS D 71 4.40 -37.71 -27.27
CA HIS D 71 5.14 -38.33 -26.20
C HIS D 71 4.38 -39.48 -25.60
N SER D 72 3.08 -39.32 -25.38
CA SER D 72 2.27 -40.39 -24.78
C SER D 72 2.02 -41.51 -25.78
N GLN D 73 1.70 -41.12 -27.02
CA GLN D 73 1.52 -42.07 -28.13
C GLN D 73 2.61 -43.13 -28.13
N THR D 74 3.85 -42.64 -28.04
CA THR D 74 5.02 -43.49 -27.95
C THR D 74 5.03 -44.32 -26.69
N HIS D 75 4.76 -43.68 -25.55
CA HIS D 75 4.82 -44.40 -24.29
C HIS D 75 3.85 -45.54 -24.24
N ARG D 76 2.75 -45.40 -24.97
CA ARG D 76 1.77 -46.46 -24.94
C ARG D 76 2.37 -47.65 -25.68
N VAL D 77 3.04 -47.39 -26.80
CA VAL D 77 3.75 -48.44 -27.50
C VAL D 77 4.75 -49.13 -26.57
N ASP D 78 5.66 -48.36 -25.97
CA ASP D 78 6.57 -48.90 -24.94
C ASP D 78 5.91 -49.86 -23.94
N LEU D 79 4.75 -49.44 -23.43
CA LEU D 79 4.04 -50.15 -22.37
C LEU D 79 3.80 -51.62 -22.75
N GLY D 80 3.48 -51.82 -24.02
CA GLY D 80 3.35 -53.15 -24.56
C GLY D 80 4.73 -53.77 -24.72
N THR D 81 5.60 -53.08 -25.46
CA THR D 81 6.95 -53.55 -25.74
C THR D 81 7.61 -54.09 -24.48
N LEU D 82 7.30 -53.43 -23.36
CA LEU D 82 7.92 -53.73 -22.07
C LEU D 82 7.22 -54.89 -21.35
N ARG D 83 5.92 -55.05 -21.58
CA ARG D 83 5.26 -56.29 -21.17
C ARG D 83 5.94 -57.49 -21.82
N GLY D 84 6.09 -57.43 -23.14
CA GLY D 84 6.81 -58.45 -23.87
C GLY D 84 8.14 -58.73 -23.20
N TYR D 85 8.95 -57.69 -23.10
CA TYR D 85 10.31 -57.80 -22.57
C TYR D 85 10.35 -58.50 -21.21
N TYR D 86 9.41 -58.19 -20.32
CA TYR D 86 9.38 -58.75 -18.96
C TYR D 86 8.36 -59.90 -18.77
N ASN D 87 7.61 -60.19 -19.84
CA ASN D 87 6.52 -61.18 -19.89
C ASN D 87 5.53 -61.03 -18.74
N GLN D 88 4.61 -60.09 -18.90
CA GLN D 88 3.74 -59.71 -17.81
C GLN D 88 2.35 -59.80 -18.41
N SER D 89 1.40 -60.29 -17.63
CA SER D 89 0.01 -60.40 -18.09
C SER D 89 -0.57 -59.03 -18.41
N GLU D 90 -1.60 -58.98 -19.24
CA GLU D 90 -2.24 -57.71 -19.61
C GLU D 90 -3.12 -57.15 -18.49
N ALA D 91 -3.21 -57.83 -17.36
CA ALA D 91 -4.23 -57.48 -16.38
C ALA D 91 -3.70 -56.51 -15.33
N GLY D 92 -2.38 -56.50 -15.15
CA GLY D 92 -1.69 -55.60 -14.25
C GLY D 92 -1.62 -54.17 -14.74
N SER D 93 -1.39 -53.24 -13.82
CA SER D 93 -1.04 -51.87 -14.17
C SER D 93 0.48 -51.66 -14.14
N HIS D 94 1.01 -50.77 -14.98
CA HIS D 94 2.47 -50.53 -15.02
C HIS D 94 2.86 -49.05 -15.31
N THR D 95 4.09 -48.67 -14.94
CA THR D 95 4.55 -47.28 -15.00
C THR D 95 5.73 -46.96 -15.90
N VAL D 96 5.50 -46.05 -16.85
CA VAL D 96 6.58 -45.47 -17.62
C VAL D 96 6.90 -44.04 -17.13
N GLN D 97 8.15 -43.81 -16.76
CA GLN D 97 8.59 -42.46 -16.44
C GLN D 97 9.77 -42.09 -17.31
N ARG D 98 9.78 -40.83 -17.73
CA ARG D 98 10.83 -40.32 -18.58
C ARG D 98 11.13 -38.90 -18.14
N MET D 99 12.39 -38.61 -17.90
CA MET D 99 12.82 -37.26 -17.64
C MET D 99 14.00 -36.98 -18.56
N TYR D 100 13.94 -35.85 -19.27
CA TYR D 100 15.12 -35.34 -19.98
C TYR D 100 15.24 -33.84 -19.77
N GLY D 101 16.33 -33.24 -20.25
CA GLY D 101 16.51 -31.80 -20.13
C GLY D 101 17.95 -31.28 -20.30
N CYS D 102 18.12 -29.98 -20.16
CA CYS D 102 19.45 -29.41 -20.35
C CYS D 102 19.84 -28.43 -19.25
N ASP D 103 21.13 -28.39 -18.94
CA ASP D 103 21.71 -27.43 -17.98
C ASP D 103 22.62 -26.40 -18.68
N VAL D 104 22.56 -25.17 -18.19
CA VAL D 104 23.45 -24.11 -18.66
C VAL D 104 24.16 -23.51 -17.48
N GLY D 105 25.24 -22.80 -17.75
CA GLY D 105 26.01 -22.14 -16.71
C GLY D 105 25.66 -20.67 -16.62
N SER D 106 26.48 -19.90 -15.90
CA SER D 106 26.25 -18.47 -15.72
C SER D 106 26.40 -17.71 -17.04
N ASP D 107 27.13 -18.29 -17.98
CA ASP D 107 27.21 -17.75 -19.34
C ASP D 107 25.95 -18.07 -20.16
N TRP D 108 25.06 -18.86 -19.56
CA TRP D 108 23.84 -19.37 -20.22
C TRP D 108 24.24 -20.19 -21.43
N ARG D 109 25.46 -20.70 -21.38
CA ARG D 109 25.95 -21.65 -22.37
C ARG D 109 25.81 -23.08 -21.85
N PHE D 110 25.69 -24.04 -22.76
CA PHE D 110 25.45 -25.46 -22.43
C PHE D 110 26.45 -26.06 -21.48
N LEU D 111 25.94 -26.68 -20.41
CA LEU D 111 26.77 -27.46 -19.50
C LEU D 111 26.67 -28.99 -19.69
N ARG D 112 25.51 -29.52 -19.32
CA ARG D 112 25.29 -30.97 -19.26
C ARG D 112 24.00 -31.41 -19.95
N GLY D 113 23.93 -32.68 -20.32
CA GLY D 113 22.70 -33.23 -20.82
C GLY D 113 22.34 -34.53 -20.16
N TYR D 114 21.04 -34.80 -20.12
CA TYR D 114 20.57 -36.06 -19.56
C TYR D 114 19.27 -36.43 -20.24
N HIS D 115 18.93 -37.71 -20.13
CA HIS D 115 17.69 -38.29 -20.66
C HIS D 115 17.57 -39.69 -20.11
N GLN D 116 16.61 -39.89 -19.20
CA GLN D 116 16.52 -41.12 -18.43
C GLN D 116 15.13 -41.68 -18.57
N TYR D 117 15.03 -42.97 -18.32
CA TYR D 117 13.82 -43.73 -18.54
C TYR D 117 13.77 -44.79 -17.46
N ALA D 118 12.54 -45.12 -17.05
CA ALA D 118 12.30 -45.98 -15.90
C ALA D 118 11.03 -46.76 -16.08
N TYR D 119 11.11 -48.05 -15.79
CA TYR D 119 9.95 -48.93 -15.81
C TYR D 119 9.58 -49.31 -14.37
N ASP D 120 8.30 -49.14 -14.02
CA ASP D 120 7.81 -49.51 -12.67
C ASP D 120 8.74 -48.97 -11.60
N GLY D 121 9.08 -47.70 -11.75
CA GLY D 121 9.84 -46.94 -10.77
C GLY D 121 11.28 -47.38 -10.50
N LYS D 122 11.90 -48.08 -11.45
CA LYS D 122 13.32 -48.40 -11.34
C LYS D 122 13.99 -48.09 -12.66
N ASP D 123 15.26 -47.71 -12.56
CA ASP D 123 16.03 -47.21 -13.69
C ASP D 123 16.02 -48.23 -14.80
N TYR D 124 15.84 -47.77 -16.03
CA TYR D 124 15.85 -48.67 -17.17
C TYR D 124 17.05 -48.36 -18.06
N ILE D 125 16.88 -47.44 -18.99
CA ILE D 125 18.02 -47.00 -19.74
C ILE D 125 18.20 -45.51 -19.45
N ALA D 126 19.39 -44.99 -19.68
CA ALA D 126 19.62 -43.56 -19.55
C ALA D 126 20.81 -43.11 -20.39
N LEU D 127 20.82 -41.85 -20.77
CA LEU D 127 21.90 -41.32 -21.59
C LEU D 127 23.04 -40.81 -20.70
N LYS D 128 24.28 -41.23 -20.91
CA LYS D 128 25.30 -40.74 -19.97
C LYS D 128 25.89 -39.41 -20.40
N GLU D 129 26.75 -38.89 -19.54
CA GLU D 129 27.08 -37.47 -19.51
C GLU D 129 27.58 -36.95 -20.87
N ASP D 130 28.06 -37.85 -21.74
CA ASP D 130 28.67 -37.44 -23.04
C ASP D 130 27.65 -37.45 -24.18
N LEU D 131 26.41 -37.81 -23.85
CA LEU D 131 25.29 -37.93 -24.81
C LEU D 131 25.57 -38.82 -26.03
N ARG D 132 26.31 -39.90 -25.81
CA ARG D 132 26.53 -40.84 -26.90
C ARG D 132 26.44 -42.31 -26.51
N SER D 133 26.87 -42.69 -25.32
CA SER D 133 26.69 -44.09 -24.93
C SER D 133 25.58 -44.19 -23.90
N TRP D 134 25.19 -45.40 -23.53
CA TRP D 134 24.06 -45.59 -22.61
C TRP D 134 24.37 -46.40 -21.37
N THR D 135 23.53 -46.27 -20.35
CA THR D 135 23.55 -47.20 -19.20
C THR D 135 22.24 -47.95 -19.08
N ALA D 136 22.28 -49.26 -19.33
CA ALA D 136 21.08 -50.08 -19.21
C ALA D 136 21.12 -50.74 -17.84
N ALA D 137 20.00 -50.74 -17.14
CA ALA D 137 19.98 -51.11 -15.74
C ALA D 137 19.72 -52.56 -15.42
N ASP D 138 19.14 -53.29 -16.38
CA ASP D 138 18.82 -54.71 -16.18
C ASP D 138 18.82 -55.43 -17.55
N MET D 139 18.49 -56.72 -17.57
CA MET D 139 18.61 -57.55 -18.76
C MET D 139 17.82 -57.05 -19.95
N ALA D 140 16.54 -56.82 -19.70
CA ALA D 140 15.61 -56.34 -20.72
C ALA D 140 16.15 -55.09 -21.39
N ALA D 141 16.63 -54.17 -20.56
CA ALA D 141 17.08 -52.86 -21.01
C ALA D 141 18.34 -52.99 -21.87
N GLN D 142 19.12 -54.04 -21.62
CA GLN D 142 20.25 -54.38 -22.48
C GLN D 142 19.86 -54.50 -23.94
N THR D 143 18.77 -55.23 -24.19
CA THR D 143 18.13 -55.32 -25.50
C THR D 143 18.02 -53.94 -26.12
N THR D 144 17.35 -53.07 -25.40
CA THR D 144 17.15 -51.72 -25.86
C THR D 144 18.46 -51.01 -26.11
N LYS D 145 19.46 -51.26 -25.25
CA LYS D 145 20.76 -50.65 -25.44
C LYS D 145 21.24 -51.02 -26.84
N HIS D 146 21.50 -52.32 -27.10
CA HIS D 146 21.93 -52.78 -28.43
C HIS D 146 21.15 -52.16 -29.59
N LYS D 147 19.84 -52.29 -29.53
CA LYS D 147 19.00 -51.88 -30.63
C LYS D 147 19.06 -50.36 -30.86
N TRP D 148 19.23 -49.59 -29.77
CA TRP D 148 19.30 -48.14 -29.88
C TRP D 148 20.62 -47.68 -30.44
N GLU D 149 21.69 -48.30 -29.96
CA GLU D 149 23.04 -48.06 -30.44
C GLU D 149 23.02 -48.18 -31.95
N ALA D 150 22.38 -49.24 -32.42
CA ALA D 150 22.27 -49.50 -33.84
C ALA D 150 21.42 -48.45 -34.54
N ALA D 151 20.37 -48.01 -33.86
CA ALA D 151 19.39 -47.14 -34.47
C ALA D 151 19.78 -45.68 -34.46
N HIS D 152 20.93 -45.38 -33.87
CA HIS D 152 21.44 -44.00 -33.75
C HIS D 152 20.52 -43.09 -32.91
N VAL D 153 19.99 -43.60 -31.79
CA VAL D 153 19.03 -42.84 -31.01
C VAL D 153 19.69 -41.61 -30.33
N ALA D 154 20.77 -41.87 -29.60
CA ALA D 154 21.53 -40.80 -28.95
C ALA D 154 21.83 -39.72 -29.95
N GLU D 155 22.39 -40.09 -31.10
CA GLU D 155 22.80 -39.15 -32.14
C GLU D 155 21.77 -38.05 -32.36
N GLN D 156 20.50 -38.37 -32.10
CA GLN D 156 19.44 -37.39 -32.24
C GLN D 156 19.00 -36.68 -30.98
N LEU D 157 18.78 -37.41 -29.89
CA LEU D 157 18.44 -36.80 -28.59
C LEU D 157 19.43 -35.68 -28.23
N ARG D 158 20.69 -35.92 -28.55
CA ARG D 158 21.77 -34.99 -28.29
C ARG D 158 21.55 -33.69 -29.05
N ALA D 159 21.14 -33.79 -30.31
CA ALA D 159 20.83 -32.63 -31.14
C ALA D 159 19.84 -31.68 -30.47
N TYR D 160 18.87 -32.28 -29.79
CA TYR D 160 17.94 -31.52 -28.99
C TYR D 160 18.65 -30.94 -27.79
N LEU D 161 19.20 -31.82 -26.97
CA LEU D 161 19.76 -31.42 -25.67
C LEU D 161 20.89 -30.39 -25.78
N GLU D 162 21.85 -30.60 -26.68
CA GLU D 162 23.00 -29.67 -26.80
C GLU D 162 22.64 -28.38 -27.49
N GLY D 163 21.60 -28.40 -28.32
CA GLY D 163 21.27 -27.26 -29.14
C GLY D 163 19.89 -26.69 -28.87
N THR D 164 18.85 -27.37 -29.34
CA THR D 164 17.49 -26.83 -29.32
C THR D 164 16.95 -26.66 -27.91
N CYS D 165 17.26 -27.62 -27.04
CA CYS D 165 16.96 -27.50 -25.62
C CYS D 165 17.43 -26.15 -25.03
N VAL D 166 18.71 -25.84 -25.16
CA VAL D 166 19.23 -24.65 -24.51
C VAL D 166 18.76 -23.38 -25.23
N GLU D 167 18.68 -23.43 -26.57
CA GLU D 167 18.26 -22.26 -27.36
C GLU D 167 16.99 -21.70 -26.73
N TRP D 168 16.08 -22.61 -26.42
CA TRP D 168 14.80 -22.26 -25.83
C TRP D 168 14.95 -21.86 -24.36
N LEU D 169 15.76 -22.61 -23.61
CA LEU D 169 15.97 -22.32 -22.21
C LEU D 169 16.45 -20.87 -22.06
N ARG D 170 17.26 -20.43 -23.02
CA ARG D 170 17.81 -19.07 -23.01
C ARG D 170 16.65 -18.12 -23.27
N ARG D 171 15.90 -18.40 -24.33
CA ARG D 171 14.67 -17.67 -24.58
C ARG D 171 13.85 -17.50 -23.32
N TYR D 172 13.71 -18.59 -22.59
CA TYR D 172 12.86 -18.54 -21.43
C TYR D 172 13.44 -17.67 -20.32
N LEU D 173 14.73 -17.81 -20.05
CA LEU D 173 15.35 -17.10 -18.91
C LEU D 173 15.19 -15.59 -19.01
N GLU D 174 15.20 -15.03 -20.23
CA GLU D 174 15.05 -13.58 -20.31
C GLU D 174 13.64 -13.12 -20.56
N ASN D 175 12.83 -13.96 -21.20
CA ASN D 175 11.43 -13.61 -21.39
C ASN D 175 10.72 -13.65 -20.03
N GLY D 176 11.30 -14.44 -19.13
CA GLY D 176 10.89 -14.54 -17.75
C GLY D 176 12.05 -14.05 -16.90
N LYS D 177 12.71 -13.00 -17.41
CA LYS D 177 13.81 -12.27 -16.76
C LYS D 177 13.60 -12.10 -15.27
N GLU D 178 12.35 -11.82 -14.90
CA GLU D 178 11.97 -11.45 -13.54
C GLU D 178 11.62 -12.62 -12.61
N THR D 179 10.85 -13.56 -13.13
CA THR D 179 10.40 -14.68 -12.32
C THR D 179 11.49 -15.74 -12.16
N LEU D 180 12.29 -15.89 -13.21
CA LEU D 180 13.18 -17.04 -13.30
C LEU D 180 14.51 -16.76 -12.64
N GLN D 181 14.99 -15.53 -12.82
CA GLN D 181 16.19 -15.06 -12.14
C GLN D 181 15.90 -14.20 -10.93
N ARG D 182 15.04 -14.64 -10.02
CA ARG D 182 14.93 -13.95 -8.74
C ARG D 182 15.60 -14.84 -7.71
N THR D 183 15.75 -14.32 -6.51
CA THR D 183 16.30 -15.13 -5.45
C THR D 183 15.67 -14.72 -4.12
N ASP D 184 14.51 -15.29 -3.84
CA ASP D 184 13.78 -15.00 -2.61
C ASP D 184 14.40 -15.73 -1.41
N ALA D 185 14.90 -14.94 -0.46
CA ALA D 185 15.71 -15.46 0.60
C ALA D 185 14.89 -16.04 1.75
N PRO D 186 15.48 -17.02 2.45
CA PRO D 186 14.79 -17.72 3.53
C PRO D 186 14.42 -16.83 4.71
N LYS D 187 13.12 -16.79 5.00
CA LYS D 187 12.57 -16.22 6.22
C LYS D 187 12.69 -17.20 7.38
N THR D 188 13.69 -17.02 8.21
CA THR D 188 13.94 -17.95 9.28
C THR D 188 13.42 -17.52 10.66
N HIS D 189 13.19 -18.50 11.53
CA HIS D 189 12.94 -18.26 12.93
C HIS D 189 13.22 -19.58 13.67
N MET D 190 12.90 -19.63 14.96
CA MET D 190 13.08 -20.87 15.71
C MET D 190 11.97 -21.04 16.74
N THR D 191 11.78 -22.26 17.21
CA THR D 191 10.72 -22.57 18.14
C THR D 191 11.19 -23.53 19.24
N HIS D 192 10.42 -23.62 20.33
CA HIS D 192 10.74 -24.55 21.40
C HIS D 192 9.50 -25.27 21.87
N HIS D 193 9.67 -26.57 22.05
CA HIS D 193 8.59 -27.42 22.47
C HIS D 193 9.13 -28.32 23.55
N ALA D 194 8.30 -28.55 24.55
CA ALA D 194 8.75 -29.13 25.79
C ALA D 194 9.22 -30.55 25.55
N VAL D 195 8.35 -31.39 24.99
CA VAL D 195 8.50 -32.85 24.92
C VAL D 195 9.03 -33.47 26.22
N SER D 196 9.10 -34.80 26.25
CA SER D 196 9.90 -35.51 27.25
C SER D 196 9.50 -35.17 28.69
N ASP D 197 10.46 -35.31 29.61
CA ASP D 197 10.28 -34.80 30.98
C ASP D 197 11.51 -33.97 31.41
N HIS D 198 12.71 -34.42 31.04
CA HIS D 198 13.94 -33.63 31.27
C HIS D 198 14.65 -33.13 30.00
N GLU D 199 13.92 -33.11 28.89
CA GLU D 199 14.50 -32.74 27.60
C GLU D 199 13.60 -31.70 26.92
N ALA D 200 14.01 -31.20 25.76
CA ALA D 200 13.23 -30.17 25.06
C ALA D 200 13.67 -30.02 23.59
N THR D 201 12.71 -29.96 22.67
CA THR D 201 13.07 -29.83 21.25
C THR D 201 13.15 -28.37 20.75
N LEU D 202 14.09 -28.15 19.84
CA LEU D 202 14.39 -26.86 19.27
C LEU D 202 14.22 -26.97 17.78
N ARG D 203 13.41 -26.12 17.17
CA ARG D 203 13.09 -26.34 15.77
C ARG D 203 13.40 -25.08 14.97
N CYS D 204 14.36 -25.20 14.05
CA CYS D 204 14.82 -24.08 13.22
C CYS D 204 14.09 -24.04 11.87
N TRP D 205 13.36 -22.95 11.60
CA TRP D 205 12.48 -22.86 10.43
C TRP D 205 13.07 -22.06 9.27
N ALA D 206 12.89 -22.53 8.03
CA ALA D 206 13.22 -21.72 6.85
C ALA D 206 12.03 -21.63 5.90
N LEU D 207 11.65 -20.41 5.49
CA LEU D 207 10.42 -20.21 4.70
C LEU D 207 10.53 -19.22 3.55
N SER D 208 9.46 -19.14 2.76
CA SER D 208 9.37 -18.31 1.54
C SER D 208 10.63 -18.20 0.72
N PHE D 209 11.32 -19.32 0.47
CA PHE D 209 12.59 -19.20 -0.24
C PHE D 209 12.64 -19.91 -1.58
N TYR D 210 13.32 -19.26 -2.52
CA TYR D 210 13.54 -19.79 -3.85
C TYR D 210 14.98 -19.45 -4.30
N PRO D 211 15.66 -20.41 -4.96
CA PRO D 211 15.22 -21.77 -5.26
C PRO D 211 15.24 -22.72 -4.07
N ALA D 212 14.90 -23.98 -4.26
CA ALA D 212 14.63 -24.85 -3.12
C ALA D 212 15.87 -25.46 -2.51
N GLU D 213 17.03 -25.08 -2.99
CA GLU D 213 18.27 -25.69 -2.51
C GLU D 213 18.73 -24.95 -1.27
N ILE D 214 18.79 -25.67 -0.16
CA ILE D 214 19.09 -25.06 1.11
C ILE D 214 19.64 -26.10 2.06
N THR D 215 20.55 -25.68 2.91
CA THR D 215 21.16 -26.56 3.90
C THR D 215 20.93 -26.12 5.34
N LEU D 216 20.21 -26.95 6.10
CA LEU D 216 20.03 -26.68 7.52
C LEU D 216 20.78 -27.68 8.42
N THR D 217 21.77 -27.13 9.12
CA THR D 217 22.64 -27.84 10.06
C THR D 217 22.41 -27.35 11.51
N TRP D 218 22.46 -28.29 12.47
CA TRP D 218 22.39 -27.94 13.88
C TRP D 218 23.67 -28.25 14.60
N GLN D 219 24.12 -27.32 15.44
CA GLN D 219 25.35 -27.59 16.18
C GLN D 219 25.40 -27.08 17.60
N ARG D 220 26.01 -27.94 18.43
CA ARG D 220 26.26 -27.67 19.83
C ARG D 220 27.26 -26.55 20.09
N ASP D 221 28.54 -26.88 20.02
CA ASP D 221 29.52 -25.97 20.54
C ASP D 221 30.20 -25.24 19.40
N GLY D 222 31.35 -25.75 18.97
CA GLY D 222 31.98 -25.31 17.75
C GLY D 222 31.63 -26.48 16.87
N GLU D 223 31.47 -27.63 17.51
CA GLU D 223 31.07 -28.88 16.85
C GLU D 223 29.61 -28.90 16.43
N ASP D 224 29.25 -29.77 15.48
CA ASP D 224 27.86 -29.94 15.05
C ASP D 224 27.25 -31.29 15.45
N GLN D 225 26.95 -32.08 14.42
CA GLN D 225 26.67 -33.52 14.49
C GLN D 225 25.22 -34.01 14.44
N THR D 226 25.17 -35.25 13.97
CA THR D 226 24.06 -36.20 13.99
C THR D 226 23.69 -36.51 15.44
N GLN D 227 23.16 -35.55 16.19
CA GLN D 227 22.67 -35.87 17.53
C GLN D 227 21.32 -36.56 17.51
N ASP D 228 20.35 -35.79 17.05
CA ASP D 228 18.97 -36.23 16.95
C ASP D 228 18.44 -35.47 15.75
N THR D 229 19.27 -34.51 15.29
CA THR D 229 18.94 -33.57 14.20
C THR D 229 17.95 -34.19 13.20
N GLU D 230 16.68 -34.09 13.54
CA GLU D 230 15.62 -34.58 12.67
C GLU D 230 15.42 -33.56 11.57
N LEU D 231 15.24 -34.03 10.35
CA LEU D 231 15.20 -33.12 9.23
C LEU D 231 14.11 -33.57 8.28
N VAL D 232 13.36 -32.61 7.73
CA VAL D 232 12.22 -32.93 6.88
C VAL D 232 12.43 -32.52 5.42
N GLU D 233 11.87 -33.31 4.51
CA GLU D 233 11.91 -32.99 3.08
C GLU D 233 11.53 -31.56 2.75
N THR D 234 12.45 -30.84 2.11
CA THR D 234 12.14 -29.53 1.52
C THR D 234 10.77 -29.63 0.86
N ARG D 235 9.86 -28.74 1.20
CA ARG D 235 8.47 -28.89 0.80
C ARG D 235 7.87 -27.60 0.24
N PRO D 236 6.88 -27.70 -0.66
CA PRO D 236 6.36 -26.49 -1.31
C PRO D 236 5.24 -25.79 -0.52
N ALA D 237 5.12 -24.49 -0.73
CA ALA D 237 4.08 -23.71 -0.08
C ALA D 237 2.85 -23.54 -0.97
N GLY D 238 3.07 -23.67 -2.28
CA GLY D 238 2.02 -23.47 -3.26
C GLY D 238 1.95 -22.04 -3.77
N ASP D 239 2.82 -21.18 -3.24
CA ASP D 239 2.91 -19.81 -3.72
C ASP D 239 4.07 -19.67 -4.67
N GLY D 240 4.84 -20.75 -4.81
CA GLY D 240 5.98 -20.76 -5.69
C GLY D 240 7.29 -20.94 -4.93
N THR D 241 7.23 -20.90 -3.60
CA THR D 241 8.44 -20.98 -2.79
C THR D 241 8.46 -22.28 -2.02
N PHE D 242 9.46 -22.43 -1.15
CA PHE D 242 9.66 -23.70 -0.42
C PHE D 242 9.88 -23.47 1.08
N GLN D 243 9.83 -24.55 1.85
CA GLN D 243 9.96 -24.49 3.31
C GLN D 243 10.77 -25.68 3.75
N LYS D 244 11.50 -25.53 4.84
CA LYS D 244 12.20 -26.66 5.45
C LYS D 244 12.39 -26.40 6.93
N TRP D 245 12.68 -27.45 7.69
CA TRP D 245 13.16 -27.25 9.06
C TRP D 245 14.02 -28.38 9.58
N ALA D 246 14.80 -28.06 10.61
CA ALA D 246 15.55 -29.06 11.33
C ALA D 246 15.32 -28.92 12.84
N ALA D 247 15.36 -30.05 13.55
CA ALA D 247 15.08 -30.00 14.97
C ALA D 247 16.00 -30.90 15.80
N VAL D 248 16.40 -30.37 16.95
CA VAL D 248 17.26 -31.06 17.91
C VAL D 248 16.57 -31.13 19.28
N VAL D 249 16.58 -32.30 19.91
CA VAL D 249 16.15 -32.39 21.30
C VAL D 249 17.34 -32.15 22.23
N VAL D 250 17.12 -31.36 23.29
CA VAL D 250 18.17 -30.72 24.06
C VAL D 250 17.92 -31.06 25.52
N PRO D 251 18.98 -31.18 26.35
CA PRO D 251 18.66 -31.40 27.75
C PRO D 251 18.01 -30.14 28.30
N SER D 252 17.22 -30.27 29.35
CA SER D 252 16.21 -29.27 29.67
C SER D 252 16.74 -27.84 29.89
N GLY D 253 18.00 -27.69 30.30
CA GLY D 253 18.55 -26.35 30.51
C GLY D 253 19.83 -25.94 29.81
N GLN D 254 20.11 -26.51 28.63
CA GLN D 254 21.26 -26.07 27.83
C GLN D 254 20.80 -25.54 26.46
N GLU D 255 19.61 -24.93 26.40
CA GLU D 255 19.08 -24.40 25.15
C GLU D 255 19.97 -23.49 24.32
N GLN D 256 20.91 -22.79 24.96
CA GLN D 256 21.67 -21.82 24.21
C GLN D 256 23.08 -22.31 23.83
N ARG D 257 23.43 -23.56 24.07
CA ARG D 257 24.67 -24.02 23.48
C ARG D 257 24.29 -24.86 22.24
N TYR D 258 23.29 -24.39 21.48
CA TYR D 258 22.97 -25.03 20.21
C TYR D 258 22.84 -24.10 19.00
N THR D 259 23.81 -24.04 18.07
CA THR D 259 23.57 -23.17 16.90
C THR D 259 22.93 -23.85 15.68
N CYS D 260 22.11 -23.05 14.97
CA CYS D 260 21.41 -23.51 13.77
C CYS D 260 21.81 -22.61 12.60
N HIS D 261 22.27 -23.31 11.57
CA HIS D 261 22.92 -22.79 10.39
C HIS D 261 22.15 -23.02 9.07
N VAL D 262 21.96 -21.94 8.30
CA VAL D 262 20.98 -21.88 7.21
C VAL D 262 21.69 -21.36 5.99
N GLN D 263 22.19 -22.23 5.12
CA GLN D 263 22.82 -21.72 3.91
C GLN D 263 21.89 -21.72 2.70
N HIS D 264 21.99 -20.66 1.90
CA HIS D 264 21.11 -20.42 0.78
C HIS D 264 21.67 -19.26 -0.05
N GLU D 265 21.40 -19.27 -1.36
CA GLU D 265 21.64 -18.09 -2.19
C GLU D 265 20.75 -16.98 -1.68
N GLY D 266 20.86 -15.79 -2.24
CA GLY D 266 19.99 -14.70 -1.80
C GLY D 266 20.26 -14.27 -0.35
N LEU D 267 20.85 -15.20 0.42
CA LEU D 267 21.53 -14.87 1.65
C LEU D 267 22.97 -14.51 1.28
N PRO D 268 23.38 -13.27 1.62
CA PRO D 268 24.76 -12.84 1.38
C PRO D 268 25.77 -13.77 2.08
N LYS D 269 25.70 -13.89 3.40
CA LYS D 269 26.46 -14.91 4.12
C LYS D 269 25.50 -15.86 4.85
N PRO D 270 25.95 -17.11 5.11
CA PRO D 270 25.14 -18.13 5.80
C PRO D 270 24.62 -17.60 7.13
N LEU D 271 23.44 -18.01 7.54
CA LEU D 271 22.80 -17.35 8.66
C LEU D 271 22.97 -18.14 9.95
N THR D 272 23.39 -17.48 11.03
CA THR D 272 23.40 -18.17 12.31
C THR D 272 22.26 -17.52 13.06
N LEU D 273 21.48 -18.34 13.73
CA LEU D 273 20.20 -17.86 14.21
C LEU D 273 19.82 -18.69 15.41
N ARG D 274 19.65 -18.09 16.59
CA ARG D 274 19.34 -18.91 17.79
C ARG D 274 18.38 -18.58 18.91
N TRP D 275 17.95 -19.65 19.56
CA TRP D 275 17.19 -19.56 20.80
C TRP D 275 17.99 -18.76 21.82
N GLU D 276 17.82 -17.44 21.79
CA GLU D 276 18.50 -16.51 22.71
C GLU D 276 18.59 -17.01 24.15
N MET E 1 9.39 -53.29 -10.01
CA MET E 1 8.28 -54.13 -9.56
C MET E 1 7.95 -53.70 -8.14
N ILE E 2 8.59 -52.61 -7.72
CA ILE E 2 8.65 -52.15 -6.33
C ILE E 2 7.54 -51.22 -5.79
N GLN E 3 7.50 -51.11 -4.45
CA GLN E 3 6.46 -50.38 -3.72
C GLN E 3 6.98 -49.52 -2.54
N ARG E 4 6.93 -48.20 -2.69
CA ARG E 4 7.22 -47.31 -1.58
C ARG E 4 5.98 -46.57 -1.08
N THR E 5 5.88 -46.36 0.23
CA THR E 5 4.67 -45.81 0.84
C THR E 5 4.80 -44.30 1.06
N PRO E 6 3.69 -43.55 0.89
CA PRO E 6 3.86 -42.09 0.79
C PRO E 6 4.21 -41.47 2.12
N LYS E 7 5.18 -40.55 2.13
CA LYS E 7 5.42 -39.77 3.34
C LYS E 7 4.55 -38.51 3.31
N ILE E 8 4.02 -38.14 4.47
CA ILE E 8 3.00 -37.11 4.53
C ILE E 8 3.47 -35.91 5.34
N GLN E 9 3.18 -34.73 4.82
CA GLN E 9 3.51 -33.54 5.56
C GLN E 9 2.33 -32.62 5.41
N VAL E 10 1.72 -32.28 6.54
CA VAL E 10 0.56 -31.40 6.56
C VAL E 10 0.88 -30.09 7.26
N TYR E 11 0.52 -29.00 6.62
CA TYR E 11 1.02 -27.71 7.03
C TYR E 11 0.33 -26.61 6.23
N SER E 12 0.58 -25.35 6.62
CA SER E 12 -0.04 -24.20 6.00
C SER E 12 0.97 -23.43 5.16
N ARG E 13 0.47 -22.74 4.15
CA ARG E 13 1.31 -22.00 3.22
C ARG E 13 2.19 -20.99 3.95
N HIS E 14 1.56 -19.99 4.56
CA HIS E 14 2.20 -19.03 5.47
C HIS E 14 1.86 -19.43 6.90
N PRO E 15 2.49 -18.77 7.90
CA PRO E 15 2.15 -19.17 9.27
C PRO E 15 0.68 -18.94 9.64
N ALA E 16 0.17 -19.72 10.57
CA ALA E 16 -1.28 -19.78 10.83
C ALA E 16 -1.76 -18.79 11.87
N GLU E 17 -2.14 -17.59 11.45
CA GLU E 17 -2.74 -16.67 12.43
C GLU E 17 -4.24 -16.77 12.31
N ASN E 18 -4.89 -16.86 13.47
CA ASN E 18 -6.31 -17.16 13.54
C ASN E 18 -7.17 -16.06 12.92
N GLY E 19 -8.26 -16.49 12.30
CA GLY E 19 -9.25 -15.58 11.75
C GLY E 19 -8.97 -14.84 10.44
N LYS E 20 -7.74 -14.82 9.93
CA LYS E 20 -7.59 -14.43 8.52
C LYS E 20 -6.65 -15.37 7.74
N SER E 21 -6.88 -15.37 6.43
CA SER E 21 -6.72 -16.52 5.52
C SER E 21 -5.36 -17.05 5.15
N ASN E 22 -5.37 -18.38 5.00
CA ASN E 22 -4.20 -19.16 4.67
C ASN E 22 -4.56 -20.24 3.65
N PHE E 23 -3.66 -21.20 3.53
CA PHE E 23 -3.79 -22.34 2.62
C PHE E 23 -3.33 -23.59 3.36
N LEU E 24 -4.10 -24.66 3.27
CA LEU E 24 -3.75 -25.88 3.99
C LEU E 24 -3.13 -26.90 3.04
N ASN E 25 -1.84 -27.13 3.23
CA ASN E 25 -1.11 -27.99 2.33
C ASN E 25 -1.03 -29.43 2.85
N CYS E 26 -1.13 -30.37 1.93
CA CYS E 26 -0.81 -31.75 2.23
C CYS E 26 0.15 -32.25 1.14
N TYR E 27 1.39 -32.48 1.53
CA TYR E 27 2.42 -32.85 0.60
C TYR E 27 2.74 -34.34 0.74
N VAL E 28 2.27 -35.12 -0.22
CA VAL E 28 2.62 -36.52 -0.22
C VAL E 28 3.80 -36.70 -1.16
N SER E 29 4.75 -37.54 -0.75
CA SER E 29 5.99 -37.69 -1.47
C SER E 29 6.64 -39.03 -1.20
N GLY E 30 7.52 -39.44 -2.10
CA GLY E 30 8.36 -40.59 -1.89
C GLY E 30 7.62 -41.89 -2.10
N PHE E 31 6.50 -41.83 -2.83
CA PHE E 31 5.64 -43.00 -2.99
C PHE E 31 5.66 -43.56 -4.41
N HIS E 32 5.32 -44.83 -4.51
CA HIS E 32 5.17 -45.55 -5.77
C HIS E 32 4.28 -46.77 -5.58
N PRO E 33 3.31 -46.97 -6.47
CA PRO E 33 3.06 -46.27 -7.73
C PRO E 33 2.27 -44.97 -7.65
N SER E 34 1.91 -44.44 -8.82
CA SER E 34 1.30 -43.12 -9.00
C SER E 34 -0.15 -42.98 -8.50
N ASP E 35 -0.87 -44.08 -8.42
CA ASP E 35 -2.19 -44.02 -7.83
C ASP E 35 -2.13 -43.64 -6.35
N ILE E 36 -2.79 -42.55 -6.02
CA ILE E 36 -2.93 -42.21 -4.62
C ILE E 36 -4.26 -41.52 -4.38
N GLU E 37 -4.76 -41.71 -3.16
CA GLU E 37 -6.02 -41.17 -2.72
C GLU E 37 -5.82 -40.18 -1.56
N VAL E 38 -6.23 -38.93 -1.76
CA VAL E 38 -6.00 -37.90 -0.74
C VAL E 38 -7.20 -36.98 -0.50
N ASP E 39 -7.58 -36.88 0.78
CA ASP E 39 -8.58 -35.91 1.20
C ASP E 39 -8.08 -34.99 2.31
N LEU E 40 -8.68 -33.80 2.38
CA LEU E 40 -8.39 -32.89 3.46
C LEU E 40 -9.60 -32.82 4.38
N LEU E 41 -9.35 -32.72 5.69
CA LEU E 41 -10.40 -32.81 6.70
C LEU E 41 -10.56 -31.55 7.57
N LYS E 42 -11.81 -31.17 7.78
CA LYS E 42 -12.16 -30.13 8.74
C LYS E 42 -12.96 -30.76 9.87
N ASN E 43 -12.33 -30.82 11.03
CA ASN E 43 -12.95 -31.40 12.23
C ASN E 43 -13.53 -32.75 11.87
N GLY E 44 -12.76 -33.49 11.07
CA GLY E 44 -13.12 -34.84 10.68
C GLY E 44 -13.92 -34.97 9.39
N GLU E 45 -14.39 -33.86 8.83
CA GLU E 45 -15.23 -33.97 7.64
C GLU E 45 -14.51 -33.50 6.37
N ARG E 46 -14.89 -34.12 5.26
CA ARG E 46 -14.22 -33.92 3.99
C ARG E 46 -14.42 -32.50 3.48
N ILE E 47 -13.33 -31.97 3.00
CA ILE E 47 -13.35 -30.68 2.35
C ILE E 47 -13.54 -30.93 0.87
N GLU E 48 -14.32 -30.08 0.23
CA GLU E 48 -14.76 -30.40 -1.11
C GLU E 48 -13.99 -29.62 -2.16
N LYS E 49 -13.79 -28.32 -1.96
CA LYS E 49 -12.94 -27.60 -2.92
C LYS E 49 -11.46 -27.86 -2.60
N VAL E 50 -10.94 -28.98 -3.10
CA VAL E 50 -9.53 -29.35 -2.96
C VAL E 50 -8.79 -29.48 -4.29
N GLU E 51 -7.75 -28.67 -4.53
CA GLU E 51 -6.85 -28.85 -5.70
C GLU E 51 -5.60 -29.66 -5.40
N HIS E 52 -4.88 -30.02 -6.47
CA HIS E 52 -3.56 -30.61 -6.30
C HIS E 52 -2.58 -30.19 -7.41
N SER E 53 -1.30 -30.37 -7.13
CA SER E 53 -0.25 -30.18 -8.10
C SER E 53 -0.35 -31.16 -9.28
N ASP E 54 0.49 -30.99 -10.30
CA ASP E 54 0.55 -32.01 -11.35
C ASP E 54 1.58 -33.07 -10.98
N LEU E 55 1.29 -34.33 -11.28
CA LEU E 55 2.14 -35.42 -10.82
C LEU E 55 3.55 -35.31 -11.37
N SER E 56 4.53 -35.42 -10.48
CA SER E 56 5.91 -35.49 -10.88
C SER E 56 6.73 -36.31 -9.91
N PHE E 57 8.04 -36.36 -10.14
CA PHE E 57 8.85 -37.27 -9.37
C PHE E 57 10.27 -36.77 -9.11
N SER E 58 10.93 -37.43 -8.15
CA SER E 58 12.26 -37.04 -7.69
C SER E 58 13.33 -37.79 -8.47
N LYS E 59 14.56 -37.79 -7.97
CA LYS E 59 15.57 -38.48 -8.71
C LYS E 59 15.36 -39.99 -8.68
N ASP E 60 14.79 -40.52 -7.59
CA ASP E 60 14.63 -41.96 -7.52
C ASP E 60 13.33 -42.41 -8.15
N TRP E 61 12.75 -41.53 -8.96
CA TRP E 61 11.54 -41.85 -9.72
C TRP E 61 10.29 -41.92 -8.81
N SER E 62 10.45 -41.62 -7.52
CA SER E 62 9.29 -41.61 -6.63
C SER E 62 8.43 -40.39 -6.86
N PHE E 63 7.13 -40.53 -6.69
CA PHE E 63 6.21 -39.45 -7.01
C PHE E 63 5.94 -38.53 -5.82
N TYR E 64 5.54 -37.31 -6.15
CA TYR E 64 5.10 -36.34 -5.16
C TYR E 64 3.92 -35.55 -5.68
N LEU E 65 3.03 -35.21 -4.76
CA LEU E 65 1.82 -34.46 -5.04
C LEU E 65 1.59 -33.47 -3.94
N LEU E 66 1.02 -32.32 -4.30
CA LEU E 66 0.65 -31.37 -3.28
C LEU E 66 -0.83 -31.15 -3.33
N TYR E 67 -1.54 -31.66 -2.32
CA TYR E 67 -2.96 -31.33 -2.21
C TYR E 67 -3.06 -30.09 -1.33
N TYR E 68 -3.96 -29.18 -1.71
CA TYR E 68 -4.03 -27.89 -1.04
C TYR E 68 -5.40 -27.21 -1.12
N THR E 69 -5.79 -26.59 -0.01
CA THR E 69 -7.11 -25.96 0.07
C THR E 69 -7.07 -24.62 0.79
N GLU E 70 -8.05 -23.78 0.49
CA GLU E 70 -8.10 -22.47 1.09
C GLU E 70 -8.93 -22.53 2.36
N PHE E 71 -8.37 -22.05 3.46
CA PHE E 71 -9.08 -22.13 4.72
C PHE E 71 -8.62 -20.97 5.59
N THR E 72 -9.50 -20.50 6.47
CA THR E 72 -9.13 -19.56 7.53
C THR E 72 -9.19 -20.28 8.86
N PRO E 73 -8.02 -20.37 9.53
CA PRO E 73 -7.92 -21.21 10.72
C PRO E 73 -8.49 -20.54 11.94
N THR E 74 -8.85 -21.36 12.93
CA THR E 74 -9.35 -20.87 14.21
C THR E 74 -8.71 -21.71 15.31
N GLU E 75 -9.00 -21.42 16.57
CA GLU E 75 -8.43 -22.26 17.62
C GLU E 75 -9.20 -23.55 17.80
N LYS E 76 -10.53 -23.44 17.73
CA LYS E 76 -11.43 -24.58 17.90
C LYS E 76 -11.27 -25.63 16.76
N ASP E 77 -11.17 -25.17 15.51
CA ASP E 77 -11.16 -26.03 14.32
C ASP E 77 -9.93 -26.94 14.27
N GLU E 78 -10.16 -28.22 14.01
CA GLU E 78 -9.07 -29.16 13.79
C GLU E 78 -9.03 -29.68 12.35
N TYR E 79 -7.85 -29.59 11.73
CA TYR E 79 -7.69 -30.05 10.34
C TYR E 79 -6.75 -31.26 10.18
N ALA E 80 -6.98 -32.01 9.11
CA ALA E 80 -6.25 -33.26 8.86
C ALA E 80 -6.24 -33.66 7.40
N CYS E 81 -5.28 -34.50 7.07
CA CYS E 81 -5.13 -34.99 5.71
C CYS E 81 -5.22 -36.52 5.75
N ARG E 82 -6.11 -37.10 4.97
CA ARG E 82 -6.23 -38.55 4.98
C ARG E 82 -5.72 -39.15 3.66
N VAL E 83 -4.87 -40.15 3.78
CA VAL E 83 -4.12 -40.67 2.63
C VAL E 83 -4.19 -42.19 2.50
N ASN E 84 -4.75 -42.64 1.38
CA ASN E 84 -4.82 -44.06 1.10
C ASN E 84 -3.87 -44.47 0.00
N HIS E 85 -3.29 -45.66 0.14
CA HIS E 85 -2.39 -46.23 -0.87
C HIS E 85 -2.53 -47.74 -0.96
N VAL E 86 -1.87 -48.31 -1.96
CA VAL E 86 -1.75 -49.75 -2.08
C VAL E 86 -0.88 -50.30 -0.95
N THR E 87 0.08 -49.48 -0.53
CA THR E 87 0.99 -49.87 0.52
C THR E 87 0.29 -49.81 1.88
N LEU E 88 -0.95 -49.34 1.88
CA LEU E 88 -1.60 -49.03 3.14
C LEU E 88 -2.85 -49.86 3.36
N SER E 89 -2.86 -50.51 4.53
CA SER E 89 -3.98 -51.30 5.02
C SER E 89 -5.25 -50.48 5.10
N GLN E 90 -5.21 -49.47 5.96
CA GLN E 90 -6.32 -48.52 6.11
C GLN E 90 -5.84 -47.15 5.71
N PRO E 91 -6.77 -46.23 5.39
CA PRO E 91 -6.32 -44.86 5.18
C PRO E 91 -5.44 -44.41 6.34
N LYS E 92 -4.43 -43.60 6.04
CA LYS E 92 -3.54 -43.02 7.04
C LYS E 92 -3.98 -41.58 7.24
N ILE E 93 -4.15 -41.16 8.48
CA ILE E 93 -4.58 -39.79 8.72
C ILE E 93 -3.51 -39.07 9.50
N VAL E 94 -3.10 -37.91 9.03
CA VAL E 94 -2.08 -37.15 9.75
C VAL E 94 -2.69 -35.78 10.06
N LYS E 95 -2.59 -35.37 11.32
CA LYS E 95 -3.24 -34.12 11.75
C LYS E 95 -2.32 -32.94 11.55
N TRP E 96 -2.89 -31.82 11.10
CA TRP E 96 -2.13 -30.59 11.00
C TRP E 96 -1.58 -30.25 12.38
N ASP E 97 -0.48 -29.52 12.40
CA ASP E 97 0.23 -29.12 13.60
C ASP E 97 0.84 -27.79 13.26
N ARG E 98 0.54 -26.79 14.09
CA ARG E 98 0.94 -25.42 13.80
C ARG E 98 2.48 -25.30 13.86
N ASP E 99 3.11 -26.33 14.44
CA ASP E 99 4.54 -26.31 14.79
C ASP E 99 5.40 -27.37 14.10
N MET E 100 4.76 -28.15 13.22
CA MET E 100 5.46 -29.11 12.36
C MET E 100 5.12 -28.80 10.89
N PHE F 1 10.83 -25.48 -24.78
CA PHE F 1 10.50 -26.20 -25.99
C PHE F 1 10.35 -27.62 -25.55
N SER F 2 9.91 -28.51 -26.43
CA SER F 2 9.77 -29.91 -26.02
C SER F 2 10.28 -30.78 -27.14
N GLY F 3 10.71 -31.99 -26.79
CA GLY F 3 11.35 -32.86 -27.78
C GLY F 3 10.50 -33.07 -29.02
N GLU F 4 11.11 -32.92 -30.18
CA GLU F 4 10.44 -33.13 -31.43
C GLU F 4 10.63 -34.59 -31.86
N TYR F 5 11.59 -35.27 -31.23
CA TYR F 5 11.87 -36.68 -31.48
C TYR F 5 11.83 -37.45 -30.17
N ILE F 6 11.49 -38.74 -30.24
CA ILE F 6 11.38 -39.60 -29.07
C ILE F 6 11.44 -41.07 -29.44
N PRO F 7 12.40 -41.84 -28.90
CA PRO F 7 12.53 -43.25 -29.29
C PRO F 7 11.54 -44.24 -28.62
N THR F 8 11.55 -45.49 -29.07
CA THR F 8 10.67 -46.55 -28.54
C THR F 8 11.51 -47.68 -28.01
N VAL F 9 11.37 -48.02 -26.73
CA VAL F 9 12.18 -49.06 -26.10
C VAL F 9 12.06 -50.40 -26.81
N ASP G 2 6.91 -67.84 -48.87
CA ASP G 2 7.05 -67.77 -47.42
C ASP G 2 6.08 -66.77 -46.77
N THR G 3 6.65 -65.77 -46.10
CA THR G 3 5.90 -64.86 -45.21
C THR G 3 5.58 -63.55 -45.92
N ALA G 4 4.50 -62.88 -45.51
CA ALA G 4 4.08 -61.64 -46.15
C ALA G 4 2.89 -60.95 -45.48
N VAL G 5 2.50 -59.85 -46.09
CA VAL G 5 1.39 -59.06 -45.65
C VAL G 5 0.33 -59.30 -46.69
N SER G 6 -0.65 -60.11 -46.29
CA SER G 6 -1.74 -60.53 -47.16
C SER G 6 -3.00 -59.75 -46.79
N GLN G 7 -3.93 -59.64 -47.73
CA GLN G 7 -4.96 -58.61 -47.68
C GLN G 7 -6.06 -58.94 -48.70
N THR G 8 -7.30 -59.15 -48.22
CA THR G 8 -8.44 -59.54 -49.08
C THR G 8 -9.63 -58.58 -48.97
N PRO G 9 -10.44 -58.48 -50.03
CA PRO G 9 -10.36 -59.02 -51.39
C PRO G 9 -9.33 -58.27 -52.19
N LYS G 10 -9.10 -58.63 -53.46
CA LYS G 10 -8.16 -57.82 -54.20
C LYS G 10 -8.91 -56.62 -54.70
N TYR G 11 -9.99 -56.85 -55.42
CA TYR G 11 -10.81 -55.74 -55.86
C TYR G 11 -12.19 -55.82 -55.23
N LEU G 12 -13.01 -54.81 -55.49
CA LEU G 12 -14.36 -54.78 -54.95
C LEU G 12 -15.12 -53.60 -55.52
N VAL G 13 -16.39 -53.82 -55.84
CA VAL G 13 -17.20 -52.78 -56.45
C VAL G 13 -18.67 -52.93 -56.06
N THR G 14 -19.19 -51.83 -55.52
CA THR G 14 -20.60 -51.67 -55.17
C THR G 14 -21.10 -50.23 -55.31
N GLN G 15 -22.25 -50.01 -54.69
CA GLN G 15 -22.96 -48.75 -54.78
C GLN G 15 -22.89 -47.92 -53.49
N MET G 16 -23.18 -46.63 -53.60
CA MET G 16 -23.11 -45.73 -52.44
C MET G 16 -23.96 -46.27 -51.30
N GLY G 17 -23.47 -46.13 -50.08
CA GLY G 17 -24.23 -46.48 -48.89
C GLY G 17 -24.47 -47.96 -48.75
N ASN G 18 -23.70 -48.73 -49.51
CA ASN G 18 -23.74 -50.16 -49.33
C ASN G 18 -22.86 -50.43 -48.14
N ASP G 19 -22.77 -51.69 -47.73
CA ASP G 19 -21.76 -51.97 -46.72
C ASP G 19 -20.92 -53.20 -47.04
N LYS G 20 -19.61 -52.95 -46.97
CA LYS G 20 -18.49 -53.82 -47.39
C LYS G 20 -17.45 -53.87 -46.27
N SER G 21 -16.64 -54.94 -46.24
CA SER G 21 -15.57 -55.06 -45.23
C SER G 21 -14.20 -55.46 -45.81
N ILE G 22 -13.11 -54.91 -45.26
CA ILE G 22 -11.78 -55.33 -45.69
C ILE G 22 -10.95 -55.99 -44.57
N LYS G 23 -10.24 -57.07 -44.89
CA LYS G 23 -9.35 -57.74 -43.93
C LYS G 23 -7.87 -57.65 -44.40
N CYS G 24 -6.96 -57.98 -43.48
CA CYS G 24 -5.54 -57.95 -43.75
C CYS G 24 -4.78 -58.72 -42.66
N GLU G 25 -3.60 -59.22 -43.02
CA GLU G 25 -2.88 -60.18 -42.20
C GLU G 25 -1.36 -60.16 -42.39
N GLN G 26 -0.61 -60.42 -41.31
CA GLN G 26 0.84 -60.59 -41.40
C GLN G 26 1.34 -61.65 -40.43
N ASN G 27 2.21 -62.52 -40.92
CA ASN G 27 2.82 -63.49 -40.03
C ASN G 27 4.30 -63.22 -39.99
N LEU G 28 4.65 -61.94 -40.05
CA LEU G 28 6.04 -61.51 -39.96
C LEU G 28 6.54 -61.56 -38.51
N GLY G 29 5.61 -61.53 -37.57
CA GLY G 29 6.00 -61.51 -36.17
C GLY G 29 6.14 -60.07 -35.80
N HIS G 30 5.16 -59.27 -36.22
CA HIS G 30 5.18 -57.83 -36.01
C HIS G 30 4.18 -57.36 -34.97
N ASP G 31 4.50 -56.24 -34.32
CA ASP G 31 3.54 -55.43 -33.55
C ASP G 31 3.16 -54.37 -34.56
N THR G 32 2.15 -53.53 -34.31
CA THR G 32 1.91 -52.40 -35.22
C THR G 32 1.47 -52.74 -36.64
N MET G 33 0.27 -52.34 -37.01
CA MET G 33 -0.20 -52.51 -38.39
C MET G 33 -0.87 -51.22 -38.85
N TYR G 34 -1.13 -51.07 -40.14
CA TYR G 34 -1.53 -49.77 -40.68
C TYR G 34 -2.68 -49.87 -41.65
N TRP G 35 -3.24 -48.72 -41.98
CA TRP G 35 -4.16 -48.61 -43.10
C TRP G 35 -3.83 -47.31 -43.81
N TYR G 36 -3.54 -47.39 -45.10
CA TYR G 36 -3.37 -46.16 -45.86
C TYR G 36 -4.43 -46.10 -46.94
N LYS G 37 -4.94 -44.90 -47.22
CA LYS G 37 -5.86 -44.73 -48.35
C LYS G 37 -5.15 -44.00 -49.49
N GLN G 38 -5.12 -44.65 -50.65
CA GLN G 38 -4.61 -44.07 -51.88
C GLN G 38 -5.73 -44.04 -52.87
N ASP G 39 -6.28 -42.87 -53.14
CA ASP G 39 -7.26 -42.77 -54.20
C ASP G 39 -6.47 -42.32 -55.38
N SER G 40 -7.15 -41.94 -56.46
CA SER G 40 -6.43 -41.57 -57.66
C SER G 40 -5.83 -40.18 -57.49
N LYS G 41 -5.53 -39.86 -56.23
CA LYS G 41 -4.59 -38.82 -55.88
C LYS G 41 -3.25 -39.48 -56.18
N LYS G 42 -3.33 -40.81 -56.28
CA LYS G 42 -2.20 -41.73 -56.25
C LYS G 42 -1.23 -41.29 -55.13
N PHE G 43 -1.83 -40.73 -54.07
CA PHE G 43 -1.18 -40.12 -52.92
C PHE G 43 -1.50 -40.98 -51.70
N LEU G 44 -0.51 -41.42 -50.94
CA LEU G 44 -0.85 -42.27 -49.78
C LEU G 44 -1.13 -41.46 -48.54
N LYS G 45 -2.26 -41.69 -47.88
CA LYS G 45 -2.47 -41.04 -46.57
C LYS G 45 -2.78 -42.07 -45.51
N ILE G 46 -1.96 -42.09 -44.47
CA ILE G 46 -2.18 -43.00 -43.38
C ILE G 46 -3.55 -42.73 -42.80
N MET G 47 -4.22 -43.81 -42.41
CA MET G 47 -5.53 -43.69 -41.79
C MET G 47 -5.46 -44.09 -40.33
N PHE G 48 -5.15 -45.35 -40.05
CA PHE G 48 -5.03 -45.81 -38.69
C PHE G 48 -3.76 -46.62 -38.44
N SER G 49 -3.52 -46.94 -37.17
CA SER G 49 -2.43 -47.84 -36.81
C SER G 49 -2.68 -48.42 -35.43
N TYR G 50 -2.06 -49.56 -35.16
CA TYR G 50 -2.38 -50.31 -33.96
C TYR G 50 -1.17 -51.03 -33.40
N ASN G 51 -0.70 -50.67 -32.21
CA ASN G 51 0.38 -51.43 -31.60
C ASN G 51 -0.19 -52.31 -30.48
N ASN G 52 -0.08 -53.64 -30.67
CA ASN G 52 -0.59 -54.63 -29.71
C ASN G 52 -2.04 -54.40 -29.30
N LYS G 53 -2.92 -54.57 -30.28
CA LYS G 53 -4.38 -54.36 -30.18
C LYS G 53 -4.69 -52.87 -29.97
N GLU G 54 -3.77 -52.18 -29.32
CA GLU G 54 -3.96 -50.80 -28.91
C GLU G 54 -3.82 -49.83 -30.08
N LEU G 55 -4.83 -48.98 -30.27
CA LEU G 55 -4.83 -48.02 -31.39
C LEU G 55 -3.95 -46.78 -31.09
N ILE G 56 -3.06 -46.46 -32.01
CA ILE G 56 -2.18 -45.31 -31.85
C ILE G 56 -2.66 -44.15 -32.75
N ILE G 57 -2.19 -44.17 -33.99
CA ILE G 57 -2.47 -43.09 -34.93
C ILE G 57 -3.93 -43.15 -35.39
N ASN G 58 -4.58 -42.01 -35.49
CA ASN G 58 -5.99 -42.01 -35.85
C ASN G 58 -6.39 -41.00 -36.92
N GLU G 59 -5.58 -39.95 -37.05
CA GLU G 59 -5.79 -38.93 -38.07
C GLU G 59 -7.22 -38.46 -38.15
N THR G 60 -7.81 -38.68 -39.33
CA THR G 60 -9.19 -38.31 -39.56
C THR G 60 -10.05 -39.54 -39.78
N VAL G 61 -11.12 -39.60 -39.00
CA VAL G 61 -11.98 -40.73 -38.99
C VAL G 61 -13.35 -40.23 -39.34
N PRO G 62 -13.65 -40.11 -40.62
CA PRO G 62 -15.09 -40.14 -40.85
C PRO G 62 -15.62 -41.45 -40.22
N ASN G 63 -16.38 -41.35 -39.13
CA ASN G 63 -16.54 -42.48 -38.21
C ASN G 63 -17.39 -43.65 -38.69
N ARG G 64 -17.70 -43.62 -39.99
CA ARG G 64 -18.08 -44.78 -40.79
C ARG G 64 -16.94 -45.81 -40.82
N PHE G 65 -15.75 -45.31 -41.17
CA PHE G 65 -14.50 -46.07 -41.16
C PHE G 65 -14.26 -46.69 -39.78
N SER G 66 -14.38 -48.00 -39.68
CA SER G 66 -14.21 -48.70 -38.41
C SER G 66 -13.12 -49.75 -38.46
N PRO G 67 -11.90 -49.40 -38.04
CA PRO G 67 -10.85 -50.39 -37.91
C PRO G 67 -11.19 -51.38 -36.81
N LYS G 68 -10.35 -52.37 -36.59
CA LYS G 68 -10.47 -53.30 -35.46
C LYS G 68 -9.30 -54.26 -35.55
N SER G 69 -8.63 -54.45 -34.42
CA SER G 69 -7.49 -55.36 -34.40
C SER G 69 -7.72 -56.50 -33.44
N PRO G 70 -8.25 -57.63 -33.95
CA PRO G 70 -8.51 -58.83 -33.15
C PRO G 70 -7.27 -59.31 -32.43
N ASP G 71 -6.21 -59.53 -33.18
CA ASP G 71 -4.95 -59.82 -32.56
C ASP G 71 -3.81 -59.05 -33.23
N LYS G 72 -2.61 -59.22 -32.69
CA LYS G 72 -1.41 -58.57 -33.16
C LYS G 72 -1.17 -58.82 -34.67
N ALA G 73 -1.75 -59.92 -35.16
CA ALA G 73 -1.45 -60.49 -36.47
C ALA G 73 -2.51 -60.16 -37.52
N HIS G 74 -3.65 -59.67 -37.06
CA HIS G 74 -4.72 -59.34 -37.99
C HIS G 74 -5.15 -57.88 -37.78
N LEU G 75 -5.75 -57.31 -38.82
CA LEU G 75 -6.19 -55.93 -38.81
C LEU G 75 -7.22 -55.67 -39.90
N ASN G 76 -8.46 -55.47 -39.48
CA ASN G 76 -9.58 -55.36 -40.40
C ASN G 76 -10.21 -53.99 -40.39
N LEU G 77 -10.88 -53.70 -41.48
CA LEU G 77 -11.54 -52.44 -41.68
C LEU G 77 -12.89 -52.62 -42.34
N HIS G 78 -13.95 -52.33 -41.60
CA HIS G 78 -15.29 -52.27 -42.16
C HIS G 78 -15.60 -50.80 -42.42
N ILE G 79 -15.80 -50.43 -43.68
CA ILE G 79 -16.04 -49.04 -44.11
C ILE G 79 -17.43 -48.88 -44.61
N ASN G 80 -18.25 -48.02 -44.01
CA ASN G 80 -19.66 -48.14 -44.39
C ASN G 80 -20.59 -46.94 -44.35
N SER G 81 -21.66 -47.07 -45.12
CA SER G 81 -22.42 -45.99 -45.74
C SER G 81 -21.42 -45.27 -46.60
N LEU G 82 -21.15 -45.89 -47.75
CA LEU G 82 -20.07 -45.50 -48.63
C LEU G 82 -20.43 -44.33 -49.52
N GLU G 83 -19.41 -43.63 -49.99
CA GLU G 83 -19.58 -42.48 -50.86
C GLU G 83 -18.52 -42.59 -51.92
N LEU G 84 -18.82 -42.04 -53.09
CA LEU G 84 -17.90 -42.05 -54.22
C LEU G 84 -16.50 -41.57 -53.88
N GLY G 85 -16.33 -40.84 -52.79
CA GLY G 85 -15.01 -40.34 -52.46
C GLY G 85 -14.15 -41.36 -51.76
N ASP G 86 -14.75 -42.47 -51.33
CA ASP G 86 -13.98 -43.57 -50.78
C ASP G 86 -13.43 -44.51 -51.85
N SER G 87 -13.85 -44.27 -53.10
CA SER G 87 -13.33 -45.05 -54.21
C SER G 87 -11.82 -44.83 -54.26
N ALA G 88 -11.11 -45.74 -53.59
CA ALA G 88 -9.69 -45.59 -53.40
C ALA G 88 -9.06 -46.97 -53.27
N VAL G 89 -7.74 -47.03 -53.06
CA VAL G 89 -7.08 -48.30 -52.81
C VAL G 89 -6.56 -48.36 -51.39
N TYR G 90 -7.01 -49.34 -50.64
CA TYR G 90 -6.71 -49.34 -49.24
C TYR G 90 -5.57 -50.32 -49.00
N PHE G 91 -4.48 -49.81 -48.43
CA PHE G 91 -3.24 -50.58 -48.25
C PHE G 91 -2.97 -50.85 -46.80
N CYS G 92 -3.13 -52.10 -46.41
CA CYS G 92 -2.61 -52.58 -45.14
C CYS G 92 -1.10 -52.63 -45.16
N ALA G 93 -0.50 -52.43 -43.99
CA ALA G 93 0.93 -52.64 -43.87
C ALA G 93 1.23 -53.03 -42.44
N SER G 94 2.49 -53.38 -42.19
CA SER G 94 2.94 -53.69 -40.84
C SER G 94 4.42 -53.34 -40.66
N SER G 95 4.73 -52.87 -39.45
CA SER G 95 6.05 -52.37 -39.08
C SER G 95 6.57 -53.10 -37.84
N GLN G 96 7.77 -52.77 -37.40
CA GLN G 96 8.20 -53.19 -36.09
C GLN G 96 8.71 -51.98 -35.28
N LEU G 97 7.82 -51.43 -34.45
CA LEU G 97 8.10 -50.34 -33.52
C LEU G 97 8.74 -50.78 -32.23
N ALA G 98 9.89 -51.42 -32.28
CA ALA G 98 10.52 -51.80 -31.04
C ALA G 98 12.02 -51.92 -31.27
N GLY G 99 12.78 -51.42 -30.30
CA GLY G 99 14.23 -51.36 -30.39
C GLY G 99 14.69 -50.09 -31.05
N GLY G 100 13.82 -49.09 -31.08
CA GLY G 100 14.18 -47.78 -31.57
C GLY G 100 13.04 -46.90 -32.05
N PRO G 101 12.37 -47.30 -33.14
CA PRO G 101 12.58 -48.56 -33.85
C PRO G 101 13.95 -48.73 -34.54
N LEU G 102 14.52 -49.91 -34.30
CA LEU G 102 15.71 -50.37 -34.99
C LEU G 102 15.33 -50.61 -36.44
N TYR G 103 14.19 -51.26 -36.66
CA TYR G 103 13.69 -51.43 -38.03
C TYR G 103 12.51 -50.50 -38.30
N ASN G 104 12.76 -49.57 -39.21
CA ASN G 104 11.87 -48.45 -39.46
C ASN G 104 10.95 -48.68 -40.64
N GLU G 105 11.25 -49.68 -41.45
CA GLU G 105 10.48 -49.80 -42.68
C GLU G 105 9.15 -50.47 -42.44
N GLN G 106 8.18 -50.05 -43.24
CA GLN G 106 6.86 -50.64 -43.20
C GLN G 106 6.72 -51.60 -44.39
N PHE G 107 6.16 -52.77 -44.12
CA PHE G 107 5.99 -53.80 -45.14
C PHE G 107 4.56 -53.76 -45.64
N PHE G 108 4.36 -53.47 -46.93
CA PHE G 108 3.01 -53.31 -47.46
C PHE G 108 2.45 -54.59 -48.08
N GLY G 109 1.14 -54.69 -48.01
CA GLY G 109 0.38 -55.69 -48.72
C GLY G 109 0.05 -55.17 -50.11
N PRO G 110 -0.61 -56.01 -50.92
CA PRO G 110 -0.95 -55.73 -52.31
C PRO G 110 -2.11 -54.79 -52.52
N GLY G 111 -2.73 -54.34 -51.42
CA GLY G 111 -3.82 -53.38 -51.48
C GLY G 111 -5.16 -53.99 -51.90
N THR G 112 -6.23 -53.46 -51.32
CA THR G 112 -7.60 -53.79 -51.73
C THR G 112 -8.15 -52.62 -52.49
N ARG G 113 -8.31 -52.73 -53.80
CA ARG G 113 -8.92 -51.65 -54.54
C ARG G 113 -10.44 -51.68 -54.29
N LEU G 114 -11.00 -50.50 -54.06
CA LEU G 114 -12.44 -50.35 -53.83
C LEU G 114 -12.96 -49.20 -54.66
N THR G 115 -13.83 -49.49 -55.61
CA THR G 115 -14.46 -48.43 -56.36
C THR G 115 -15.96 -48.46 -56.09
N VAL G 116 -16.54 -47.34 -55.66
CA VAL G 116 -18.00 -47.33 -55.49
C VAL G 116 -18.65 -46.41 -56.52
N LEU G 117 -19.75 -46.93 -57.08
CA LEU G 117 -20.41 -46.35 -58.23
C LEU G 117 -21.75 -45.73 -57.84
N GLU G 118 -22.20 -44.71 -58.56
CA GLU G 118 -23.57 -44.25 -58.38
C GLU G 118 -24.61 -45.25 -58.89
N ASP G 119 -24.24 -46.04 -59.89
CA ASP G 119 -25.17 -46.94 -60.56
C ASP G 119 -24.40 -48.10 -61.22
N LEU G 120 -24.68 -49.34 -60.79
CA LEU G 120 -24.06 -50.55 -61.36
C LEU G 120 -24.61 -50.87 -62.76
N LYS G 121 -25.46 -50.00 -63.29
CA LYS G 121 -26.02 -50.16 -64.63
C LYS G 121 -24.91 -50.10 -65.65
N ASN G 122 -23.79 -49.53 -65.23
CA ASN G 122 -22.68 -49.24 -66.13
C ASN G 122 -21.48 -50.18 -65.95
N VAL G 123 -21.71 -51.32 -65.31
CA VAL G 123 -20.64 -52.29 -65.20
C VAL G 123 -20.74 -53.25 -66.37
N PHE G 124 -19.60 -53.52 -67.01
CA PHE G 124 -19.52 -54.51 -68.10
C PHE G 124 -18.21 -55.29 -68.01
N PRO G 125 -18.27 -56.59 -68.28
CA PRO G 125 -17.02 -57.33 -68.39
C PRO G 125 -16.38 -57.03 -69.71
N PRO G 126 -15.10 -57.38 -69.87
CA PRO G 126 -14.46 -57.03 -71.14
C PRO G 126 -14.57 -58.14 -72.21
N GLU G 127 -14.62 -57.74 -73.46
CA GLU G 127 -14.46 -58.69 -74.52
C GLU G 127 -12.98 -58.66 -74.83
N VAL G 128 -12.43 -59.83 -75.10
CA VAL G 128 -10.99 -59.97 -75.29
C VAL G 128 -10.65 -60.57 -76.67
N ALA G 129 -9.89 -59.82 -77.45
CA ALA G 129 -9.46 -60.27 -78.78
C ALA G 129 -7.97 -60.43 -78.90
N VAL G 130 -7.57 -61.42 -79.70
CA VAL G 130 -6.19 -61.52 -80.10
C VAL G 130 -6.09 -61.23 -81.59
N PHE G 131 -5.00 -60.60 -82.03
CA PHE G 131 -4.76 -60.35 -83.44
C PHE G 131 -3.46 -61.00 -83.82
N GLU G 132 -3.50 -61.70 -84.94
CA GLU G 132 -2.38 -62.53 -85.35
C GLU G 132 -1.34 -61.66 -86.07
N PRO G 133 -0.05 -62.03 -85.95
CA PRO G 133 0.99 -61.17 -86.51
C PRO G 133 0.81 -60.97 -88.03
N SER G 134 1.12 -59.77 -88.52
CA SER G 134 1.02 -59.46 -89.93
C SER G 134 2.10 -60.23 -90.67
N GLU G 135 1.90 -60.48 -91.96
CA GLU G 135 2.87 -61.26 -92.73
C GLU G 135 4.01 -60.35 -93.07
N ALA G 136 3.71 -59.06 -93.00
CA ALA G 136 4.66 -58.01 -93.28
C ALA G 136 5.86 -58.06 -92.36
N GLU G 137 5.61 -58.01 -91.06
CA GLU G 137 6.68 -57.87 -90.09
C GLU G 137 7.50 -59.15 -89.96
N ILE G 138 6.90 -60.29 -90.31
CA ILE G 138 7.63 -61.56 -90.20
C ILE G 138 8.80 -61.60 -91.19
N SER G 139 8.57 -61.04 -92.38
CA SER G 139 9.62 -60.92 -93.39
C SER G 139 10.68 -59.90 -93.01
N HIS G 140 10.28 -58.64 -92.87
CA HIS G 140 11.21 -57.54 -92.64
C HIS G 140 11.98 -57.68 -91.33
N THR G 141 11.46 -58.50 -90.42
CA THR G 141 12.02 -58.57 -89.08
C THR G 141 12.35 -59.96 -88.55
N GLN G 142 11.85 -61.01 -89.18
CA GLN G 142 12.05 -62.37 -88.68
C GLN G 142 11.43 -62.47 -87.28
N LYS G 143 10.36 -61.72 -87.03
CA LYS G 143 9.75 -61.66 -85.70
C LYS G 143 8.21 -61.57 -85.75
N ALA G 144 7.53 -61.96 -84.68
CA ALA G 144 6.08 -62.03 -84.73
C ALA G 144 5.41 -61.37 -83.54
N THR G 145 4.77 -60.24 -83.80
CA THR G 145 4.08 -59.53 -82.73
C THR G 145 2.59 -59.89 -82.74
N LEU G 146 2.14 -60.57 -81.69
CA LEU G 146 0.71 -60.79 -81.42
C LEU G 146 0.16 -59.62 -80.61
N VAL G 147 -1.09 -59.23 -80.86
CA VAL G 147 -1.67 -58.14 -80.09
C VAL G 147 -2.97 -58.55 -79.41
N CYS G 148 -3.13 -58.24 -78.14
CA CYS G 148 -4.41 -58.49 -77.50
C CYS G 148 -5.19 -57.20 -77.23
N LEU G 149 -6.49 -57.21 -77.52
CA LEU G 149 -7.35 -56.10 -77.15
C LEU G 149 -8.44 -56.54 -76.21
N ALA G 150 -8.39 -56.01 -74.99
CA ALA G 150 -9.45 -56.18 -74.03
C ALA G 150 -10.22 -54.88 -74.02
N THR G 151 -11.51 -54.96 -74.31
CA THR G 151 -12.27 -53.76 -74.61
C THR G 151 -13.62 -53.73 -73.90
N GLY G 152 -14.11 -52.53 -73.62
CA GLY G 152 -15.48 -52.35 -73.16
C GLY G 152 -15.79 -52.82 -71.76
N PHE G 153 -14.98 -52.41 -70.81
CA PHE G 153 -15.17 -52.84 -69.43
C PHE G 153 -15.24 -51.64 -68.51
N TYR G 154 -15.88 -51.82 -67.35
CA TYR G 154 -15.98 -50.77 -66.34
C TYR G 154 -16.25 -51.47 -65.00
N PRO G 155 -15.57 -51.04 -63.92
CA PRO G 155 -14.45 -50.12 -63.75
C PRO G 155 -13.10 -50.72 -64.17
N ASP G 156 -11.99 -50.08 -63.80
CA ASP G 156 -10.67 -50.57 -64.17
C ASP G 156 -10.23 -51.69 -63.20
N HIS G 157 -10.87 -52.85 -63.31
CA HIS G 157 -10.50 -54.03 -62.51
C HIS G 157 -10.09 -55.22 -63.39
N VAL G 158 -8.95 -55.10 -64.06
CA VAL G 158 -8.50 -56.16 -64.96
C VAL G 158 -7.06 -56.57 -64.68
N GLU G 159 -6.77 -57.84 -64.96
CA GLU G 159 -5.42 -58.39 -64.86
C GLU G 159 -5.16 -59.25 -66.11
N LEU G 160 -4.36 -58.74 -67.05
CA LEU G 160 -4.17 -59.41 -68.34
C LEU G 160 -2.91 -60.25 -68.41
N SER G 161 -2.99 -61.41 -69.03
CA SER G 161 -1.81 -62.26 -69.07
C SER G 161 -1.65 -63.06 -70.36
N TRP G 162 -0.41 -63.40 -70.68
CA TRP G 162 -0.14 -64.26 -71.82
C TRP G 162 0.26 -65.64 -71.33
N TRP G 163 -0.48 -66.62 -71.85
CA TRP G 163 -0.18 -68.02 -71.61
C TRP G 163 0.25 -68.61 -72.90
N VAL G 164 1.44 -69.19 -72.92
CA VAL G 164 1.90 -69.90 -74.10
C VAL G 164 2.07 -71.35 -73.72
N ASN G 165 1.31 -72.21 -74.42
CA ASN G 165 1.28 -73.62 -74.12
C ASN G 165 1.01 -73.87 -72.64
N GLY G 166 -0.05 -73.24 -72.16
CA GLY G 166 -0.56 -73.52 -70.82
C GLY G 166 0.38 -73.19 -69.68
N LYS G 167 1.42 -72.40 -70.01
CA LYS G 167 2.29 -71.79 -69.01
C LYS G 167 2.25 -70.30 -69.21
N GLU G 168 2.27 -69.57 -68.09
CA GLU G 168 2.11 -68.14 -68.15
C GLU G 168 3.42 -67.51 -68.56
N VAL G 169 3.35 -66.59 -69.52
CA VAL G 169 4.55 -66.08 -70.17
C VAL G 169 4.76 -64.61 -69.85
N HIS G 170 6.00 -64.21 -69.57
CA HIS G 170 6.33 -62.79 -69.35
C HIS G 170 7.32 -62.19 -70.31
N SER G 171 8.39 -62.92 -70.61
CA SER G 171 9.40 -62.40 -71.51
C SER G 171 8.77 -62.12 -72.87
N GLY G 172 9.27 -61.12 -73.57
CA GLY G 172 8.71 -60.74 -74.85
C GLY G 172 7.34 -60.10 -74.77
N VAL G 173 6.80 -59.96 -73.56
CA VAL G 173 5.51 -59.31 -73.38
C VAL G 173 5.65 -57.83 -73.03
N CYS G 174 4.74 -57.00 -73.55
CA CYS G 174 4.52 -55.68 -72.96
C CYS G 174 3.04 -55.36 -72.84
N THR G 175 2.62 -54.94 -71.64
CA THR G 175 1.24 -54.55 -71.40
C THR G 175 1.14 -53.06 -71.13
N ASP G 176 0.17 -52.40 -71.76
CA ASP G 176 -0.13 -50.97 -71.54
C ASP G 176 -0.19 -50.60 -70.06
N PRO G 177 0.53 -49.53 -69.64
CA PRO G 177 0.56 -49.18 -68.21
C PRO G 177 -0.81 -48.81 -67.61
N GLN G 178 -1.66 -48.19 -68.44
CA GLN G 178 -3.02 -47.79 -68.04
C GLN G 178 -3.99 -48.02 -69.19
N PRO G 179 -5.28 -48.14 -68.89
CA PRO G 179 -6.25 -48.30 -69.97
C PRO G 179 -6.47 -46.98 -70.72
N LEU G 180 -7.26 -47.04 -71.79
CA LEU G 180 -7.76 -45.85 -72.47
C LEU G 180 -9.26 -45.71 -72.23
N LYS G 181 -9.73 -44.47 -72.19
CA LYS G 181 -11.16 -44.21 -72.06
C LYS G 181 -11.79 -44.13 -73.47
N GLU G 182 -12.89 -44.84 -73.71
CA GLU G 182 -13.49 -44.92 -75.05
C GLU G 182 -14.21 -43.63 -75.45
N GLN G 183 -14.76 -42.94 -74.45
CA GLN G 183 -15.17 -41.57 -74.61
C GLN G 183 -14.72 -40.80 -73.40
N PRO G 184 -13.57 -40.12 -73.51
CA PRO G 184 -12.98 -39.40 -72.36
C PRO G 184 -13.85 -38.24 -71.87
N ALA G 185 -14.98 -38.01 -72.55
CA ALA G 185 -15.92 -36.94 -72.21
C ALA G 185 -16.74 -37.26 -70.96
N LEU G 186 -17.05 -38.54 -70.78
CA LEU G 186 -17.98 -38.97 -69.74
C LEU G 186 -17.15 -39.44 -68.55
N ASN G 187 -17.74 -39.54 -67.37
CA ASN G 187 -16.99 -40.12 -66.26
C ASN G 187 -17.50 -41.53 -65.96
N ASP G 188 -18.50 -41.94 -66.71
CA ASP G 188 -19.04 -43.29 -66.63
C ASP G 188 -18.39 -44.19 -67.68
N SER G 189 -17.59 -43.57 -68.54
CA SER G 189 -16.96 -44.16 -69.73
C SER G 189 -16.37 -45.57 -69.50
N ARG G 190 -16.53 -46.43 -70.51
CA ARG G 190 -15.97 -47.79 -70.52
C ARG G 190 -14.43 -47.75 -70.58
N TYR G 191 -13.75 -48.90 -70.61
CA TYR G 191 -12.28 -48.89 -70.70
C TYR G 191 -11.73 -49.82 -71.78
N ALA G 192 -10.47 -49.64 -72.17
CA ALA G 192 -9.89 -50.48 -73.22
C ALA G 192 -8.39 -50.67 -73.06
N LEU G 193 -7.97 -51.91 -72.91
CA LEU G 193 -6.57 -52.20 -72.61
C LEU G 193 -5.94 -53.05 -73.70
N SER G 194 -4.69 -52.76 -74.07
CA SER G 194 -4.01 -53.57 -75.09
C SER G 194 -2.72 -54.22 -74.60
N SER G 195 -2.34 -55.32 -75.22
CA SER G 195 -1.11 -55.99 -74.82
C SER G 195 -0.39 -56.60 -76.00
N ARG G 196 0.90 -56.89 -75.83
CA ARG G 196 1.72 -57.25 -76.96
C ARG G 196 2.62 -58.43 -76.57
N LEU G 197 2.49 -59.56 -77.26
CA LEU G 197 3.46 -60.66 -77.14
C LEU G 197 4.18 -60.89 -78.46
N ARG G 198 5.51 -60.71 -78.43
CA ARG G 198 6.35 -60.90 -79.60
C ARG G 198 7.16 -62.19 -79.49
N VAL G 199 7.07 -63.02 -80.52
CA VAL G 199 7.80 -64.26 -80.57
C VAL G 199 8.73 -64.33 -81.77
N SER G 200 9.74 -65.21 -81.63
CA SER G 200 10.54 -65.69 -82.74
C SER G 200 9.63 -65.91 -83.94
N ALA G 201 10.07 -65.53 -85.13
CA ALA G 201 9.24 -65.79 -86.29
C ALA G 201 8.99 -67.28 -86.45
N THR G 202 10.03 -68.08 -86.25
CA THR G 202 9.93 -69.54 -86.39
C THR G 202 8.94 -70.15 -85.36
N PHE G 203 8.95 -69.65 -84.11
CA PHE G 203 8.04 -70.13 -83.07
C PHE G 203 6.57 -69.97 -83.50
N TRP G 204 6.27 -68.83 -84.10
CA TRP G 204 4.94 -68.57 -84.65
C TRP G 204 4.61 -69.55 -85.75
N GLN G 205 5.65 -69.84 -86.53
CA GLN G 205 5.58 -70.70 -87.69
C GLN G 205 5.58 -72.16 -87.17
N ASN G 206 4.45 -72.61 -86.61
CA ASN G 206 4.34 -73.92 -85.99
C ASN G 206 2.98 -74.06 -85.33
N PRO G 207 2.09 -74.88 -85.87
CA PRO G 207 0.79 -74.92 -85.18
C PRO G 207 0.77 -75.90 -83.99
N ARG G 208 1.91 -76.23 -83.41
CA ARG G 208 1.92 -76.92 -82.11
C ARG G 208 2.23 -75.94 -80.97
N ASN G 209 1.97 -74.67 -81.25
CA ASN G 209 2.21 -73.60 -80.31
C ASN G 209 0.94 -72.85 -80.02
N HIS G 210 0.60 -72.76 -78.73
CA HIS G 210 -0.72 -72.32 -78.29
C HIS G 210 -0.57 -71.00 -77.58
N PHE G 211 -1.30 -70.01 -78.08
CA PHE G 211 -1.26 -68.67 -77.54
C PHE G 211 -2.60 -68.35 -76.88
N ARG G 212 -2.59 -68.06 -75.57
CA ARG G 212 -3.81 -67.59 -74.93
C ARG G 212 -3.56 -66.26 -74.24
N CYS G 213 -4.36 -65.27 -74.64
CA CYS G 213 -4.44 -63.99 -73.97
C CYS G 213 -5.63 -64.03 -73.02
N GLN G 214 -5.36 -63.73 -71.74
CA GLN G 214 -6.31 -64.02 -70.68
C GLN G 214 -6.46 -62.85 -69.70
N VAL G 215 -7.67 -62.30 -69.64
CA VAL G 215 -7.98 -61.16 -68.79
C VAL G 215 -8.93 -61.50 -67.65
N GLN G 216 -8.45 -61.40 -66.41
CA GLN G 216 -9.29 -61.57 -65.23
C GLN G 216 -10.14 -60.36 -64.98
N PHE G 217 -11.45 -60.55 -64.86
CA PHE G 217 -12.30 -59.45 -64.49
C PHE G 217 -12.78 -59.60 -63.05
N TYR G 218 -12.83 -58.48 -62.34
CA TYR G 218 -13.31 -58.44 -60.97
C TYR G 218 -14.60 -57.64 -61.00
N GLY G 219 -15.71 -58.25 -60.63
CA GLY G 219 -16.99 -57.57 -60.76
C GLY G 219 -17.95 -57.68 -59.59
N LEU G 220 -19.15 -58.13 -59.92
CA LEU G 220 -20.19 -58.31 -58.94
C LEU G 220 -20.04 -59.74 -58.41
N SER G 221 -20.28 -59.91 -57.12
CA SER G 221 -20.33 -61.25 -56.56
C SER G 221 -21.78 -61.69 -56.53
N GLU G 222 -22.05 -62.78 -55.86
CA GLU G 222 -23.38 -63.35 -55.92
C GLU G 222 -24.36 -62.75 -54.92
N ASN G 223 -24.63 -61.46 -55.04
CA ASN G 223 -25.47 -60.78 -54.06
C ASN G 223 -26.08 -59.52 -54.64
N ASP G 224 -25.23 -58.75 -55.32
CA ASP G 224 -25.66 -57.53 -55.99
C ASP G 224 -26.77 -57.98 -56.92
N GLU G 225 -27.95 -57.37 -56.81
CA GLU G 225 -29.10 -57.85 -57.58
C GLU G 225 -29.18 -57.20 -58.95
N TRP G 226 -28.83 -57.99 -59.95
CA TRP G 226 -28.81 -57.54 -61.32
C TRP G 226 -30.17 -57.57 -62.00
N THR G 227 -30.66 -56.38 -62.32
CA THR G 227 -31.86 -56.23 -63.14
C THR G 227 -31.48 -55.44 -64.40
N GLN G 228 -31.18 -56.18 -65.48
CA GLN G 228 -30.74 -55.64 -66.77
C GLN G 228 -30.41 -56.79 -67.74
N ASP G 229 -31.40 -57.64 -68.00
CA ASP G 229 -31.32 -58.64 -69.06
C ASP G 229 -30.12 -59.59 -69.01
N ARG G 230 -29.06 -59.16 -69.68
CA ARG G 230 -27.91 -60.02 -69.98
C ARG G 230 -26.85 -60.18 -68.89
N ALA G 231 -26.35 -61.42 -68.83
CA ALA G 231 -25.22 -61.89 -68.03
C ALA G 231 -25.08 -61.44 -66.56
N LYS G 232 -24.93 -60.13 -66.37
CA LYS G 232 -24.52 -59.51 -65.10
C LYS G 232 -23.01 -59.70 -64.97
N PRO G 233 -22.29 -58.58 -64.81
CA PRO G 233 -20.83 -58.57 -64.70
C PRO G 233 -20.33 -59.21 -63.41
N VAL G 234 -20.33 -60.53 -63.41
CA VAL G 234 -19.72 -61.28 -62.34
C VAL G 234 -18.19 -61.19 -62.50
N THR G 235 -17.48 -61.21 -61.38
CA THR G 235 -16.07 -61.53 -61.42
C THR G 235 -15.86 -62.78 -62.33
N GLN G 236 -14.95 -62.70 -63.29
CA GLN G 236 -14.80 -63.77 -64.29
C GLN G 236 -13.50 -63.63 -65.07
N ILE G 237 -13.18 -64.62 -65.88
CA ILE G 237 -12.03 -64.52 -66.77
C ILE G 237 -12.53 -64.60 -68.21
N VAL G 238 -11.91 -63.80 -69.09
CA VAL G 238 -12.31 -63.71 -70.48
C VAL G 238 -11.10 -63.98 -71.35
N SER G 239 -11.16 -65.06 -72.12
CA SER G 239 -10.02 -65.57 -72.88
C SER G 239 -10.11 -65.32 -74.39
N ALA G 240 -9.04 -65.68 -75.09
CA ALA G 240 -8.97 -65.67 -76.55
C ALA G 240 -7.75 -66.49 -76.94
N GLU G 241 -7.88 -67.35 -77.94
CA GLU G 241 -6.80 -68.28 -78.25
C GLU G 241 -6.25 -68.02 -79.65
N ALA G 242 -5.12 -68.65 -79.94
CA ALA G 242 -4.57 -68.73 -81.29
C ALA G 242 -3.49 -69.79 -81.43
N TRP G 243 -3.35 -70.30 -82.66
CA TRP G 243 -2.37 -71.33 -83.00
C TRP G 243 -1.44 -70.87 -84.13
N GLY G 244 -0.26 -71.46 -84.22
CA GLY G 244 0.65 -71.11 -85.28
C GLY G 244 0.17 -71.53 -86.66
N ARG G 245 0.69 -70.86 -87.68
CA ARG G 245 0.44 -71.16 -89.09
C ARG G 245 1.77 -71.33 -89.83
N ALA G 246 1.69 -71.41 -91.15
CA ALA G 246 2.87 -71.29 -92.00
C ALA G 246 2.46 -70.60 -93.29
N GLY H 2 27.12 18.79 -15.46
CA GLY H 2 26.72 20.12 -15.90
C GLY H 2 27.16 21.21 -14.95
N SER H 3 26.68 22.43 -15.18
CA SER H 3 26.87 23.55 -14.26
C SER H 3 26.23 23.33 -12.89
N HIS H 4 26.90 23.89 -11.88
CA HIS H 4 26.37 23.93 -10.54
C HIS H 4 26.70 25.26 -9.91
N SER H 5 26.22 25.46 -8.68
CA SER H 5 26.51 26.69 -7.94
C SER H 5 26.24 26.53 -6.45
N MET H 6 27.06 27.18 -5.65
CA MET H 6 26.73 27.46 -4.27
C MET H 6 26.44 28.95 -4.16
N ARG H 7 25.40 29.33 -3.44
CA ARG H 7 25.10 30.75 -3.27
C ARG H 7 24.45 31.02 -1.90
N TYR H 8 25.15 31.79 -1.06
CA TYR H 8 24.58 32.22 0.22
C TYR H 8 23.96 33.59 0.05
N PHE H 9 22.78 33.75 0.65
CA PHE H 9 21.98 34.96 0.51
C PHE H 9 21.72 35.50 1.88
N PHE H 10 22.06 36.76 2.08
CA PHE H 10 21.93 37.37 3.40
C PHE H 10 21.08 38.60 3.36
N THR H 11 20.02 38.65 4.17
CA THR H 11 19.26 39.88 4.25
C THR H 11 19.12 40.32 5.69
N SER H 12 19.63 41.50 6.02
CA SER H 12 19.29 42.09 7.32
C SER H 12 18.65 43.46 7.11
N VAL H 13 17.59 43.69 7.88
CA VAL H 13 16.71 44.82 7.69
C VAL H 13 16.53 45.47 9.05
N SER H 14 16.79 46.76 9.10
CA SER H 14 16.96 47.46 10.37
C SER H 14 15.63 47.73 11.07
N ARG H 15 15.57 47.39 12.35
CA ARG H 15 14.36 47.66 13.12
C ARG H 15 14.59 48.81 14.13
N PRO H 16 14.40 50.07 13.67
CA PRO H 16 14.70 51.23 14.49
C PRO H 16 13.82 51.29 15.72
N GLY H 17 14.47 51.38 16.87
CA GLY H 17 13.79 51.50 18.14
C GLY H 17 13.43 50.16 18.74
N ARG H 18 13.10 49.19 17.90
CA ARG H 18 12.65 47.90 18.39
C ARG H 18 13.73 46.81 18.25
N GLY H 19 14.83 46.99 18.99
CA GLY H 19 15.86 45.98 19.13
C GLY H 19 16.85 45.89 17.99
N GLU H 20 17.28 44.67 17.66
CA GLU H 20 18.26 44.44 16.60
C GLU H 20 17.60 44.28 15.23
N PRO H 21 18.40 44.20 14.15
CA PRO H 21 17.76 43.95 12.85
C PRO H 21 17.37 42.49 12.63
N ARG H 22 16.38 42.30 11.77
CA ARG H 22 15.98 40.96 11.35
C ARG H 22 17.00 40.51 10.32
N PHE H 23 17.49 39.28 10.47
CA PHE H 23 18.58 38.74 9.67
C PHE H 23 18.29 37.34 9.13
N ILE H 24 18.09 37.25 7.81
CA ILE H 24 17.76 35.97 7.18
C ILE H 24 18.85 35.50 6.24
N ALA H 25 19.37 34.32 6.52
CA ALA H 25 20.39 33.72 5.67
C ALA H 25 19.92 32.39 5.12
N VAL H 26 20.12 32.21 3.81
CA VAL H 26 19.76 30.96 3.17
C VAL H 26 20.89 30.42 2.27
N GLY H 27 21.10 29.12 2.32
CA GLY H 27 22.12 28.52 1.49
C GLY H 27 21.47 27.71 0.36
N TYR H 28 22.09 27.80 -0.81
CA TYR H 28 21.61 27.12 -2.00
C TYR H 28 22.77 26.48 -2.73
N VAL H 29 22.60 25.20 -3.10
CA VAL H 29 23.34 24.61 -4.20
C VAL H 29 22.38 24.44 -5.36
N ASP H 30 22.75 25.01 -6.50
CA ASP H 30 21.86 25.11 -7.65
C ASP H 30 20.51 25.68 -7.24
N ASP H 31 19.44 24.91 -7.40
CA ASP H 31 18.13 25.43 -7.12
C ASP H 31 17.53 24.71 -5.94
N THR H 32 18.35 23.89 -5.29
CA THR H 32 18.04 23.35 -3.96
C THR H 32 18.35 24.30 -2.79
N GLN H 33 17.42 24.54 -1.88
CA GLN H 33 17.79 25.20 -0.64
C GLN H 33 18.34 24.18 0.38
N PHE H 34 19.37 24.53 1.15
CA PHE H 34 19.92 23.52 2.05
C PHE H 34 20.25 23.94 3.49
N VAL H 35 20.54 25.22 3.72
CA VAL H 35 20.58 25.73 5.09
C VAL H 35 19.83 27.02 5.21
N ARG H 36 19.39 27.30 6.43
CA ARG H 36 18.82 28.59 6.70
C ARG H 36 19.31 29.05 8.07
N PHE H 37 19.23 30.35 8.28
CA PHE H 37 19.37 30.95 9.61
C PHE H 37 18.45 32.12 9.69
N ASP H 38 17.62 32.12 10.74
CA ASP H 38 16.63 33.17 10.93
C ASP H 38 16.81 33.71 12.32
N SER H 39 17.03 35.01 12.42
CA SER H 39 17.33 35.65 13.70
C SER H 39 16.09 35.61 14.61
N ASP H 40 14.90 35.73 14.03
CA ASP H 40 13.70 35.74 14.85
C ASP H 40 13.36 34.33 15.33
N ALA H 41 13.84 33.32 14.63
CA ALA H 41 13.73 31.96 15.14
C ALA H 41 14.52 31.81 16.44
N ALA H 42 14.25 30.75 17.18
CA ALA H 42 14.76 30.62 18.53
C ALA H 42 16.09 29.94 18.59
N SER H 43 16.25 28.90 17.80
CA SER H 43 17.39 28.00 18.00
C SER H 43 18.71 28.75 17.77
N GLN H 44 18.68 29.81 16.97
CA GLN H 44 19.84 30.68 16.86
C GLN H 44 21.08 29.93 16.42
N ARG H 45 20.81 28.86 15.69
CA ARG H 45 21.84 28.13 15.00
C ARG H 45 21.49 28.07 13.51
N MET H 46 22.50 27.72 12.71
CA MET H 46 22.32 27.40 11.32
C MET H 46 21.54 26.12 11.26
N GLU H 47 20.59 26.04 10.35
CA GLU H 47 19.68 24.91 10.32
C GLU H 47 19.69 24.13 9.00
N PRO H 48 19.60 22.80 9.11
CA PRO H 48 19.43 22.04 7.88
C PRO H 48 18.05 22.24 7.30
N ARG H 49 17.97 22.30 5.98
CA ARG H 49 16.72 22.28 5.22
C ARG H 49 16.86 21.34 4.01
N ALA H 50 17.76 20.36 4.12
CA ALA H 50 17.96 19.39 3.05
C ALA H 50 18.65 18.16 3.60
N PRO H 51 18.22 16.98 3.13
CA PRO H 51 18.50 15.73 3.85
C PRO H 51 19.98 15.37 3.90
N TRP H 52 20.70 15.73 2.86
CA TRP H 52 22.12 15.37 2.73
C TRP H 52 23.10 16.19 3.55
N ILE H 53 22.67 17.35 4.04
CA ILE H 53 23.55 18.19 4.84
C ILE H 53 23.44 17.74 6.28
N GLU H 54 22.35 17.03 6.57
CA GLU H 54 22.10 16.63 7.94
C GLU H 54 23.19 15.70 8.46
N GLN H 55 23.83 14.97 7.55
CA GLN H 55 24.93 14.06 7.91
C GLN H 55 26.02 14.75 8.74
N GLU H 56 26.29 16.02 8.39
CA GLU H 56 27.46 16.76 8.86
C GLU H 56 27.51 16.88 10.38
N GLY H 57 28.66 16.57 10.96
CA GLY H 57 28.79 16.49 12.40
C GLY H 57 28.74 17.83 13.11
N PRO H 58 28.95 17.82 14.44
CA PRO H 58 28.83 18.99 15.32
C PRO H 58 29.77 20.09 14.88
N GLU H 59 30.95 19.70 14.40
CA GLU H 59 31.96 20.64 14.00
C GLU H 59 31.36 21.61 13.01
N TYR H 60 30.71 21.00 12.02
CA TYR H 60 30.13 21.72 10.88
C TYR H 60 29.10 22.75 11.27
N TRP H 61 28.11 22.30 12.05
CA TRP H 61 26.96 23.13 12.37
C TRP H 61 27.41 24.25 13.32
N ASP H 62 28.24 23.93 14.31
CA ASP H 62 28.81 24.97 15.15
C ASP H 62 29.42 26.06 14.27
N GLY H 63 30.36 25.66 13.43
CA GLY H 63 31.03 26.57 12.53
C GLY H 63 30.10 27.46 11.74
N GLU H 64 29.15 26.84 11.06
CA GLU H 64 28.27 27.56 10.14
C GLU H 64 27.45 28.60 10.91
N THR H 65 27.19 28.26 12.17
CA THR H 65 26.51 29.16 13.09
C THR H 65 27.42 30.34 13.40
N ARG H 66 28.64 30.02 13.78
CA ARG H 66 29.65 31.02 14.06
C ARG H 66 29.73 31.99 12.86
N LYS H 67 29.93 31.46 11.66
CA LYS H 67 30.20 32.34 10.51
C LYS H 67 29.01 33.21 10.11
N VAL H 68 27.81 32.76 10.42
CA VAL H 68 26.67 33.46 9.89
C VAL H 68 26.18 34.51 10.86
N LYS H 69 26.34 34.24 12.15
CA LYS H 69 26.15 35.29 13.17
C LYS H 69 27.09 36.43 12.81
N ALA H 70 28.37 36.07 12.68
CA ALA H 70 29.43 36.98 12.29
C ALA H 70 29.09 37.74 11.01
N HIS H 71 28.23 37.18 10.18
CA HIS H 71 27.86 37.90 8.98
C HIS H 71 27.01 39.07 9.38
N SER H 72 26.06 38.79 10.27
CA SER H 72 25.13 39.83 10.65
C SER H 72 25.87 40.84 11.50
N GLN H 73 26.67 40.39 12.47
CA GLN H 73 27.47 41.32 13.26
C GLN H 73 28.11 42.36 12.36
N THR H 74 28.69 41.92 11.25
CA THR H 74 29.18 42.84 10.27
C THR H 74 28.09 43.76 9.69
N HIS H 75 26.98 43.16 9.26
CA HIS H 75 25.92 43.95 8.61
C HIS H 75 25.36 45.04 9.52
N ARG H 76 25.45 44.85 10.83
CA ARG H 76 24.93 45.86 11.70
C ARG H 76 25.82 47.07 11.56
N VAL H 77 27.13 46.82 11.61
CA VAL H 77 28.16 47.84 11.43
C VAL H 77 27.99 48.55 10.09
N ASP H 78 27.93 47.76 9.03
CA ASP H 78 27.58 48.28 7.70
C ASP H 78 26.41 49.26 7.78
N LEU H 79 25.33 48.78 8.41
CA LEU H 79 24.07 49.50 8.52
C LEU H 79 24.21 50.88 9.14
N GLY H 80 25.11 50.97 10.13
CA GLY H 80 25.46 52.23 10.74
C GLY H 80 26.29 52.99 9.71
N THR H 81 27.36 52.33 9.24
CA THR H 81 28.29 52.90 8.27
C THR H 81 27.63 53.57 7.08
N LEU H 82 26.52 53.00 6.63
CA LEU H 82 25.90 53.45 5.40
C LEU H 82 24.99 54.64 5.61
N ARG H 83 24.41 54.74 6.80
CA ARG H 83 23.72 55.95 7.25
C ARG H 83 24.65 57.13 7.13
N GLY H 84 25.83 57.00 7.74
CA GLY H 84 26.89 57.97 7.64
C GLY H 84 27.16 58.34 6.19
N TYR H 85 27.51 57.33 5.38
CA TYR H 85 27.85 57.52 3.95
C TYR H 85 26.77 58.28 3.20
N TYR H 86 25.52 57.99 3.50
CA TYR H 86 24.42 58.62 2.78
C TYR H 86 23.82 59.80 3.51
N ASN H 87 24.30 60.10 4.71
CA ASN H 87 23.77 61.17 5.56
C ASN H 87 22.28 61.00 5.85
N GLN H 88 21.97 60.03 6.72
CA GLN H 88 20.59 59.60 6.93
C GLN H 88 20.18 59.51 8.41
N SER H 89 18.93 59.88 8.68
CA SER H 89 18.42 59.82 10.02
C SER H 89 18.44 58.39 10.53
N GLU H 90 18.55 58.26 11.83
CA GLU H 90 18.65 56.98 12.51
C GLU H 90 17.25 56.36 12.62
N ALA H 91 16.28 57.09 12.08
CA ALA H 91 14.87 56.83 12.28
C ALA H 91 14.26 55.98 11.18
N GLY H 92 14.91 55.99 10.02
CA GLY H 92 14.45 55.16 8.92
C GLY H 92 14.71 53.69 9.21
N SER H 93 14.00 52.84 8.49
CA SER H 93 14.39 51.44 8.45
C SER H 93 15.16 51.25 7.15
N HIS H 94 16.16 50.37 7.16
CA HIS H 94 17.01 50.16 5.99
C HIS H 94 17.36 48.71 5.78
N THR H 95 17.65 48.38 4.52
CA THR H 95 17.85 47.01 4.13
C THR H 95 19.21 46.80 3.50
N VAL H 96 20.01 45.94 4.11
CA VAL H 96 21.24 45.48 3.49
C VAL H 96 21.08 44.04 3.00
N GLN H 97 21.41 43.84 1.73
CA GLN H 97 21.46 42.50 1.16
C GLN H 97 22.87 42.20 0.62
N ARG H 98 23.30 40.95 0.79
CA ARG H 98 24.63 40.50 0.35
C ARG H 98 24.52 39.07 -0.21
N MET H 99 25.04 38.90 -1.42
CA MET H 99 25.11 37.58 -2.01
C MET H 99 26.52 37.28 -2.60
N TYR H 100 27.04 36.10 -2.27
CA TYR H 100 28.24 35.60 -2.90
C TYR H 100 28.10 34.11 -3.26
N GLY H 101 29.09 33.54 -3.94
CA GLY H 101 29.11 32.11 -4.25
C GLY H 101 30.03 31.69 -5.38
N CYS H 102 30.04 30.38 -5.67
CA CYS H 102 30.90 29.83 -6.70
C CYS H 102 30.17 28.91 -7.67
N ASP H 103 30.61 28.96 -8.93
CA ASP H 103 30.10 28.14 -10.04
C ASP H 103 31.10 27.10 -10.53
N VAL H 104 30.60 25.93 -10.92
CA VAL H 104 31.46 24.88 -11.49
C VAL H 104 30.92 24.35 -12.84
N GLY H 105 31.77 23.65 -13.59
CA GLY H 105 31.40 23.07 -14.87
C GLY H 105 31.10 21.59 -14.76
N SER H 106 30.94 20.93 -15.91
CA SER H 106 30.60 19.50 -15.94
C SER H 106 31.77 18.65 -15.39
N ASP H 107 32.97 19.21 -15.51
CA ASP H 107 34.19 18.69 -14.90
C ASP H 107 34.35 19.10 -13.44
N TRP H 108 33.40 19.90 -12.95
CA TRP H 108 33.46 20.42 -11.60
C TRP H 108 34.65 21.36 -11.41
N ARG H 109 34.99 22.11 -12.48
CA ARG H 109 35.93 23.25 -12.47
C ARG H 109 35.57 24.26 -11.38
N PHE H 110 36.51 25.03 -10.85
CA PHE H 110 36.07 26.39 -10.55
C PHE H 110 35.73 27.09 -11.87
N LEU H 111 34.51 27.60 -12.04
CA LEU H 111 34.23 28.47 -13.20
C LEU H 111 34.20 29.94 -12.79
N ARG H 112 33.20 30.36 -12.05
CA ARG H 112 33.09 31.79 -11.83
C ARG H 112 32.97 32.14 -10.34
N GLY H 113 33.27 33.40 -10.03
CA GLY H 113 33.01 33.91 -8.71
C GLY H 113 32.25 35.21 -8.79
N TYR H 114 31.47 35.46 -7.74
CA TYR H 114 30.69 36.70 -7.64
C TYR H 114 30.53 37.10 -6.17
N HIS H 115 30.27 38.38 -5.96
CA HIS H 115 30.07 38.89 -4.61
C HIS H 115 29.51 40.30 -4.68
N GLN H 116 28.25 40.42 -4.31
CA GLN H 116 27.52 41.67 -4.53
C GLN H 116 26.82 42.17 -3.28
N TYR H 117 26.52 43.47 -3.29
CA TYR H 117 26.03 44.13 -2.11
C TYR H 117 25.05 45.22 -2.55
N ALA H 118 24.00 45.43 -1.73
CA ALA H 118 22.91 46.34 -2.05
C ALA H 118 22.30 46.94 -0.81
N TYR H 119 22.17 48.27 -0.84
CA TYR H 119 21.55 49.04 0.24
C TYR H 119 20.20 49.49 -0.25
N ASP H 120 19.17 49.21 0.54
CA ASP H 120 17.80 49.56 0.20
C ASP H 120 17.40 49.17 -1.22
N GLY H 121 17.75 47.93 -1.58
CA GLY H 121 17.32 47.31 -2.83
C GLY H 121 17.86 47.90 -4.12
N LYS H 122 19.03 48.55 -4.03
CA LYS H 122 19.69 49.07 -5.21
C LYS H 122 21.15 48.61 -5.16
N ASP H 123 21.77 48.46 -6.33
CA ASP H 123 23.15 48.02 -6.41
C ASP H 123 24.02 48.90 -5.53
N TYR H 124 24.95 48.29 -4.82
CA TYR H 124 25.92 49.08 -4.09
C TYR H 124 27.30 48.82 -4.72
N ILE H 125 27.98 47.80 -4.23
CA ILE H 125 29.21 47.35 -4.82
C ILE H 125 29.08 45.88 -5.24
N ALA H 126 29.97 45.42 -6.12
CA ALA H 126 30.02 44.02 -6.44
C ALA H 126 31.42 43.64 -6.92
N LEU H 127 31.77 42.35 -6.82
CA LEU H 127 33.06 41.84 -7.26
C LEU H 127 32.98 41.46 -8.74
N LYS H 128 33.92 41.94 -9.57
CA LYS H 128 33.81 41.61 -10.99
C LYS H 128 34.39 40.23 -11.29
N GLU H 129 34.18 39.74 -12.51
CA GLU H 129 34.36 38.31 -12.81
C GLU H 129 35.75 37.75 -12.55
N ASP H 130 36.72 38.66 -12.52
CA ASP H 130 38.15 38.37 -12.44
C ASP H 130 38.59 38.31 -11.00
N LEU H 131 37.62 38.53 -10.12
CA LEU H 131 37.81 38.52 -8.69
C LEU H 131 38.94 39.40 -8.23
N ARG H 132 39.09 40.57 -8.83
CA ARG H 132 40.16 41.43 -8.34
C ARG H 132 39.78 42.90 -8.19
N SER H 133 38.92 43.38 -9.09
CA SER H 133 38.40 44.74 -9.03
C SER H 133 36.91 44.82 -8.64
N TRP H 134 36.37 46.03 -8.48
CA TRP H 134 34.98 46.21 -8.02
C TRP H 134 34.15 47.12 -8.92
N THR H 135 32.82 46.98 -8.84
CA THR H 135 31.95 47.93 -9.52
C THR H 135 31.08 48.67 -8.51
N ALA H 136 31.26 49.98 -8.42
CA ALA H 136 30.42 50.78 -7.54
C ALA H 136 29.31 51.45 -8.36
N ALA H 137 28.09 51.39 -7.87
CA ALA H 137 26.94 51.82 -8.65
C ALA H 137 26.65 53.30 -8.48
N ASP H 138 27.19 53.87 -7.41
CA ASP H 138 26.94 55.26 -7.05
C ASP H 138 28.09 55.90 -6.25
N MET H 139 27.95 57.18 -5.93
CA MET H 139 29.06 57.93 -5.38
C MET H 139 29.59 57.38 -4.07
N ALA H 140 28.69 57.09 -3.14
CA ALA H 140 29.08 56.54 -1.85
C ALA H 140 29.95 55.28 -1.97
N ALA H 141 29.56 54.33 -2.81
CA ALA H 141 30.27 53.05 -2.87
C ALA H 141 31.67 53.20 -3.45
N GLN H 142 31.89 54.23 -4.26
CA GLN H 142 33.23 54.57 -4.74
C GLN H 142 34.19 54.62 -3.58
N THR H 143 33.77 55.27 -2.50
CA THR H 143 34.49 55.22 -1.24
C THR H 143 34.89 53.78 -0.94
N THR H 144 33.86 52.95 -0.82
CA THR H 144 34.07 51.57 -0.42
C THR H 144 34.94 50.88 -1.48
N LYS H 145 34.76 51.28 -2.74
CA LYS H 145 35.59 50.73 -3.81
C LYS H 145 37.06 50.93 -3.44
N HIS H 146 37.51 52.20 -3.41
CA HIS H 146 38.89 52.61 -3.07
C HIS H 146 39.45 51.95 -1.82
N LYS H 147 38.69 52.05 -0.74
CA LYS H 147 39.18 51.56 0.54
C LYS H 147 39.38 50.04 0.48
N TRP H 148 38.50 49.36 -0.27
CA TRP H 148 38.56 47.91 -0.42
C TRP H 148 39.70 47.49 -1.36
N GLU H 149 39.89 48.21 -2.46
CA GLU H 149 41.03 47.99 -3.34
C GLU H 149 42.34 48.04 -2.55
N ALA H 150 42.50 49.08 -1.73
CA ALA H 150 43.74 49.27 -0.96
C ALA H 150 43.95 48.17 0.08
N ALA H 151 42.85 47.69 0.67
CA ALA H 151 42.94 46.72 1.75
C ALA H 151 43.09 45.26 1.26
N HIS H 152 43.07 45.06 -0.07
CA HIS H 152 43.09 43.69 -0.66
C HIS H 152 41.90 42.83 -0.26
N VAL H 153 40.70 43.42 -0.26
CA VAL H 153 39.48 42.74 0.19
C VAL H 153 39.12 41.64 -0.79
N ALA H 154 39.05 42.01 -2.06
CA ALA H 154 38.79 41.04 -3.12
C ALA H 154 39.72 39.83 -2.97
N GLU H 155 41.03 40.09 -2.99
CA GLU H 155 42.05 39.05 -2.90
C GLU H 155 41.79 38.04 -1.78
N GLN H 156 41.07 38.46 -0.74
CA GLN H 156 40.78 37.59 0.40
C GLN H 156 39.49 36.80 0.19
N LEU H 157 38.46 37.47 -0.31
CA LEU H 157 37.23 36.81 -0.72
C LEU H 157 37.55 35.71 -1.70
N ARG H 158 38.52 36.00 -2.54
CA ARG H 158 38.96 35.14 -3.63
C ARG H 158 39.48 33.84 -3.11
N ALA H 159 40.26 33.92 -2.03
CA ALA H 159 40.79 32.75 -1.37
C ALA H 159 39.67 31.78 -1.07
N TYR H 160 38.54 32.36 -0.68
CA TYR H 160 37.30 31.62 -0.44
C TYR H 160 36.65 31.12 -1.73
N LEU H 161 36.29 32.06 -2.60
CA LEU H 161 35.49 31.80 -3.80
C LEU H 161 36.12 30.78 -4.75
N GLU H 162 37.42 30.93 -4.96
CA GLU H 162 38.12 30.05 -5.87
C GLU H 162 38.26 28.68 -5.22
N GLY H 163 38.46 28.65 -3.91
CA GLY H 163 38.90 27.40 -3.32
C GLY H 163 37.95 26.78 -2.34
N THR H 164 37.87 27.32 -1.13
CA THR H 164 37.13 26.62 -0.09
C THR H 164 35.63 26.56 -0.44
N CYS H 165 35.13 27.59 -1.12
CA CYS H 165 33.78 27.53 -1.67
C CYS H 165 33.53 26.22 -2.46
N VAL H 166 34.29 25.99 -3.52
CA VAL H 166 34.05 24.85 -4.41
C VAL H 166 34.43 23.51 -3.79
N GLU H 167 35.50 23.46 -3.00
CA GLU H 167 35.92 22.23 -2.32
C GLU H 167 34.73 21.68 -1.59
N TRP H 168 33.96 22.58 -1.00
CA TRP H 168 32.72 22.21 -0.37
C TRP H 168 31.61 21.90 -1.39
N LEU H 169 31.48 22.72 -2.44
CA LEU H 169 30.40 22.51 -3.45
C LEU H 169 30.48 21.09 -4.04
N ARG H 170 31.69 20.57 -4.22
CA ARG H 170 31.79 19.21 -4.71
C ARG H 170 31.40 18.23 -3.58
N ARG H 171 31.98 18.41 -2.39
CA ARG H 171 31.54 17.63 -1.22
C ARG H 171 30.03 17.48 -1.09
N TYR H 172 29.31 18.58 -1.30
CA TYR H 172 27.85 18.57 -1.20
C TYR H 172 27.29 17.82 -2.38
N LEU H 173 27.81 18.12 -3.57
CA LEU H 173 27.34 17.51 -4.83
C LEU H 173 27.49 15.99 -4.86
N GLU H 174 28.47 15.46 -4.13
CA GLU H 174 28.71 14.03 -4.09
C GLU H 174 28.02 13.33 -2.92
N ASN H 175 27.91 14.02 -1.80
CA ASN H 175 27.23 13.44 -0.64
C ASN H 175 25.72 13.41 -0.80
N GLY H 176 25.19 14.38 -1.56
CA GLY H 176 23.80 14.45 -1.91
C GLY H 176 23.62 14.38 -3.40
N LYS H 177 24.47 13.56 -4.01
CA LYS H 177 24.47 13.24 -5.45
C LYS H 177 23.04 13.01 -5.96
N GLU H 178 22.20 12.48 -5.08
CA GLU H 178 20.91 11.95 -5.45
C GLU H 178 19.81 13.03 -5.56
N THR H 179 19.83 13.98 -4.64
CA THR H 179 18.89 15.08 -4.67
C THR H 179 19.32 16.10 -5.74
N LEU H 180 20.63 16.30 -5.86
CA LEU H 180 21.21 17.45 -6.58
C LEU H 180 21.50 17.22 -8.10
N GLN H 181 22.01 16.04 -8.47
CA GLN H 181 22.16 15.68 -9.89
C GLN H 181 21.00 14.76 -10.31
N ARG H 182 19.78 15.19 -10.06
CA ARG H 182 18.62 14.51 -10.61
C ARG H 182 18.11 15.38 -11.75
N THR H 183 17.15 14.85 -12.50
CA THR H 183 16.58 15.65 -13.55
C THR H 183 15.09 15.29 -13.80
N ASP H 184 14.23 15.93 -12.99
CA ASP H 184 12.77 15.77 -13.04
C ASP H 184 12.19 16.53 -14.23
N ALA H 185 11.71 15.81 -15.23
CA ALA H 185 11.34 16.42 -16.49
C ALA H 185 9.93 17.00 -16.38
N PRO H 186 9.63 18.02 -17.17
CA PRO H 186 8.32 18.68 -17.08
C PRO H 186 7.17 17.78 -17.53
N LYS H 187 6.22 17.52 -16.64
CA LYS H 187 4.94 16.81 -16.94
C LYS H 187 3.95 17.77 -17.58
N THR H 188 3.80 17.68 -18.88
CA THR H 188 3.03 18.66 -19.59
C THR H 188 1.60 18.22 -19.83
N HIS H 189 0.75 19.21 -20.07
CA HIS H 189 -0.58 19.00 -20.60
C HIS H 189 -1.01 20.33 -21.19
N MET H 190 -2.27 20.46 -21.55
CA MET H 190 -2.71 21.74 -22.09
C MET H 190 -4.07 22.12 -21.53
N THR H 191 -4.29 23.41 -21.41
CA THR H 191 -5.54 23.90 -20.84
C THR H 191 -5.97 25.07 -21.67
N HIS H 192 -7.28 25.29 -21.69
CA HIS H 192 -7.88 26.39 -22.41
C HIS H 192 -9.40 26.49 -22.28
N HIS H 193 -9.85 27.72 -22.04
CA HIS H 193 -11.26 28.04 -21.83
C HIS H 193 -11.54 29.28 -22.68
N ALA H 194 -12.69 29.32 -23.35
CA ALA H 194 -12.90 30.27 -24.43
C ALA H 194 -12.98 31.76 -24.04
N VAL H 195 -13.93 32.10 -23.16
CA VAL H 195 -14.40 33.47 -22.94
C VAL H 195 -14.69 34.07 -24.33
N SER H 196 -14.56 35.38 -24.49
CA SER H 196 -14.58 36.02 -25.81
C SER H 196 -15.85 35.78 -26.66
N ASP H 197 -15.70 36.08 -27.94
CA ASP H 197 -16.49 35.54 -29.03
C ASP H 197 -15.41 35.49 -30.09
N HIS H 198 -14.65 36.59 -30.01
CA HIS H 198 -13.40 36.89 -30.68
C HIS H 198 -12.50 35.69 -30.66
N GLU H 199 -12.05 35.39 -29.47
CA GLU H 199 -10.96 34.50 -29.33
C GLU H 199 -11.25 33.39 -28.34
N ALA H 200 -10.16 33.00 -27.71
CA ALA H 200 -10.06 31.90 -26.81
C ALA H 200 -8.57 31.87 -26.36
N THR H 201 -8.27 31.63 -25.09
CA THR H 201 -6.86 31.64 -24.64
C THR H 201 -6.25 30.27 -25.00
N LEU H 202 -5.39 29.69 -24.16
CA LEU H 202 -4.83 28.33 -24.28
C LEU H 202 -3.50 28.33 -23.60
N ARG H 203 -3.36 27.37 -22.70
CA ARG H 203 -2.32 27.44 -21.72
C ARG H 203 -1.42 26.21 -21.72
N CYS H 204 -0.13 26.50 -21.87
CA CYS H 204 0.86 25.45 -21.93
C CYS H 204 1.43 25.18 -20.54
N TRP H 205 1.14 23.99 -19.99
CA TRP H 205 1.55 23.70 -18.62
C TRP H 205 2.74 22.77 -18.57
N ALA H 206 3.70 23.10 -17.71
CA ALA H 206 4.78 22.19 -17.33
C ALA H 206 4.82 22.16 -15.82
N LEU H 207 4.89 20.98 -15.21
CA LEU H 207 4.81 20.88 -13.75
C LEU H 207 5.84 19.93 -13.17
N SER H 208 5.97 19.95 -11.84
CA SER H 208 6.94 19.12 -11.13
C SER H 208 8.31 18.95 -11.80
N PHE H 209 8.94 20.06 -12.20
CA PHE H 209 10.23 20.00 -12.88
C PHE H 209 11.40 20.72 -12.18
N TYR H 210 12.57 20.10 -12.26
CA TYR H 210 13.82 20.60 -11.69
C TYR H 210 14.98 20.39 -12.69
N PRO H 211 15.88 21.40 -12.81
CA PRO H 211 15.88 22.71 -12.16
C PRO H 211 14.88 23.66 -12.81
N ALA H 212 14.83 24.91 -12.37
CA ALA H 212 13.74 25.78 -12.75
C ALA H 212 13.92 26.41 -14.12
N GLU H 213 14.99 26.04 -14.81
CA GLU H 213 15.30 26.67 -16.09
C GLU H 213 14.61 25.94 -17.25
N ILE H 214 13.76 26.66 -17.96
CA ILE H 214 12.95 26.03 -19.01
C ILE H 214 12.49 27.00 -20.07
N THR H 215 12.29 26.40 -21.26
CA THR H 215 11.84 27.06 -22.45
C THR H 215 10.31 26.90 -22.57
N LEU H 216 9.56 27.97 -22.64
CA LEU H 216 8.22 27.78 -23.17
C LEU H 216 8.06 28.60 -24.42
N THR H 217 8.12 27.88 -25.54
CA THR H 217 8.01 28.46 -26.87
C THR H 217 6.77 27.95 -27.60
N TRP H 218 6.10 28.84 -28.33
CA TRP H 218 5.02 28.45 -29.20
C TRP H 218 4.95 29.52 -30.37
N GLN H 219 4.44 29.10 -31.54
CA GLN H 219 4.92 29.25 -32.90
C GLN H 219 3.73 29.72 -33.88
N ARG H 220 3.88 29.58 -35.20
CA ARG H 220 2.81 29.75 -36.24
C ARG H 220 2.54 28.28 -36.51
N ASP H 221 3.15 27.70 -37.52
CA ASP H 221 3.53 26.32 -37.48
C ASP H 221 5.06 26.31 -37.46
N GLY H 222 5.61 27.38 -38.02
CA GLY H 222 7.01 27.78 -37.89
C GLY H 222 7.45 29.11 -37.23
N GLU H 223 6.66 30.20 -37.29
CA GLU H 223 7.07 31.46 -36.64
C GLU H 223 7.01 31.07 -35.23
N ASP H 224 7.58 31.85 -34.35
CA ASP H 224 7.23 31.75 -32.94
C ASP H 224 6.43 33.00 -32.57
N GLN H 225 7.08 33.78 -31.72
CA GLN H 225 6.77 35.15 -31.35
C GLN H 225 5.37 35.40 -30.83
N THR H 226 5.28 36.60 -30.29
CA THR H 226 4.48 36.82 -29.14
C THR H 226 3.69 38.08 -29.45
N GLN H 227 2.50 37.86 -30.01
CA GLN H 227 1.57 38.96 -30.23
C GLN H 227 1.51 39.65 -28.90
N ASP H 228 1.02 38.91 -27.91
CA ASP H 228 1.48 38.96 -26.53
C ASP H 228 1.16 37.67 -25.78
N THR H 229 1.89 36.61 -26.12
CA THR H 229 1.75 35.34 -25.43
C THR H 229 2.32 35.55 -24.03
N GLU H 230 1.45 35.91 -23.10
CA GLU H 230 1.85 36.23 -21.73
C GLU H 230 2.46 35.05 -20.96
N LEU H 231 3.49 35.37 -20.16
CA LEU H 231 4.36 34.40 -19.52
C LEU H 231 4.55 34.74 -18.03
N VAL H 232 4.62 33.70 -17.21
CA VAL H 232 4.67 33.86 -15.75
C VAL H 232 6.05 33.48 -15.18
N GLU H 233 6.51 34.20 -14.15
CA GLU H 233 7.71 33.80 -13.42
C GLU H 233 7.60 32.34 -13.01
N THR H 234 8.57 31.52 -13.42
CA THR H 234 8.68 30.16 -12.87
C THR H 234 8.54 30.18 -11.36
N ARG H 235 7.68 29.32 -10.83
CA ARG H 235 7.26 29.43 -9.45
C ARG H 235 7.42 28.06 -8.81
N PRO H 236 7.64 28.02 -7.50
CA PRO H 236 7.91 26.69 -6.93
C PRO H 236 6.63 25.96 -6.56
N ALA H 237 6.73 24.64 -6.51
CA ALA H 237 5.61 23.81 -6.15
C ALA H 237 5.64 23.57 -4.63
N GLY H 238 6.82 23.74 -4.05
CA GLY H 238 7.01 23.51 -2.64
C GLY H 238 7.44 22.07 -2.37
N ASP H 239 7.51 21.26 -3.41
CA ASP H 239 7.99 19.89 -3.24
C ASP H 239 9.44 19.76 -3.66
N GLY H 240 10.01 20.89 -4.09
CA GLY H 240 11.40 20.97 -4.49
C GLY H 240 11.50 21.30 -5.95
N THR H 241 10.36 21.28 -6.63
CA THR H 241 10.29 21.48 -8.06
C THR H 241 9.59 22.78 -8.39
N PHE H 242 9.33 23.00 -9.68
CA PHE H 242 8.80 24.25 -10.16
C PHE H 242 7.66 24.04 -11.15
N GLN H 243 7.03 25.15 -11.54
CA GLN H 243 5.89 25.16 -12.47
C GLN H 243 6.10 26.33 -13.40
N LYS H 244 5.57 26.24 -14.61
CA LYS H 244 5.47 27.46 -15.43
C LYS H 244 4.35 27.29 -16.44
N TRP H 245 3.85 28.42 -16.94
CA TRP H 245 2.98 28.37 -18.10
C TRP H 245 3.03 29.65 -18.91
N ALA H 246 2.64 29.50 -20.17
CA ALA H 246 2.50 30.63 -21.07
C ALA H 246 1.08 30.55 -21.69
N ALA H 247 0.54 31.72 -22.01
CA ALA H 247 -0.87 31.82 -22.40
C ALA H 247 -0.99 32.71 -23.65
N VAL H 248 -1.95 32.41 -24.51
CA VAL H 248 -1.92 32.97 -25.85
C VAL H 248 -3.13 33.86 -26.22
N VAL H 249 -2.95 34.55 -27.33
CA VAL H 249 -3.97 35.31 -27.98
C VAL H 249 -4.57 34.81 -29.36
N VAL H 250 -5.10 33.58 -29.47
CA VAL H 250 -5.35 32.98 -30.82
C VAL H 250 -6.76 32.33 -31.02
N PRO H 251 -7.31 32.36 -32.28
CA PRO H 251 -8.72 32.37 -32.75
C PRO H 251 -9.69 31.24 -32.43
N SER H 252 -10.98 31.54 -32.58
CA SER H 252 -12.09 30.68 -32.15
C SER H 252 -12.05 29.34 -32.89
N GLY H 253 -11.59 29.38 -34.14
CA GLY H 253 -11.53 28.18 -34.94
C GLY H 253 -10.23 27.87 -35.65
N GLN H 254 -9.10 28.36 -35.15
CA GLN H 254 -7.84 27.95 -35.76
C GLN H 254 -7.08 27.16 -34.71
N GLU H 255 -7.78 26.39 -33.89
CA GLU H 255 -7.10 25.65 -32.84
C GLU H 255 -5.86 24.81 -33.17
N GLN H 256 -5.79 24.22 -34.36
CA GLN H 256 -4.71 23.26 -34.58
C GLN H 256 -3.49 23.63 -35.41
N ARG H 257 -3.37 24.87 -35.85
CA ARG H 257 -2.06 25.25 -36.25
C ARG H 257 -1.52 25.99 -35.02
N TYR H 258 -1.89 25.53 -33.79
CA TYR H 258 -1.30 26.12 -32.58
C TYR H 258 -0.82 25.12 -31.45
N THR H 259 0.51 24.96 -31.28
CA THR H 259 1.20 24.00 -30.34
C THR H 259 2.64 24.28 -29.65
N CYS H 260 2.67 24.58 -28.33
CA CYS H 260 3.87 24.86 -27.44
C CYS H 260 5.03 23.80 -27.33
N HIS H 261 6.32 24.20 -27.39
CA HIS H 261 7.49 23.24 -27.31
C HIS H 261 8.34 23.39 -26.00
N VAL H 262 8.68 22.27 -25.36
CA VAL H 262 9.18 22.28 -23.97
C VAL H 262 10.49 21.51 -23.86
N GLN H 263 11.61 22.22 -24.04
CA GLN H 263 12.94 21.61 -23.89
C GLN H 263 13.42 22.02 -22.45
N HIS H 264 14.15 21.11 -21.81
CA HIS H 264 14.59 21.14 -20.40
C HIS H 264 15.63 20.05 -20.34
N GLU H 265 16.55 20.06 -19.39
CA GLU H 265 17.41 18.89 -19.20
C GLU H 265 16.48 17.71 -18.84
N GLY H 266 16.98 16.48 -18.77
CA GLY H 266 16.13 15.34 -18.41
C GLY H 266 15.02 15.00 -19.40
N LEU H 267 14.65 15.99 -20.21
CA LEU H 267 13.97 15.77 -21.47
C LEU H 267 15.04 15.52 -22.49
N PRO H 268 15.07 14.30 -23.07
CA PRO H 268 16.06 14.02 -24.11
C PRO H 268 15.91 14.97 -25.31
N LYS H 269 14.78 14.98 -26.00
CA LYS H 269 14.61 16.03 -27.00
C LYS H 269 13.36 16.86 -26.69
N PRO H 270 13.27 18.07 -27.29
CA PRO H 270 12.15 18.98 -27.05
C PRO H 270 10.79 18.32 -27.24
N LEU H 271 9.84 18.77 -26.45
CA LEU H 271 8.53 18.15 -26.42
C LEU H 271 7.61 19.04 -27.26
N THR H 272 6.80 18.45 -28.13
CA THR H 272 5.80 19.20 -28.90
C THR H 272 4.36 18.80 -28.47
N LEU H 273 3.37 19.71 -28.52
CA LEU H 273 2.06 19.46 -27.88
C LEU H 273 0.79 19.95 -28.66
N ARG H 274 -0.10 19.08 -29.13
CA ARG H 274 -1.30 19.57 -29.88
C ARG H 274 -2.50 19.93 -28.95
N TRP H 275 -3.26 20.98 -29.29
CA TRP H 275 -4.60 21.26 -28.69
C TRP H 275 -5.72 20.68 -29.58
N GLU H 276 -5.84 19.36 -29.56
CA GLU H 276 -6.76 18.59 -30.40
C GLU H 276 -8.11 19.25 -30.72
N MET I 1 15.79 53.80 -0.23
CA MET I 1 14.66 52.97 0.18
C MET I 1 13.69 52.85 -0.99
N ILE I 2 14.04 52.00 -1.96
CA ILE I 2 13.22 51.89 -3.17
C ILE I 2 12.14 50.84 -2.94
N GLN I 3 11.10 50.93 -3.77
CA GLN I 3 9.88 50.20 -3.52
C GLN I 3 9.36 49.56 -4.80
N ARG I 4 9.46 48.24 -4.89
CA ARG I 4 8.91 47.51 -6.03
C ARG I 4 7.68 46.73 -5.54
N THR I 5 6.62 46.70 -6.35
CA THR I 5 5.38 46.15 -5.83
C THR I 5 5.16 44.67 -6.22
N PRO I 6 4.66 43.87 -5.25
CA PRO I 6 4.74 42.41 -5.32
C PRO I 6 3.80 41.77 -6.31
N LYS I 7 4.35 40.81 -7.05
CA LYS I 7 3.53 39.99 -7.94
C LYS I 7 3.04 38.74 -7.20
N ILE I 8 1.81 38.32 -7.52
CA ILE I 8 1.16 37.25 -6.80
C ILE I 8 0.80 36.08 -7.74
N GLN I 9 0.98 34.85 -7.29
CA GLN I 9 0.48 33.70 -8.03
C GLN I 9 -0.14 32.72 -7.04
N VAL I 10 -1.42 32.39 -7.22
CA VAL I 10 -2.08 31.43 -6.32
C VAL I 10 -2.38 30.13 -7.07
N TYR I 11 -2.05 29.01 -6.45
CA TYR I 11 -2.06 27.75 -7.14
C TYR I 11 -1.82 26.57 -6.23
N SER I 12 -1.99 25.36 -6.76
CA SER I 12 -1.86 24.17 -5.93
C SER I 12 -0.56 23.43 -6.24
N ARG I 13 -0.01 22.70 -5.26
CA ARG I 13 1.28 22.01 -5.47
C ARG I 13 1.19 21.07 -6.68
N HIS I 14 0.35 20.05 -6.54
CA HIS I 14 0.03 19.16 -7.63
C HIS I 14 -1.27 19.64 -8.22
N PRO I 15 -1.72 19.06 -9.36
CA PRO I 15 -3.02 19.53 -9.85
C PRO I 15 -4.17 19.19 -8.91
N ALA I 16 -5.23 20.01 -8.99
CA ALA I 16 -6.32 20.01 -8.02
C ALA I 16 -7.47 19.04 -8.37
N GLU I 17 -7.39 17.82 -7.85
CA GLU I 17 -8.48 16.86 -7.93
C GLU I 17 -9.22 16.85 -6.58
N ASN I 18 -10.54 16.87 -6.60
CA ASN I 18 -11.30 17.04 -5.36
C ASN I 18 -11.12 15.88 -4.41
N GLY I 19 -11.20 16.16 -3.11
CA GLY I 19 -11.21 15.09 -2.13
C GLY I 19 -9.87 14.44 -1.83
N LYS I 20 -8.83 14.79 -2.56
CA LYS I 20 -7.53 14.31 -2.13
C LYS I 20 -6.65 15.52 -1.74
N SER I 21 -5.72 15.25 -0.83
CA SER I 21 -5.09 16.29 -0.04
C SER I 21 -4.03 16.94 -0.92
N ASN I 22 -3.94 18.27 -0.83
CA ASN I 22 -2.97 19.01 -1.63
C ASN I 22 -2.38 20.19 -0.82
N PHE I 23 -1.75 21.14 -1.51
CA PHE I 23 -1.15 22.28 -0.85
C PHE I 23 -1.47 23.54 -1.62
N LEU I 24 -1.89 24.57 -0.89
CA LEU I 24 -2.30 25.82 -1.50
C LEU I 24 -1.17 26.83 -1.38
N ASN I 25 -0.53 27.10 -2.51
CA ASN I 25 0.68 27.93 -2.60
C ASN I 25 0.38 29.38 -2.95
N CYS I 26 1.07 30.30 -2.30
CA CYS I 26 0.99 31.71 -2.68
C CYS I 26 2.38 32.31 -2.83
N TYR I 27 2.73 32.56 -4.09
CA TYR I 27 4.07 32.97 -4.43
C TYR I 27 4.05 34.45 -4.70
N VAL I 28 4.56 35.20 -3.72
CA VAL I 28 4.77 36.62 -3.86
C VAL I 28 6.24 36.86 -4.30
N SER I 29 6.46 37.76 -5.27
CA SER I 29 7.81 37.94 -5.82
C SER I 29 8.08 39.33 -6.43
N GLY I 30 9.36 39.69 -6.49
CA GLY I 30 9.80 40.89 -7.18
C GLY I 30 9.54 42.14 -6.36
N PHE I 31 9.40 41.99 -5.04
CA PHE I 31 8.96 43.10 -4.20
C PHE I 31 10.06 43.58 -3.33
N HIS I 32 9.89 44.81 -2.86
CA HIS I 32 10.82 45.46 -1.95
C HIS I 32 10.08 46.60 -1.25
N PRO I 33 10.22 46.73 0.08
CA PRO I 33 11.14 46.03 0.98
C PRO I 33 10.63 44.68 1.46
N SER I 34 11.37 44.12 2.42
CA SER I 34 11.14 42.78 2.93
C SER I 34 9.84 42.65 3.74
N ASP I 35 9.37 43.75 4.33
CA ASP I 35 8.09 43.72 5.03
C ASP I 35 6.95 43.40 4.09
N ILE I 36 6.25 42.31 4.37
CA ILE I 36 5.03 41.98 3.65
C ILE I 36 4.04 41.22 4.53
N GLU I 37 2.75 41.44 4.27
CA GLU I 37 1.76 40.73 5.04
C GLU I 37 0.90 39.84 4.11
N VAL I 38 0.91 38.53 4.38
CA VAL I 38 0.28 37.54 3.49
C VAL I 38 -0.54 36.52 4.31
N ASP I 39 -1.85 36.43 4.01
CA ASP I 39 -2.74 35.46 4.66
C ASP I 39 -3.45 34.61 3.60
N LEU I 40 -3.90 33.41 3.97
CA LEU I 40 -4.69 32.60 3.05
C LEU I 40 -6.14 32.47 3.49
N LEU I 41 -7.06 32.48 2.52
CA LEU I 41 -8.48 32.60 2.83
C LEU I 41 -9.25 31.37 2.38
N LYS I 42 -10.11 30.86 3.25
CA LYS I 42 -11.06 29.78 2.89
C LYS I 42 -12.44 30.36 2.93
N ASN I 43 -13.04 30.50 1.76
CA ASN I 43 -14.33 31.14 1.67
C ASN I 43 -14.25 32.49 2.38
N GLY I 44 -13.16 33.20 2.14
CA GLY I 44 -13.03 34.55 2.66
C GLY I 44 -12.37 34.75 4.00
N GLU I 45 -12.09 33.68 4.73
CA GLU I 45 -11.54 33.89 6.08
C GLU I 45 -10.12 33.37 6.37
N ARG I 46 -9.45 34.04 7.30
CA ARG I 46 -8.03 33.82 7.54
C ARG I 46 -7.74 32.45 8.11
N ILE I 47 -6.79 31.75 7.46
CA ILE I 47 -6.33 30.43 7.85
C ILE I 47 -5.14 30.57 8.77
N GLU I 48 -4.99 29.68 9.75
CA GLU I 48 -3.99 29.90 10.79
C GLU I 48 -2.73 29.10 10.54
N LYS I 49 -2.88 27.82 10.20
CA LYS I 49 -1.74 27.00 9.87
C LYS I 49 -1.21 27.29 8.47
N VAL I 50 -0.47 28.40 8.37
CA VAL I 50 0.21 28.79 7.14
C VAL I 50 1.70 28.84 7.36
N GLU I 51 2.50 27.99 6.73
CA GLU I 51 3.93 28.29 6.77
C GLU I 51 4.33 29.07 5.52
N HIS I 52 5.52 29.62 5.57
CA HIS I 52 6.12 30.27 4.41
C HIS I 52 7.57 29.90 4.34
N SER I 53 8.14 30.01 3.15
CA SER I 53 9.56 29.74 2.92
C SER I 53 10.47 30.72 3.64
N ASP I 54 11.77 30.49 3.53
CA ASP I 54 12.74 31.45 4.04
C ASP I 54 12.96 32.57 3.04
N LEU I 55 13.19 33.77 3.57
CA LEU I 55 13.35 34.97 2.74
C LEU I 55 14.54 34.83 1.80
N SER I 56 14.32 35.16 0.53
CA SER I 56 15.43 35.30 -0.40
C SER I 56 15.06 36.34 -1.46
N PHE I 57 15.96 36.57 -2.41
CA PHE I 57 15.75 37.66 -3.35
C PHE I 57 16.32 37.29 -4.72
N SER I 58 15.95 38.05 -5.73
CA SER I 58 16.34 37.72 -7.10
C SER I 58 17.65 38.46 -7.37
N LYS I 59 18.18 38.44 -8.59
CA LYS I 59 19.47 39.08 -8.73
C LYS I 59 19.32 40.59 -8.71
N ASP I 60 18.14 41.06 -9.09
CA ASP I 60 17.86 42.50 -9.07
C ASP I 60 17.52 42.99 -7.66
N TRP I 61 17.83 42.14 -6.69
CA TRP I 61 17.70 42.39 -5.25
C TRP I 61 16.25 42.39 -4.75
N SER I 62 15.27 42.17 -5.64
CA SER I 62 13.87 42.08 -5.21
C SER I 62 13.62 40.72 -4.54
N PHE I 63 12.67 40.69 -3.59
CA PHE I 63 12.45 39.50 -2.75
C PHE I 63 11.45 38.47 -3.29
N TYR I 64 11.56 37.24 -2.79
CA TYR I 64 10.52 36.26 -3.08
C TYR I 64 10.25 35.39 -1.85
N LEU I 65 8.97 35.14 -1.65
CA LEU I 65 8.49 34.36 -0.52
C LEU I 65 7.40 33.47 -1.04
N LEU I 66 7.30 32.30 -0.44
CA LEU I 66 6.22 31.38 -0.75
C LEU I 66 5.40 31.12 0.51
N TYR I 67 4.15 31.57 0.54
CA TYR I 67 3.22 31.17 1.60
C TYR I 67 2.43 29.96 1.12
N TYR I 68 2.16 29.01 2.01
CA TYR I 68 1.53 27.75 1.60
C TYR I 68 0.82 27.01 2.74
N THR I 69 -0.31 26.37 2.43
CA THR I 69 -1.04 25.60 3.44
C THR I 69 -1.65 24.32 2.86
N GLU I 70 -1.83 23.32 3.72
CA GLU I 70 -2.36 22.02 3.29
C GLU I 70 -3.87 21.94 3.38
N PHE I 71 -4.48 21.53 2.29
CA PHE I 71 -5.92 21.56 2.21
C PHE I 71 -6.39 20.41 1.34
N THR I 72 -7.58 19.90 1.61
CA THR I 72 -8.21 18.95 0.68
C THR I 72 -9.36 19.67 0.01
N PRO I 73 -9.25 19.85 -1.30
CA PRO I 73 -10.25 20.65 -2.01
C PRO I 73 -11.54 19.91 -2.33
N THR I 74 -12.57 20.73 -2.47
CA THR I 74 -13.91 20.36 -2.86
C THR I 74 -14.20 21.54 -3.73
N GLU I 75 -15.35 21.66 -4.38
CA GLU I 75 -15.58 23.00 -4.90
C GLU I 75 -16.92 23.51 -4.34
N LYS I 76 -17.23 23.06 -3.12
CA LYS I 76 -17.92 23.91 -2.15
C LYS I 76 -17.04 25.15 -1.95
N ASP I 77 -15.78 24.85 -1.66
CA ASP I 77 -14.74 25.77 -1.21
C ASP I 77 -14.10 26.72 -2.24
N GLU I 78 -13.97 28.00 -1.87
CA GLU I 78 -13.17 28.97 -2.61
C GLU I 78 -11.98 29.48 -1.77
N TYR I 79 -10.79 29.40 -2.36
CA TYR I 79 -9.59 29.82 -1.66
C TYR I 79 -8.96 31.03 -2.32
N ALA I 80 -8.22 31.78 -1.52
CA ALA I 80 -7.61 33.01 -1.99
C ALA I 80 -6.41 33.44 -1.12
N CYS I 81 -5.59 34.29 -1.71
CA CYS I 81 -4.40 34.85 -1.08
C CYS I 81 -4.57 36.34 -0.99
N ARG I 82 -4.42 36.88 0.21
CA ARG I 82 -4.53 38.31 0.45
C ARG I 82 -3.16 38.85 0.78
N VAL I 83 -2.77 39.96 0.14
CA VAL I 83 -1.41 40.48 0.31
C VAL I 83 -1.35 41.97 0.63
N ASN I 84 -0.80 42.34 1.78
CA ASN I 84 -0.62 43.76 2.02
C ASN I 84 0.86 44.16 1.91
N HIS I 85 1.04 45.34 1.35
CA HIS I 85 2.34 45.94 1.22
C HIS I 85 2.27 47.45 1.46
N VAL I 86 3.46 48.05 1.54
CA VAL I 86 3.58 49.49 1.58
C VAL I 86 3.23 50.06 0.23
N THR I 87 3.51 49.30 -0.82
CA THR I 87 3.24 49.76 -2.16
C THR I 87 1.74 49.74 -2.45
N LEU I 88 0.97 49.26 -1.48
CA LEU I 88 -0.42 48.94 -1.76
C LEU I 88 -1.41 49.72 -0.90
N SER I 89 -2.37 50.35 -1.60
CA SER I 89 -3.47 51.12 -1.00
C SER I 89 -4.21 50.30 0.02
N GLN I 90 -4.91 49.32 -0.52
CA GLN I 90 -5.68 48.37 0.24
C GLN I 90 -5.09 47.01 -0.05
N PRO I 91 -5.38 46.02 0.79
CA PRO I 91 -4.94 44.65 0.49
C PRO I 91 -5.28 44.24 -0.94
N LYS I 92 -4.43 43.43 -1.57
CA LYS I 92 -4.75 42.84 -2.89
C LYS I 92 -5.13 41.38 -2.63
N ILE I 93 -6.28 40.96 -3.16
CA ILE I 93 -6.78 39.60 -2.95
C ILE I 93 -6.84 38.83 -4.25
N VAL I 94 -6.25 37.64 -4.26
CA VAL I 94 -6.26 36.86 -5.48
C VAL I 94 -6.92 35.53 -5.25
N LYS I 95 -7.87 35.22 -6.12
CA LYS I 95 -8.67 34.03 -6.00
C LYS I 95 -7.90 32.91 -6.66
N TRP I 96 -7.91 31.75 -6.02
CA TRP I 96 -7.34 30.55 -6.61
C TRP I 96 -8.11 30.21 -7.88
N ASP I 97 -7.48 29.51 -8.81
CA ASP I 97 -8.16 29.16 -10.04
C ASP I 97 -7.57 27.86 -10.57
N ARG I 98 -8.41 26.83 -10.75
CA ARG I 98 -7.94 25.48 -11.08
C ARG I 98 -7.27 25.35 -12.45
N ASP I 99 -7.35 26.43 -13.23
CA ASP I 99 -6.91 26.42 -14.62
C ASP I 99 -5.73 27.35 -14.91
N MET I 100 -5.29 28.09 -13.88
CA MET I 100 -4.09 28.92 -13.92
C MET I 100 -3.10 28.63 -12.78
N PHE J 1 29.84 25.28 3.29
CA PHE J 1 30.56 26.40 3.88
C PHE J 1 30.17 27.73 3.31
N SER J 2 30.43 28.75 4.13
CA SER J 2 30.09 30.14 3.84
C SER J 2 31.30 30.88 4.31
N GLY J 3 31.43 32.12 3.86
CA GLY J 3 32.63 32.89 4.06
C GLY J 3 33.07 32.86 5.51
N GLU J 4 34.37 32.76 5.70
CA GLU J 4 34.96 32.81 7.04
C GLU J 4 35.28 34.28 7.34
N TYR J 5 35.32 35.06 6.26
CA TYR J 5 35.69 36.47 6.27
C TYR J 5 34.58 37.31 5.68
N ILE J 6 34.52 38.55 6.13
CA ILE J 6 33.42 39.43 5.77
C ILE J 6 33.87 40.87 5.98
N PRO J 7 33.91 41.68 4.89
CA PRO J 7 34.39 43.08 4.99
C PRO J 7 33.32 44.06 5.46
N THR J 8 33.71 45.30 5.68
CA THR J 8 32.76 46.30 6.14
C THR J 8 32.72 47.41 5.14
N VAL J 9 31.54 47.65 4.60
CA VAL J 9 31.34 48.68 3.59
C VAL J 9 31.78 50.06 4.12
N GLY K 2 -32.56 -6.38 0.31
CA GLY K 2 -34.01 -6.22 0.27
C GLY K 2 -34.59 -7.54 -0.14
N SER K 3 -35.23 -7.60 -1.30
CA SER K 3 -35.60 -8.89 -1.92
C SER K 3 -34.38 -9.72 -2.30
N HIS K 4 -34.58 -11.03 -2.31
CA HIS K 4 -33.53 -11.95 -2.74
C HIS K 4 -34.08 -13.02 -3.68
N SER K 5 -33.18 -13.86 -4.18
CA SER K 5 -33.59 -14.92 -5.09
C SER K 5 -32.52 -16.00 -5.20
N MET K 6 -33.01 -17.22 -5.36
CA MET K 6 -32.23 -18.34 -5.86
C MET K 6 -32.71 -18.74 -7.24
N ARG K 7 -31.80 -19.01 -8.15
CA ARG K 7 -32.18 -19.41 -9.51
C ARG K 7 -31.19 -20.36 -10.18
N TYR K 8 -31.63 -21.56 -10.54
CA TYR K 8 -30.78 -22.51 -11.29
C TYR K 8 -31.06 -22.42 -12.77
N PHE K 9 -30.02 -22.56 -13.58
CA PHE K 9 -30.17 -22.53 -15.04
C PHE K 9 -29.57 -23.79 -15.64
N PHE K 10 -30.35 -24.46 -16.49
CA PHE K 10 -29.89 -25.69 -17.09
C PHE K 10 -29.90 -25.48 -18.57
N THR K 11 -28.76 -25.74 -19.18
CA THR K 11 -28.69 -25.73 -20.63
C THR K 11 -28.07 -27.05 -21.05
N SER K 12 -28.81 -27.87 -21.80
CA SER K 12 -28.21 -29.03 -22.48
C SER K 12 -28.50 -28.98 -23.97
N VAL K 13 -27.47 -29.19 -24.77
CA VAL K 13 -27.56 -28.97 -26.20
C VAL K 13 -26.95 -30.17 -26.98
N SER K 14 -27.74 -30.66 -27.92
CA SER K 14 -27.56 -31.96 -28.56
C SER K 14 -26.43 -31.99 -29.55
N ARG K 15 -25.55 -32.97 -29.38
CA ARG K 15 -24.42 -33.18 -30.27
C ARG K 15 -24.66 -34.46 -31.05
N PRO K 16 -25.37 -34.37 -32.19
CA PRO K 16 -25.74 -35.58 -32.93
C PRO K 16 -24.53 -36.36 -33.44
N GLY K 17 -24.45 -37.63 -33.04
CA GLY K 17 -23.37 -38.47 -33.50
C GLY K 17 -22.12 -38.35 -32.64
N ARG K 18 -21.89 -37.17 -32.07
CA ARG K 18 -20.66 -36.95 -31.31
C ARG K 18 -20.90 -37.09 -29.81
N GLY K 19 -21.36 -38.29 -29.42
CA GLY K 19 -21.51 -38.67 -28.04
C GLY K 19 -22.81 -38.17 -27.40
N GLU K 20 -22.68 -37.76 -26.14
CA GLU K 20 -23.81 -37.29 -25.35
C GLU K 20 -23.96 -35.80 -25.63
N PRO K 21 -25.04 -35.15 -25.11
CA PRO K 21 -25.19 -33.70 -25.31
C PRO K 21 -24.37 -32.88 -24.32
N ARG K 22 -24.04 -31.65 -24.68
CA ARG K 22 -23.32 -30.78 -23.76
C ARG K 22 -24.30 -30.27 -22.74
N PHE K 23 -23.93 -30.30 -21.46
CA PHE K 23 -24.86 -29.94 -20.37
C PHE K 23 -24.24 -28.96 -19.34
N ILE K 24 -24.74 -27.72 -19.33
CA ILE K 24 -24.25 -26.72 -18.37
C ILE K 24 -25.32 -26.29 -17.34
N ALA K 25 -24.94 -26.42 -16.07
CA ALA K 25 -25.77 -25.96 -14.96
C ALA K 25 -25.01 -24.90 -14.13
N VAL K 26 -25.71 -23.81 -13.80
CA VAL K 26 -25.17 -22.75 -12.94
C VAL K 26 -26.21 -22.39 -11.88
N GLY K 27 -25.75 -22.14 -10.65
CA GLY K 27 -26.63 -21.80 -9.57
C GLY K 27 -26.35 -20.36 -9.23
N TYR K 28 -27.39 -19.62 -8.88
CA TYR K 28 -27.26 -18.19 -8.57
C TYR K 28 -28.08 -17.86 -7.33
N VAL K 29 -27.48 -17.11 -6.41
CA VAL K 29 -28.27 -16.31 -5.47
C VAL K 29 -28.09 -14.87 -5.91
N ASP K 30 -29.22 -14.19 -6.13
CA ASP K 30 -29.16 -12.83 -6.66
C ASP K 30 -28.23 -12.76 -7.88
N ASP K 31 -27.13 -12.01 -7.80
CA ASP K 31 -26.25 -11.84 -8.94
C ASP K 31 -24.87 -12.43 -8.70
N THR K 32 -24.75 -13.05 -7.53
CA THR K 32 -23.61 -13.90 -7.23
C THR K 32 -23.84 -15.27 -7.89
N GLN K 33 -22.89 -15.79 -8.66
CA GLN K 33 -22.96 -17.21 -9.05
C GLN K 33 -22.30 -18.04 -7.96
N PHE K 34 -22.87 -19.20 -7.62
CA PHE K 34 -22.31 -19.94 -6.50
C PHE K 34 -22.05 -21.41 -6.76
N VAL K 35 -22.76 -22.00 -7.72
CA VAL K 35 -22.39 -23.34 -8.19
C VAL K 35 -22.41 -23.56 -9.70
N ARG K 36 -21.68 -24.59 -10.10
CA ARG K 36 -21.77 -25.04 -11.47
C ARG K 36 -21.72 -26.55 -11.61
N PHE K 37 -22.15 -26.99 -12.78
CA PHE K 37 -21.81 -28.33 -13.24
C PHE K 37 -21.55 -28.22 -14.72
N ASP K 38 -20.45 -28.82 -15.14
CA ASP K 38 -20.16 -28.82 -16.54
C ASP K 38 -19.86 -30.26 -16.94
N SER K 39 -20.66 -30.77 -17.89
CA SER K 39 -20.60 -32.18 -18.28
C SER K 39 -19.28 -32.48 -18.94
N ASP K 40 -18.75 -31.49 -19.66
CA ASP K 40 -17.48 -31.65 -20.35
C ASP K 40 -16.28 -31.46 -19.42
N ALA K 41 -16.49 -30.79 -18.29
CA ALA K 41 -15.45 -30.68 -17.27
C ALA K 41 -15.06 -32.05 -16.75
N ALA K 42 -13.97 -32.11 -16.01
CA ALA K 42 -13.41 -33.38 -15.63
C ALA K 42 -14.07 -33.92 -14.37
N SER K 43 -14.34 -33.03 -13.40
CA SER K 43 -14.70 -33.49 -12.07
C SER K 43 -16.01 -34.24 -11.99
N GLN K 44 -16.94 -33.89 -12.88
CA GLN K 44 -18.23 -34.58 -12.98
C GLN K 44 -19.00 -34.51 -11.66
N ARG K 45 -18.65 -33.51 -10.85
CA ARG K 45 -19.42 -33.19 -9.66
C ARG K 45 -19.92 -31.76 -9.73
N MET K 46 -20.86 -31.47 -8.87
CA MET K 46 -21.25 -30.10 -8.71
C MET K 46 -20.03 -29.34 -8.15
N GLU K 47 -19.80 -28.16 -8.69
CA GLU K 47 -18.61 -27.38 -8.36
C GLU K 47 -19.03 -26.03 -7.74
N PRO K 48 -18.36 -25.65 -6.64
CA PRO K 48 -18.51 -24.33 -6.01
C PRO K 48 -17.91 -23.20 -6.83
N ARG K 49 -18.54 -22.02 -6.83
CA ARG K 49 -17.97 -20.82 -7.45
C ARG K 49 -18.10 -19.59 -6.51
N ALA K 50 -18.20 -19.82 -5.20
CA ALA K 50 -18.34 -18.74 -4.20
C ALA K 50 -17.93 -19.21 -2.81
N PRO K 51 -17.25 -18.35 -2.05
CA PRO K 51 -16.47 -18.88 -0.92
C PRO K 51 -17.35 -19.48 0.15
N TRP K 52 -18.55 -18.96 0.31
CA TRP K 52 -19.46 -19.39 1.37
C TRP K 52 -20.22 -20.70 1.15
N ILE K 53 -20.20 -21.22 -0.07
CA ILE K 53 -20.86 -22.48 -0.31
C ILE K 53 -19.87 -23.59 -0.06
N GLU K 54 -18.59 -23.23 -0.10
CA GLU K 54 -17.48 -24.18 0.02
C GLU K 54 -17.52 -24.79 1.39
N GLN K 55 -18.15 -24.04 2.28
CA GLN K 55 -18.41 -24.41 3.65
C GLN K 55 -19.00 -25.81 3.78
N GLU K 56 -19.97 -26.07 2.91
CA GLU K 56 -20.92 -27.18 2.96
C GLU K 56 -20.29 -28.58 2.92
N GLY K 57 -20.78 -29.50 3.76
CA GLY K 57 -20.16 -30.82 3.91
C GLY K 57 -20.29 -31.78 2.72
N PRO K 58 -19.78 -33.02 2.89
CA PRO K 58 -19.79 -33.99 1.77
C PRO K 58 -21.21 -34.35 1.29
N GLU K 59 -22.18 -34.61 2.17
CA GLU K 59 -23.49 -34.97 1.63
C GLU K 59 -24.12 -33.90 0.76
N TYR K 60 -23.92 -32.65 1.15
CA TYR K 60 -24.41 -31.55 0.32
C TYR K 60 -23.88 -31.75 -1.10
N TRP K 61 -22.56 -31.95 -1.21
CA TRP K 61 -21.90 -32.02 -2.52
C TRP K 61 -22.19 -33.30 -3.28
N ASP K 62 -22.13 -34.46 -2.60
CA ASP K 62 -22.57 -35.72 -3.20
C ASP K 62 -23.99 -35.43 -3.73
N GLY K 63 -24.84 -35.00 -2.80
CA GLY K 63 -26.22 -34.70 -3.10
C GLY K 63 -26.46 -33.83 -4.30
N GLU K 64 -25.84 -32.66 -4.34
CA GLU K 64 -26.15 -31.74 -5.41
C GLU K 64 -25.69 -32.32 -6.73
N THR K 65 -24.66 -33.15 -6.62
CA THR K 65 -24.12 -33.78 -7.79
C THR K 65 -25.18 -34.67 -8.41
N ARG K 66 -25.80 -35.56 -7.61
CA ARG K 66 -26.87 -36.42 -8.10
C ARG K 66 -27.99 -35.67 -8.79
N LYS K 67 -28.56 -34.69 -8.12
CA LYS K 67 -29.77 -34.05 -8.63
C LYS K 67 -29.51 -33.33 -9.96
N VAL K 68 -28.27 -32.93 -10.19
CA VAL K 68 -27.97 -32.16 -11.37
C VAL K 68 -27.59 -33.12 -12.49
N LYS K 69 -26.94 -34.23 -12.12
CA LYS K 69 -26.80 -35.32 -13.06
C LYS K 69 -28.18 -35.78 -13.51
N ALA K 70 -29.03 -36.10 -12.53
CA ALA K 70 -30.42 -36.47 -12.81
C ALA K 70 -31.14 -35.42 -13.64
N HIS K 71 -30.68 -34.18 -13.56
CA HIS K 71 -31.28 -33.10 -14.35
C HIS K 71 -30.94 -33.30 -15.83
N SER K 72 -29.68 -33.64 -16.12
CA SER K 72 -29.25 -33.90 -17.50
C SER K 72 -29.84 -35.22 -18.01
N GLN K 73 -29.80 -36.24 -17.15
CA GLN K 73 -30.41 -37.55 -17.44
C GLN K 73 -31.79 -37.31 -18.03
N THR K 74 -32.59 -36.47 -17.39
CA THR K 74 -33.89 -36.14 -17.92
C THR K 74 -33.82 -35.43 -19.27
N HIS K 75 -33.01 -34.39 -19.36
CA HIS K 75 -33.01 -33.55 -20.54
C HIS K 75 -32.77 -34.30 -21.83
N ARG K 76 -32.03 -35.39 -21.72
CA ARG K 76 -31.64 -36.24 -22.85
C ARG K 76 -32.90 -36.93 -23.39
N VAL K 77 -33.71 -37.42 -22.46
CA VAL K 77 -35.00 -38.01 -22.77
C VAL K 77 -35.85 -36.99 -23.54
N ASP K 78 -36.13 -35.85 -22.89
CA ASP K 78 -36.83 -34.72 -23.51
C ASP K 78 -36.36 -34.48 -24.94
N LEU K 79 -35.04 -34.43 -25.11
CA LEU K 79 -34.43 -34.12 -26.39
C LEU K 79 -34.96 -35.09 -27.41
N GLY K 80 -35.10 -36.36 -27.00
CA GLY K 80 -35.62 -37.38 -27.88
C GLY K 80 -37.08 -37.12 -28.08
N THR K 81 -37.79 -37.02 -26.97
CA THR K 81 -39.23 -36.74 -26.92
C THR K 81 -39.62 -35.57 -27.80
N LEU K 82 -38.72 -34.59 -27.88
CA LEU K 82 -39.03 -33.35 -28.58
C LEU K 82 -38.75 -33.46 -30.07
N ARG K 83 -37.75 -34.25 -30.44
CA ARG K 83 -37.52 -34.61 -31.83
C ARG K 83 -38.81 -35.19 -32.34
N GLY K 84 -39.35 -36.12 -31.58
CA GLY K 84 -40.66 -36.63 -31.88
C GLY K 84 -41.75 -35.58 -32.10
N TYR K 85 -42.06 -34.81 -31.06
CA TYR K 85 -43.18 -33.88 -31.11
C TYR K 85 -43.16 -33.02 -32.37
N TYR K 86 -41.97 -32.61 -32.80
CA TYR K 86 -41.85 -31.67 -33.90
C TYR K 86 -41.56 -32.37 -35.24
N ASN K 87 -41.46 -33.71 -35.16
CA ASN K 87 -41.11 -34.54 -36.31
C ASN K 87 -39.83 -34.01 -36.92
N GLN K 88 -38.72 -34.31 -36.27
CA GLN K 88 -37.47 -33.66 -36.58
C GLN K 88 -36.37 -34.68 -36.82
N SER K 89 -35.50 -34.35 -37.77
CA SER K 89 -34.40 -35.21 -38.13
C SER K 89 -33.45 -35.40 -36.98
N GLU K 90 -32.82 -36.56 -36.98
CA GLU K 90 -31.90 -36.95 -35.94
C GLU K 90 -30.57 -36.27 -36.23
N ALA K 91 -30.55 -35.47 -37.30
CA ALA K 91 -29.31 -34.91 -37.79
C ALA K 91 -29.07 -33.50 -37.23
N GLY K 92 -30.16 -32.82 -36.86
CA GLY K 92 -30.04 -31.50 -36.28
C GLY K 92 -29.48 -31.52 -34.87
N SER K 93 -28.93 -30.38 -34.46
CA SER K 93 -28.59 -30.12 -33.07
C SER K 93 -29.75 -29.34 -32.52
N HIS K 94 -30.07 -29.54 -31.25
CA HIS K 94 -31.23 -28.85 -30.70
C HIS K 94 -30.94 -28.42 -29.27
N THR K 95 -31.60 -27.37 -28.81
CA THR K 95 -31.28 -26.83 -27.50
C THR K 95 -32.46 -26.86 -26.57
N VAL K 96 -32.26 -27.56 -25.47
CA VAL K 96 -33.21 -27.55 -24.38
C VAL K 96 -32.73 -26.62 -23.25
N GLN K 97 -33.58 -25.66 -22.85
CA GLN K 97 -33.27 -24.78 -21.72
C GLN K 97 -34.30 -24.81 -20.60
N ARG K 98 -33.82 -24.73 -19.37
CA ARG K 98 -34.65 -24.81 -18.18
C ARG K 98 -34.19 -23.86 -17.06
N MET K 99 -35.12 -23.05 -16.56
CA MET K 99 -34.82 -22.25 -15.40
C MET K 99 -35.92 -22.28 -14.35
N TYR K 100 -35.53 -22.52 -13.11
CA TYR K 100 -36.42 -22.34 -11.98
C TYR K 100 -35.70 -21.67 -10.80
N GLY K 101 -36.47 -21.30 -9.77
CA GLY K 101 -35.97 -20.74 -8.52
C GLY K 101 -37.04 -19.99 -7.74
N CYS K 102 -36.69 -19.50 -6.57
CA CYS K 102 -37.67 -18.82 -5.70
C CYS K 102 -37.16 -17.49 -5.14
N ASP K 103 -38.09 -16.55 -4.92
CA ASP K 103 -37.79 -15.19 -4.40
C ASP K 103 -38.31 -14.98 -2.98
N VAL K 104 -37.53 -14.25 -2.19
CA VAL K 104 -37.97 -13.88 -0.85
C VAL K 104 -37.93 -12.38 -0.71
N GLY K 105 -38.60 -11.87 0.31
CA GLY K 105 -38.61 -10.44 0.57
C GLY K 105 -37.61 -10.10 1.65
N SER K 106 -37.61 -8.86 2.08
CA SER K 106 -36.65 -8.41 3.08
C SER K 106 -36.92 -9.05 4.43
N ASP K 107 -38.19 -9.39 4.64
CA ASP K 107 -38.63 -10.15 5.82
C ASP K 107 -38.32 -11.61 5.66
N TRP K 108 -37.78 -11.97 4.48
CA TRP K 108 -37.45 -13.34 4.07
C TRP K 108 -38.64 -14.28 3.95
N ARG K 109 -39.82 -13.72 3.65
CA ARG K 109 -40.99 -14.53 3.40
C ARG K 109 -40.99 -15.09 1.97
N PHE K 110 -41.62 -16.24 1.76
CA PHE K 110 -41.77 -16.71 0.40
C PHE K 110 -42.50 -15.66 -0.40
N LEU K 111 -41.92 -15.17 -1.49
CA LEU K 111 -42.67 -14.28 -2.39
C LEU K 111 -43.24 -15.01 -3.61
N ARG K 112 -42.36 -15.37 -4.53
CA ARG K 112 -42.79 -15.88 -5.82
C ARG K 112 -42.11 -17.23 -6.00
N GLY K 113 -42.62 -18.04 -6.94
CA GLY K 113 -41.94 -19.24 -7.43
C GLY K 113 -41.96 -19.20 -8.96
N TYR K 114 -40.98 -19.82 -9.60
CA TYR K 114 -40.99 -19.87 -11.07
C TYR K 114 -40.32 -21.15 -11.57
N HIS K 115 -40.71 -21.56 -12.78
CA HIS K 115 -40.13 -22.77 -13.37
C HIS K 115 -40.54 -22.82 -14.83
N GLN K 116 -39.59 -22.59 -15.74
CA GLN K 116 -39.93 -22.41 -17.14
C GLN K 116 -39.08 -23.29 -18.07
N TYR K 117 -39.55 -23.55 -19.28
CA TYR K 117 -38.89 -24.50 -20.19
C TYR K 117 -38.97 -24.03 -21.65
N ALA K 118 -37.90 -24.28 -22.39
CA ALA K 118 -37.77 -23.75 -23.75
C ALA K 118 -36.96 -24.68 -24.63
N TYR K 119 -37.48 -24.94 -25.83
CA TYR K 119 -36.82 -25.78 -26.83
C TYR K 119 -36.30 -24.91 -27.95
N ASP K 120 -35.04 -25.10 -28.33
CA ASP K 120 -34.42 -24.32 -29.40
C ASP K 120 -34.68 -22.82 -29.22
N GLY K 121 -34.49 -22.38 -27.98
CA GLY K 121 -34.52 -20.98 -27.63
C GLY K 121 -35.84 -20.29 -27.79
N LYS K 122 -36.93 -21.04 -27.78
CA LYS K 122 -38.26 -20.45 -27.80
C LYS K 122 -39.07 -21.08 -26.68
N ASP K 123 -40.00 -20.28 -26.12
CA ASP K 123 -40.82 -20.69 -24.99
C ASP K 123 -41.53 -22.01 -25.32
N TYR K 124 -41.54 -22.94 -24.37
CA TYR K 124 -42.27 -24.19 -24.59
C TYR K 124 -43.42 -24.23 -23.60
N ILE K 125 -43.12 -24.72 -22.41
CA ILE K 125 -44.07 -24.63 -21.32
C ILE K 125 -43.41 -23.81 -20.17
N ALA K 126 -44.23 -23.25 -19.27
CA ALA K 126 -43.73 -22.55 -18.08
C ALA K 126 -44.79 -22.58 -16.96
N LEU K 127 -44.36 -22.41 -15.71
CA LEU K 127 -45.27 -22.44 -14.55
C LEU K 127 -45.82 -21.04 -14.23
N LYS K 128 -47.14 -20.91 -14.00
CA LYS K 128 -47.66 -19.58 -13.74
C LYS K 128 -47.52 -19.17 -12.28
N GLU K 129 -47.86 -17.90 -11.99
CA GLU K 129 -47.57 -17.27 -10.68
C GLU K 129 -48.22 -18.04 -9.55
N ASP K 130 -49.25 -18.83 -9.90
CA ASP K 130 -50.04 -19.52 -8.90
C ASP K 130 -49.45 -20.89 -8.56
N LEU K 131 -48.35 -21.23 -9.24
CA LEU K 131 -47.66 -22.51 -9.04
C LEU K 131 -48.68 -23.64 -9.07
N ARG K 132 -49.69 -23.51 -9.91
CA ARG K 132 -50.73 -24.53 -10.02
C ARG K 132 -51.21 -24.79 -11.45
N SER K 133 -51.21 -23.77 -12.30
CA SER K 133 -51.56 -23.94 -13.73
C SER K 133 -50.34 -23.78 -14.64
N TRP K 134 -50.49 -24.02 -15.95
CA TRP K 134 -49.35 -23.91 -16.87
C TRP K 134 -49.63 -23.02 -18.05
N THR K 135 -48.59 -22.46 -18.66
CA THR K 135 -48.72 -21.76 -19.94
C THR K 135 -47.91 -22.47 -21.00
N ALA K 136 -48.61 -23.06 -21.96
CA ALA K 136 -47.95 -23.75 -23.06
C ALA K 136 -47.88 -22.84 -24.28
N ALA K 137 -46.75 -22.83 -24.95
CA ALA K 137 -46.53 -21.84 -25.99
C ALA K 137 -47.01 -22.27 -27.38
N ASP K 138 -47.22 -23.57 -27.57
CA ASP K 138 -47.65 -24.07 -28.87
C ASP K 138 -48.34 -25.41 -28.76
N MET K 139 -48.79 -25.96 -29.89
CA MET K 139 -49.57 -27.20 -29.90
C MET K 139 -48.80 -28.38 -29.32
N ALA K 140 -47.53 -28.50 -29.70
CA ALA K 140 -46.70 -29.53 -29.11
C ALA K 140 -46.76 -29.40 -27.58
N ALA K 141 -46.54 -28.20 -27.06
CA ALA K 141 -46.46 -28.00 -25.61
C ALA K 141 -47.78 -28.13 -24.83
N GLN K 142 -48.91 -27.83 -25.49
CA GLN K 142 -50.26 -28.08 -24.95
C GLN K 142 -50.40 -29.54 -24.45
N THR K 143 -49.89 -30.44 -25.27
CA THR K 143 -49.73 -31.84 -24.94
C THR K 143 -49.16 -32.01 -23.53
N THR K 144 -47.95 -31.49 -23.39
CA THR K 144 -47.21 -31.56 -22.13
C THR K 144 -48.01 -30.88 -21.01
N LYS K 145 -48.74 -29.82 -21.34
CA LYS K 145 -49.62 -29.22 -20.36
C LYS K 145 -50.55 -30.28 -19.79
N HIS K 146 -51.45 -30.82 -20.64
CA HIS K 146 -52.45 -31.81 -20.21
C HIS K 146 -51.83 -32.89 -19.37
N LYS K 147 -50.79 -33.48 -19.94
CA LYS K 147 -50.19 -34.69 -19.38
C LYS K 147 -49.63 -34.37 -18.00
N TRP K 148 -49.12 -33.15 -17.86
CA TRP K 148 -48.58 -32.67 -16.60
C TRP K 148 -49.72 -32.33 -15.64
N GLU K 149 -50.78 -31.69 -16.14
CA GLU K 149 -51.94 -31.41 -15.29
C GLU K 149 -52.37 -32.70 -14.62
N ALA K 150 -52.52 -33.75 -15.43
CA ALA K 150 -52.98 -35.04 -14.95
C ALA K 150 -51.99 -35.71 -14.00
N ALA K 151 -50.69 -35.60 -14.31
CA ALA K 151 -49.66 -36.29 -13.53
C ALA K 151 -49.22 -35.53 -12.25
N HIS K 152 -49.82 -34.36 -12.00
CA HIS K 152 -49.52 -33.48 -10.83
C HIS K 152 -48.10 -32.88 -10.71
N VAL K 153 -47.61 -32.38 -11.82
CA VAL K 153 -46.25 -31.87 -11.86
C VAL K 153 -46.15 -30.59 -11.03
N ALA K 154 -47.03 -29.62 -11.28
CA ALA K 154 -47.05 -28.40 -10.48
C ALA K 154 -47.06 -28.77 -9.01
N GLU K 155 -48.06 -29.50 -8.60
CA GLU K 155 -48.20 -29.88 -7.20
C GLU K 155 -46.90 -30.38 -6.55
N GLN K 156 -45.98 -30.90 -7.36
CA GLN K 156 -44.72 -31.42 -6.80
C GLN K 156 -43.61 -30.35 -6.81
N LEU K 157 -43.44 -29.70 -7.95
CA LEU K 157 -42.52 -28.59 -8.13
C LEU K 157 -42.79 -27.51 -7.08
N ARG K 158 -44.07 -27.35 -6.83
CA ARG K 158 -44.55 -26.33 -5.94
C ARG K 158 -43.97 -26.58 -4.55
N ALA K 159 -44.04 -27.83 -4.11
CA ALA K 159 -43.46 -28.17 -2.81
C ALA K 159 -42.01 -27.72 -2.71
N TYR K 160 -41.28 -27.84 -3.82
CA TYR K 160 -39.89 -27.43 -3.86
C TYR K 160 -39.79 -25.94 -3.69
N LEU K 161 -40.47 -25.24 -4.59
CA LEU K 161 -40.41 -23.78 -4.72
C LEU K 161 -40.90 -23.07 -3.45
N GLU K 162 -42.00 -23.54 -2.88
CA GLU K 162 -42.54 -22.90 -1.69
C GLU K 162 -41.73 -23.23 -0.43
N GLY K 163 -41.02 -24.35 -0.42
CA GLY K 163 -40.41 -24.81 0.82
C GLY K 163 -38.90 -24.99 0.77
N THR K 164 -38.45 -26.06 0.11
CA THR K 164 -37.04 -26.39 0.14
C THR K 164 -36.20 -25.35 -0.58
N CYS K 165 -36.70 -24.88 -1.73
CA CYS K 165 -36.05 -23.76 -2.45
C CYS K 165 -35.81 -22.64 -1.47
N VAL K 166 -36.86 -22.17 -0.80
CA VAL K 166 -36.74 -20.98 0.07
C VAL K 166 -35.98 -21.26 1.37
N GLU K 167 -36.25 -22.42 2.02
CA GLU K 167 -35.54 -22.78 3.26
C GLU K 167 -34.06 -22.61 3.07
N TRP K 168 -33.62 -23.10 1.92
CA TRP K 168 -32.22 -23.06 1.54
C TRP K 168 -31.75 -21.65 1.16
N LEU K 169 -32.57 -20.89 0.41
CA LEU K 169 -32.17 -19.54 0.01
C LEU K 169 -31.75 -18.80 1.23
N ARG K 170 -32.50 -19.04 2.31
CA ARG K 170 -32.26 -18.41 3.61
C ARG K 170 -30.98 -18.93 4.25
N ARG K 171 -30.80 -20.25 4.26
CA ARG K 171 -29.52 -20.84 4.66
C ARG K 171 -28.33 -20.17 3.97
N TYR K 172 -28.44 -19.95 2.67
CA TYR K 172 -27.34 -19.38 1.89
C TYR K 172 -27.15 -17.93 2.31
N LEU K 173 -28.25 -17.20 2.46
CA LEU K 173 -28.20 -15.77 2.73
C LEU K 173 -27.45 -15.48 4.03
N GLU K 174 -27.64 -16.32 5.05
CA GLU K 174 -26.94 -16.08 6.30
C GLU K 174 -25.62 -16.84 6.37
N ASN K 175 -25.50 -17.97 5.67
CA ASN K 175 -24.20 -18.65 5.61
C ASN K 175 -23.19 -17.90 4.76
N GLY K 176 -23.70 -17.07 3.86
CA GLY K 176 -22.92 -16.13 3.06
C GLY K 176 -23.35 -14.72 3.37
N LYS K 177 -23.63 -14.49 4.65
CA LYS K 177 -24.07 -13.20 5.22
C LYS K 177 -23.36 -11.95 4.66
N GLU K 178 -22.04 -12.07 4.47
CA GLU K 178 -21.19 -10.91 4.16
C GLU K 178 -21.09 -10.67 2.67
N THR K 179 -21.03 -11.75 1.92
CA THR K 179 -20.93 -11.71 0.47
C THR K 179 -22.24 -11.31 -0.18
N LEU K 180 -23.32 -11.86 0.33
CA LEU K 180 -24.59 -11.86 -0.40
C LEU K 180 -25.41 -10.63 -0.09
N GLN K 181 -25.40 -10.25 1.18
CA GLN K 181 -25.98 -8.99 1.63
C GLN K 181 -24.86 -7.98 1.83
N ARG K 182 -24.03 -7.80 0.82
CA ARG K 182 -23.08 -6.71 0.83
C ARG K 182 -23.67 -5.71 -0.15
N THR K 183 -23.10 -4.53 -0.22
CA THR K 183 -23.62 -3.57 -1.16
C THR K 183 -22.43 -2.67 -1.59
N ASP K 184 -21.72 -3.18 -2.60
CA ASP K 184 -20.54 -2.50 -3.15
C ASP K 184 -20.98 -1.34 -4.04
N ALA K 185 -20.62 -0.11 -3.63
CA ALA K 185 -21.13 1.07 -4.31
C ALA K 185 -20.29 1.42 -5.53
N PRO K 186 -20.91 2.01 -6.57
CA PRO K 186 -20.26 2.32 -7.85
C PRO K 186 -19.17 3.43 -7.81
N LYS K 187 -17.99 3.02 -8.22
CA LYS K 187 -16.92 3.96 -8.43
C LYS K 187 -17.06 4.67 -9.77
N THR K 188 -17.51 5.92 -9.70
CA THR K 188 -17.84 6.71 -10.87
C THR K 188 -16.70 7.63 -11.30
N HIS K 189 -16.68 7.96 -12.60
CA HIS K 189 -15.87 9.04 -13.14
C HIS K 189 -16.46 9.40 -14.49
N MET K 190 -15.79 10.26 -15.26
CA MET K 190 -16.32 10.69 -16.55
C MET K 190 -15.21 10.88 -17.57
N THR K 191 -15.54 10.85 -18.86
CA THR K 191 -14.54 11.03 -19.91
C THR K 191 -15.08 11.98 -20.97
N HIS K 192 -14.16 12.61 -21.71
CA HIS K 192 -14.55 13.55 -22.76
C HIS K 192 -13.70 13.24 -23.98
N HIS K 193 -14.39 13.13 -25.12
CA HIS K 193 -13.79 12.76 -26.41
C HIS K 193 -14.35 13.63 -27.51
N ALA K 194 -13.52 13.99 -28.49
CA ALA K 194 -13.85 15.10 -29.38
C ALA K 194 -15.09 14.87 -30.28
N VAL K 195 -15.09 13.83 -31.13
CA VAL K 195 -16.06 13.67 -32.25
C VAL K 195 -16.36 14.98 -33.01
N SER K 196 -16.21 14.97 -34.32
CA SER K 196 -16.61 16.12 -35.15
C SER K 196 -15.79 17.31 -34.64
N ASP K 197 -16.30 18.52 -34.76
CA ASP K 197 -15.66 19.63 -34.04
C ASP K 197 -16.70 20.53 -33.42
N HIS K 198 -17.86 20.66 -34.07
CA HIS K 198 -18.93 21.39 -33.41
C HIS K 198 -19.60 20.53 -32.34
N GLU K 199 -19.05 19.35 -32.05
CA GLU K 199 -19.70 18.46 -31.10
C GLU K 199 -18.69 17.88 -30.09
N ALA K 200 -19.18 17.09 -29.14
CA ALA K 200 -18.33 16.46 -28.13
C ALA K 200 -19.10 15.36 -27.43
N THR K 201 -18.53 14.16 -27.33
CA THR K 201 -19.24 13.10 -26.65
C THR K 201 -18.81 13.05 -25.17
N LEU K 202 -19.75 12.76 -24.30
CA LEU K 202 -19.46 12.75 -22.87
C LEU K 202 -19.96 11.44 -22.26
N ARG K 203 -19.10 10.74 -21.53
CA ARG K 203 -19.37 9.36 -21.10
C ARG K 203 -19.28 9.20 -19.58
N CYS K 204 -20.39 8.86 -18.95
CA CYS K 204 -20.42 8.74 -17.50
C CYS K 204 -20.23 7.29 -17.08
N TRP K 205 -19.16 7.02 -16.36
CA TRP K 205 -18.77 5.65 -16.05
C TRP K 205 -19.15 5.21 -14.65
N ALA K 206 -19.62 3.98 -14.52
CA ALA K 206 -19.80 3.35 -13.20
C ALA K 206 -19.09 1.98 -13.17
N LEU K 207 -18.35 1.69 -12.10
CA LEU K 207 -17.59 0.44 -12.00
C LEU K 207 -17.66 -0.25 -10.62
N SER K 208 -17.18 -1.49 -10.60
CA SER K 208 -17.15 -2.38 -9.43
C SER K 208 -18.30 -2.38 -8.44
N PHE K 209 -19.55 -2.44 -8.95
CA PHE K 209 -20.73 -2.35 -8.10
C PHE K 209 -21.53 -3.64 -8.09
N TYR K 210 -22.09 -3.96 -6.93
CA TYR K 210 -22.94 -5.13 -6.75
C TYR K 210 -24.13 -4.74 -5.88
N PRO K 211 -25.34 -5.19 -6.25
CA PRO K 211 -25.77 -6.02 -7.39
C PRO K 211 -25.75 -5.26 -8.70
N ALA K 212 -26.23 -5.87 -9.76
CA ALA K 212 -25.99 -5.32 -11.08
C ALA K 212 -26.98 -4.24 -11.41
N GLU K 213 -27.84 -3.94 -10.45
CA GLU K 213 -28.94 -3.01 -10.68
C GLU K 213 -28.49 -1.56 -10.48
N ILE K 214 -28.61 -0.77 -11.54
CA ILE K 214 -28.16 0.60 -11.51
C ILE K 214 -28.85 1.40 -12.61
N THR K 215 -29.12 2.67 -12.34
CA THR K 215 -29.73 3.56 -13.32
C THR K 215 -28.75 4.69 -13.63
N LEU K 216 -28.33 4.79 -14.90
CA LEU K 216 -27.49 5.89 -15.32
C LEU K 216 -28.28 6.81 -16.23
N THR K 217 -28.57 7.99 -15.72
CA THR K 217 -29.36 8.98 -16.44
C THR K 217 -28.58 10.23 -16.80
N TRP K 218 -28.87 10.80 -17.97
CA TRP K 218 -28.29 12.08 -18.37
C TRP K 218 -29.38 13.16 -18.43
N GLN K 219 -29.09 14.26 -17.75
CA GLN K 219 -29.95 15.42 -17.51
C GLN K 219 -29.05 16.64 -17.60
N ARG K 220 -29.49 17.83 -18.00
CA ARG K 220 -28.52 18.91 -17.73
C ARG K 220 -29.18 20.27 -17.38
N ASP K 221 -30.28 20.65 -18.01
CA ASP K 221 -30.92 21.86 -17.52
C ASP K 221 -31.38 21.42 -16.14
N GLY K 222 -32.66 21.08 -16.08
CA GLY K 222 -33.22 20.28 -15.02
C GLY K 222 -33.67 19.01 -15.71
N GLU K 223 -33.95 19.16 -17.01
CA GLU K 223 -34.58 18.12 -17.85
C GLU K 223 -33.72 16.91 -17.96
N ASP K 224 -34.34 15.76 -18.24
CA ASP K 224 -33.58 14.55 -18.54
C ASP K 224 -33.00 14.65 -19.97
N GLN K 225 -33.42 13.72 -20.83
CA GLN K 225 -32.90 13.44 -22.20
C GLN K 225 -32.93 12.00 -22.67
N THR K 226 -33.37 11.78 -23.90
CA THR K 226 -33.09 10.51 -24.59
C THR K 226 -32.50 11.11 -25.83
N GLN K 227 -31.51 11.92 -25.51
CA GLN K 227 -30.64 12.62 -26.39
C GLN K 227 -30.11 11.84 -27.66
N ASP K 228 -29.49 10.68 -27.46
CA ASP K 228 -28.39 10.06 -28.16
C ASP K 228 -27.98 9.13 -27.06
N THR K 229 -28.81 9.01 -26.03
CA THR K 229 -28.33 8.39 -24.80
C THR K 229 -28.05 6.95 -25.11
N GLU K 230 -26.84 6.77 -25.60
CA GLU K 230 -26.34 5.47 -25.92
C GLU K 230 -26.03 4.92 -24.54
N LEU K 231 -26.44 3.69 -24.31
CA LEU K 231 -26.41 3.06 -23.00
C LEU K 231 -25.99 1.62 -23.26
N VAL K 232 -25.12 1.06 -22.43
CA VAL K 232 -24.62 -0.29 -22.74
C VAL K 232 -25.12 -1.33 -21.74
N GLU K 233 -25.34 -2.54 -22.23
CA GLU K 233 -25.68 -3.68 -21.39
C GLU K 233 -24.70 -3.81 -20.21
N THR K 234 -25.25 -3.60 -19.00
CA THR K 234 -24.53 -3.86 -17.75
C THR K 234 -23.81 -5.18 -17.88
N ARG K 235 -22.52 -5.15 -17.61
CA ARG K 235 -21.61 -6.25 -17.94
C ARG K 235 -20.74 -6.54 -16.73
N PRO K 236 -20.28 -7.78 -16.57
CA PRO K 236 -19.53 -8.10 -15.35
C PRO K 236 -18.06 -7.77 -15.52
N ALA K 237 -17.36 -7.57 -14.41
CA ALA K 237 -15.95 -7.26 -14.49
C ALA K 237 -15.21 -8.58 -14.51
N GLY K 238 -15.89 -9.62 -14.01
CA GLY K 238 -15.32 -10.94 -13.88
C GLY K 238 -14.71 -11.11 -12.51
N ASP K 239 -14.75 -10.04 -11.69
CA ASP K 239 -14.27 -10.12 -10.31
C ASP K 239 -15.45 -10.23 -9.35
N GLY K 240 -16.66 -10.20 -9.88
CA GLY K 240 -17.84 -10.37 -9.04
C GLY K 240 -18.78 -9.18 -9.06
N THR K 241 -18.32 -8.11 -9.67
CA THR K 241 -19.08 -6.88 -9.76
C THR K 241 -19.45 -6.61 -11.21
N PHE K 242 -20.07 -5.46 -11.46
CA PHE K 242 -20.55 -5.13 -12.81
C PHE K 242 -20.13 -3.71 -13.21
N GLN K 243 -20.40 -3.34 -14.45
CA GLN K 243 -20.01 -2.03 -14.97
C GLN K 243 -21.14 -1.47 -15.82
N LYS K 244 -21.22 -0.16 -15.92
CA LYS K 244 -22.12 0.38 -16.92
C LYS K 244 -21.66 1.75 -17.35
N TRP K 245 -22.15 2.20 -18.50
CA TRP K 245 -22.04 3.60 -18.84
C TRP K 245 -23.10 4.03 -19.84
N ALA K 246 -23.39 5.33 -19.80
CA ALA K 246 -24.25 6.00 -20.76
C ALA K 246 -23.47 7.24 -21.26
N ALA K 247 -23.74 7.69 -22.48
CA ALA K 247 -22.92 8.76 -23.04
C ALA K 247 -23.72 9.88 -23.73
N VAL K 248 -23.20 11.12 -23.66
CA VAL K 248 -23.83 12.27 -24.29
C VAL K 248 -22.95 12.94 -25.36
N VAL K 249 -23.41 13.08 -26.62
CA VAL K 249 -22.67 14.00 -27.53
C VAL K 249 -23.40 15.34 -27.51
N VAL K 250 -22.63 16.41 -27.30
CA VAL K 250 -23.13 17.69 -26.77
C VAL K 250 -22.57 18.85 -27.63
N PRO K 251 -23.26 20.02 -27.68
CA PRO K 251 -22.65 21.07 -28.52
C PRO K 251 -21.26 21.54 -28.02
N SER K 252 -20.46 22.08 -28.93
CA SER K 252 -19.01 22.06 -28.77
C SER K 252 -18.44 22.71 -27.51
N GLY K 253 -19.08 23.74 -27.00
CA GLY K 253 -18.59 24.44 -25.82
C GLY K 253 -19.67 24.50 -24.77
N GLN K 254 -20.51 23.48 -24.80
CA GLN K 254 -21.62 23.38 -23.87
C GLN K 254 -21.44 22.21 -22.91
N GLU K 255 -20.21 21.85 -22.61
CA GLU K 255 -19.94 20.83 -21.60
C GLU K 255 -20.56 21.10 -20.22
N GLN K 256 -20.82 22.38 -19.93
CA GLN K 256 -21.20 22.87 -18.60
C GLN K 256 -22.43 22.21 -17.86
N ARG K 257 -23.68 22.32 -18.33
CA ARG K 257 -24.83 21.79 -17.52
C ARG K 257 -24.74 20.25 -17.29
N TYR K 258 -24.21 19.51 -18.26
CA TYR K 258 -24.32 18.05 -18.26
C TYR K 258 -23.92 17.28 -16.99
N THR K 259 -24.93 16.82 -16.24
CA THR K 259 -24.67 15.97 -15.08
C THR K 259 -25.12 14.53 -15.36
N CYS K 260 -24.55 13.59 -14.62
CA CYS K 260 -24.88 12.18 -14.80
C CYS K 260 -25.41 11.71 -13.50
N HIS K 261 -26.60 11.12 -13.50
CA HIS K 261 -27.18 10.70 -12.25
C HIS K 261 -27.12 9.21 -12.16
N VAL K 262 -26.69 8.79 -10.98
CA VAL K 262 -26.24 7.44 -10.79
C VAL K 262 -26.96 6.87 -9.57
N GLN K 263 -28.12 6.24 -9.77
CA GLN K 263 -28.76 5.57 -8.64
C GLN K 263 -28.39 4.10 -8.61
N HIS K 264 -28.22 3.61 -7.39
CA HIS K 264 -27.77 2.26 -7.08
C HIS K 264 -28.00 2.14 -5.58
N GLU K 265 -28.34 0.96 -5.06
CA GLU K 265 -28.30 0.76 -3.60
C GLU K 265 -26.84 0.88 -3.21
N GLY K 266 -26.51 0.78 -1.93
CA GLY K 266 -25.10 0.90 -1.55
C GLY K 266 -24.53 2.30 -1.71
N LEU K 267 -25.21 3.11 -2.53
CA LEU K 267 -25.15 4.58 -2.47
C LEU K 267 -26.22 5.09 -1.52
N PRO K 268 -25.81 5.87 -0.51
CA PRO K 268 -26.79 6.47 0.42
C PRO K 268 -27.82 7.32 -0.32
N LYS K 269 -27.35 8.37 -0.96
CA LYS K 269 -28.18 9.14 -1.87
C LYS K 269 -27.59 9.13 -3.29
N PRO K 270 -28.45 9.33 -4.29
CA PRO K 270 -28.07 9.30 -5.71
C PRO K 270 -26.93 10.24 -6.02
N LEU K 271 -26.13 9.86 -6.98
CA LEU K 271 -24.90 10.58 -7.24
C LEU K 271 -25.07 11.50 -8.43
N THR K 272 -24.60 12.74 -8.28
CA THR K 272 -24.55 13.68 -9.40
C THR K 272 -23.10 13.89 -9.81
N LEU K 273 -22.83 14.05 -11.11
CA LEU K 273 -21.46 13.93 -11.61
C LEU K 273 -21.23 14.99 -12.69
N ARG K 274 -20.24 15.85 -12.44
CA ARG K 274 -19.95 17.02 -13.26
C ARG K 274 -18.81 16.92 -14.27
N TRP K 275 -18.96 17.57 -15.42
CA TRP K 275 -17.81 17.91 -16.28
C TRP K 275 -17.45 19.36 -16.00
N GLU K 276 -16.34 19.53 -15.28
CA GLU K 276 -15.78 20.82 -14.85
C GLU K 276 -16.02 22.00 -15.77
N MET L 1 -35.17 -24.02 -33.93
CA MET L 1 -33.99 -23.68 -34.70
C MET L 1 -33.95 -22.19 -34.99
N ILE L 2 -34.21 -21.36 -33.97
CA ILE L 2 -34.23 -19.91 -34.15
C ILE L 2 -32.81 -19.39 -33.91
N GLN L 3 -32.48 -18.24 -34.48
CA GLN L 3 -31.10 -17.79 -34.51
C GLN L 3 -30.91 -16.31 -34.22
N ARG L 4 -30.40 -15.98 -33.05
CA ARG L 4 -30.03 -14.59 -32.77
C ARG L 4 -28.52 -14.42 -32.60
N THR L 5 -28.04 -13.27 -33.07
CA THR L 5 -26.61 -13.01 -33.22
C THR L 5 -25.98 -12.27 -32.03
N PRO L 6 -24.74 -12.65 -31.70
CA PRO L 6 -24.14 -12.25 -30.42
C PRO L 6 -23.73 -10.79 -30.45
N LYS L 7 -24.04 -10.04 -29.40
CA LYS L 7 -23.52 -8.70 -29.29
C LYS L 7 -22.23 -8.81 -28.50
N ILE L 8 -21.26 -7.98 -28.86
CA ILE L 8 -19.92 -8.08 -28.32
C ILE L 8 -19.56 -6.81 -27.55
N GLN L 9 -18.91 -6.98 -26.41
CA GLN L 9 -18.35 -5.86 -25.64
C GLN L 9 -16.93 -6.22 -25.17
N VAL L 10 -15.95 -5.38 -25.54
CA VAL L 10 -14.57 -5.58 -25.11
C VAL L 10 -14.11 -4.49 -24.16
N TYR L 11 -13.51 -4.90 -23.06
CA TYR L 11 -13.17 -3.99 -21.98
C TYR L 11 -12.32 -4.67 -20.93
N SER L 12 -11.68 -3.88 -20.07
CA SER L 12 -10.77 -4.45 -19.08
C SER L 12 -11.41 -4.38 -17.72
N ARG L 13 -11.00 -5.28 -16.83
CA ARG L 13 -11.62 -5.39 -15.53
C ARG L 13 -11.56 -4.03 -14.78
N HIS L 14 -10.36 -3.56 -14.48
CA HIS L 14 -10.17 -2.23 -13.92
C HIS L 14 -9.77 -1.28 -15.03
N PRO L 15 -9.66 0.03 -14.75
CA PRO L 15 -9.21 0.93 -15.83
C PRO L 15 -7.76 0.63 -16.24
N ALA L 16 -7.43 0.91 -17.49
CA ALA L 16 -6.18 0.42 -18.06
C ALA L 16 -4.96 1.34 -17.95
N GLU L 17 -4.16 1.22 -16.91
CA GLU L 17 -2.87 1.93 -16.94
C GLU L 17 -1.73 0.95 -17.28
N ASN L 18 -0.79 1.44 -18.09
CA ASN L 18 0.26 0.63 -18.66
C ASN L 18 1.20 0.08 -17.62
N GLY L 19 1.74 -1.10 -17.87
CA GLY L 19 2.74 -1.67 -16.99
C GLY L 19 2.23 -2.28 -15.70
N LYS L 20 0.95 -2.13 -15.39
CA LYS L 20 0.45 -2.90 -14.26
C LYS L 20 -0.73 -3.80 -14.67
N SER L 21 -0.85 -4.92 -13.98
CA SER L 21 -1.58 -6.08 -14.49
C SER L 21 -3.10 -5.93 -14.34
N ASN L 22 -3.80 -6.40 -15.36
CA ASN L 22 -5.24 -6.26 -15.47
C ASN L 22 -5.86 -7.55 -15.98
N PHE L 23 -7.10 -7.45 -16.44
CA PHE L 23 -7.84 -8.57 -17.01
C PHE L 23 -8.58 -8.08 -18.23
N LEU L 24 -8.54 -8.85 -19.30
CA LEU L 24 -9.16 -8.41 -20.54
C LEU L 24 -10.46 -9.15 -20.78
N ASN L 25 -11.58 -8.43 -20.68
CA ASN L 25 -12.89 -9.07 -20.78
C ASN L 25 -13.50 -9.01 -22.19
N CYS L 26 -14.09 -10.13 -22.60
CA CYS L 26 -14.90 -10.15 -23.80
C CYS L 26 -16.24 -10.81 -23.55
N TYR L 27 -17.27 -9.97 -23.48
CA TYR L 27 -18.59 -10.37 -23.07
C TYR L 27 -19.45 -10.46 -24.32
N VAL L 28 -19.76 -11.69 -24.71
CA VAL L 28 -20.76 -11.94 -25.75
C VAL L 28 -22.09 -12.26 -25.10
N SER L 29 -23.17 -11.77 -25.69
CA SER L 29 -24.51 -11.90 -25.09
C SER L 29 -25.64 -11.85 -26.13
N GLY L 30 -26.79 -12.42 -25.78
CA GLY L 30 -27.96 -12.24 -26.61
C GLY L 30 -27.99 -13.08 -27.87
N PHE L 31 -27.26 -14.18 -27.86
CA PHE L 31 -27.11 -15.02 -29.06
C PHE L 31 -27.76 -16.38 -28.93
N HIS L 32 -28.06 -17.03 -30.05
CA HIS L 32 -28.63 -18.38 -30.02
C HIS L 32 -28.44 -19.12 -31.34
N PRO L 33 -27.95 -20.38 -31.31
CA PRO L 33 -27.72 -21.17 -30.09
C PRO L 33 -26.39 -20.89 -29.37
N SER L 34 -26.13 -21.76 -28.39
CA SER L 34 -25.03 -21.66 -27.44
C SER L 34 -23.63 -21.91 -28.00
N ASP L 35 -23.54 -22.68 -29.08
CA ASP L 35 -22.27 -22.91 -29.73
C ASP L 35 -21.72 -21.58 -30.20
N ILE L 36 -20.54 -21.22 -29.70
CA ILE L 36 -19.90 -19.99 -30.12
C ILE L 36 -18.39 -20.14 -30.10
N GLU L 37 -17.73 -19.38 -30.96
CA GLU L 37 -16.29 -19.39 -31.10
C GLU L 37 -15.74 -18.03 -30.73
N VAL L 38 -14.94 -17.95 -29.67
CA VAL L 38 -14.44 -16.66 -29.18
C VAL L 38 -12.97 -16.69 -28.82
N ASP L 39 -12.21 -15.83 -29.48
CA ASP L 39 -10.78 -15.69 -29.20
C ASP L 39 -10.49 -14.29 -28.88
N LEU L 40 -9.42 -14.10 -28.11
CA LEU L 40 -8.89 -12.78 -27.80
C LEU L 40 -7.56 -12.61 -28.55
N LEU L 41 -7.29 -11.41 -29.00
CA LEU L 41 -6.16 -11.17 -29.87
C LEU L 41 -5.11 -10.23 -29.28
N LYS L 42 -3.83 -10.58 -29.38
CA LYS L 42 -2.72 -9.67 -29.04
C LYS L 42 -1.92 -9.26 -30.26
N ASN L 43 -2.07 -7.99 -30.65
CA ASN L 43 -1.41 -7.47 -31.84
C ASN L 43 -1.72 -8.40 -33.02
N GLY L 44 -2.99 -8.81 -33.08
CA GLY L 44 -3.54 -9.66 -34.13
C GLY L 44 -3.58 -11.17 -33.94
N GLU L 45 -2.85 -11.74 -32.99
CA GLU L 45 -2.91 -13.19 -32.83
C GLU L 45 -3.46 -13.72 -31.52
N ARG L 46 -3.95 -14.95 -31.62
CA ARG L 46 -4.73 -15.62 -30.61
C ARG L 46 -3.96 -15.76 -29.31
N ILE L 47 -4.64 -15.43 -28.22
CA ILE L 47 -4.07 -15.64 -26.89
C ILE L 47 -4.62 -16.98 -26.40
N GLU L 48 -3.81 -17.72 -25.64
CA GLU L 48 -4.05 -19.12 -25.32
C GLU L 48 -4.63 -19.32 -23.92
N LYS L 49 -4.13 -18.59 -22.95
CA LYS L 49 -4.70 -18.64 -21.60
C LYS L 49 -6.01 -17.86 -21.65
N VAL L 50 -7.03 -18.42 -22.30
CA VAL L 50 -8.33 -17.74 -22.36
C VAL L 50 -9.37 -18.57 -21.65
N GLU L 51 -9.82 -18.06 -20.51
CA GLU L 51 -10.88 -18.69 -19.77
C GLU L 51 -12.20 -18.06 -20.15
N HIS L 52 -13.28 -18.72 -19.80
CA HIS L 52 -14.59 -18.13 -19.93
C HIS L 52 -15.45 -18.55 -18.75
N SER L 53 -16.53 -17.79 -18.53
CA SER L 53 -17.55 -18.12 -17.54
C SER L 53 -18.35 -19.41 -17.85
N ASP L 54 -19.25 -19.76 -16.95
CA ASP L 54 -20.17 -20.85 -17.17
C ASP L 54 -21.36 -20.34 -17.97
N LEU L 55 -21.85 -21.19 -18.87
CA LEU L 55 -22.92 -20.80 -19.77
C LEU L 55 -24.21 -20.51 -19.07
N SER L 56 -24.77 -19.33 -19.34
CA SER L 56 -26.10 -18.99 -18.85
C SER L 56 -26.85 -18.08 -19.81
N PHE L 57 -28.06 -17.74 -19.42
CA PHE L 57 -28.98 -17.07 -20.33
C PHE L 57 -29.99 -16.13 -19.63
N SER L 58 -30.61 -15.27 -20.44
CA SER L 58 -31.54 -14.25 -19.95
C SER L 58 -32.97 -14.79 -20.01
N LYS L 59 -33.96 -13.95 -19.73
CA LYS L 59 -35.32 -14.47 -19.73
C LYS L 59 -35.81 -14.67 -21.15
N ASP L 60 -35.18 -14.00 -22.12
CA ASP L 60 -35.54 -14.19 -23.53
C ASP L 60 -34.82 -15.40 -24.11
N TRP L 61 -34.21 -16.18 -23.21
CA TRP L 61 -33.52 -17.44 -23.48
C TRP L 61 -32.21 -17.36 -24.26
N SER L 62 -31.78 -16.17 -24.65
CA SER L 62 -30.51 -15.99 -25.36
C SER L 62 -29.34 -16.14 -24.40
N PHE L 63 -28.19 -16.57 -24.90
CA PHE L 63 -27.07 -16.88 -24.02
C PHE L 63 -26.10 -15.72 -23.76
N TYR L 64 -25.33 -15.85 -22.70
CA TYR L 64 -24.22 -14.94 -22.44
C TYR L 64 -23.05 -15.72 -21.86
N LEU L 65 -21.86 -15.30 -22.25
CA LEU L 65 -20.61 -15.95 -21.89
C LEU L 65 -19.65 -14.81 -21.69
N LEU L 66 -18.71 -14.99 -20.75
CA LEU L 66 -17.63 -14.03 -20.55
C LEU L 66 -16.29 -14.68 -20.85
N TYR L 67 -15.68 -14.29 -21.96
CA TYR L 67 -14.32 -14.71 -22.23
C TYR L 67 -13.32 -13.72 -21.68
N TYR L 68 -12.25 -14.24 -21.09
CA TYR L 68 -11.30 -13.37 -20.40
C TYR L 68 -9.89 -13.98 -20.27
N THR L 69 -8.88 -13.12 -20.35
CA THR L 69 -7.50 -13.53 -20.17
C THR L 69 -6.80 -12.42 -19.38
N GLU L 70 -5.73 -12.75 -18.69
CA GLU L 70 -4.98 -11.75 -17.94
C GLU L 70 -3.82 -11.18 -18.74
N PHE L 71 -3.72 -9.85 -18.75
CA PHE L 71 -2.74 -9.17 -19.59
C PHE L 71 -2.23 -7.88 -18.92
N THR L 72 -0.99 -7.48 -19.23
CA THR L 72 -0.46 -6.15 -18.85
C THR L 72 -0.38 -5.26 -20.09
N PRO L 73 -1.20 -4.21 -20.11
CA PRO L 73 -1.31 -3.39 -21.33
C PRO L 73 -0.15 -2.39 -21.49
N THR L 74 0.08 -1.97 -22.72
CA THR L 74 1.12 -1.00 -23.07
C THR L 74 0.63 -0.01 -24.14
N GLU L 75 1.48 0.89 -24.58
CA GLU L 75 1.07 1.81 -25.63
C GLU L 75 1.08 1.11 -26.97
N LYS L 76 2.13 0.32 -27.18
CA LYS L 76 2.41 -0.37 -28.45
C LYS L 76 1.27 -1.32 -28.81
N ASP L 77 0.92 -2.13 -27.81
CA ASP L 77 0.04 -3.27 -27.96
C ASP L 77 -1.40 -2.86 -28.25
N GLU L 78 -2.00 -3.51 -29.25
CA GLU L 78 -3.43 -3.44 -29.48
C GLU L 78 -4.05 -4.82 -29.27
N TYR L 79 -5.08 -4.85 -28.45
CA TYR L 79 -5.78 -6.08 -28.10
C TYR L 79 -7.17 -6.05 -28.72
N ALA L 80 -7.74 -7.22 -28.95
CA ALA L 80 -9.04 -7.31 -29.61
C ALA L 80 -9.69 -8.67 -29.33
N CYS L 81 -10.99 -8.72 -29.61
CA CYS L 81 -11.85 -9.90 -29.39
C CYS L 81 -12.45 -10.40 -30.70
N ARG L 82 -12.21 -11.67 -31.01
CA ARG L 82 -12.72 -12.20 -32.25
C ARG L 82 -13.83 -13.20 -31.93
N VAL L 83 -14.96 -13.06 -32.63
CA VAL L 83 -16.16 -13.81 -32.35
C VAL L 83 -16.74 -14.39 -33.64
N ASN L 84 -16.82 -15.73 -33.70
CA ASN L 84 -17.46 -16.41 -34.81
C ASN L 84 -18.75 -17.07 -34.28
N HIS L 85 -19.81 -17.04 -35.09
CA HIS L 85 -21.11 -17.69 -34.81
C HIS L 85 -21.77 -18.28 -36.07
N VAL L 86 -22.87 -19.01 -35.89
CA VAL L 86 -23.67 -19.49 -37.02
C VAL L 86 -24.36 -18.32 -37.73
N THR L 87 -24.62 -17.25 -37.00
CA THR L 87 -25.28 -16.08 -37.58
C THR L 87 -24.35 -15.26 -38.48
N LEU L 88 -23.10 -15.69 -38.56
CA LEU L 88 -22.04 -14.86 -39.11
C LEU L 88 -21.30 -15.45 -40.32
N SER L 89 -21.21 -14.67 -41.39
CA SER L 89 -20.41 -15.06 -42.56
C SER L 89 -18.95 -15.33 -42.25
N GLN L 90 -18.25 -14.25 -41.93
CA GLN L 90 -16.87 -14.29 -41.54
C GLN L 90 -16.85 -13.82 -40.10
N PRO L 91 -15.78 -14.15 -39.34
CA PRO L 91 -15.66 -13.69 -37.96
C PRO L 91 -15.93 -12.21 -37.77
N LYS L 92 -16.45 -11.86 -36.61
CA LYS L 92 -16.62 -10.46 -36.28
C LYS L 92 -15.48 -10.08 -35.32
N ILE L 93 -14.76 -9.00 -35.62
CA ILE L 93 -13.65 -8.57 -34.76
C ILE L 93 -13.90 -7.22 -34.13
N VAL L 94 -13.69 -7.14 -32.82
CA VAL L 94 -13.88 -5.88 -32.13
C VAL L 94 -12.58 -5.45 -31.43
N LYS L 95 -12.07 -4.24 -31.71
CA LYS L 95 -10.83 -3.84 -31.07
C LYS L 95 -11.10 -3.19 -29.71
N TRP L 96 -10.28 -3.52 -28.72
CA TRP L 96 -10.38 -2.94 -27.40
C TRP L 96 -10.20 -1.42 -27.47
N ASP L 97 -10.81 -0.70 -26.54
CA ASP L 97 -10.72 0.76 -26.45
C ASP L 97 -10.88 1.05 -24.97
N ARG L 98 -9.86 1.69 -24.42
CA ARG L 98 -9.78 1.91 -22.97
C ARG L 98 -10.86 2.86 -22.45
N ASP L 99 -11.57 3.52 -23.38
CA ASP L 99 -12.53 4.56 -23.04
C ASP L 99 -13.95 4.13 -23.40
N MET L 100 -14.07 2.89 -23.86
CA MET L 100 -15.35 2.18 -23.93
C MET L 100 -15.22 0.87 -23.17
N PHE M 1 -30.29 -25.46 -2.68
CA PHE M 1 -30.70 -26.74 -3.24
C PHE M 1 -31.23 -26.64 -4.64
N SER M 2 -31.29 -27.78 -5.31
CA SER M 2 -31.77 -27.86 -6.69
C SER M 2 -32.70 -29.03 -6.70
N GLY M 3 -33.61 -29.00 -7.67
CA GLY M 3 -34.76 -29.89 -7.68
C GLY M 3 -34.53 -31.38 -7.53
N GLU M 4 -35.38 -32.02 -6.72
CA GLU M 4 -35.29 -33.45 -6.54
C GLU M 4 -36.18 -34.19 -7.54
N TYR M 5 -37.13 -33.47 -8.13
CA TYR M 5 -38.04 -34.04 -9.13
C TYR M 5 -37.92 -33.20 -10.38
N ILE M 6 -38.13 -33.84 -11.52
CA ILE M 6 -37.94 -33.22 -12.82
C ILE M 6 -38.81 -33.98 -13.74
N PRO M 7 -39.83 -33.33 -14.29
CA PRO M 7 -40.76 -34.04 -15.16
C PRO M 7 -40.17 -34.23 -16.56
N THR M 8 -40.87 -34.95 -17.43
CA THR M 8 -40.39 -35.19 -18.78
C THR M 8 -41.41 -34.59 -19.72
N VAL M 9 -40.99 -33.69 -20.61
CA VAL M 9 -41.92 -33.06 -21.55
C VAL M 9 -42.62 -34.12 -22.43
N GLU N 3 2.85 -31.28 -41.38
CA GLU N 3 2.09 -31.92 -42.45
C GLU N 3 2.64 -31.59 -43.83
N ASN N 4 2.21 -32.37 -44.83
CA ASN N 4 2.53 -32.18 -46.26
C ASN N 4 3.95 -32.55 -46.73
N VAL N 5 4.02 -33.21 -47.89
CA VAL N 5 5.27 -33.56 -48.56
C VAL N 5 5.14 -33.38 -50.09
N GLU N 6 6.07 -32.64 -50.69
CA GLU N 6 6.04 -32.34 -52.12
C GLU N 6 6.90 -33.26 -52.94
N GLN N 7 6.30 -34.03 -53.85
CA GLN N 7 7.12 -34.87 -54.71
C GLN N 7 7.29 -34.20 -56.08
N HIS N 8 8.54 -33.95 -56.47
CA HIS N 8 8.89 -33.35 -57.77
C HIS N 8 9.96 -34.12 -58.52
N PRO N 9 9.77 -34.33 -59.83
CA PRO N 9 8.58 -33.92 -60.56
C PRO N 9 7.57 -35.06 -60.62
N SER N 10 6.33 -34.73 -60.94
CA SER N 10 5.24 -35.70 -61.00
C SER N 10 5.51 -36.85 -61.98
N THR N 11 5.95 -36.52 -63.20
CA THR N 11 6.37 -37.54 -64.17
C THR N 11 7.83 -37.35 -64.61
N LEU N 12 8.46 -38.41 -65.14
CA LEU N 12 9.90 -38.42 -65.47
C LEU N 12 10.35 -39.54 -66.41
N SER N 13 10.93 -39.16 -67.55
CA SER N 13 11.51 -40.11 -68.52
C SER N 13 13.04 -40.01 -68.68
N VAL N 14 13.71 -41.17 -68.79
CA VAL N 14 15.18 -41.25 -68.86
C VAL N 14 15.65 -42.41 -69.77
N GLN N 15 16.81 -42.23 -70.42
CA GLN N 15 17.39 -43.28 -71.26
C GLN N 15 18.01 -44.40 -70.44
N GLU N 16 18.20 -45.55 -71.09
CA GLU N 16 18.51 -46.79 -70.36
C GLU N 16 19.85 -46.68 -69.65
N GLY N 17 20.66 -45.70 -70.05
CA GLY N 17 21.95 -45.54 -69.42
C GLY N 17 22.04 -44.39 -68.42
N ASP N 18 21.38 -43.30 -68.74
CA ASP N 18 21.65 -42.06 -68.06
C ASP N 18 21.06 -42.10 -66.64
N SER N 19 21.14 -40.99 -65.92
CA SER N 19 20.73 -40.93 -64.51
C SER N 19 19.44 -40.13 -64.21
N ALA N 20 18.74 -40.56 -63.17
CA ALA N 20 17.45 -39.97 -62.79
C ALA N 20 17.47 -39.48 -61.36
N VAL N 21 16.97 -38.25 -61.20
CA VAL N 21 16.97 -37.55 -59.92
C VAL N 21 15.55 -37.10 -59.61
N ILE N 22 15.05 -37.54 -58.48
CA ILE N 22 13.73 -37.14 -58.01
C ILE N 22 13.89 -36.31 -56.76
N LYS N 23 13.26 -35.15 -56.70
CA LYS N 23 13.39 -34.29 -55.52
C LYS N 23 12.10 -34.02 -54.75
N CYS N 24 12.20 -34.14 -53.42
CA CYS N 24 11.05 -34.01 -52.54
C CYS N 24 11.29 -32.92 -51.52
N THR N 25 10.24 -32.18 -51.19
CA THR N 25 10.38 -31.14 -50.19
C THR N 25 9.32 -31.36 -49.12
N TYR N 26 9.79 -31.47 -47.88
CA TYR N 26 8.92 -31.71 -46.75
C TYR N 26 8.75 -30.44 -45.97
N SER N 27 7.69 -30.37 -45.17
CA SER N 27 7.36 -29.17 -44.40
C SER N 27 7.24 -29.41 -42.90
N ASP N 28 8.25 -30.03 -42.30
CA ASP N 28 8.23 -30.28 -40.87
C ASP N 28 9.67 -30.26 -40.37
N SER N 29 10.22 -29.06 -40.14
CA SER N 29 11.62 -28.95 -39.72
C SER N 29 11.97 -29.62 -38.38
N ALA N 30 11.65 -30.91 -38.30
CA ALA N 30 11.99 -31.75 -37.16
C ALA N 30 11.84 -33.20 -37.60
N SER N 31 11.53 -33.37 -38.89
CA SER N 31 11.55 -34.67 -39.49
C SER N 31 12.97 -35.13 -39.39
N ASN N 32 13.13 -36.42 -39.23
CA ASN N 32 14.44 -36.96 -39.03
C ASN N 32 14.53 -38.36 -39.63
N TYR N 33 13.43 -38.75 -40.28
CA TYR N 33 13.35 -40.00 -40.97
C TYR N 33 12.77 -39.77 -42.36
N PHE N 34 13.46 -40.25 -43.38
CA PHE N 34 13.07 -39.98 -44.76
C PHE N 34 13.27 -41.21 -45.65
N PRO N 35 12.21 -42.04 -45.81
CA PRO N 35 12.31 -43.26 -46.62
C PRO N 35 11.76 -43.13 -48.06
N TRP N 36 12.26 -43.97 -48.96
CA TRP N 36 11.80 -44.05 -50.35
C TRP N 36 11.16 -45.39 -50.66
N TYR N 37 9.93 -45.36 -51.15
CA TYR N 37 9.25 -46.60 -51.50
C TYR N 37 9.06 -46.72 -53.01
N LYS N 38 9.43 -47.89 -53.54
CA LYS N 38 9.26 -48.24 -54.95
C LYS N 38 8.01 -49.07 -55.16
N GLN N 39 7.09 -48.56 -55.97
CA GLN N 39 5.85 -49.31 -56.20
C GLN N 39 5.84 -49.83 -57.62
N GLU N 40 6.09 -51.14 -57.75
CA GLU N 40 6.35 -51.77 -59.06
C GLU N 40 5.14 -51.73 -60.00
N LEU N 41 4.03 -52.35 -59.64
CA LEU N 41 2.84 -52.13 -60.46
C LEU N 41 1.56 -52.32 -59.70
N GLY N 42 1.05 -51.22 -59.14
CA GLY N 42 -0.13 -51.24 -58.27
C GLY N 42 -0.07 -52.22 -57.09
N LYS N 43 1.09 -52.83 -56.88
CA LYS N 43 1.33 -53.81 -55.82
C LYS N 43 1.84 -53.10 -54.57
N GLY N 44 2.35 -53.86 -53.60
CA GLY N 44 2.73 -53.26 -52.34
C GLY N 44 4.02 -52.46 -52.45
N PRO N 45 3.95 -51.15 -52.14
CA PRO N 45 5.16 -50.32 -52.07
C PRO N 45 6.26 -51.00 -51.28
N GLN N 46 7.51 -50.77 -51.68
CA GLN N 46 8.63 -51.43 -51.04
C GLN N 46 9.79 -50.46 -50.77
N LEU N 47 10.31 -50.55 -49.56
CA LEU N 47 11.36 -49.65 -49.15
C LEU N 47 12.57 -50.00 -49.96
N ILE N 48 13.14 -49.01 -50.65
CA ILE N 48 14.42 -49.23 -51.29
C ILE N 48 15.51 -48.71 -50.41
N ILE N 49 15.28 -47.54 -49.80
CA ILE N 49 16.31 -46.91 -48.99
C ILE N 49 15.75 -45.79 -48.08
N ASP N 50 16.27 -45.74 -46.85
CA ASP N 50 15.87 -44.71 -45.90
C ASP N 50 17.10 -44.09 -45.24
N ILE N 51 16.91 -42.90 -44.68
CA ILE N 51 17.97 -42.14 -44.01
C ILE N 51 17.51 -41.63 -42.62
N ARG N 52 18.23 -41.98 -41.54
CA ARG N 52 17.84 -41.56 -40.18
C ARG N 52 18.86 -40.52 -39.73
N SER N 53 19.90 -40.96 -39.04
CA SER N 53 21.12 -40.17 -38.85
C SER N 53 21.11 -38.62 -38.75
N ASN N 54 21.16 -38.00 -39.93
CA ASN N 54 21.59 -36.61 -40.21
C ASN N 54 22.67 -36.62 -41.27
N VAL N 55 23.54 -37.62 -41.16
CA VAL N 55 24.60 -37.85 -42.14
C VAL N 55 24.02 -37.76 -43.55
N GLY N 56 24.32 -36.66 -44.24
CA GLY N 56 23.55 -36.28 -45.40
C GLY N 56 23.69 -37.02 -46.71
N GLU N 57 24.27 -38.22 -46.69
CA GLU N 57 24.34 -38.98 -47.94
C GLU N 57 24.53 -40.47 -47.71
N LYS N 58 23.49 -41.26 -48.00
CA LYS N 58 23.57 -42.72 -47.96
C LYS N 58 23.27 -43.27 -49.35
N LYS N 59 24.28 -43.96 -49.88
CA LYS N 59 24.33 -44.55 -51.22
C LYS N 59 24.34 -46.05 -51.01
N ASP N 60 23.61 -46.78 -51.83
CA ASP N 60 23.56 -48.23 -51.78
C ASP N 60 23.49 -48.70 -53.20
N GLN N 61 24.54 -49.41 -53.60
CA GLN N 61 24.72 -49.82 -54.97
C GLN N 61 24.45 -48.66 -55.92
N ARG N 62 23.33 -48.70 -56.63
CA ARG N 62 23.13 -47.72 -57.70
C ARG N 62 22.18 -46.60 -57.30
N ILE N 63 21.72 -46.58 -56.05
CA ILE N 63 20.74 -45.56 -55.61
C ILE N 63 21.10 -44.84 -54.36
N ALA N 64 20.76 -43.56 -54.28
CA ALA N 64 20.98 -42.81 -53.03
C ALA N 64 20.08 -41.65 -52.70
N VAL N 65 19.98 -41.43 -51.38
CA VAL N 65 19.27 -40.29 -50.89
C VAL N 65 20.31 -39.24 -50.55
N THR N 66 19.98 -38.00 -50.90
CA THR N 66 20.75 -36.87 -50.45
C THR N 66 19.79 -36.13 -49.54
N LEU N 67 20.30 -35.57 -48.46
CA LEU N 67 19.44 -34.84 -47.54
C LEU N 67 20.09 -33.50 -47.16
N ASN N 68 19.37 -32.42 -47.43
CA ASN N 68 19.81 -31.09 -47.07
C ASN N 68 18.70 -30.55 -46.21
N LYS N 69 18.64 -30.99 -44.97
CA LYS N 69 17.44 -30.75 -44.18
C LYS N 69 17.31 -29.31 -43.63
N THR N 70 18.30 -28.44 -43.87
CA THR N 70 18.13 -27.03 -43.51
C THR N 70 17.13 -26.42 -44.48
N ALA N 71 17.33 -26.71 -45.75
CA ALA N 71 16.41 -26.24 -46.78
C ALA N 71 15.14 -27.08 -46.86
N LYS N 72 15.11 -28.18 -46.11
CA LYS N 72 13.97 -29.10 -46.09
C LYS N 72 13.58 -29.71 -47.46
N HIS N 73 14.59 -30.22 -48.17
CA HIS N 73 14.38 -31.06 -49.36
C HIS N 73 15.32 -32.30 -49.37
N PHE N 74 14.90 -33.37 -50.03
CA PHE N 74 15.78 -34.54 -50.11
C PHE N 74 15.54 -35.26 -51.42
N SER N 75 16.56 -35.96 -51.91
CA SER N 75 16.53 -36.52 -53.27
C SER N 75 16.92 -37.98 -53.39
N LEU N 76 16.22 -38.67 -54.31
CA LEU N 76 16.58 -39.99 -54.78
C LEU N 76 17.40 -39.87 -56.05
N HIS N 77 18.54 -40.57 -56.04
CA HIS N 77 19.44 -40.66 -57.20
C HIS N 77 19.56 -42.09 -57.71
N ILE N 78 19.12 -42.32 -58.95
CA ILE N 78 19.38 -43.58 -59.62
C ILE N 78 20.42 -43.42 -60.73
N THR N 79 21.60 -44.01 -60.53
CA THR N 79 22.64 -43.97 -61.55
C THR N 79 22.56 -45.22 -62.40
N GLU N 80 22.79 -45.05 -63.71
CA GLU N 80 22.86 -46.14 -64.68
C GLU N 80 21.59 -46.98 -64.63
N THR N 81 20.48 -46.32 -64.97
CA THR N 81 19.14 -46.83 -64.78
C THR N 81 18.97 -48.11 -65.55
N GLN N 82 17.83 -48.75 -65.35
CA GLN N 82 17.53 -50.03 -65.98
C GLN N 82 16.05 -50.07 -66.22
N PRO N 83 15.59 -51.01 -67.06
CA PRO N 83 14.14 -51.09 -67.32
C PRO N 83 13.36 -51.41 -66.05
N GLU N 84 13.92 -52.23 -65.17
CA GLU N 84 13.27 -52.56 -63.91
C GLU N 84 13.12 -51.36 -63.00
N ASP N 85 14.05 -50.42 -63.12
CA ASP N 85 13.98 -49.20 -62.35
C ASP N 85 12.70 -48.40 -62.68
N SER N 86 12.11 -48.66 -63.84
CA SER N 86 10.80 -48.08 -64.16
C SER N 86 9.80 -48.57 -63.12
N ALA N 87 9.13 -47.60 -62.52
CA ALA N 87 8.28 -47.82 -61.36
C ALA N 87 7.65 -46.50 -60.98
N VAL N 88 6.86 -46.54 -59.92
CA VAL N 88 6.42 -45.32 -59.29
C VAL N 88 7.21 -45.24 -58.00
N TYR N 89 7.88 -44.10 -57.80
CA TYR N 89 8.69 -43.89 -56.62
C TYR N 89 7.97 -42.97 -55.64
N PHE N 90 8.06 -43.32 -54.34
CA PHE N 90 7.51 -42.50 -53.26
C PHE N 90 8.48 -42.09 -52.15
N CYS N 91 8.48 -40.80 -51.85
CA CYS N 91 9.19 -40.34 -50.68
C CYS N 91 8.24 -39.95 -49.56
N ALA N 92 8.66 -40.19 -48.31
CA ALA N 92 7.85 -39.80 -47.16
C ALA N 92 8.68 -39.10 -46.12
N ALA N 93 8.06 -38.28 -45.29
CA ALA N 93 8.77 -37.73 -44.13
C ALA N 93 7.99 -37.90 -42.84
N SER N 94 8.72 -38.31 -41.80
CA SER N 94 8.17 -38.56 -40.48
C SER N 94 9.12 -38.05 -39.42
N ARG N 95 8.71 -38.12 -38.16
CA ARG N 95 9.62 -37.81 -37.04
C ARG N 95 10.08 -39.10 -36.36
N GLY N 96 9.97 -40.23 -37.06
CA GLY N 96 10.46 -41.49 -36.54
C GLY N 96 9.65 -41.96 -35.36
N GLY N 97 10.04 -43.10 -34.77
CA GLY N 97 9.31 -43.61 -33.63
C GLY N 97 7.88 -43.92 -34.08
N ALA N 98 6.92 -43.69 -33.21
CA ALA N 98 5.55 -44.00 -33.54
C ALA N 98 4.74 -42.94 -34.31
N GLN N 99 5.37 -41.96 -34.96
CA GLN N 99 4.55 -40.95 -35.64
C GLN N 99 4.36 -41.18 -37.15
N LYS N 100 3.39 -40.47 -37.75
CA LYS N 100 2.90 -40.74 -39.11
C LYS N 100 3.84 -40.45 -40.31
N LEU N 101 3.91 -41.35 -41.29
CA LEU N 101 4.64 -41.04 -42.52
C LEU N 101 3.80 -40.20 -43.46
N VAL N 102 4.45 -39.31 -44.17
CA VAL N 102 3.76 -38.41 -45.08
C VAL N 102 4.35 -38.51 -46.47
N PHE N 103 3.52 -38.84 -47.45
CA PHE N 103 4.05 -39.11 -48.77
C PHE N 103 3.81 -37.93 -49.70
N GLY N 104 4.57 -37.91 -50.78
CA GLY N 104 4.36 -36.97 -51.87
C GLY N 104 3.32 -37.54 -52.83
N GLN N 105 3.10 -36.83 -53.94
CA GLN N 105 2.15 -37.30 -54.93
C GLN N 105 2.69 -38.50 -55.69
N GLY N 106 3.99 -38.75 -55.54
CA GLY N 106 4.67 -39.84 -56.22
C GLY N 106 5.25 -39.44 -57.57
N THR N 107 6.28 -40.16 -58.00
CA THR N 107 6.92 -39.87 -59.27
C THR N 107 6.89 -41.16 -60.06
N ARG N 108 6.35 -41.13 -61.28
CA ARG N 108 6.31 -42.32 -62.14
C ARG N 108 7.44 -42.27 -63.15
N LEU N 109 8.46 -43.08 -62.90
CA LEU N 109 9.71 -43.08 -63.67
C LEU N 109 9.73 -44.11 -64.77
N THR N 110 9.79 -43.66 -66.02
CA THR N 110 9.89 -44.62 -67.12
C THR N 110 11.31 -44.57 -67.72
N ILE N 111 11.94 -45.74 -67.73
CA ILE N 111 13.25 -45.91 -68.36
C ILE N 111 13.09 -46.51 -69.75
N ASN N 112 13.01 -45.63 -70.75
CA ASN N 112 12.98 -46.04 -72.15
C ASN N 112 14.32 -46.68 -72.51
N PRO N 113 14.27 -47.73 -73.33
CA PRO N 113 15.45 -48.53 -73.63
C PRO N 113 16.30 -47.92 -74.74
N ASN N 114 17.53 -48.42 -74.90
CA ASN N 114 18.37 -48.07 -76.04
C ASN N 114 18.01 -48.96 -77.20
N ILE N 115 17.57 -48.34 -78.28
CA ILE N 115 17.06 -49.13 -79.36
C ILE N 115 18.15 -49.57 -80.34
N GLN N 116 18.51 -50.84 -80.16
CA GLN N 116 19.44 -51.64 -80.97
C GLN N 116 19.72 -51.14 -82.39
N ASN N 117 18.88 -51.59 -83.32
CA ASN N 117 18.93 -51.16 -84.70
C ASN N 117 17.55 -50.74 -85.17
N PRO N 118 17.14 -49.49 -84.87
CA PRO N 118 15.79 -49.01 -85.21
C PRO N 118 15.37 -49.39 -86.61
N ASP N 119 14.35 -50.26 -86.69
CA ASP N 119 13.74 -50.69 -87.95
C ASP N 119 12.25 -50.36 -87.96
N PRO N 120 11.90 -49.08 -87.78
CA PRO N 120 10.54 -48.64 -87.45
C PRO N 120 9.53 -48.85 -88.56
N ALA N 121 8.29 -49.14 -88.21
CA ALA N 121 7.32 -49.58 -89.20
C ALA N 121 5.92 -49.65 -88.59
N VAL N 122 4.89 -49.56 -89.43
CA VAL N 122 3.52 -49.71 -88.97
C VAL N 122 2.82 -50.80 -89.76
N TYR N 123 2.71 -51.95 -89.10
CA TYR N 123 2.07 -53.12 -89.69
C TYR N 123 0.60 -53.12 -89.32
N GLN N 124 -0.16 -53.86 -90.11
CA GLN N 124 -1.55 -54.03 -89.82
C GLN N 124 -1.78 -55.48 -89.52
N LEU N 125 -2.32 -55.72 -88.34
CA LEU N 125 -2.51 -57.09 -87.94
C LEU N 125 -3.98 -57.29 -88.19
N ARG N 126 -4.34 -58.51 -88.54
CA ARG N 126 -5.74 -58.81 -88.57
C ARG N 126 -5.96 -60.02 -87.73
N ASP N 127 -7.21 -60.45 -87.74
CA ASP N 127 -7.79 -61.05 -86.56
C ASP N 127 -8.02 -62.54 -86.60
N SER N 128 -9.30 -62.92 -86.60
CA SER N 128 -9.75 -64.24 -86.11
C SER N 128 -11.14 -64.28 -85.41
N LYS N 129 -12.15 -63.64 -86.02
CA LYS N 129 -13.62 -63.79 -85.79
C LYS N 129 -14.50 -62.56 -85.83
N SER N 130 -15.59 -62.66 -85.06
CA SER N 130 -16.48 -61.52 -84.76
C SER N 130 -15.93 -60.75 -83.57
N SER N 131 -15.32 -59.62 -83.85
CA SER N 131 -14.47 -58.93 -82.92
C SER N 131 -14.13 -57.72 -83.72
N ASP N 132 -14.19 -57.97 -85.04
CA ASP N 132 -13.23 -57.51 -86.03
C ASP N 132 -12.27 -56.40 -85.61
N LYS N 133 -12.36 -55.27 -86.32
CA LYS N 133 -11.35 -54.23 -86.28
C LYS N 133 -10.14 -54.78 -87.05
N SER N 134 -9.42 -53.89 -87.70
CA SER N 134 -8.02 -54.14 -87.99
C SER N 134 -7.29 -53.16 -87.09
N VAL N 135 -6.22 -53.64 -86.47
CA VAL N 135 -5.47 -52.82 -85.55
C VAL N 135 -4.09 -52.60 -86.14
N CYS N 136 -3.51 -51.46 -85.79
CA CYS N 136 -2.25 -51.05 -86.38
C CYS N 136 -1.14 -51.06 -85.35
N LEU N 137 0.02 -51.56 -85.78
CA LEU N 137 1.17 -51.69 -84.90
C LEU N 137 2.33 -50.87 -85.37
N PHE N 138 2.73 -49.90 -84.56
CA PHE N 138 3.88 -49.06 -84.88
C PHE N 138 5.07 -49.52 -84.06
N THR N 139 5.85 -50.46 -84.59
CA THR N 139 6.88 -51.17 -83.82
C THR N 139 8.34 -50.84 -84.26
N ASP N 140 9.30 -51.36 -83.48
CA ASP N 140 10.73 -51.37 -83.80
C ASP N 140 11.46 -50.03 -83.64
N PHE N 141 10.73 -48.92 -83.66
CA PHE N 141 11.32 -47.57 -83.63
C PHE N 141 12.16 -47.31 -82.41
N ASP N 142 12.85 -46.18 -82.42
CA ASP N 142 13.75 -45.87 -81.33
C ASP N 142 13.10 -44.95 -80.31
N SER N 143 13.73 -44.82 -79.15
CA SER N 143 13.10 -44.22 -77.99
C SER N 143 12.84 -42.73 -78.18
N GLN N 144 13.54 -42.12 -79.14
CA GLN N 144 13.46 -40.67 -79.32
C GLN N 144 12.26 -40.31 -80.17
N THR N 145 11.60 -41.31 -80.75
CA THR N 145 10.27 -41.12 -81.31
C THR N 145 9.28 -41.09 -80.19
N ASN N 146 8.52 -40.01 -80.11
CA ASN N 146 7.46 -40.01 -79.13
C ASN N 146 6.12 -40.12 -79.80
N VAL N 147 5.26 -40.87 -79.13
CA VAL N 147 3.95 -41.13 -79.63
C VAL N 147 2.94 -40.48 -78.72
N SER N 148 2.13 -39.61 -79.30
CA SER N 148 0.94 -39.19 -78.61
C SER N 148 -0.21 -39.38 -79.55
N GLN N 149 -1.36 -38.97 -79.08
CA GLN N 149 -2.53 -39.74 -79.35
C GLN N 149 -3.25 -39.18 -80.56
N SER N 150 -4.42 -39.78 -80.72
CA SER N 150 -5.42 -39.54 -81.71
C SER N 150 -5.81 -38.08 -82.03
N LYS N 151 -6.67 -37.94 -83.03
CA LYS N 151 -7.90 -37.13 -82.85
C LYS N 151 -9.17 -37.79 -83.36
N ASP N 152 -10.25 -37.44 -82.66
CA ASP N 152 -11.17 -38.50 -82.28
C ASP N 152 -12.67 -38.46 -82.37
N SER N 153 -13.13 -39.64 -82.69
CA SER N 153 -14.50 -39.99 -82.53
C SER N 153 -14.44 -41.45 -82.10
N ASP N 154 -13.73 -42.24 -82.89
CA ASP N 154 -13.71 -43.68 -82.74
C ASP N 154 -12.32 -44.24 -82.90
N VAL N 155 -11.31 -43.39 -82.87
CA VAL N 155 -9.96 -43.89 -83.08
C VAL N 155 -9.08 -43.92 -81.83
N TYR N 156 -8.67 -45.11 -81.43
CA TYR N 156 -7.97 -45.28 -80.16
C TYR N 156 -6.46 -45.52 -80.34
N ILE N 157 -5.65 -44.65 -79.74
CA ILE N 157 -4.18 -44.74 -79.84
C ILE N 157 -3.53 -44.88 -78.45
N THR N 158 -2.73 -45.93 -78.28
CA THR N 158 -2.12 -46.20 -76.99
C THR N 158 -0.81 -45.47 -76.78
N ASP N 159 -0.25 -45.65 -75.59
CA ASP N 159 0.97 -44.99 -75.19
C ASP N 159 2.12 -45.86 -75.73
N LYS N 160 3.31 -45.29 -75.83
CA LYS N 160 4.53 -46.06 -76.19
C LYS N 160 4.69 -47.27 -75.23
N CYS N 161 5.47 -48.27 -75.62
CA CYS N 161 5.46 -49.55 -74.93
C CYS N 161 6.70 -50.40 -75.24
N VAL N 162 7.18 -51.13 -74.25
CA VAL N 162 8.46 -51.83 -74.34
C VAL N 162 8.45 -53.31 -74.01
N LEU N 163 8.83 -54.17 -74.95
CA LEU N 163 8.98 -55.59 -74.63
C LEU N 163 10.48 -55.97 -74.66
N ASP N 164 10.84 -56.96 -73.83
CA ASP N 164 12.22 -57.47 -73.77
C ASP N 164 12.26 -58.99 -74.03
N MET N 165 12.42 -59.40 -75.29
CA MET N 165 12.67 -60.84 -75.59
C MET N 165 14.01 -61.21 -75.00
N ARG N 166 14.02 -61.68 -73.77
CA ARG N 166 15.31 -61.72 -73.09
C ARG N 166 16.16 -62.85 -73.66
N SER N 167 15.53 -63.85 -74.27
CA SER N 167 16.31 -64.95 -74.86
C SER N 167 17.11 -64.49 -76.08
N MET N 168 16.54 -63.59 -76.89
CA MET N 168 17.25 -63.06 -78.06
C MET N 168 17.55 -61.59 -77.83
N ASP N 169 18.80 -61.25 -77.47
CA ASP N 169 19.31 -59.88 -77.59
C ASP N 169 18.45 -58.64 -77.24
N PHE N 170 17.16 -58.70 -77.57
CA PHE N 170 16.46 -57.59 -78.24
C PHE N 170 15.27 -56.95 -77.51
N LYS N 171 15.32 -55.63 -77.38
CA LYS N 171 14.22 -54.84 -76.84
C LYS N 171 13.58 -54.09 -78.00
N SER N 172 12.28 -53.82 -77.92
CA SER N 172 11.64 -53.07 -78.97
C SER N 172 10.50 -52.27 -78.42
N ASN N 173 10.30 -51.08 -78.99
CA ASN N 173 9.15 -50.25 -78.66
C ASN N 173 7.94 -50.65 -79.52
N SER N 174 6.73 -50.19 -79.15
CA SER N 174 5.62 -50.02 -80.11
C SER N 174 4.43 -49.33 -79.50
N ALA N 175 3.51 -48.93 -80.35
CA ALA N 175 2.22 -48.48 -79.89
C ALA N 175 1.14 -49.12 -80.74
N VAL N 176 -0.03 -49.28 -80.14
CA VAL N 176 -1.14 -49.91 -80.81
C VAL N 176 -2.21 -48.87 -81.09
N ALA N 177 -2.91 -49.02 -82.20
CA ALA N 177 -3.93 -48.06 -82.57
C ALA N 177 -5.04 -48.77 -83.31
N TRP N 178 -6.27 -48.55 -82.91
CA TRP N 178 -7.37 -49.23 -83.58
C TRP N 178 -8.62 -48.34 -83.73
N SER N 179 -9.45 -48.69 -84.72
CA SER N 179 -10.72 -48.01 -84.99
C SER N 179 -11.52 -48.85 -86.00
N ASN N 180 -12.84 -48.67 -86.06
CA ASN N 180 -13.61 -49.53 -86.97
C ASN N 180 -14.15 -48.93 -88.24
N LYS N 181 -14.65 -47.70 -88.21
CA LYS N 181 -15.11 -47.10 -89.45
C LYS N 181 -13.92 -47.16 -90.41
N SER N 182 -13.87 -48.27 -91.16
CA SER N 182 -12.67 -48.93 -91.68
C SER N 182 -11.99 -48.36 -92.92
N ASP N 183 -12.39 -47.14 -93.26
CA ASP N 183 -11.54 -46.32 -94.11
C ASP N 183 -10.55 -45.61 -93.18
N PHE N 184 -10.46 -46.15 -91.98
CA PHE N 184 -9.50 -45.74 -90.97
C PHE N 184 -8.16 -46.12 -91.58
N ALA N 185 -7.81 -47.41 -91.50
CA ALA N 185 -6.58 -47.96 -92.07
C ALA N 185 -5.29 -47.30 -91.55
N CYS N 186 -4.19 -48.03 -91.68
CA CYS N 186 -2.97 -47.69 -90.96
C CYS N 186 -2.03 -46.65 -91.56
N ALA N 187 -2.07 -46.45 -92.87
CA ALA N 187 -1.14 -45.56 -93.55
C ALA N 187 -1.18 -44.17 -92.92
N ASN N 188 -2.39 -43.68 -92.68
CA ASN N 188 -2.57 -42.54 -91.79
C ASN N 188 -3.52 -43.00 -90.69
N ALA N 189 -2.93 -43.53 -89.64
CA ALA N 189 -3.66 -43.94 -88.45
C ALA N 189 -2.99 -43.18 -87.37
N PHE N 190 -1.71 -42.98 -87.61
CA PHE N 190 -0.88 -42.21 -86.74
C PHE N 190 -0.79 -40.79 -87.26
N ASN N 191 -1.21 -39.88 -86.38
CA ASN N 191 -0.99 -38.47 -86.59
C ASN N 191 0.53 -38.34 -86.54
N ASN N 192 1.08 -38.07 -85.35
CA ASN N 192 2.52 -38.05 -85.11
C ASN N 192 3.58 -37.69 -86.14
N SER N 193 4.68 -37.19 -85.61
CA SER N 193 5.89 -37.08 -86.38
C SER N 193 6.59 -38.39 -86.10
N ILE N 194 6.30 -39.37 -86.97
CA ILE N 194 6.87 -40.72 -86.98
C ILE N 194 8.39 -40.69 -86.93
N ILE N 195 9.05 -41.83 -87.14
CA ILE N 195 10.45 -41.71 -87.48
C ILE N 195 10.30 -41.17 -88.89
N PRO N 196 11.22 -40.32 -89.33
CA PRO N 196 10.81 -39.38 -90.37
C PRO N 196 10.49 -39.95 -91.77
N GLU N 197 11.27 -40.88 -92.31
CA GLU N 197 11.01 -41.28 -93.68
C GLU N 197 11.30 -42.72 -93.99
N ASP N 198 12.05 -43.38 -93.10
CA ASP N 198 12.33 -44.81 -93.25
C ASP N 198 11.14 -45.74 -93.00
N THR N 199 10.16 -45.30 -92.20
CA THR N 199 9.12 -46.17 -91.62
C THR N 199 8.48 -47.05 -92.70
N PHE N 200 8.80 -48.34 -92.69
CA PHE N 200 8.28 -49.33 -93.61
C PHE N 200 6.74 -49.48 -93.60
N PHE N 201 6.11 -49.21 -94.75
CA PHE N 201 4.65 -49.11 -94.86
C PHE N 201 3.97 -49.92 -95.97
N PRO N 202 3.90 -51.26 -95.80
CA PRO N 202 3.25 -52.14 -96.79
C PRO N 202 1.77 -51.78 -97.03
N GLU O 3 -11.98 45.91 23.53
CA GLU O 3 -11.16 47.12 23.46
C GLU O 3 -11.94 48.46 23.54
N ASN O 4 -13.25 48.40 23.77
CA ASN O 4 -14.04 49.64 23.84
C ASN O 4 -15.10 49.63 24.95
N VAL O 5 -15.36 50.79 25.57
CA VAL O 5 -16.47 50.97 26.53
C VAL O 5 -17.26 52.27 26.27
N GLU O 6 -18.59 52.14 26.09
CA GLU O 6 -19.47 53.26 25.80
C GLU O 6 -20.17 53.79 27.06
N GLN O 7 -19.88 55.02 27.46
CA GLN O 7 -20.56 55.61 28.61
C GLN O 7 -21.65 56.57 28.12
N HIS O 8 -22.90 56.29 28.49
CA HIS O 8 -24.03 57.18 28.17
C HIS O 8 -24.90 57.46 29.42
N PRO O 9 -25.24 58.74 29.66
CA PRO O 9 -24.94 59.95 28.85
C PRO O 9 -23.67 60.73 29.26
N SER O 10 -23.28 61.64 28.38
CA SER O 10 -22.12 62.47 28.60
C SER O 10 -22.32 63.36 29.82
N THR O 11 -23.43 64.09 29.85
CA THR O 11 -23.81 64.91 31.02
C THR O 11 -25.19 64.45 31.51
N LEU O 12 -25.54 64.86 32.73
CA LEU O 12 -26.79 64.41 33.34
C LEU O 12 -27.21 65.29 34.53
N SER O 13 -28.39 65.89 34.46
CA SER O 13 -28.89 66.66 35.59
C SER O 13 -30.06 65.99 36.27
N VAL O 14 -30.04 66.07 37.59
CA VAL O 14 -31.00 65.38 38.44
C VAL O 14 -31.38 66.32 39.58
N GLN O 15 -32.64 66.29 40.01
CA GLN O 15 -33.04 67.05 41.20
C GLN O 15 -32.61 66.35 42.47
N GLU O 16 -32.60 67.09 43.56
CA GLU O 16 -31.96 66.62 44.79
C GLU O 16 -32.64 65.35 45.27
N GLY O 17 -33.84 65.07 44.76
CA GLY O 17 -34.59 63.91 45.20
C GLY O 17 -34.51 62.69 44.31
N ASP O 18 -34.46 62.93 43.00
CA ASP O 18 -34.69 61.90 42.00
C ASP O 18 -33.58 60.85 41.92
N SER O 19 -33.68 60.01 40.89
CA SER O 19 -32.76 58.89 40.66
C SER O 19 -31.83 59.24 39.49
N ALA O 20 -30.61 58.76 39.57
CA ALA O 20 -29.66 59.01 38.52
C ALA O 20 -29.15 57.67 38.08
N VAL O 21 -29.21 57.43 36.78
CA VAL O 21 -28.80 56.14 36.22
C VAL O 21 -27.87 56.39 35.06
N ILE O 22 -26.66 55.82 35.15
CA ILE O 22 -25.73 55.95 34.04
C ILE O 22 -25.56 54.56 33.46
N LYS O 23 -25.69 54.42 32.14
CA LYS O 23 -25.58 53.10 31.56
C LYS O 23 -24.36 52.97 30.67
N CYS O 24 -23.65 51.87 30.89
CA CYS O 24 -22.39 51.62 30.20
C CYS O 24 -22.40 50.30 29.46
N THR O 25 -21.75 50.31 28.31
CA THR O 25 -21.62 49.13 27.49
C THR O 25 -20.18 48.89 27.11
N TYR O 26 -19.69 47.70 27.43
CA TYR O 26 -18.31 47.35 27.12
C TYR O 26 -18.37 46.44 25.94
N SER O 27 -17.28 46.35 25.18
CA SER O 27 -17.25 45.50 24.01
C SER O 27 -16.11 44.53 24.14
N ASP O 28 -16.33 43.43 24.85
CA ASP O 28 -15.24 42.48 24.98
C ASP O 28 -15.75 41.08 25.33
N SER O 29 -16.70 41.03 26.26
CA SER O 29 -17.38 39.80 26.67
C SER O 29 -16.57 38.78 27.44
N ALA O 30 -15.31 39.07 27.68
CA ALA O 30 -14.56 38.16 28.53
C ALA O 30 -14.11 38.95 29.73
N SER O 31 -14.54 40.20 29.76
CA SER O 31 -14.39 41.07 30.91
C SER O 31 -15.22 40.47 32.04
N ASN O 32 -14.78 40.62 33.29
CA ASN O 32 -15.52 40.02 34.39
C ASN O 32 -15.40 40.89 35.63
N TYR O 33 -14.78 42.06 35.43
CA TYR O 33 -14.63 43.06 36.48
C TYR O 33 -15.08 44.43 35.96
N PHE O 34 -15.97 45.06 36.73
CA PHE O 34 -16.57 46.32 36.29
C PHE O 34 -16.68 47.28 37.45
N PRO O 35 -15.69 48.18 37.57
CA PRO O 35 -15.75 49.13 38.66
C PRO O 35 -16.27 50.46 38.15
N TRP O 36 -16.77 51.26 39.08
CA TRP O 36 -17.18 52.63 38.81
C TRP O 36 -16.28 53.59 39.56
N TYR O 37 -15.73 54.59 38.85
CA TYR O 37 -14.86 55.58 39.53
C TYR O 37 -15.45 56.98 39.64
N LYS O 38 -15.36 57.50 40.85
CA LYS O 38 -15.80 58.84 41.17
C LYS O 38 -14.62 59.77 41.10
N GLN O 39 -14.74 60.79 40.24
CA GLN O 39 -13.72 61.83 40.13
C GLN O 39 -14.29 63.19 40.53
N GLU O 40 -13.91 63.65 41.71
CA GLU O 40 -14.58 64.82 42.28
C GLU O 40 -14.35 66.10 41.49
N LEU O 41 -13.13 66.58 41.47
CA LEU O 41 -12.83 67.79 40.73
C LEU O 41 -11.40 67.82 40.30
N GLY O 42 -11.15 67.32 39.08
CA GLY O 42 -9.81 67.19 38.56
C GLY O 42 -8.83 66.44 39.45
N LYS O 43 -9.35 65.84 40.52
CA LYS O 43 -8.52 65.10 41.47
C LYS O 43 -8.47 63.62 41.10
N GLY O 44 -7.91 62.84 42.01
CA GLY O 44 -7.69 61.44 41.74
C GLY O 44 -8.99 60.68 41.79
N PRO O 45 -9.35 59.99 40.70
CA PRO O 45 -10.51 59.08 40.69
C PRO O 45 -10.51 58.14 41.88
N GLN O 46 -11.70 57.80 42.35
CA GLN O 46 -11.82 56.92 43.51
C GLN O 46 -12.89 55.83 43.33
N LEU O 47 -12.54 54.61 43.69
CA LEU O 47 -13.47 53.53 43.53
C LEU O 47 -14.61 53.72 44.52
N ILE O 48 -15.83 53.79 44.00
CA ILE O 48 -17.03 53.75 44.82
C ILE O 48 -17.62 52.36 44.92
N ILE O 49 -17.58 51.63 43.82
CA ILE O 49 -18.18 50.30 43.82
C ILE O 49 -17.72 49.45 42.65
N ASP O 50 -17.46 48.18 42.88
CA ASP O 50 -17.08 47.28 41.78
C ASP O 50 -17.86 45.98 41.85
N ILE O 51 -17.90 45.26 40.72
CA ILE O 51 -18.61 43.97 40.60
C ILE O 51 -17.78 42.82 40.00
N ARG O 52 -17.70 41.68 40.69
CA ARG O 52 -16.89 40.57 40.17
C ARG O 52 -17.76 39.30 39.86
N SER O 53 -17.83 38.44 40.89
CA SER O 53 -18.54 37.12 40.98
C SER O 53 -19.39 36.56 39.83
N ASN O 54 -20.32 37.40 39.36
CA ASN O 54 -21.49 37.06 38.56
C ASN O 54 -22.71 37.84 39.09
N VAL O 55 -22.80 38.01 40.42
CA VAL O 55 -23.91 38.76 41.06
C VAL O 55 -24.50 39.91 40.24
N GLY O 56 -25.74 39.76 39.81
CA GLY O 56 -26.27 40.72 38.86
C GLY O 56 -26.72 41.99 39.54
N GLU O 57 -26.35 42.15 40.79
CA GLU O 57 -26.65 43.37 41.53
C GLU O 57 -25.76 43.53 42.76
N LYS O 58 -24.90 44.54 42.78
CA LYS O 58 -24.12 44.81 44.00
C LYS O 58 -24.55 46.20 44.44
N LYS O 59 -25.08 46.30 45.67
CA LYS O 59 -25.56 47.58 46.18
C LYS O 59 -24.85 48.00 47.50
N ASP O 60 -24.55 49.29 47.66
CA ASP O 60 -23.98 49.79 48.91
C ASP O 60 -24.59 51.16 49.25
N GLN O 61 -25.40 51.15 50.30
CA GLN O 61 -26.23 52.28 50.68
C GLN O 61 -26.92 52.92 49.47
N ARG O 62 -26.51 54.11 49.06
CA ARG O 62 -27.32 54.87 48.13
C ARG O 62 -26.91 54.69 46.66
N ILE O 63 -25.99 53.76 46.39
CA ILE O 63 -25.54 53.49 45.02
C ILE O 63 -25.59 51.97 44.72
N ALA O 64 -25.94 51.60 43.48
CA ALA O 64 -26.01 50.18 43.13
C ALA O 64 -25.64 49.89 41.68
N VAL O 65 -25.00 48.73 41.49
CA VAL O 65 -24.56 48.25 40.19
C VAL O 65 -25.31 47.04 39.69
N THR O 66 -25.58 47.06 38.39
CA THR O 66 -26.18 45.94 37.69
C THR O 66 -25.28 45.36 36.62
N LEU O 67 -25.34 44.04 36.44
CA LEU O 67 -24.56 43.42 35.41
C LEU O 67 -25.45 42.47 34.64
N ASN O 68 -25.52 42.69 33.34
CA ASN O 68 -26.28 41.84 32.45
C ASN O 68 -25.29 41.46 31.36
N LYS O 69 -24.40 40.52 31.70
CA LYS O 69 -23.17 40.36 30.94
C LYS O 69 -23.37 39.70 29.58
N THR O 70 -24.53 39.07 29.37
CA THR O 70 -24.79 38.41 28.09
C THR O 70 -25.02 39.45 27.03
N ALA O 71 -25.77 40.47 27.43
CA ALA O 71 -26.08 41.62 26.59
C ALA O 71 -24.91 42.62 26.47
N LYS O 72 -23.84 42.39 27.23
CA LYS O 72 -22.71 43.31 27.30
C LYS O 72 -23.09 44.70 27.80
N HIS O 73 -23.86 44.80 28.87
CA HIS O 73 -24.01 46.09 29.54
C HIS O 73 -24.04 46.01 31.08
N PHE O 74 -23.64 47.12 31.72
CA PHE O 74 -23.66 47.29 33.18
C PHE O 74 -23.97 48.74 33.53
N SER O 75 -24.63 48.95 34.67
CA SER O 75 -25.14 50.27 35.03
C SER O 75 -24.91 50.65 36.50
N LEU O 76 -24.61 51.94 36.70
CA LEU O 76 -24.59 52.58 38.01
C LEU O 76 -25.93 53.24 38.28
N HIS O 77 -26.45 52.98 39.48
CA HIS O 77 -27.66 53.61 39.94
C HIS O 77 -27.33 54.45 41.14
N ILE O 78 -27.58 55.74 41.02
CA ILE O 78 -27.57 56.57 42.20
C ILE O 78 -28.99 56.87 42.54
N THR O 79 -29.47 56.20 43.58
CA THR O 79 -30.80 56.46 44.11
C THR O 79 -30.46 57.41 45.23
N GLU O 80 -31.46 58.08 45.80
CA GLU O 80 -31.24 58.93 46.97
C GLU O 80 -30.34 60.12 46.66
N THR O 81 -30.54 60.86 45.56
CA THR O 81 -29.45 61.82 45.21
C THR O 81 -29.26 62.92 46.25
N GLN O 82 -28.15 63.63 46.17
CA GLN O 82 -27.80 64.68 47.14
C GLN O 82 -26.89 65.67 46.46
N PRO O 83 -26.65 66.85 47.06
CA PRO O 83 -25.73 67.77 46.40
C PRO O 83 -24.28 67.27 46.32
N GLU O 84 -23.80 66.51 47.30
CA GLU O 84 -22.43 65.97 47.29
C GLU O 84 -22.17 65.00 46.16
N ASP O 85 -23.22 64.29 45.77
CA ASP O 85 -23.14 63.30 44.72
C ASP O 85 -22.66 63.85 43.37
N SER O 86 -22.72 65.18 43.22
CA SER O 86 -22.21 65.83 42.00
C SER O 86 -20.71 65.61 41.79
N ALA O 87 -20.38 65.15 40.57
CA ALA O 87 -19.04 64.65 40.22
C ALA O 87 -18.94 64.25 38.75
N VAL O 88 -17.79 63.79 38.32
CA VAL O 88 -17.77 63.06 37.06
C VAL O 88 -17.54 61.60 37.35
N TYR O 89 -18.45 60.77 36.86
CA TYR O 89 -18.46 59.35 37.16
C TYR O 89 -17.86 58.63 35.96
N PHE O 90 -17.06 57.61 36.24
CA PHE O 90 -16.43 56.81 35.20
C PHE O 90 -16.74 55.37 35.42
N CYS O 91 -17.17 54.67 34.37
CA CYS O 91 -17.27 53.23 34.49
C CYS O 91 -16.14 52.56 33.73
N ALA O 92 -15.66 51.46 34.28
CA ALA O 92 -14.59 50.74 33.62
C ALA O 92 -14.88 49.25 33.53
N ALA O 93 -14.25 48.61 32.55
CA ALA O 93 -14.30 47.16 32.46
C ALA O 93 -12.92 46.57 32.19
N SER O 94 -12.63 45.46 32.87
CA SER O 94 -11.36 44.76 32.72
C SER O 94 -11.66 43.25 32.72
N ARG O 95 -10.64 42.44 32.52
CA ARG O 95 -10.75 40.99 32.53
C ARG O 95 -10.23 40.41 33.83
N GLY O 96 -10.07 41.28 34.81
CA GLY O 96 -9.49 40.94 36.09
C GLY O 96 -7.99 40.70 36.00
N GLY O 97 -7.39 40.37 37.13
CA GLY O 97 -5.98 40.04 37.18
C GLY O 97 -5.13 41.20 36.66
N ALA O 98 -3.99 40.84 36.09
CA ALA O 98 -3.03 41.81 35.62
C ALA O 98 -3.41 42.57 34.36
N GLN O 99 -4.69 42.58 33.99
CA GLN O 99 -5.08 43.23 32.74
C GLN O 99 -5.72 44.62 32.87
N LYS O 100 -5.73 45.35 31.75
CA LYS O 100 -6.00 46.79 31.68
C LYS O 100 -7.45 47.20 31.97
N LEU O 101 -7.66 48.24 32.75
CA LEU O 101 -9.03 48.75 32.84
C LEU O 101 -9.31 49.61 31.64
N VAL O 102 -10.56 49.59 31.20
CA VAL O 102 -10.96 50.39 30.06
C VAL O 102 -12.04 51.35 30.48
N PHE O 103 -11.83 52.63 30.23
CA PHE O 103 -12.78 53.58 30.78
C PHE O 103 -13.72 54.06 29.70
N GLY O 104 -14.90 54.49 30.15
CA GLY O 104 -15.90 55.08 29.28
C GLY O 104 -15.54 56.53 29.12
N GLN O 105 -16.38 57.29 28.44
CA GLN O 105 -16.06 58.70 28.32
C GLN O 105 -16.23 59.39 29.66
N GLY O 106 -17.01 58.79 30.55
CA GLY O 106 -17.31 59.37 31.85
C GLY O 106 -18.53 60.27 31.74
N THR O 107 -19.23 60.44 32.86
CA THR O 107 -20.47 61.19 32.87
C THR O 107 -20.37 62.34 33.84
N ARG O 108 -20.82 63.52 33.40
CA ARG O 108 -20.78 64.75 34.22
C ARG O 108 -22.08 64.97 34.99
N LEU O 109 -22.08 64.59 36.26
CA LEU O 109 -23.33 64.57 37.04
C LEU O 109 -23.58 65.82 37.89
N THR O 110 -24.65 66.54 37.58
CA THR O 110 -25.10 67.65 38.41
C THR O 110 -26.35 67.25 39.15
N ILE O 111 -26.30 67.32 40.48
CA ILE O 111 -27.51 67.12 41.27
C ILE O 111 -28.01 68.51 41.67
N ASN O 112 -28.96 69.04 40.89
CA ASN O 112 -29.49 70.37 41.19
C ASN O 112 -30.16 70.31 42.56
N PRO O 113 -29.93 71.34 43.38
CA PRO O 113 -30.40 71.22 44.75
C PRO O 113 -31.83 71.65 44.86
N ASN O 114 -32.54 71.25 45.92
CA ASN O 114 -33.88 71.77 46.16
C ASN O 114 -33.76 73.12 46.87
N ILE O 115 -34.33 74.15 46.26
CA ILE O 115 -34.18 75.51 46.76
C ILE O 115 -35.20 76.04 47.77
N GLN O 116 -34.72 76.11 49.02
CA GLN O 116 -35.21 76.96 50.12
C GLN O 116 -36.62 77.56 49.96
N ASN O 117 -36.68 78.89 49.97
CA ASN O 117 -37.84 79.71 49.64
C ASN O 117 -37.27 80.72 48.67
N PRO O 118 -37.24 80.35 47.38
CA PRO O 118 -36.61 81.14 46.31
C PRO O 118 -36.91 82.61 46.44
N ASP O 119 -35.89 83.42 46.74
CA ASP O 119 -36.05 84.87 46.88
C ASP O 119 -35.19 85.59 45.86
N PRO O 120 -35.42 85.30 44.57
CA PRO O 120 -34.47 85.68 43.53
C PRO O 120 -34.33 87.20 43.40
N ALA O 121 -33.17 87.64 42.96
CA ALA O 121 -32.82 89.05 42.99
C ALA O 121 -31.52 89.27 42.21
N VAL O 122 -31.27 90.48 41.75
CA VAL O 122 -29.99 90.80 41.11
C VAL O 122 -29.43 92.02 41.81
N TYR O 123 -28.48 91.79 42.72
CA TYR O 123 -27.85 92.88 43.47
C TYR O 123 -26.56 93.35 42.78
N GLN O 124 -26.12 94.59 43.05
CA GLN O 124 -24.84 95.05 42.49
C GLN O 124 -23.88 95.48 43.58
N LEU O 125 -22.68 94.92 43.52
CA LEU O 125 -21.64 95.11 44.52
C LEU O 125 -20.58 96.09 43.94
N ARG O 126 -19.83 96.84 44.76
CA ARG O 126 -18.60 97.46 44.22
C ARG O 126 -17.44 97.30 45.21
N ASP O 127 -16.30 97.90 44.93
CA ASP O 127 -15.02 97.31 45.32
C ASP O 127 -14.17 97.97 46.42
N SER O 128 -13.06 98.61 46.01
CA SER O 128 -11.91 98.97 46.87
C SER O 128 -10.74 99.31 45.94
N LYS O 129 -10.93 100.25 45.01
CA LYS O 129 -10.68 99.88 43.61
C LYS O 129 -9.43 100.25 42.83
N SER O 130 -8.83 99.19 42.31
CA SER O 130 -8.09 99.25 41.07
C SER O 130 -8.78 98.06 40.40
N SER O 131 -8.92 98.08 39.06
CA SER O 131 -9.47 96.98 38.19
C SER O 131 -10.83 97.13 37.45
N ASP O 132 -11.49 98.29 37.49
CA ASP O 132 -12.70 98.51 36.67
C ASP O 132 -13.90 97.68 37.21
N LYS O 133 -15.01 97.64 36.46
CA LYS O 133 -16.29 96.96 36.80
C LYS O 133 -17.10 97.50 37.97
N SER O 134 -18.40 97.23 37.92
CA SER O 134 -19.09 96.64 39.05
C SER O 134 -19.39 95.22 38.60
N VAL O 135 -19.79 94.38 39.54
CA VAL O 135 -20.17 93.02 39.22
C VAL O 135 -21.61 92.90 39.69
N CYS O 136 -22.41 92.06 39.03
CA CYS O 136 -23.79 91.89 39.44
C CYS O 136 -24.07 90.46 39.88
N LEU O 137 -24.85 90.31 40.94
CA LEU O 137 -25.10 89.00 41.52
C LEU O 137 -26.55 88.60 41.40
N PHE O 138 -26.80 87.50 40.70
CA PHE O 138 -28.13 86.95 40.54
C PHE O 138 -28.24 85.74 41.46
N THR O 139 -28.64 85.99 42.71
CA THR O 139 -28.57 84.96 43.74
C THR O 139 -29.97 84.52 44.16
N ASP O 140 -30.01 83.44 44.95
CA ASP O 140 -31.18 82.95 45.68
C ASP O 140 -32.22 82.21 44.83
N PHE O 141 -32.23 82.39 43.52
CA PHE O 141 -33.27 81.82 42.67
C PHE O 141 -33.35 80.31 42.78
N ASP O 142 -34.39 79.72 42.22
CA ASP O 142 -34.65 78.30 42.43
C ASP O 142 -34.09 77.53 41.28
N SER O 143 -34.13 76.21 41.42
CA SER O 143 -33.38 75.29 40.59
C SER O 143 -33.84 75.26 39.14
N GLN O 144 -35.06 75.74 38.92
CA GLN O 144 -35.69 75.63 37.62
C GLN O 144 -35.35 76.79 36.67
N THR O 145 -34.63 77.78 37.17
CA THR O 145 -34.02 78.78 36.32
C THR O 145 -32.72 78.30 35.68
N ASN O 146 -32.60 78.44 34.36
CA ASN O 146 -31.31 78.25 33.73
C ASN O 146 -30.75 79.60 33.28
N VAL O 147 -29.42 79.74 33.38
CA VAL O 147 -28.73 80.97 33.02
C VAL O 147 -27.96 80.67 31.74
N SER O 148 -28.15 81.49 30.71
CA SER O 148 -27.32 81.41 29.50
C SER O 148 -26.36 82.62 29.49
N GLN O 149 -25.61 82.81 28.42
CA GLN O 149 -24.60 83.85 28.51
C GLN O 149 -25.07 85.20 27.97
N SER O 150 -24.11 86.09 27.77
CA SER O 150 -24.33 87.38 27.14
C SER O 150 -24.30 87.29 25.61
N LYS O 151 -24.72 88.36 24.95
CA LYS O 151 -24.33 88.53 23.55
C LYS O 151 -23.53 89.81 23.52
N ASP O 152 -22.40 89.73 24.23
CA ASP O 152 -21.39 90.77 24.29
C ASP O 152 -20.02 90.09 24.34
N SER O 153 -19.00 90.79 23.86
CA SER O 153 -17.62 90.35 24.00
C SER O 153 -16.98 90.90 25.25
N ASP O 154 -17.69 91.81 25.92
CA ASP O 154 -17.09 92.56 27.02
C ASP O 154 -17.96 92.53 28.27
N VAL O 155 -19.01 91.72 28.22
CA VAL O 155 -19.88 91.44 29.35
C VAL O 155 -19.72 89.99 29.73
N TYR O 156 -19.20 89.74 30.93
CA TYR O 156 -18.86 88.37 31.34
C TYR O 156 -19.86 87.78 32.30
N ILE O 157 -20.47 86.65 31.92
CA ILE O 157 -21.45 85.99 32.77
C ILE O 157 -21.04 84.55 33.03
N THR O 158 -20.96 84.19 34.31
CA THR O 158 -20.59 82.82 34.65
C THR O 158 -21.82 81.94 34.77
N ASP O 159 -21.57 80.66 34.97
CA ASP O 159 -22.60 79.63 35.01
C ASP O 159 -23.21 79.54 36.42
N LYS O 160 -24.41 78.95 36.54
CA LYS O 160 -25.06 78.70 37.84
C LYS O 160 -24.13 77.93 38.80
N CYS O 161 -24.34 78.08 40.11
CA CYS O 161 -23.35 77.65 41.13
C CYS O 161 -23.98 77.58 42.53
N VAL O 162 -23.57 76.62 43.34
CA VAL O 162 -24.29 76.41 44.59
C VAL O 162 -23.42 76.44 45.83
N LEU O 163 -23.67 77.39 46.72
CA LEU O 163 -22.91 77.43 47.96
C LEU O 163 -23.80 76.94 49.08
N ASP O 164 -23.21 76.29 50.08
CA ASP O 164 -23.95 75.77 51.22
C ASP O 164 -23.47 76.33 52.56
N MET O 165 -24.15 77.40 53.02
CA MET O 165 -23.93 77.94 54.36
C MET O 165 -24.34 76.90 55.37
N ARG O 166 -23.38 76.11 55.84
CA ARG O 166 -23.73 74.86 56.49
C ARG O 166 -24.33 75.03 57.90
N SER O 167 -24.01 76.14 58.56
CA SER O 167 -24.52 76.41 59.90
C SER O 167 -26.01 76.68 59.92
N MET O 168 -26.51 77.30 58.85
CA MET O 168 -27.91 77.60 58.79
C MET O 168 -28.62 76.81 57.72
N ASP O 169 -28.20 75.56 57.50
CA ASP O 169 -28.89 74.60 56.58
C ASP O 169 -29.51 75.31 55.39
N PHE O 170 -28.78 76.27 54.83
CA PHE O 170 -29.28 77.11 53.74
C PHE O 170 -28.42 76.94 52.50
N LYS O 171 -29.05 76.55 51.40
CA LYS O 171 -28.38 76.51 50.11
C LYS O 171 -28.96 77.59 49.21
N SER O 172 -28.12 78.12 48.34
CA SER O 172 -28.56 79.14 47.41
C SER O 172 -27.74 79.07 46.15
N ASN O 173 -28.40 79.37 45.05
CA ASN O 173 -27.75 79.46 43.76
C ASN O 173 -27.18 80.84 43.60
N SER O 174 -26.33 81.01 42.60
CA SER O 174 -26.16 82.34 42.00
C SER O 174 -25.31 82.29 40.75
N ALA O 175 -25.30 83.43 40.07
CA ALA O 175 -24.43 83.69 38.94
C ALA O 175 -23.77 85.07 39.05
N VAL O 176 -22.61 85.22 38.43
CA VAL O 176 -21.90 86.49 38.45
C VAL O 176 -21.93 87.04 37.04
N ALA O 177 -21.91 88.35 36.94
CA ALA O 177 -21.89 89.02 35.67
C ALA O 177 -21.11 90.33 35.85
N TRP O 178 -20.09 90.57 35.02
CA TRP O 178 -19.31 91.79 35.14
C TRP O 178 -18.92 92.35 33.77
N SER O 179 -18.65 93.65 33.72
CA SER O 179 -18.30 94.32 32.47
C SER O 179 -17.70 95.73 32.62
N ASN O 180 -17.22 96.23 31.48
CA ASN O 180 -16.48 97.47 31.32
C ASN O 180 -17.35 98.70 31.09
N LYS O 181 -18.45 98.45 30.38
CA LYS O 181 -19.40 99.44 29.93
C LYS O 181 -19.77 100.47 30.99
N SER O 182 -19.78 101.75 30.61
CA SER O 182 -20.45 102.77 31.41
C SER O 182 -21.94 102.42 31.30
N ASP O 183 -22.23 101.75 30.19
CA ASP O 183 -23.46 101.06 29.81
C ASP O 183 -23.57 99.66 30.50
N PHE O 184 -23.39 99.53 31.80
CA PHE O 184 -23.47 98.13 32.18
C PHE O 184 -24.73 97.92 32.99
N ALA O 185 -24.70 98.21 34.29
CA ALA O 185 -25.86 98.08 35.18
C ALA O 185 -26.61 96.75 35.16
N CYS O 186 -27.12 96.37 36.31
CA CYS O 186 -27.65 95.03 36.51
C CYS O 186 -29.07 94.86 35.96
N ALA O 187 -29.78 95.98 35.78
CA ALA O 187 -31.20 95.97 35.43
C ALA O 187 -31.49 95.09 34.21
N ASN O 188 -30.77 95.31 33.13
CA ASN O 188 -30.67 94.29 32.10
C ASN O 188 -29.21 94.05 31.89
N ALA O 189 -28.73 93.03 32.59
CA ALA O 189 -27.36 92.58 32.47
C ALA O 189 -27.46 91.12 32.10
N PHE O 190 -28.52 90.49 32.60
CA PHE O 190 -28.77 89.10 32.28
C PHE O 190 -29.74 89.04 31.10
N ASN O 191 -29.19 88.57 29.99
CA ASN O 191 -29.93 88.16 28.80
C ASN O 191 -31.25 87.49 29.18
N ASN O 192 -31.12 86.18 29.39
CA ASN O 192 -32.11 85.14 29.76
C ASN O 192 -33.50 85.28 30.32
N SER O 193 -34.08 84.07 30.41
CA SER O 193 -35.32 83.80 31.09
C SER O 193 -35.10 83.52 32.56
N ILE O 194 -35.08 84.62 33.28
CA ILE O 194 -35.10 84.75 34.71
C ILE O 194 -36.31 84.02 35.36
N ILE O 195 -36.64 84.22 36.63
CA ILE O 195 -37.86 83.60 37.18
C ILE O 195 -39.16 84.39 36.66
N PRO O 196 -40.32 84.60 37.39
CA PRO O 196 -41.28 85.20 36.43
C PRO O 196 -40.97 86.62 36.05
N GLU O 197 -41.05 87.41 37.09
CA GLU O 197 -39.79 87.88 37.61
C GLU O 197 -40.02 88.68 38.84
N ASP O 198 -39.95 87.94 39.92
CA ASP O 198 -40.05 88.48 41.24
C ASP O 198 -38.77 89.26 41.51
N THR O 199 -37.68 88.94 40.77
CA THR O 199 -36.34 89.39 41.19
C THR O 199 -36.37 90.81 41.62
N PHE O 200 -36.22 90.90 42.93
CA PHE O 200 -36.10 92.12 43.65
C PHE O 200 -34.98 92.91 42.97
N PHE O 201 -35.30 94.10 42.48
CA PHE O 201 -34.40 94.87 41.61
C PHE O 201 -34.24 96.24 42.26
N PRO O 202 -33.59 96.29 43.43
CA PRO O 202 -33.42 97.58 44.12
C PRO O 202 -32.64 98.61 43.28
N ASP P 2 -2.10 60.73 56.81
CA ASP P 2 -1.77 59.30 56.86
C ASP P 2 -1.15 58.80 55.54
N THR P 3 -1.78 57.78 54.96
CA THR P 3 -1.20 57.05 53.84
C THR P 3 -1.84 57.44 52.49
N ALA P 4 -1.06 57.37 51.41
CA ALA P 4 -1.54 57.78 50.09
C ALA P 4 -0.59 57.57 48.89
N VAL P 5 -1.09 57.96 47.73
CA VAL P 5 -0.39 57.90 46.46
C VAL P 5 -0.07 59.33 46.09
N SER P 6 1.19 59.70 46.28
CA SER P 6 1.65 61.08 46.10
C SER P 6 2.42 61.24 44.80
N GLN P 7 2.50 62.47 44.33
CA GLN P 7 2.82 62.69 42.93
C GLN P 7 3.22 64.16 42.77
N THR P 8 4.45 64.37 42.31
CA THR P 8 4.99 65.70 42.10
C THR P 8 5.50 65.88 40.67
N PRO P 9 5.45 67.10 40.13
CA PRO P 9 4.92 68.38 40.62
C PRO P 9 3.39 68.42 40.60
N LYS P 10 2.79 69.52 40.99
CA LYS P 10 1.34 69.58 40.98
C LYS P 10 0.92 69.98 39.56
N TYR P 11 1.36 71.16 39.16
CA TYR P 11 1.18 71.63 37.81
C TYR P 11 2.58 71.76 37.23
N LEU P 12 2.66 72.09 35.95
CA LEU P 12 3.93 72.25 35.25
C LEU P 12 3.65 72.83 33.88
N VAL P 13 4.50 73.72 33.42
CA VAL P 13 4.27 74.33 32.12
C VAL P 13 5.59 74.70 31.43
N THR P 14 5.76 74.14 30.23
CA THR P 14 6.88 74.47 29.35
C THR P 14 6.45 74.41 27.91
N GLN P 15 7.41 74.58 27.02
CA GLN P 15 7.08 74.64 25.59
C GLN P 15 7.66 73.48 24.78
N MET P 16 7.31 73.46 23.49
CA MET P 16 7.62 72.33 22.60
C MET P 16 9.08 71.88 22.59
N GLY P 17 9.26 70.56 22.53
CA GLY P 17 10.57 69.97 22.40
C GLY P 17 11.43 70.15 23.63
N ASN P 18 10.82 70.46 24.77
CA ASN P 18 11.57 70.51 26.02
C ASN P 18 11.70 69.13 26.68
N ASP P 19 12.34 69.09 27.85
CA ASP P 19 12.44 67.85 28.63
C ASP P 19 11.99 68.05 30.08
N LYS P 20 11.02 67.22 30.48
CA LYS P 20 10.38 67.30 31.79
C LYS P 20 10.29 65.90 32.41
N SER P 21 10.34 65.80 33.73
CA SER P 21 10.15 64.52 34.40
C SER P 21 9.21 64.60 35.60
N ILE P 22 8.37 63.58 35.71
CA ILE P 22 7.35 63.46 36.74
C ILE P 22 7.64 62.29 37.66
N LYS P 23 7.40 62.46 38.95
CA LYS P 23 7.61 61.39 39.90
C LYS P 23 6.28 60.96 40.57
N CYS P 24 6.33 59.84 41.29
CA CYS P 24 5.20 59.37 42.05
C CYS P 24 5.61 58.29 43.05
N GLU P 25 4.85 58.20 44.14
CA GLU P 25 5.22 57.34 45.26
C GLU P 25 3.99 56.92 46.04
N GLN P 26 4.01 55.70 46.58
CA GLN P 26 2.92 55.23 47.44
C GLN P 26 3.45 54.43 48.62
N ASN P 27 2.95 54.72 49.82
CA ASN P 27 3.39 53.93 50.96
C ASN P 27 2.26 53.10 51.50
N LEU P 28 1.40 52.71 50.56
CA LEU P 28 0.29 51.81 50.83
C LEU P 28 0.77 50.37 50.95
N GLY P 29 1.91 50.06 50.33
CA GLY P 29 2.45 48.72 50.40
C GLY P 29 1.90 47.87 49.28
N HIS P 30 1.94 48.41 48.09
CA HIS P 30 1.26 47.79 46.98
C HIS P 30 2.21 47.08 46.06
N ASP P 31 1.65 46.11 45.34
CA ASP P 31 2.33 45.38 44.28
C ASP P 31 2.66 46.23 43.09
N THR P 32 1.59 46.83 42.59
CA THR P 32 1.56 47.45 41.30
C THR P 32 1.49 48.98 41.36
N MET P 33 1.98 49.65 40.33
CA MET P 33 1.77 51.07 40.21
C MET P 33 1.46 51.33 38.73
N TYR P 34 0.90 52.48 38.38
CA TYR P 34 0.36 52.67 37.04
C TYR P 34 0.61 54.06 36.56
N TRP P 35 0.47 54.29 35.26
CA TRP P 35 0.45 55.66 34.75
C TRP P 35 -0.68 55.82 33.77
N TYR P 36 -1.57 56.79 34.03
CA TYR P 36 -2.60 57.08 33.05
C TYR P 36 -2.51 58.48 32.48
N LYS P 37 -2.85 58.60 31.21
CA LYS P 37 -2.98 59.93 30.63
C LYS P 37 -4.46 60.25 30.52
N GLN P 38 -4.85 61.40 31.06
CA GLN P 38 -6.20 61.86 30.95
C GLN P 38 -6.14 63.09 30.08
N ASP P 39 -6.69 63.01 28.87
CA ASP P 39 -6.53 64.10 27.89
C ASP P 39 -7.54 65.22 28.05
N SER P 40 -7.49 66.18 27.13
CA SER P 40 -8.33 67.38 27.18
C SER P 40 -9.77 67.11 27.61
N LYS P 41 -10.48 66.28 26.83
CA LYS P 41 -11.75 65.68 27.26
C LYS P 41 -11.61 64.42 28.13
N LYS P 42 -11.75 64.65 29.43
CA LYS P 42 -11.54 63.69 30.52
C LYS P 42 -11.43 62.17 30.27
N PHE P 43 -10.78 61.74 29.19
CA PHE P 43 -10.78 60.31 28.93
C PHE P 43 -9.50 59.73 29.53
N LEU P 44 -9.63 58.68 30.34
CA LEU P 44 -8.47 58.03 30.98
C LEU P 44 -7.89 56.96 30.07
N LYS P 45 -6.60 56.98 29.80
CA LYS P 45 -6.01 55.82 29.13
C LYS P 45 -4.78 55.27 29.85
N ILE P 46 -4.82 54.00 30.22
CA ILE P 46 -3.68 53.34 30.84
C ILE P 46 -2.49 53.43 29.87
N MET P 47 -1.29 53.70 30.40
CA MET P 47 -0.07 53.80 29.59
C MET P 47 0.88 52.64 29.92
N PHE P 48 1.37 52.64 31.15
CA PHE P 48 2.27 51.59 31.63
C PHE P 48 1.83 51.06 32.99
N SER P 49 2.52 50.02 33.45
CA SER P 49 2.30 49.49 34.79
C SER P 49 3.54 48.71 35.24
N TYR P 50 3.69 48.49 36.54
CA TYR P 50 4.90 47.83 37.04
C TYR P 50 4.52 46.95 38.21
N ASN P 51 4.70 45.63 38.08
CA ASN P 51 4.50 44.77 39.25
C ASN P 51 5.89 44.45 39.77
N ASN P 52 6.23 44.90 40.98
CA ASN P 52 7.55 44.57 41.51
C ASN P 52 8.69 44.85 40.51
N LYS P 53 8.89 46.13 40.18
CA LYS P 53 9.93 46.54 39.24
C LYS P 53 9.66 46.03 37.82
N GLU P 54 8.94 44.91 37.71
CA GLU P 54 8.62 44.28 36.43
C GLU P 54 7.51 44.99 35.69
N LEU P 55 7.80 45.42 34.45
CA LEU P 55 6.82 46.13 33.63
C LEU P 55 5.83 45.19 32.95
N ILE P 56 4.54 45.44 33.11
CA ILE P 56 3.51 44.62 32.49
C ILE P 56 2.87 45.35 31.32
N ILE P 57 1.92 46.22 31.62
CA ILE P 57 1.20 46.94 30.58
C ILE P 57 2.16 47.88 29.85
N ASN P 58 2.04 47.99 28.53
CA ASN P 58 2.91 48.91 27.77
C ASN P 58 2.14 49.73 26.75
N GLU P 59 1.01 49.19 26.35
CA GLU P 59 0.18 49.79 25.30
C GLU P 59 1.09 50.21 24.16
N THR P 60 1.08 51.48 23.77
CA THR P 60 1.95 51.89 22.67
C THR P 60 3.01 52.88 23.14
N VAL P 61 4.23 52.70 22.66
CA VAL P 61 5.34 53.44 23.22
C VAL P 61 5.88 54.41 22.15
N PRO P 62 5.29 55.63 22.13
CA PRO P 62 6.11 56.72 21.61
C PRO P 62 7.30 56.75 22.55
N ASN P 63 8.45 56.28 22.11
CA ASN P 63 9.47 55.96 23.09
C ASN P 63 10.25 57.19 23.59
N ARG P 64 9.69 58.37 23.30
CA ARG P 64 9.93 59.59 24.08
C ARG P 64 9.49 59.31 25.50
N PHE P 65 8.25 58.85 25.61
CA PHE P 65 7.67 58.39 26.86
C PHE P 65 8.46 57.25 27.50
N SER P 66 9.21 57.53 28.56
CA SER P 66 10.01 56.50 29.23
C SER P 66 9.80 56.36 30.74
N PRO P 67 8.99 55.35 31.14
CA PRO P 67 8.75 55.01 32.56
C PRO P 67 10.04 54.64 33.29
N LYS P 68 9.93 54.32 34.57
CA LYS P 68 11.07 53.86 35.36
C LYS P 68 10.56 53.54 36.76
N SER P 69 10.69 52.29 37.19
CA SER P 69 10.24 51.97 38.54
C SER P 69 11.37 51.32 39.32
N PRO P 70 12.10 52.14 40.08
CA PRO P 70 13.27 51.76 40.89
C PRO P 70 12.98 50.70 41.95
N ASP P 71 11.97 50.95 42.78
CA ASP P 71 11.48 49.96 43.74
C ASP P 71 9.96 49.88 43.70
N LYS P 72 9.42 48.98 44.51
CA LYS P 72 7.98 48.77 44.55
C LYS P 72 7.15 50.02 44.83
N ALA P 73 7.76 50.98 45.51
CA ALA P 73 7.04 52.11 46.12
C ALA P 73 7.15 53.43 45.35
N HIS P 74 8.06 53.43 44.37
CA HIS P 74 8.29 54.65 43.58
C HIS P 74 8.04 54.35 42.10
N LEU P 75 7.69 55.39 41.34
CA LEU P 75 7.35 55.19 39.93
C LEU P 75 7.36 56.52 39.20
N ASN P 76 8.33 56.67 38.31
CA ASN P 76 8.53 57.93 37.62
C ASN P 76 8.37 57.83 36.12
N LEU P 77 8.07 58.96 35.51
CA LEU P 77 7.91 59.05 34.08
C LEU P 77 8.64 60.27 33.60
N HIS P 78 9.66 60.03 32.77
CA HIS P 78 10.41 61.07 32.07
C HIS P 78 9.85 61.19 30.65
N ILE P 79 9.43 62.40 30.30
CA ILE P 79 8.92 62.61 28.96
C ILE P 79 9.89 63.49 28.20
N ASN P 80 10.27 63.08 26.98
CA ASN P 80 11.30 63.81 26.25
C ASN P 80 10.76 64.34 24.93
N SER P 81 11.27 65.50 24.50
CA SER P 81 10.83 66.16 23.27
C SER P 81 9.31 66.34 23.26
N LEU P 82 8.83 67.41 23.89
CA LEU P 82 7.41 67.55 24.18
C LEU P 82 6.50 67.93 22.99
N GLU P 83 5.22 67.62 23.21
CA GLU P 83 4.10 67.56 22.22
C GLU P 83 3.09 68.60 22.64
N LEU P 84 2.37 69.32 21.78
CA LEU P 84 1.28 70.13 22.37
C LEU P 84 0.21 69.18 22.95
N GLY P 85 0.18 67.95 22.45
CA GLY P 85 -0.80 66.93 22.79
C GLY P 85 -0.48 66.18 24.05
N ASP P 86 0.69 66.44 24.62
CA ASP P 86 0.93 65.96 25.97
C ASP P 86 0.14 66.78 26.94
N SER P 87 -0.49 67.85 26.44
CA SER P 87 -1.32 68.67 27.28
C SER P 87 -2.39 67.76 27.80
N ALA P 88 -2.08 67.18 28.94
CA ALA P 88 -2.93 66.21 29.57
C ALA P 88 -2.65 66.21 31.06
N VAL P 89 -3.37 65.39 31.80
CA VAL P 89 -3.09 65.22 33.21
C VAL P 89 -2.66 63.80 33.45
N TYR P 90 -1.51 63.63 34.06
CA TYR P 90 -0.96 62.29 34.15
C TYR P 90 -1.18 61.76 35.56
N PHE P 91 -1.79 60.58 35.66
CA PHE P 91 -2.16 60.01 36.94
C PHE P 91 -1.40 58.76 37.31
N CYS P 92 -0.56 58.89 38.32
CA CYS P 92 -0.03 57.72 38.99
C CYS P 92 -1.16 56.99 39.68
N ALA P 93 -1.04 55.66 39.78
CA ALA P 93 -1.97 54.93 40.62
C ALA P 93 -1.28 53.70 41.15
N SER P 94 -1.90 53.04 42.11
CA SER P 94 -1.37 51.76 42.57
C SER P 94 -2.49 50.89 43.12
N SER P 95 -2.37 49.60 42.83
CA SER P 95 -3.38 48.58 43.17
C SER P 95 -2.69 47.50 43.97
N GLN P 96 -3.42 46.48 44.43
CA GLN P 96 -2.64 45.33 44.80
C GLN P 96 -3.15 44.05 44.14
N LEU P 97 -2.33 43.56 43.20
CA LEU P 97 -2.50 42.28 42.54
C LEU P 97 -2.02 41.30 43.61
N ALA P 98 -2.71 40.16 43.75
CA ALA P 98 -2.47 39.06 44.72
C ALA P 98 -3.74 38.79 45.53
N GLY P 99 -4.04 37.51 45.72
CA GLY P 99 -5.22 37.09 46.43
C GLY P 99 -6.42 37.17 45.52
N GLY P 100 -6.20 37.34 44.23
CA GLY P 100 -7.32 37.40 43.32
C GLY P 100 -7.09 38.10 42.00
N PRO P 101 -6.82 39.41 42.05
CA PRO P 101 -6.64 40.23 43.25
C PRO P 101 -7.89 40.31 44.13
N LEU P 102 -7.67 40.16 45.44
CA LEU P 102 -8.71 40.28 46.46
C LEU P 102 -9.21 41.71 46.53
N TYR P 103 -8.27 42.63 46.57
CA TYR P 103 -8.62 44.03 46.58
C TYR P 103 -8.31 44.67 45.24
N ASN P 104 -9.37 45.05 44.55
CA ASN P 104 -9.28 45.37 43.14
C ASN P 104 -9.10 46.84 42.88
N GLU P 105 -9.30 47.63 43.92
CA GLU P 105 -9.37 49.02 43.59
C GLU P 105 -7.98 49.58 43.31
N GLN P 106 -7.97 50.54 42.40
CA GLN P 106 -6.76 51.22 42.10
C GLN P 106 -6.80 52.57 42.83
N PHE P 107 -5.69 52.93 43.45
CA PHE P 107 -5.66 54.15 44.19
C PHE P 107 -5.00 55.23 43.40
N PHE P 108 -5.69 56.35 43.19
CA PHE P 108 -5.11 57.41 42.36
C PHE P 108 -4.36 58.52 43.12
N GLY P 109 -3.33 59.05 42.46
CA GLY P 109 -2.66 60.23 42.96
C GLY P 109 -3.46 61.42 42.44
N PRO P 110 -3.06 62.63 42.86
CA PRO P 110 -3.74 63.90 42.58
C PRO P 110 -3.45 64.38 41.17
N GLY P 111 -2.64 63.63 40.45
CA GLY P 111 -2.39 63.96 39.07
C GLY P 111 -1.40 65.08 38.94
N THR P 112 -0.58 65.00 37.90
CA THR P 112 0.34 66.06 37.60
C THR P 112 -0.19 66.79 36.37
N ARG P 113 -0.74 67.99 36.52
CA ARG P 113 -1.22 68.69 35.33
C ARG P 113 -0.07 69.27 34.52
N LEU P 114 -0.14 69.06 33.21
CA LEU P 114 0.89 69.52 32.31
C LEU P 114 0.32 70.15 31.05
N THR P 115 0.61 71.43 30.87
CA THR P 115 0.28 72.09 29.63
C THR P 115 1.57 72.56 28.95
N VAL P 116 1.71 72.16 27.70
CA VAL P 116 2.82 72.52 26.82
C VAL P 116 2.47 73.46 25.68
N LEU P 117 3.26 74.51 25.56
CA LEU P 117 2.92 75.61 24.65
C LEU P 117 3.90 75.77 23.49
N GLU P 118 3.42 76.36 22.41
CA GLU P 118 4.29 76.82 21.33
C GLU P 118 5.19 77.98 21.79
N ASP P 119 4.65 78.81 22.70
CA ASP P 119 5.24 80.10 23.06
C ASP P 119 4.82 80.55 24.46
N LEU P 120 5.78 80.60 25.37
CA LEU P 120 5.51 81.00 26.75
C LEU P 120 5.22 82.46 27.00
N LYS P 121 5.33 83.30 25.99
CA LYS P 121 5.04 84.69 26.26
C LYS P 121 3.56 84.98 26.41
N ASN P 122 2.67 84.02 26.11
CA ASN P 122 1.27 84.37 26.26
C ASN P 122 0.82 83.85 27.64
N VAL P 123 1.78 83.57 28.50
CA VAL P 123 1.46 83.18 29.85
C VAL P 123 1.37 84.40 30.72
N PHE P 124 0.29 84.44 31.52
CA PHE P 124 0.05 85.53 32.46
C PHE P 124 -0.52 85.06 33.79
N PRO P 125 -0.08 85.70 34.86
CA PRO P 125 -0.72 85.51 36.17
C PRO P 125 -2.03 86.31 36.23
N PRO P 126 -2.88 86.01 37.21
CA PRO P 126 -4.21 86.62 37.29
C PRO P 126 -4.26 87.87 38.14
N GLU P 127 -5.23 88.71 37.81
CA GLU P 127 -5.58 89.82 38.69
C GLU P 127 -6.74 89.38 39.57
N VAL P 128 -6.69 89.79 40.84
CA VAL P 128 -7.67 89.35 41.81
C VAL P 128 -8.45 90.51 42.37
N ALA P 129 -9.76 90.52 42.16
CA ALA P 129 -10.59 91.55 42.76
C ALA P 129 -11.57 90.88 43.70
N VAL P 130 -11.80 91.51 44.84
CA VAL P 130 -12.89 91.10 45.74
C VAL P 130 -13.91 92.20 45.71
N PHE P 131 -15.19 91.88 45.80
CA PHE P 131 -16.20 92.93 45.79
C PHE P 131 -17.07 92.83 47.04
N GLU P 132 -17.27 93.94 47.73
CA GLU P 132 -17.93 93.91 49.03
C GLU P 132 -19.43 93.87 48.77
N PRO P 133 -20.16 93.10 49.59
CA PRO P 133 -21.57 92.80 49.31
C PRO P 133 -22.44 94.06 49.25
N SER P 134 -23.44 94.04 48.36
CA SER P 134 -24.34 95.18 48.27
C SER P 134 -25.18 95.18 49.50
N GLU P 135 -25.62 96.36 49.88
CA GLU P 135 -26.44 96.53 51.06
C GLU P 135 -27.88 96.16 50.72
N ALA P 136 -28.14 96.00 49.43
CA ALA P 136 -29.45 95.59 48.96
C ALA P 136 -29.86 94.26 49.58
N GLU P 137 -29.01 93.25 49.39
CA GLU P 137 -29.33 91.89 49.84
C GLU P 137 -29.22 91.78 51.34
N ILE P 138 -28.45 92.68 51.94
CA ILE P 138 -28.26 92.64 53.37
C ILE P 138 -29.59 93.00 54.05
N SER P 139 -30.35 93.91 53.47
CA SER P 139 -31.70 94.15 53.98
C SER P 139 -32.63 93.00 53.62
N HIS P 140 -32.78 92.77 52.31
CA HIS P 140 -33.77 91.85 51.78
C HIS P 140 -33.54 90.37 52.19
N THR P 141 -32.34 90.02 52.67
CA THR P 141 -32.09 88.63 53.11
C THR P 141 -31.33 88.51 54.45
N GLN P 142 -30.69 89.58 54.88
CA GLN P 142 -29.81 89.55 56.07
C GLN P 142 -28.68 88.53 55.92
N LYS P 143 -28.15 88.44 54.70
CA LYS P 143 -27.00 87.61 54.34
C LYS P 143 -26.13 88.44 53.40
N ALA P 144 -24.85 88.09 53.33
CA ALA P 144 -23.90 88.90 52.57
C ALA P 144 -23.00 88.07 51.65
N THR P 145 -23.20 88.24 50.35
CA THR P 145 -22.35 87.56 49.39
C THR P 145 -21.21 88.46 48.91
N LEU P 146 -19.97 88.05 49.22
CA LEU P 146 -18.77 88.63 48.62
C LEU P 146 -18.45 87.89 47.32
N VAL P 147 -17.97 88.63 46.31
CA VAL P 147 -17.60 88.02 45.04
C VAL P 147 -16.13 88.28 44.75
N CYS P 148 -15.39 87.23 44.42
CA CYS P 148 -14.00 87.41 44.03
C CYS P 148 -13.81 87.23 42.54
N LEU P 149 -13.05 88.11 41.91
CA LEU P 149 -12.72 87.92 40.49
C LEU P 149 -11.22 87.74 40.24
N ALA P 150 -10.86 86.54 39.77
CA ALA P 150 -9.52 86.26 39.33
C ALA P 150 -9.48 86.19 37.81
N THR P 151 -8.76 87.11 37.18
CA THR P 151 -8.87 87.28 35.73
C THR P 151 -7.55 87.52 34.97
N GLY P 152 -7.58 87.16 33.68
CA GLY P 152 -6.50 87.41 32.74
C GLY P 152 -5.32 86.49 32.92
N PHE P 153 -5.59 85.20 32.98
CA PHE P 153 -4.53 84.24 33.21
C PHE P 153 -4.50 83.13 32.17
N TYR P 154 -3.29 82.60 31.97
CA TYR P 154 -3.04 81.53 31.03
C TYR P 154 -1.77 80.83 31.47
N PRO P 155 -1.75 79.49 31.43
CA PRO P 155 -2.90 78.60 31.19
C PRO P 155 -3.86 78.53 32.38
N ASP P 156 -4.77 77.56 32.37
CA ASP P 156 -5.77 77.43 33.43
C ASP P 156 -5.14 76.66 34.61
N HIS P 157 -4.22 77.32 35.30
CA HIS P 157 -3.54 76.74 36.47
C HIS P 157 -3.77 77.56 37.75
N VAL P 158 -4.98 77.51 38.29
CA VAL P 158 -5.30 78.29 39.48
C VAL P 158 -5.92 77.46 40.59
N GLU P 159 -5.72 77.95 41.81
CA GLU P 159 -6.38 77.41 42.99
C GLU P 159 -6.86 78.57 43.91
N LEU P 160 -8.16 78.83 43.87
CA LEU P 160 -8.72 79.98 44.55
C LEU P 160 -9.25 79.54 45.90
N SER P 161 -9.06 80.36 46.93
CA SER P 161 -9.54 80.02 48.27
C SER P 161 -9.96 81.24 49.08
N TRP P 162 -10.88 81.02 49.99
CA TRP P 162 -11.31 82.10 50.85
C TRP P 162 -10.70 81.88 52.20
N TRP P 163 -10.03 82.93 52.66
CA TRP P 163 -9.50 83.00 53.99
C TRP P 163 -10.28 84.04 54.74
N VAL P 164 -10.89 83.61 55.83
CA VAL P 164 -11.58 84.50 56.74
C VAL P 164 -10.93 84.45 58.11
N ASN P 165 -10.42 85.61 58.54
CA ASN P 165 -9.69 85.72 59.78
C ASN P 165 -8.60 84.66 59.91
N GLY P 166 -7.75 84.63 58.88
CA GLY P 166 -6.53 83.82 58.91
C GLY P 166 -6.74 82.31 58.99
N LYS P 167 -7.95 81.88 58.74
CA LYS P 167 -8.23 80.48 58.61
C LYS P 167 -8.86 80.34 57.25
N GLU P 168 -8.64 79.21 56.59
CA GLU P 168 -9.21 78.97 55.28
C GLU P 168 -10.66 78.55 55.43
N VAL P 169 -11.53 79.12 54.61
CA VAL P 169 -12.97 78.93 54.77
C VAL P 169 -13.52 78.14 53.59
N HIS P 170 -14.43 77.22 53.90
CA HIS P 170 -15.12 76.40 52.90
C HIS P 170 -16.62 76.62 52.95
N SER P 171 -17.17 76.67 54.16
CA SER P 171 -18.61 76.90 54.31
C SER P 171 -18.98 78.25 53.70
N GLY P 172 -20.17 78.33 53.12
CA GLY P 172 -20.60 79.54 52.46
C GLY P 172 -19.88 79.83 51.15
N VAL P 173 -18.89 78.99 50.79
CA VAL P 173 -18.12 79.24 49.56
C VAL P 173 -18.69 78.50 48.36
N CYS P 174 -18.68 79.18 47.22
CA CYS P 174 -18.83 78.52 45.95
C CYS P 174 -17.88 79.10 44.92
N THR P 175 -17.09 78.25 44.26
CA THR P 175 -16.18 78.69 43.21
C THR P 175 -16.58 78.12 41.83
N ASP P 176 -16.55 78.97 40.79
CA ASP P 176 -16.85 78.54 39.42
C ASP P 176 -16.18 77.22 39.10
N PRO P 177 -16.94 76.28 38.55
CA PRO P 177 -16.40 74.93 38.26
C PRO P 177 -15.30 74.92 37.19
N GLN P 178 -15.44 75.78 36.19
CA GLN P 178 -14.43 75.97 35.14
C GLN P 178 -14.38 77.46 34.78
N PRO P 179 -13.23 77.93 34.21
CA PRO P 179 -13.14 79.35 33.83
C PRO P 179 -13.92 79.74 32.57
N LEU P 180 -13.94 81.03 32.29
CA LEU P 180 -14.48 81.55 31.05
C LEU P 180 -13.30 81.98 30.22
N LYS P 181 -13.36 81.82 28.91
CA LYS P 181 -12.31 82.41 28.10
C LYS P 181 -12.76 83.81 27.72
N GLU P 182 -11.85 84.76 27.89
CA GLU P 182 -12.14 86.18 27.78
C GLU P 182 -12.40 86.58 26.34
N GLN P 183 -11.83 85.79 25.44
CA GLN P 183 -12.12 85.83 24.02
C GLN P 183 -12.37 84.39 23.57
N PRO P 184 -13.63 83.93 23.50
CA PRO P 184 -13.84 82.51 23.14
C PRO P 184 -13.44 82.16 21.70
N ALA P 185 -12.98 83.15 20.97
CA ALA P 185 -12.53 83.02 19.58
C ALA P 185 -11.16 82.37 19.48
N LEU P 186 -10.29 82.62 20.46
CA LEU P 186 -8.88 82.28 20.32
C LEU P 186 -8.37 80.99 20.95
N ASN P 187 -7.12 80.67 20.61
CA ASN P 187 -6.45 79.45 21.05
C ASN P 187 -5.57 79.78 22.24
N ASP P 188 -5.16 81.03 22.22
CA ASP P 188 -4.22 81.59 23.17
C ASP P 188 -4.89 82.30 24.34
N SER P 189 -6.22 82.35 24.28
CA SER P 189 -7.06 83.09 25.23
C SER P 189 -6.70 82.96 26.70
N ARG P 190 -6.71 84.09 27.39
CA ARG P 190 -6.59 84.09 28.84
C ARG P 190 -7.89 83.57 29.47
N TYR P 191 -7.91 83.49 30.79
CA TYR P 191 -9.05 82.95 31.50
C TYR P 191 -9.53 83.90 32.61
N ALA P 192 -10.74 83.62 33.13
CA ALA P 192 -11.35 84.43 34.16
C ALA P 192 -12.24 83.56 35.02
N LEU P 193 -11.96 83.57 36.31
CA LEU P 193 -12.60 82.68 37.27
C LEU P 193 -13.42 83.47 38.29
N SER P 194 -14.57 82.97 38.72
CA SER P 194 -15.31 83.69 39.76
C SER P 194 -15.58 82.83 41.00
N SER P 195 -15.73 83.48 42.15
CA SER P 195 -16.02 82.79 43.40
C SER P 195 -16.86 83.63 44.33
N ARG P 196 -17.51 82.96 45.28
CA ARG P 196 -18.58 83.54 46.05
C ARG P 196 -18.48 83.11 47.52
N LEU P 197 -18.33 84.07 48.43
CA LEU P 197 -18.43 83.75 49.86
C LEU P 197 -19.63 84.43 50.49
N ARG P 198 -20.59 83.62 50.92
CA ARG P 198 -21.78 84.14 51.55
C ARG P 198 -21.70 83.92 53.04
N VAL P 199 -21.83 85.02 53.74
CA VAL P 199 -21.84 85.02 55.17
C VAL P 199 -23.08 85.72 55.67
N SER P 200 -23.41 85.43 56.92
CA SER P 200 -24.32 86.25 57.72
C SER P 200 -24.14 87.75 57.50
N ALA P 201 -25.23 88.50 57.42
CA ALA P 201 -25.12 89.95 57.36
C ALA P 201 -24.42 90.50 58.61
N THR P 202 -24.75 89.89 59.76
CA THR P 202 -24.18 90.33 61.03
C THR P 202 -22.67 90.12 61.01
N PHE P 203 -22.25 88.97 60.48
CA PHE P 203 -20.82 88.68 60.35
C PHE P 203 -20.15 89.73 59.49
N TRP P 204 -20.80 90.10 58.40
CA TRP P 204 -20.22 91.14 57.58
C TRP P 204 -20.10 92.44 58.35
N GLN P 205 -21.13 92.78 59.12
CA GLN P 205 -21.15 94.04 59.86
C GLN P 205 -20.35 93.98 61.16
N ASN P 206 -19.03 94.02 61.01
CA ASN P 206 -18.06 93.88 62.10
C ASN P 206 -16.68 93.96 61.49
N PRO P 207 -16.03 95.10 61.64
CA PRO P 207 -14.73 95.30 61.02
C PRO P 207 -13.58 94.74 61.86
N ARG P 208 -13.86 93.74 62.68
CA ARG P 208 -12.75 92.96 63.18
C ARG P 208 -12.71 91.68 62.34
N ASN P 209 -13.37 91.73 61.20
CA ASN P 209 -13.48 90.56 60.34
C ASN P 209 -12.85 90.81 58.98
N HIS P 210 -11.95 89.89 58.65
CA HIS P 210 -11.03 90.04 57.56
C HIS P 210 -11.32 88.98 56.48
N PHE P 211 -11.55 89.44 55.25
CA PHE P 211 -11.83 88.53 54.14
C PHE P 211 -10.67 88.56 53.17
N ARG P 212 -10.08 87.40 52.87
CA ARG P 212 -9.08 87.36 51.82
C ARG P 212 -9.39 86.33 50.75
N CYS P 213 -9.45 86.78 49.50
CA CYS P 213 -9.50 85.87 48.36
C CYS P 213 -8.09 85.71 47.81
N GLN P 214 -7.66 84.46 47.77
CA GLN P 214 -6.27 84.12 47.56
C GLN P 214 -6.25 83.02 46.48
N VAL P 215 -5.63 83.38 45.36
CA VAL P 215 -5.52 82.54 44.18
C VAL P 215 -4.08 82.11 43.93
N GLN P 216 -3.80 80.81 44.03
CA GLN P 216 -2.51 80.28 43.60
C GLN P 216 -2.40 80.15 42.09
N PHE P 217 -1.36 80.73 41.53
CA PHE P 217 -1.04 80.56 40.14
C PHE P 217 0.14 79.64 40.08
N TYR P 218 0.17 78.81 39.05
CA TYR P 218 1.28 77.93 38.79
C TYR P 218 1.84 78.41 37.46
N GLY P 219 3.11 78.81 37.45
CA GLY P 219 3.68 79.35 36.23
C GLY P 219 5.05 78.86 35.83
N LEU P 220 5.94 79.81 35.55
CA LEU P 220 7.31 79.53 35.11
C LEU P 220 8.17 79.36 36.34
N SER P 221 9.15 78.46 36.24
CA SER P 221 10.07 78.21 37.33
C SER P 221 11.32 79.04 37.28
N GLU P 222 12.27 78.62 38.09
CA GLU P 222 13.51 79.34 38.23
C GLU P 222 14.48 78.94 37.09
N ASN P 223 13.98 78.27 36.04
CA ASN P 223 14.73 78.32 34.78
C ASN P 223 13.82 78.52 33.61
N ASP P 224 13.90 79.68 32.96
CA ASP P 224 13.26 79.84 31.66
C ASP P 224 14.02 80.87 30.86
N GLU P 225 13.29 81.59 30.04
CA GLU P 225 13.84 82.60 29.17
C GLU P 225 12.83 83.72 29.20
N TRP P 226 12.75 84.42 30.32
CA TRP P 226 11.83 85.53 30.24
C TRP P 226 12.64 86.69 29.65
N THR P 227 12.28 87.03 28.42
CA THR P 227 12.88 88.16 27.75
C THR P 227 11.83 89.18 27.35
N GLN P 228 11.54 90.14 28.22
CA GLN P 228 10.55 91.18 27.91
C GLN P 228 10.25 92.10 29.11
N ASP P 229 9.59 93.21 28.77
CA ASP P 229 9.03 94.18 29.70
C ASP P 229 7.80 93.59 30.39
N ARG P 230 7.98 92.47 31.08
CA ARG P 230 6.86 91.72 31.65
C ARG P 230 7.30 91.06 32.94
N ALA P 231 6.34 90.94 33.86
CA ALA P 231 6.52 90.25 35.15
C ALA P 231 7.45 89.05 35.12
N LYS P 232 7.06 88.07 34.32
CA LYS P 232 7.59 86.70 34.28
C LYS P 232 6.64 85.95 35.15
N PRO P 233 5.68 85.26 34.54
CA PRO P 233 4.67 84.50 35.27
C PRO P 233 5.34 83.37 36.03
N VAL P 234 5.98 83.72 37.14
CA VAL P 234 6.48 82.71 38.05
C VAL P 234 5.27 82.19 38.82
N THR P 235 5.30 80.89 39.12
CA THR P 235 4.37 80.34 40.09
C THR P 235 4.38 81.29 41.23
N GLN P 236 3.18 81.74 41.62
CA GLN P 236 3.02 82.81 42.58
C GLN P 236 1.59 82.79 43.09
N ILE P 237 1.34 83.63 44.10
CA ILE P 237 0.03 83.79 44.67
C ILE P 237 -0.42 85.24 44.49
N VAL P 238 -1.70 85.46 44.24
CA VAL P 238 -2.19 86.81 44.05
C VAL P 238 -3.37 87.02 45.00
N SER P 239 -3.19 87.87 46.02
CA SER P 239 -4.24 88.00 47.05
C SER P 239 -4.97 89.35 46.93
N ALA P 240 -6.05 89.52 47.71
CA ALA P 240 -6.82 90.74 47.78
C ALA P 240 -7.75 90.64 48.98
N GLU P 241 -7.89 91.74 49.73
CA GLU P 241 -8.57 91.74 51.03
C GLU P 241 -9.80 92.64 51.09
N ALA P 242 -10.54 92.51 52.19
CA ALA P 242 -11.62 93.43 52.55
C ALA P 242 -12.00 93.22 54.00
N TRP P 243 -12.64 94.25 54.55
CA TRP P 243 -13.03 94.25 55.94
C TRP P 243 -14.53 94.52 56.07
N GLY P 244 -15.10 94.10 57.20
CA GLY P 244 -16.50 94.37 57.48
C GLY P 244 -16.81 95.85 57.70
N ARG P 245 -18.07 96.25 57.46
CA ARG P 245 -18.51 97.65 57.66
C ARG P 245 -19.77 97.76 58.53
N ALA P 246 -20.29 98.98 58.64
CA ALA P 246 -21.60 99.20 59.22
C ALA P 246 -22.31 100.36 58.54
N GLU Q 3 -30.13 -44.70 -1.89
CA GLU Q 3 -29.96 -46.01 -1.31
C GLU Q 3 -31.24 -46.47 -0.59
N ASN Q 4 -31.75 -47.64 -0.96
CA ASN Q 4 -32.57 -48.50 -0.07
C ASN Q 4 -34.09 -48.33 0.16
N VAL Q 5 -34.76 -49.48 0.16
CA VAL Q 5 -36.17 -49.64 0.54
C VAL Q 5 -36.35 -50.95 1.33
N GLU Q 6 -36.94 -50.90 2.53
CA GLU Q 6 -37.14 -52.10 3.37
C GLU Q 6 -38.55 -52.72 3.32
N GLN Q 7 -38.63 -53.95 2.86
CA GLN Q 7 -39.91 -54.63 2.78
C GLN Q 7 -40.10 -55.61 3.93
N HIS Q 8 -41.17 -55.43 4.70
CA HIS Q 8 -41.50 -56.39 5.75
C HIS Q 8 -42.98 -56.79 5.79
N PRO Q 9 -43.29 -58.09 5.97
CA PRO Q 9 -42.38 -59.25 6.14
C PRO Q 9 -42.07 -60.00 4.83
N SER Q 10 -41.00 -60.79 4.81
CA SER Q 10 -40.57 -61.47 3.58
C SER Q 10 -41.62 -62.44 3.10
N THR Q 11 -42.06 -63.29 4.02
CA THR Q 11 -43.10 -64.23 3.69
C THR Q 11 -44.31 -64.00 4.57
N LEU Q 12 -45.45 -64.47 4.09
CA LEU Q 12 -46.73 -64.18 4.73
C LEU Q 12 -47.89 -65.05 4.24
N SER Q 13 -48.53 -65.74 5.19
CA SER Q 13 -49.74 -66.50 4.90
C SER Q 13 -51.00 -65.87 5.54
N VAL Q 14 -52.11 -65.95 4.80
CA VAL Q 14 -53.39 -65.35 5.20
C VAL Q 14 -54.51 -66.33 4.74
N GLN Q 15 -55.60 -66.41 5.49
CA GLN Q 15 -56.74 -67.22 5.06
C GLN Q 15 -57.55 -66.53 3.98
N GLU Q 16 -58.40 -67.31 3.33
CA GLU Q 16 -59.07 -66.81 2.14
C GLU Q 16 -60.04 -65.67 2.43
N GLY Q 17 -60.38 -65.47 3.70
CA GLY Q 17 -61.33 -64.42 4.05
C GLY Q 17 -60.63 -63.15 4.52
N ASP Q 18 -59.52 -63.37 5.22
CA ASP Q 18 -58.87 -62.33 6.00
C ASP Q 18 -58.18 -61.28 5.13
N SER Q 19 -57.47 -60.38 5.80
CA SER Q 19 -56.78 -59.26 5.16
C SER Q 19 -55.27 -59.49 5.16
N ALA Q 20 -54.61 -58.93 4.16
CA ALA Q 20 -53.16 -59.02 4.06
C ALA Q 20 -52.60 -57.62 3.93
N VAL Q 21 -51.60 -57.31 4.76
CA VAL Q 21 -51.02 -55.98 4.76
C VAL Q 21 -49.51 -56.06 4.69
N ILE Q 22 -48.93 -55.40 3.70
CA ILE Q 22 -47.48 -55.28 3.57
C ILE Q 22 -47.08 -53.86 3.85
N LYS Q 23 -46.08 -53.68 4.71
CA LYS Q 23 -45.60 -52.35 5.05
C LYS Q 23 -44.14 -52.19 4.60
N CYS Q 24 -43.87 -51.06 3.96
CA CYS Q 24 -42.59 -50.80 3.32
C CYS Q 24 -42.02 -49.46 3.83
N THR Q 25 -40.69 -49.38 4.02
CA THR Q 25 -40.07 -48.10 4.41
C THR Q 25 -38.88 -47.77 3.51
N TYR Q 26 -38.93 -46.59 2.88
CA TYR Q 26 -37.91 -46.12 1.97
C TYR Q 26 -37.05 -45.11 2.65
N SER Q 27 -35.93 -44.77 2.03
CA SER Q 27 -35.02 -43.81 2.66
C SER Q 27 -34.82 -42.50 1.86
N ASP Q 28 -34.21 -42.53 0.68
CA ASP Q 28 -33.96 -41.31 -0.10
C ASP Q 28 -35.26 -40.51 -0.26
N SER Q 29 -35.31 -39.41 0.49
CA SER Q 29 -36.54 -38.91 1.07
C SER Q 29 -37.28 -37.83 0.26
N ALA Q 30 -36.88 -37.63 -0.98
CA ALA Q 30 -37.63 -36.74 -1.85
C ALA Q 30 -38.41 -37.59 -2.85
N SER Q 31 -38.56 -38.87 -2.52
CA SER Q 31 -39.34 -39.80 -3.32
C SER Q 31 -40.72 -39.23 -3.49
N ASN Q 32 -41.33 -39.53 -4.63
CA ASN Q 32 -42.65 -39.00 -4.89
C ASN Q 32 -43.49 -39.96 -5.70
N TYR Q 33 -42.89 -41.12 -5.97
CA TYR Q 33 -43.54 -42.22 -6.68
C TYR Q 33 -43.29 -43.52 -5.93
N PHE Q 34 -44.35 -44.29 -5.75
CA PHE Q 34 -44.31 -45.54 -4.99
C PHE Q 34 -45.19 -46.56 -5.68
N PRO Q 35 -44.61 -47.46 -6.47
CA PRO Q 35 -45.45 -48.47 -7.12
C PRO Q 35 -45.42 -49.80 -6.39
N TRP Q 36 -46.47 -50.61 -6.55
CA TRP Q 36 -46.49 -52.00 -6.07
C TRP Q 36 -46.55 -53.06 -7.19
N TYR Q 37 -45.57 -53.97 -7.19
CA TYR Q 37 -45.46 -54.99 -8.23
C TYR Q 37 -45.72 -56.42 -7.77
N LYS Q 38 -46.56 -57.13 -8.55
CA LYS Q 38 -46.91 -58.53 -8.35
C LYS Q 38 -46.14 -59.46 -9.29
N GLN Q 39 -45.40 -60.43 -8.75
CA GLN Q 39 -44.63 -61.33 -9.61
C GLN Q 39 -45.34 -62.65 -9.49
N GLU Q 40 -46.14 -63.09 -10.46
CA GLU Q 40 -46.98 -64.27 -10.20
C GLU Q 40 -46.14 -65.50 -9.93
N LEU Q 41 -45.33 -65.90 -10.90
CA LEU Q 41 -44.48 -67.04 -10.66
C LEU Q 41 -43.27 -67.05 -11.56
N GLY Q 42 -42.18 -66.48 -11.07
CA GLY Q 42 -40.95 -66.30 -11.83
C GLY Q 42 -41.08 -65.60 -13.18
N LYS Q 43 -42.27 -65.10 -13.48
CA LYS Q 43 -42.54 -64.39 -14.73
C LYS Q 43 -42.35 -62.92 -14.51
N GLY Q 44 -42.79 -62.11 -15.48
CA GLY Q 44 -42.54 -60.69 -15.42
C GLY Q 44 -43.38 -60.00 -14.36
N PRO Q 45 -42.72 -59.30 -13.43
CA PRO Q 45 -43.45 -58.45 -12.47
C PRO Q 45 -44.50 -57.58 -13.18
N GLN Q 46 -45.58 -57.31 -12.48
CA GLN Q 46 -46.64 -56.53 -13.09
C GLN Q 46 -47.21 -55.55 -12.07
N LEU Q 47 -47.43 -54.33 -12.53
CA LEU Q 47 -47.94 -53.27 -11.65
C LEU Q 47 -49.38 -53.51 -11.25
N ILE Q 48 -49.69 -53.55 -9.95
CA ILE Q 48 -51.09 -53.62 -9.51
C ILE Q 48 -51.66 -52.22 -9.21
N ILE Q 49 -50.86 -51.34 -8.59
CA ILE Q 49 -51.27 -49.98 -8.19
C ILE Q 49 -50.05 -49.09 -7.86
N ASP Q 50 -50.16 -47.79 -8.19
CA ASP Q 50 -49.12 -46.80 -7.83
C ASP Q 50 -49.72 -45.55 -7.22
N ILE Q 51 -48.88 -44.82 -6.48
CA ILE Q 51 -49.28 -43.60 -5.79
C ILE Q 51 -48.26 -42.46 -6.01
N ARG Q 52 -48.71 -41.31 -6.52
CA ARG Q 52 -47.77 -40.22 -6.87
C ARG Q 52 -47.81 -38.94 -6.02
N SER Q 53 -48.65 -38.01 -6.44
CA SER Q 53 -48.74 -36.66 -5.85
C SER Q 53 -48.54 -36.41 -4.34
N ASN Q 54 -49.25 -37.16 -3.50
CA ASN Q 54 -49.52 -36.74 -2.13
C ASN Q 54 -50.44 -37.67 -1.38
N VAL Q 55 -51.70 -37.43 -1.69
CA VAL Q 55 -52.87 -38.18 -1.27
C VAL Q 55 -52.52 -39.55 -0.67
N GLY Q 56 -52.57 -39.65 0.66
CA GLY Q 56 -52.07 -40.82 1.35
C GLY Q 56 -52.97 -42.05 1.26
N GLU Q 57 -53.90 -42.04 0.30
CA GLU Q 57 -54.77 -43.19 0.06
C GLU Q 57 -55.29 -43.22 -1.38
N LYS Q 58 -54.81 -44.21 -2.14
CA LYS Q 58 -55.38 -44.53 -3.46
C LYS Q 58 -55.88 -45.96 -3.33
N LYS Q 59 -57.18 -46.16 -3.58
CA LYS Q 59 -57.77 -47.47 -3.46
C LYS Q 59 -58.34 -47.88 -4.83
N ASP Q 60 -58.22 -49.17 -5.15
CA ASP Q 60 -58.76 -49.73 -6.39
C ASP Q 60 -59.27 -51.15 -6.13
N GLN Q 61 -60.57 -51.39 -6.33
CA GLN Q 61 -61.21 -52.67 -5.92
C GLN Q 61 -60.83 -53.07 -4.48
N ARG Q 62 -60.10 -54.18 -4.37
CA ARG Q 62 -59.85 -54.81 -3.06
C ARG Q 62 -58.47 -54.48 -2.47
N ILE Q 63 -57.77 -53.56 -3.14
CA ILE Q 63 -56.42 -53.15 -2.73
C ILE Q 63 -56.31 -51.64 -2.62
N ALA Q 64 -55.51 -51.19 -1.67
CA ALA Q 64 -55.27 -49.79 -1.46
C ALA Q 64 -53.86 -49.60 -0.90
N VAL Q 65 -53.26 -48.44 -1.19
CA VAL Q 65 -51.96 -48.09 -0.65
C VAL Q 65 -52.14 -46.97 0.37
N THR Q 66 -51.39 -47.01 1.47
CA THR Q 66 -51.37 -45.87 2.38
C THR Q 66 -49.99 -45.28 2.27
N LEU Q 67 -49.91 -43.96 2.29
CA LEU Q 67 -48.62 -43.27 2.19
C LEU Q 67 -48.51 -42.19 3.25
N ASN Q 68 -47.42 -42.29 4.00
CA ASN Q 68 -47.13 -41.38 5.10
C ASN Q 68 -45.74 -40.79 4.89
N LYS Q 69 -45.68 -39.70 4.11
CA LYS Q 69 -44.44 -39.19 3.52
C LYS Q 69 -43.51 -38.56 4.54
N THR Q 70 -44.03 -38.22 5.70
CA THR Q 70 -43.17 -37.74 6.76
C THR Q 70 -42.50 -38.89 7.52
N ALA Q 71 -43.27 -39.90 7.86
CA ALA Q 71 -42.70 -41.05 8.54
C ALA Q 71 -41.99 -41.89 7.52
N LYS Q 72 -42.17 -41.55 6.25
CA LYS Q 72 -41.55 -42.24 5.12
C LYS Q 72 -41.80 -43.75 5.09
N HIS Q 73 -43.05 -44.15 5.23
CA HIS Q 73 -43.43 -45.55 4.99
C HIS Q 73 -44.73 -45.61 4.21
N PHE Q 74 -44.94 -46.74 3.56
CA PHE Q 74 -46.16 -46.93 2.78
C PHE Q 74 -46.58 -48.40 2.80
N SER Q 75 -47.89 -48.65 2.71
CA SER Q 75 -48.39 -50.01 2.88
C SER Q 75 -49.38 -50.45 1.81
N LEU Q 76 -49.28 -51.73 1.44
CA LEU Q 76 -50.30 -52.37 0.60
C LEU Q 76 -51.29 -53.15 1.45
N HIS Q 77 -52.57 -52.88 1.20
CA HIS Q 77 -53.69 -53.52 1.91
C HIS Q 77 -54.50 -54.40 0.96
N ILE Q 78 -54.50 -55.72 1.20
CA ILE Q 78 -55.43 -56.58 0.46
C ILE Q 78 -56.53 -57.06 1.39
N THR Q 79 -57.78 -56.62 1.15
CA THR Q 79 -58.94 -57.11 1.93
C THR Q 79 -59.67 -58.20 1.14
N GLU Q 80 -60.35 -59.10 1.86
CA GLU Q 80 -61.16 -60.13 1.22
C GLU Q 80 -60.31 -60.93 0.23
N THR Q 81 -59.19 -61.48 0.71
CA THR Q 81 -58.18 -62.05 -0.17
C THR Q 81 -58.74 -63.20 -0.96
N GLN Q 82 -57.94 -63.68 -1.91
CA GLN Q 82 -58.35 -64.76 -2.81
C GLN Q 82 -57.07 -65.53 -3.14
N PRO Q 83 -57.20 -66.75 -3.71
CA PRO Q 83 -56.02 -67.58 -3.98
C PRO Q 83 -55.04 -67.03 -5.02
N GLU Q 84 -55.55 -66.38 -6.07
CA GLU Q 84 -54.73 -65.76 -7.12
C GLU Q 84 -53.91 -64.60 -6.58
N ASP Q 85 -54.38 -64.01 -5.49
CA ASP Q 85 -53.62 -62.95 -4.83
C ASP Q 85 -52.26 -63.50 -4.41
N SER Q 86 -52.15 -64.81 -4.24
CA SER Q 86 -50.87 -65.41 -3.90
C SER Q 86 -49.84 -65.16 -4.99
N ALA Q 87 -48.71 -64.61 -4.55
CA ALA Q 87 -47.69 -64.08 -5.44
C ALA Q 87 -46.51 -63.58 -4.60
N VAL Q 88 -45.50 -63.05 -5.29
CA VAL Q 88 -44.49 -62.24 -4.61
C VAL Q 88 -44.74 -60.81 -4.99
N TYR Q 89 -44.93 -60.00 -3.96
CA TYR Q 89 -45.27 -58.62 -4.12
C TYR Q 89 -44.02 -57.82 -3.88
N PHE Q 90 -43.83 -56.76 -4.68
CA PHE Q 90 -42.70 -55.85 -4.49
C PHE Q 90 -43.12 -54.39 -4.32
N CYS Q 91 -42.56 -53.72 -3.32
CA CYS Q 91 -42.75 -52.28 -3.22
C CYS Q 91 -41.49 -51.59 -3.75
N ALA Q 92 -41.72 -50.44 -4.34
CA ALA Q 92 -40.63 -49.66 -4.87
C ALA Q 92 -40.77 -48.21 -4.42
N ALA Q 93 -39.65 -47.51 -4.38
CA ALA Q 93 -39.67 -46.07 -4.17
C ALA Q 93 -38.75 -45.42 -5.18
N SER Q 94 -39.21 -44.31 -5.78
CA SER Q 94 -38.47 -43.59 -6.79
C SER Q 94 -38.64 -42.07 -6.58
N ARG Q 95 -37.89 -41.22 -7.29
CA ARG Q 95 -38.17 -39.79 -7.26
C ARG Q 95 -38.87 -39.43 -8.55
N GLY Q 96 -39.35 -40.50 -9.20
CA GLY Q 96 -40.16 -40.44 -10.41
C GLY Q 96 -39.42 -39.83 -11.57
N GLY Q 97 -40.04 -39.86 -12.74
CA GLY Q 97 -39.52 -39.15 -13.90
C GLY Q 97 -38.10 -39.51 -14.28
N ALA Q 98 -37.97 -40.54 -15.09
CA ALA Q 98 -36.68 -41.03 -15.53
C ALA Q 98 -35.64 -41.37 -14.43
N GLN Q 99 -36.02 -41.43 -13.15
CA GLN Q 99 -35.02 -41.88 -12.18
C GLN Q 99 -35.28 -43.30 -11.64
N LYS Q 100 -34.26 -43.91 -11.03
CA LYS Q 100 -34.34 -45.34 -10.70
C LYS Q 100 -35.34 -45.70 -9.60
N LEU Q 101 -35.99 -46.82 -9.82
CA LEU Q 101 -36.81 -47.44 -8.81
C LEU Q 101 -35.90 -48.16 -7.82
N VAL Q 102 -36.35 -48.30 -6.59
CA VAL Q 102 -35.63 -49.08 -5.60
C VAL Q 102 -36.60 -50.12 -5.02
N PHE Q 103 -36.27 -51.40 -5.08
CA PHE Q 103 -37.26 -52.41 -4.71
C PHE Q 103 -36.99 -52.99 -3.33
N GLY Q 104 -38.02 -53.60 -2.75
CA GLY Q 104 -37.90 -54.25 -1.46
C GLY Q 104 -37.38 -55.67 -1.53
N GLN Q 105 -37.38 -56.38 -0.41
CA GLN Q 105 -36.99 -57.78 -0.45
C GLN Q 105 -38.08 -58.58 -1.17
N GLY Q 106 -39.25 -57.98 -1.23
CA GLY Q 106 -40.42 -58.62 -1.78
C GLY Q 106 -41.12 -59.33 -0.64
N THR Q 107 -42.41 -59.59 -0.82
CA THR Q 107 -43.15 -60.29 0.21
C THR Q 107 -43.65 -61.51 -0.47
N ARG Q 108 -43.47 -62.69 0.13
CA ARG Q 108 -44.06 -63.90 -0.46
C ARG Q 108 -45.43 -64.21 0.17
N LEU Q 109 -46.49 -63.84 -0.55
CA LEU Q 109 -47.82 -63.91 0.00
C LEU Q 109 -48.48 -65.25 -0.34
N THR Q 110 -48.80 -66.01 0.69
CA THR Q 110 -49.56 -67.24 0.51
C THR Q 110 -51.00 -67.09 1.04
N ILE Q 111 -51.96 -67.16 0.14
CA ILE Q 111 -53.37 -67.13 0.53
C ILE Q 111 -53.86 -68.58 0.51
N ASN Q 112 -53.81 -69.20 1.68
CA ASN Q 112 -54.29 -70.56 1.82
C ASN Q 112 -55.79 -70.64 1.56
N PRO Q 113 -56.23 -71.65 0.81
CA PRO Q 113 -57.62 -71.69 0.36
C PRO Q 113 -58.51 -72.23 1.45
N ASN Q 114 -59.81 -72.00 1.36
CA ASN Q 114 -60.73 -72.58 2.32
C ASN Q 114 -61.18 -73.96 1.89
N ILE Q 115 -60.77 -74.97 2.63
CA ILE Q 115 -61.15 -76.33 2.28
C ILE Q 115 -62.42 -76.62 3.07
N GLN Q 116 -63.56 -76.50 2.42
CA GLN Q 116 -64.82 -76.65 3.15
C GLN Q 116 -65.13 -78.11 3.51
N ASN Q 117 -64.76 -79.11 2.72
CA ASN Q 117 -65.01 -80.42 3.28
C ASN Q 117 -63.80 -81.30 3.29
N PRO Q 118 -62.89 -81.05 4.23
CA PRO Q 118 -61.67 -81.83 4.40
C PRO Q 118 -61.98 -83.32 4.45
N ASP Q 119 -61.52 -84.08 3.47
CA ASP Q 119 -61.65 -85.53 3.47
C ASP Q 119 -60.24 -86.11 3.41
N PRO Q 120 -59.39 -85.71 4.37
CA PRO Q 120 -57.96 -85.96 4.18
C PRO Q 120 -57.61 -87.44 4.17
N ALA Q 121 -56.55 -87.76 3.41
CA ALA Q 121 -56.25 -89.14 3.07
C ALA Q 121 -54.89 -89.27 2.34
N VAL Q 122 -54.35 -90.47 2.37
CA VAL Q 122 -53.13 -90.77 1.64
C VAL Q 122 -53.30 -92.02 0.77
N TYR Q 123 -53.48 -91.80 -0.52
CA TYR Q 123 -53.61 -92.89 -1.46
C TYR Q 123 -52.25 -93.16 -2.08
N GLN Q 124 -52.10 -94.35 -2.63
CA GLN Q 124 -50.90 -94.64 -3.40
C GLN Q 124 -51.18 -95.10 -4.82
N LEU Q 125 -50.55 -94.39 -5.74
CA LEU Q 125 -50.77 -94.56 -7.14
C LEU Q 125 -49.61 -95.40 -7.59
N ARG Q 126 -49.80 -96.26 -8.59
CA ARG Q 126 -48.63 -96.89 -9.18
C ARG Q 126 -48.75 -96.85 -10.67
N ASP Q 127 -47.79 -97.48 -11.32
CA ASP Q 127 -47.34 -96.96 -12.58
C ASP Q 127 -47.39 -97.88 -13.82
N SER Q 128 -46.23 -98.47 -14.16
CA SER Q 128 -45.92 -99.26 -15.39
C SER Q 128 -44.47 -99.11 -15.91
N LYS Q 129 -43.48 -99.09 -14.99
CA LYS Q 129 -42.10 -98.61 -15.32
C LYS Q 129 -40.88 -99.51 -15.25
N SER Q 130 -39.74 -98.80 -15.36
CA SER Q 130 -38.40 -99.25 -15.01
C SER Q 130 -37.77 -98.16 -14.11
N SER Q 131 -36.81 -98.60 -13.28
CA SER Q 131 -36.28 -97.85 -12.12
C SER Q 131 -37.34 -97.08 -11.36
N ASP Q 132 -38.41 -97.80 -11.07
CA ASP Q 132 -38.87 -98.00 -9.71
C ASP Q 132 -40.35 -97.80 -9.46
N LYS Q 133 -40.64 -97.47 -8.21
CA LYS Q 133 -41.92 -97.73 -7.64
C LYS Q 133 -42.60 -96.56 -6.91
N SER Q 134 -43.92 -96.74 -6.80
CA SER Q 134 -44.96 -95.83 -6.37
C SER Q 134 -44.63 -94.51 -5.65
N VAL Q 135 -45.64 -93.66 -5.74
CA VAL Q 135 -45.67 -92.34 -5.18
C VAL Q 135 -46.84 -92.28 -4.25
N CYS Q 136 -46.78 -91.44 -3.24
CA CYS Q 136 -47.88 -91.38 -2.31
C CYS Q 136 -48.50 -90.01 -2.40
N LEU Q 137 -49.82 -89.94 -2.33
CA LEU Q 137 -50.53 -88.68 -2.47
C LEU Q 137 -51.24 -88.35 -1.19
N PHE Q 138 -50.92 -87.22 -0.60
CA PHE Q 138 -51.59 -86.85 0.63
C PHE Q 138 -52.60 -85.76 0.29
N THR Q 139 -53.83 -86.16 -0.03
CA THR Q 139 -54.75 -85.21 -0.64
C THR Q 139 -55.89 -84.76 0.30
N ASP Q 140 -56.67 -83.81 -0.21
CA ASP Q 140 -57.96 -83.42 0.34
C ASP Q 140 -57.91 -82.63 1.64
N PHE Q 141 -56.83 -82.72 2.41
CA PHE Q 141 -56.79 -82.10 3.74
C PHE Q 141 -56.99 -80.58 3.75
N ASP Q 142 -57.21 -80.01 4.94
CA ASP Q 142 -57.58 -78.59 5.05
C ASP Q 142 -56.38 -77.70 5.37
N SER Q 143 -56.62 -76.39 5.28
CA SER Q 143 -55.50 -75.47 5.18
C SER Q 143 -54.58 -75.30 6.38
N GLN Q 144 -55.03 -75.53 7.62
CA GLN Q 144 -54.06 -75.24 8.68
C GLN Q 144 -53.25 -76.51 8.96
N THR Q 145 -53.51 -77.56 8.21
CA THR Q 145 -52.54 -78.65 8.23
C THR Q 145 -51.35 -78.08 7.50
N ASN Q 146 -50.19 -78.05 8.15
CA ASN Q 146 -49.00 -77.60 7.46
C ASN Q 146 -48.15 -78.81 7.21
N VAL Q 147 -47.52 -78.88 6.04
CA VAL Q 147 -46.75 -80.06 5.63
C VAL Q 147 -45.28 -79.76 5.67
N SER Q 148 -44.51 -80.59 6.38
CA SER Q 148 -43.08 -80.40 6.44
C SER Q 148 -42.39 -81.28 5.45
N GLN Q 149 -41.07 -81.22 5.47
CA GLN Q 149 -40.29 -81.82 4.41
C GLN Q 149 -39.87 -83.24 4.69
N SER Q 150 -38.94 -83.69 3.87
CA SER Q 150 -38.29 -84.95 4.11
C SER Q 150 -37.20 -84.68 5.10
N LYS Q 151 -36.82 -85.72 5.84
CA LYS Q 151 -35.56 -85.76 6.52
C LYS Q 151 -35.00 -87.13 6.29
N ASP Q 152 -35.11 -87.65 5.07
CA ASP Q 152 -34.41 -88.88 4.76
C ASP Q 152 -33.76 -88.79 3.39
N SER Q 153 -32.54 -89.33 3.36
CA SER Q 153 -31.72 -89.50 2.18
C SER Q 153 -32.41 -90.10 0.97
N ASP Q 154 -33.50 -90.83 1.20
CA ASP Q 154 -34.08 -91.59 0.12
C ASP Q 154 -35.59 -91.45 0.04
N VAL Q 155 -36.15 -90.57 0.86
CA VAL Q 155 -37.59 -90.35 0.78
C VAL Q 155 -37.90 -88.94 0.34
N TYR Q 156 -38.53 -88.77 -0.81
CA TYR Q 156 -38.75 -87.44 -1.36
C TYR Q 156 -40.19 -86.98 -1.16
N ILE Q 157 -40.36 -85.87 -0.46
CA ILE Q 157 -41.68 -85.33 -0.14
C ILE Q 157 -41.82 -83.91 -0.66
N THR Q 158 -42.89 -83.62 -1.40
CA THR Q 158 -43.04 -82.25 -1.89
C THR Q 158 -43.83 -81.37 -0.92
N ASP Q 159 -43.91 -80.10 -1.29
CA ASP Q 159 -44.55 -79.06 -0.51
C ASP Q 159 -46.05 -79.03 -0.84
N LYS Q 160 -46.87 -78.42 0.04
CA LYS Q 160 -48.30 -78.24 -0.21
C LYS Q 160 -48.61 -77.56 -1.55
N CYS Q 161 -49.79 -77.83 -2.09
CA CYS Q 161 -50.10 -77.53 -3.48
C CYS Q 161 -51.60 -77.52 -3.69
N VAL Q 162 -52.10 -76.55 -4.43
CA VAL Q 162 -53.53 -76.31 -4.45
C VAL Q 162 -54.08 -76.31 -5.87
N LEU Q 163 -54.94 -77.28 -6.19
CA LEU Q 163 -55.55 -77.26 -7.50
C LEU Q 163 -57.01 -76.93 -7.42
N ASP Q 164 -57.49 -76.26 -8.46
CA ASP Q 164 -58.88 -75.85 -8.54
C ASP Q 164 -59.55 -76.48 -9.74
N MET Q 165 -60.21 -77.60 -9.53
CA MET Q 165 -61.12 -78.15 -10.54
C MET Q 165 -62.28 -77.18 -10.65
N ARG Q 166 -62.14 -76.17 -11.52
CA ARG Q 166 -63.04 -75.02 -11.42
C ARG Q 166 -64.42 -75.36 -11.95
N SER Q 167 -64.50 -76.44 -12.72
CA SER Q 167 -65.80 -76.91 -13.24
C SER Q 167 -66.70 -77.37 -12.08
N MET Q 168 -66.09 -77.87 -11.00
CA MET Q 168 -66.83 -78.30 -9.82
C MET Q 168 -66.58 -77.45 -8.58
N ASP Q 169 -65.97 -76.27 -8.78
CA ASP Q 169 -65.72 -75.30 -7.72
C ASP Q 169 -65.26 -75.95 -6.41
N PHE Q 170 -64.37 -76.93 -6.60
CA PHE Q 170 -63.78 -77.73 -5.54
C PHE Q 170 -62.24 -77.54 -5.54
N LYS Q 171 -61.66 -77.08 -4.42
CA LYS Q 171 -60.19 -77.02 -4.29
C LYS Q 171 -59.68 -78.08 -3.33
N SER Q 172 -58.47 -78.56 -3.58
CA SER Q 172 -57.91 -79.57 -2.71
C SER Q 172 -56.41 -79.40 -2.63
N ASN Q 173 -55.90 -79.61 -1.42
CA ASN Q 173 -54.47 -79.56 -1.20
C ASN Q 173 -53.93 -80.93 -1.52
N SER Q 174 -52.61 -81.04 -1.66
CA SER Q 174 -51.94 -82.30 -1.44
C SER Q 174 -50.41 -82.17 -1.47
N ALA Q 175 -49.77 -83.27 -1.08
CA ALA Q 175 -48.35 -83.43 -1.20
C ALA Q 175 -48.02 -84.78 -1.84
N VAL Q 176 -46.86 -84.81 -2.48
CA VAL Q 176 -46.41 -85.98 -3.17
C VAL Q 176 -45.19 -86.55 -2.44
N ALA Q 177 -45.08 -87.87 -2.43
CA ALA Q 177 -43.98 -88.53 -1.76
C ALA Q 177 -43.63 -89.81 -2.51
N TRP Q 178 -42.37 -89.95 -2.85
CA TRP Q 178 -41.93 -91.11 -3.59
C TRP Q 178 -40.57 -91.56 -3.13
N SER Q 179 -40.27 -92.84 -3.36
CA SER Q 179 -38.97 -93.35 -2.97
C SER Q 179 -38.63 -94.72 -3.59
N ASN Q 180 -37.35 -95.05 -3.53
CA ASN Q 180 -36.79 -96.26 -4.13
C ASN Q 180 -36.82 -97.36 -3.09
N LYS Q 181 -36.70 -96.93 -1.83
CA LYS Q 181 -37.28 -97.55 -0.62
C LYS Q 181 -38.01 -98.80 -1.04
N SER Q 182 -37.72 -99.97 -0.48
CA SER Q 182 -38.49 -101.18 -0.78
C SER Q 182 -39.49 -101.63 0.30
N ASP Q 183 -39.28 -101.19 1.54
CA ASP Q 183 -40.36 -101.21 2.51
C ASP Q 183 -41.03 -99.86 2.28
N PHE Q 184 -41.96 -99.81 1.33
CA PHE Q 184 -42.55 -98.54 0.96
C PHE Q 184 -43.53 -97.96 1.98
N ALA Q 185 -44.80 -98.27 1.74
CA ALA Q 185 -45.95 -97.77 2.50
C ALA Q 185 -46.01 -96.26 2.69
N CYS Q 186 -47.15 -95.70 2.33
CA CYS Q 186 -47.33 -94.26 2.36
C CYS Q 186 -47.76 -93.94 3.78
N ALA Q 187 -48.26 -94.99 4.43
CA ALA Q 187 -48.78 -94.94 5.79
C ALA Q 187 -47.73 -94.30 6.66
N ASN Q 188 -46.52 -94.75 6.42
CA ASN Q 188 -45.32 -94.22 7.03
C ASN Q 188 -44.28 -93.72 6.03
N ALA Q 189 -44.66 -92.62 5.39
CA ALA Q 189 -43.85 -91.86 4.47
C ALA Q 189 -43.88 -90.42 4.93
N PHE Q 190 -45.03 -90.05 5.49
CA PHE Q 190 -45.21 -88.72 6.02
C PHE Q 190 -44.86 -88.71 7.49
N ASN Q 191 -43.83 -87.94 7.76
CA ASN Q 191 -43.35 -87.67 9.10
C ASN Q 191 -44.32 -86.80 9.87
N ASN Q 192 -44.72 -85.71 9.22
CA ASN Q 192 -45.64 -84.67 9.74
C ASN Q 192 -46.57 -84.89 10.92
N SER Q 193 -47.09 -83.76 11.38
CA SER Q 193 -48.20 -83.78 12.27
C SER Q 193 -49.33 -83.76 11.26
N ILE Q 194 -49.75 -84.96 10.86
CA ILE Q 194 -50.89 -85.18 10.00
C ILE Q 194 -52.11 -84.42 10.58
N ILE Q 195 -53.25 -84.56 9.95
CA ILE Q 195 -54.48 -84.25 10.63
C ILE Q 195 -54.66 -85.44 11.65
N PRO Q 196 -55.71 -85.43 12.52
CA PRO Q 196 -56.14 -86.02 13.79
C PRO Q 196 -55.81 -87.50 13.76
N GLU Q 197 -56.71 -88.36 13.32
CA GLU Q 197 -56.37 -89.29 12.26
C GLU Q 197 -57.62 -89.64 11.50
N ASP Q 198 -58.13 -88.66 10.77
CA ASP Q 198 -59.23 -88.93 9.79
C ASP Q 198 -58.65 -89.75 8.67
N THR Q 199 -57.37 -89.49 8.44
CA THR Q 199 -56.73 -89.89 7.20
C THR Q 199 -56.96 -91.34 6.83
N PHE Q 200 -57.86 -91.47 5.89
CA PHE Q 200 -58.21 -92.72 5.26
C PHE Q 200 -56.94 -93.32 4.66
N PHE Q 201 -56.54 -94.52 5.06
CA PHE Q 201 -55.22 -95.03 4.65
C PHE Q 201 -55.23 -96.37 3.93
N PRO Q 202 -55.90 -96.44 2.76
CA PRO Q 202 -55.92 -97.67 1.97
C PRO Q 202 -54.52 -98.09 1.50
N ASP R 2 -51.85 -60.34 -29.56
CA ASP R 2 -51.58 -58.92 -29.85
C ASP R 2 -50.26 -58.39 -29.22
N THR R 3 -50.31 -57.34 -28.39
CA THR R 3 -49.06 -56.62 -28.05
C THR R 3 -48.42 -56.85 -26.67
N ALA R 4 -47.08 -56.80 -26.63
CA ALA R 4 -46.34 -57.12 -25.40
C ALA R 4 -44.80 -56.93 -25.45
N VAL R 5 -44.15 -57.29 -24.34
CA VAL R 5 -42.70 -57.21 -24.16
C VAL R 5 -42.11 -58.61 -24.27
N SER R 6 -41.57 -58.91 -25.44
CA SER R 6 -41.07 -60.25 -25.73
C SER R 6 -39.54 -60.31 -25.69
N GLN R 7 -39.01 -61.48 -25.38
CA GLN R 7 -37.66 -61.59 -24.85
C GLN R 7 -37.14 -63.01 -25.00
N THR R 8 -36.13 -63.18 -25.85
CA THR R 8 -35.54 -64.49 -26.14
C THR R 8 -34.06 -64.43 -25.83
N PRO R 9 -33.44 -65.57 -25.47
CA PRO R 9 -33.98 -66.91 -25.25
C PRO R 9 -34.82 -67.01 -23.99
N LYS R 10 -35.39 -68.17 -23.71
CA LYS R 10 -36.22 -68.28 -22.50
C LYS R 10 -35.32 -68.67 -21.32
N TYR R 11 -34.57 -69.75 -21.50
CA TYR R 11 -33.56 -70.18 -20.54
C TYR R 11 -32.27 -70.14 -21.30
N LEU R 12 -31.14 -70.40 -20.61
CA LEU R 12 -29.81 -70.38 -21.24
C LEU R 12 -28.74 -70.92 -20.28
N VAL R 13 -27.85 -71.75 -20.80
CA VAL R 13 -26.86 -72.41 -19.95
C VAL R 13 -25.54 -72.69 -20.68
N THR R 14 -24.44 -72.19 -20.09
CA THR R 14 -23.07 -72.44 -20.56
C THR R 14 -22.11 -72.46 -19.38
N GLN R 15 -20.81 -72.50 -19.63
CA GLN R 15 -19.90 -72.59 -18.49
C GLN R 15 -19.21 -71.24 -18.33
N MET R 16 -18.45 -71.09 -17.25
CA MET R 16 -17.77 -69.84 -17.00
C MET R 16 -16.90 -69.45 -18.20
N GLY R 17 -16.83 -68.15 -18.45
CA GLY R 17 -15.97 -67.60 -19.47
C GLY R 17 -16.37 -67.87 -20.91
N ASN R 18 -17.63 -68.21 -21.11
CA ASN R 18 -18.19 -68.27 -22.45
C ASN R 18 -18.70 -66.87 -22.86
N ASP R 19 -19.35 -66.74 -24.02
CA ASP R 19 -19.91 -65.45 -24.41
C ASP R 19 -21.37 -65.52 -24.88
N LYS R 20 -22.26 -64.75 -24.26
CA LYS R 20 -23.70 -64.89 -24.52
C LYS R 20 -24.48 -63.59 -24.77
N SER R 21 -25.57 -63.69 -25.54
CA SER R 21 -26.45 -62.54 -25.77
C SER R 21 -27.89 -62.90 -25.53
N ILE R 22 -28.59 -61.94 -24.94
CA ILE R 22 -30.00 -62.00 -24.66
C ILE R 22 -30.57 -60.88 -25.47
N LYS R 23 -31.71 -61.10 -26.09
CA LYS R 23 -32.31 -60.02 -26.84
C LYS R 23 -33.65 -59.67 -26.21
N CYS R 24 -34.23 -58.58 -26.68
CA CYS R 24 -35.53 -58.14 -26.22
C CYS R 24 -36.15 -57.15 -27.19
N GLU R 25 -37.46 -57.06 -27.11
CA GLU R 25 -38.25 -56.31 -28.05
C GLU R 25 -39.58 -55.91 -27.41
N GLN R 26 -40.10 -54.73 -27.77
CA GLN R 26 -41.44 -54.35 -27.34
C GLN R 26 -42.12 -53.64 -28.51
N ASN R 27 -43.35 -54.04 -28.79
CA ASN R 27 -44.08 -53.35 -29.85
C ASN R 27 -45.28 -52.63 -29.28
N LEU R 28 -45.13 -52.17 -28.04
CA LEU R 28 -46.13 -51.36 -27.33
C LEU R 28 -46.11 -49.91 -27.79
N GLY R 29 -44.97 -49.50 -28.34
CA GLY R 29 -44.78 -48.13 -28.76
C GLY R 29 -44.18 -47.39 -27.58
N HIS R 30 -43.07 -47.87 -27.07
CA HIS R 30 -42.53 -47.24 -25.90
C HIS R 30 -41.27 -46.45 -26.17
N ASP R 31 -41.10 -45.42 -25.34
CA ASP R 31 -39.90 -44.59 -25.25
C ASP R 31 -38.68 -45.40 -24.91
N THR R 32 -38.73 -45.90 -23.69
CA THR R 32 -37.56 -46.45 -23.02
C THR R 32 -37.67 -47.93 -22.79
N MET R 33 -36.52 -48.57 -22.67
CA MET R 33 -36.47 -49.98 -22.30
C MET R 33 -35.40 -50.13 -21.23
N TYR R 34 -35.41 -51.28 -20.56
CA TYR R 34 -34.65 -51.48 -19.33
C TYR R 34 -34.03 -52.85 -19.28
N TRP R 35 -33.19 -53.07 -18.30
CA TRP R 35 -32.72 -54.41 -17.97
C TRP R 35 -32.69 -54.52 -16.47
N TYR R 36 -33.39 -55.50 -15.91
CA TYR R 36 -33.23 -55.75 -14.49
C TYR R 36 -32.57 -57.10 -14.22
N LYS R 37 -31.78 -57.15 -13.17
CA LYS R 37 -31.22 -58.42 -12.73
C LYS R 37 -31.96 -58.83 -11.49
N GLN R 38 -32.39 -60.07 -11.48
CA GLN R 38 -33.01 -60.64 -10.31
C GLN R 38 -32.01 -61.72 -9.85
N ASP R 39 -31.32 -61.54 -8.69
CA ASP R 39 -30.47 -62.62 -8.14
C ASP R 39 -31.58 -63.51 -7.68
N SER R 40 -31.28 -64.64 -7.06
CA SER R 40 -32.44 -65.17 -6.37
C SER R 40 -32.06 -65.30 -4.90
N LYS R 41 -33.12 -65.31 -4.10
CA LYS R 41 -33.53 -64.21 -3.25
C LYS R 41 -34.72 -63.93 -4.17
N LYS R 42 -35.23 -62.69 -4.35
CA LYS R 42 -35.93 -62.38 -5.64
C LYS R 42 -35.95 -60.89 -6.03
N PHE R 43 -35.08 -60.11 -5.39
CA PHE R 43 -34.93 -58.65 -5.48
C PHE R 43 -34.49 -58.12 -6.87
N LEU R 44 -35.24 -57.17 -7.40
CA LEU R 44 -34.91 -56.58 -8.70
C LEU R 44 -34.02 -55.38 -8.52
N LYS R 45 -32.93 -55.29 -9.28
CA LYS R 45 -32.19 -54.01 -9.34
C LYS R 45 -31.94 -53.64 -10.81
N ILE R 46 -32.37 -52.44 -11.19
CA ILE R 46 -32.19 -51.92 -12.55
C ILE R 46 -30.73 -51.89 -12.96
N MET R 47 -30.46 -52.28 -14.21
CA MET R 47 -29.11 -52.29 -14.72
C MET R 47 -28.91 -51.17 -15.73
N PHE R 48 -29.62 -51.21 -16.85
CA PHE R 48 -29.53 -50.10 -17.81
C PHE R 48 -30.91 -49.67 -18.23
N SER R 49 -30.99 -48.57 -18.94
CA SER R 49 -32.26 -48.15 -19.50
C SER R 49 -31.94 -47.30 -20.71
N TYR R 50 -32.87 -47.21 -21.66
CA TYR R 50 -32.54 -46.59 -22.93
C TYR R 50 -33.69 -45.82 -23.48
N ASN R 51 -33.56 -44.51 -23.62
CA ASN R 51 -34.62 -43.76 -24.27
C ASN R 51 -34.24 -43.35 -25.68
N ASN R 52 -34.98 -43.85 -26.65
CA ASN R 52 -34.71 -43.52 -28.05
C ASN R 52 -33.25 -43.72 -28.43
N LYS R 53 -32.81 -44.98 -28.36
CA LYS R 53 -31.42 -45.38 -28.60
C LYS R 53 -30.48 -44.86 -27.51
N GLU R 54 -30.80 -43.73 -26.90
CA GLU R 54 -29.94 -43.11 -25.89
C GLU R 54 -30.00 -43.74 -24.50
N LEU R 55 -28.82 -44.11 -23.98
CA LEU R 55 -28.68 -44.73 -22.66
C LEU R 55 -28.81 -43.71 -21.52
N ILE R 56 -29.76 -43.96 -20.61
CA ILE R 56 -30.11 -43.07 -19.50
C ILE R 56 -29.50 -43.59 -18.19
N ILE R 57 -30.10 -44.60 -17.58
CA ILE R 57 -29.55 -45.20 -16.36
C ILE R 57 -28.32 -46.03 -16.73
N ASN R 58 -27.27 -46.02 -15.90
CA ASN R 58 -26.04 -46.77 -16.23
C ASN R 58 -25.53 -47.63 -15.08
N GLU R 59 -25.94 -47.27 -13.87
CA GLU R 59 -25.61 -48.03 -12.68
C GLU R 59 -24.16 -48.49 -12.65
N THR R 60 -23.96 -49.78 -12.48
CA THR R 60 -22.62 -50.32 -12.50
C THR R 60 -22.44 -51.27 -13.67
N VAL R 61 -21.40 -51.00 -14.42
CA VAL R 61 -21.16 -51.70 -15.65
C VAL R 61 -19.82 -52.40 -15.48
N PRO R 62 -19.82 -53.59 -14.84
CA PRO R 62 -18.67 -54.45 -15.11
C PRO R 62 -18.71 -54.60 -16.60
N ASN R 63 -17.76 -53.98 -17.30
CA ASN R 63 -18.02 -53.63 -18.69
C ASN R 63 -18.03 -54.84 -19.61
N ARG R 64 -18.02 -56.03 -19.02
CA ARG R 64 -18.43 -57.25 -19.70
C ARG R 64 -19.86 -57.07 -20.17
N PHE R 65 -20.72 -56.73 -19.21
CA PHE R 65 -22.11 -56.42 -19.50
C PHE R 65 -22.17 -55.34 -20.57
N SER R 66 -22.63 -55.72 -21.76
CA SER R 66 -22.71 -54.77 -22.86
C SER R 66 -24.09 -54.65 -23.52
N PRO R 67 -24.94 -53.71 -23.05
CA PRO R 67 -26.23 -53.40 -23.67
C PRO R 67 -26.12 -52.79 -25.06
N LYS R 68 -27.25 -52.53 -25.70
CA LYS R 68 -27.35 -51.80 -26.98
C LYS R 68 -28.79 -51.74 -27.47
N SER R 69 -29.24 -50.55 -27.86
CA SER R 69 -30.58 -50.37 -28.39
C SER R 69 -30.52 -49.94 -29.85
N PRO R 70 -30.61 -50.91 -30.76
CA PRO R 70 -30.60 -50.64 -32.21
C PRO R 70 -31.68 -49.65 -32.63
N ASP R 71 -32.90 -49.87 -32.18
CA ASP R 71 -33.88 -48.83 -32.38
C ASP R 71 -34.66 -48.65 -31.09
N LYS R 72 -35.61 -47.72 -31.13
CA LYS R 72 -36.44 -47.42 -30.00
C LYS R 72 -37.12 -48.67 -29.44
N ALA R 73 -37.29 -49.67 -30.32
CA ALA R 73 -38.14 -50.82 -30.02
C ALA R 73 -37.37 -52.11 -29.64
N HIS R 74 -36.04 -52.11 -29.77
CA HIS R 74 -35.24 -53.30 -29.44
C HIS R 74 -34.18 -52.98 -28.39
N LEU R 75 -33.70 -54.01 -27.69
CA LEU R 75 -32.69 -53.79 -26.65
C LEU R 75 -31.99 -55.10 -26.28
N ASN R 76 -30.73 -55.22 -26.60
CA ASN R 76 -30.05 -56.49 -26.41
C ASN R 76 -28.97 -56.31 -25.38
N LEU R 77 -28.54 -57.42 -24.79
CA LEU R 77 -27.50 -57.39 -23.78
C LEU R 77 -26.51 -58.49 -24.09
N HIS R 78 -25.29 -58.11 -24.44
CA HIS R 78 -24.22 -59.08 -24.64
C HIS R 78 -23.37 -59.13 -23.43
N ILE R 79 -23.23 -60.30 -22.85
CA ILE R 79 -22.43 -60.46 -21.67
C ILE R 79 -21.22 -61.28 -22.09
N ASN R 80 -20.01 -60.83 -21.76
CA ASN R 80 -18.80 -61.48 -22.25
C ASN R 80 -18.00 -61.96 -21.07
N SER R 81 -17.29 -63.05 -21.26
CA SER R 81 -16.51 -63.67 -20.20
C SER R 81 -17.38 -63.91 -18.98
N LEU R 82 -18.16 -64.99 -19.03
CA LEU R 82 -19.17 -65.21 -18.02
C LEU R 82 -18.58 -65.81 -16.76
N GLU R 83 -19.31 -65.62 -15.67
CA GLU R 83 -18.87 -65.92 -14.32
C GLU R 83 -20.01 -66.56 -13.57
N LEU R 84 -19.70 -67.48 -12.66
CA LEU R 84 -20.68 -68.19 -11.81
C LEU R 84 -21.68 -67.30 -11.06
N GLY R 85 -21.32 -66.04 -10.86
CA GLY R 85 -22.18 -65.10 -10.15
C GLY R 85 -23.18 -64.39 -11.04
N ASP R 86 -23.02 -64.57 -12.35
CA ASP R 86 -23.96 -63.98 -13.28
C ASP R 86 -25.23 -64.83 -13.37
N SER R 87 -25.22 -65.96 -12.68
CA SER R 87 -26.37 -66.84 -12.60
C SER R 87 -27.53 -66.05 -12.00
N ALA R 88 -28.38 -65.53 -12.89
CA ALA R 88 -29.50 -64.70 -12.51
C ALA R 88 -30.66 -64.80 -13.53
N VAL R 89 -31.72 -64.03 -13.30
CA VAL R 89 -32.80 -63.94 -14.26
C VAL R 89 -32.82 -62.52 -14.79
N TYR R 90 -32.72 -62.37 -16.10
CA TYR R 90 -32.56 -61.02 -16.62
C TYR R 90 -33.85 -60.54 -17.25
N PHE R 91 -34.33 -59.39 -16.81
CA PHE R 91 -35.65 -58.93 -17.23
C PHE R 91 -35.62 -57.74 -18.12
N CYS R 92 -35.94 -57.92 -19.39
CA CYS R 92 -36.25 -56.76 -20.20
C CYS R 92 -37.52 -56.11 -19.67
N ALA R 93 -37.65 -54.80 -19.87
CA ALA R 93 -38.91 -54.09 -19.55
C ALA R 93 -39.14 -52.89 -20.46
N SER R 94 -40.31 -52.27 -20.39
CA SER R 94 -40.53 -51.06 -21.16
C SER R 94 -41.56 -50.15 -20.53
N SER R 95 -41.28 -48.85 -20.60
CA SER R 95 -42.09 -47.80 -20.00
C SER R 95 -42.42 -46.75 -21.05
N GLN R 96 -43.18 -45.73 -20.66
CA GLN R 96 -43.30 -44.51 -21.46
C GLN R 96 -42.96 -43.29 -20.61
N LEU R 97 -41.75 -42.74 -20.80
CA LEU R 97 -41.39 -41.54 -20.04
C LEU R 97 -42.00 -40.25 -20.52
N ALA R 98 -42.19 -40.11 -21.83
CA ALA R 98 -42.69 -38.84 -22.38
C ALA R 98 -43.98 -38.37 -21.73
N GLY R 99 -44.07 -37.07 -21.45
CA GLY R 99 -45.31 -36.55 -20.87
C GLY R 99 -45.52 -36.63 -19.37
N GLY R 100 -44.46 -36.81 -18.60
CA GLY R 100 -44.64 -36.73 -17.17
C GLY R 100 -43.53 -37.35 -16.35
N PRO R 101 -43.39 -38.68 -16.41
CA PRO R 101 -44.19 -39.58 -17.24
C PRO R 101 -45.66 -39.59 -16.83
N LEU R 102 -46.56 -39.50 -17.80
CA LEU R 102 -47.97 -39.63 -17.48
C LEU R 102 -48.22 -41.08 -17.10
N TYR R 103 -47.74 -42.02 -17.91
CA TYR R 103 -47.88 -43.44 -17.58
C TYR R 103 -46.55 -43.99 -17.09
N ASN R 104 -46.57 -44.39 -15.82
CA ASN R 104 -45.41 -44.67 -14.99
C ASN R 104 -45.00 -46.11 -14.91
N GLU R 105 -45.90 -46.99 -15.31
CA GLU R 105 -45.65 -48.40 -15.04
C GLU R 105 -44.67 -48.90 -16.07
N GLN R 106 -43.84 -49.82 -15.61
CA GLN R 106 -42.87 -50.47 -16.46
C GLN R 106 -43.40 -51.84 -16.81
N PHE R 107 -43.35 -52.17 -18.09
CA PHE R 107 -43.93 -53.39 -18.57
C PHE R 107 -42.86 -54.44 -18.69
N PHE R 108 -43.00 -55.52 -17.93
CA PHE R 108 -41.93 -56.52 -17.89
C PHE R 108 -42.07 -57.68 -18.89
N GLY R 109 -40.90 -58.17 -19.31
CA GLY R 109 -40.85 -59.39 -20.08
C GLY R 109 -40.85 -60.53 -19.11
N PRO R 110 -40.92 -61.74 -19.66
CA PRO R 110 -41.02 -63.00 -18.94
C PRO R 110 -39.66 -63.44 -18.47
N GLY R 111 -38.65 -62.64 -18.79
CA GLY R 111 -37.30 -62.86 -18.30
C GLY R 111 -36.54 -63.94 -19.04
N THR R 112 -35.23 -63.77 -19.12
CA THR R 112 -34.33 -64.81 -19.61
C THR R 112 -33.55 -65.37 -18.45
N ARG R 113 -33.79 -66.63 -18.13
CA ARG R 113 -33.04 -67.29 -17.07
C ARG R 113 -31.62 -67.57 -17.56
N LEU R 114 -30.62 -67.32 -16.72
CA LEU R 114 -29.27 -67.60 -17.17
C LEU R 114 -28.54 -68.35 -16.07
N THR R 115 -28.18 -69.60 -16.37
CA THR R 115 -27.38 -70.35 -15.42
C THR R 115 -26.01 -70.62 -16.01
N VAL R 116 -24.97 -70.19 -15.30
CA VAL R 116 -23.58 -70.43 -15.72
C VAL R 116 -22.89 -71.40 -14.77
N LEU R 117 -22.28 -72.40 -15.36
CA LEU R 117 -21.81 -73.54 -14.59
C LEU R 117 -20.32 -73.59 -14.62
N GLU R 118 -19.74 -74.16 -13.57
CA GLU R 118 -18.30 -74.37 -13.58
C GLU R 118 -17.96 -75.34 -14.69
N ASP R 119 -18.84 -76.33 -14.85
CA ASP R 119 -18.55 -77.50 -15.66
C ASP R 119 -19.82 -78.18 -16.14
N LEU R 120 -19.99 -78.29 -17.46
CA LEU R 120 -21.18 -78.92 -18.06
C LEU R 120 -21.28 -80.45 -17.90
N LYS R 121 -20.36 -81.07 -17.16
CA LYS R 121 -20.41 -82.52 -16.99
C LYS R 121 -21.65 -82.96 -16.24
N ASN R 122 -22.27 -82.04 -15.53
CA ASN R 122 -23.32 -82.42 -14.62
C ASN R 122 -24.72 -82.04 -15.11
N VAL R 123 -24.85 -81.79 -16.40
CA VAL R 123 -26.17 -81.52 -16.98
C VAL R 123 -26.92 -82.78 -17.41
N PHE R 124 -28.19 -82.84 -17.06
CA PHE R 124 -29.05 -83.95 -17.47
C PHE R 124 -30.44 -83.48 -17.84
N PRO R 125 -31.03 -84.11 -18.87
CA PRO R 125 -32.46 -83.96 -19.15
C PRO R 125 -33.25 -84.83 -18.18
N PRO R 126 -34.56 -84.59 -18.07
CA PRO R 126 -35.30 -85.30 -17.04
C PRO R 126 -35.92 -86.62 -17.56
N GLU R 127 -36.16 -87.53 -16.62
CA GLU R 127 -37.02 -88.68 -16.86
C GLU R 127 -38.43 -88.37 -16.36
N VAL R 128 -39.44 -88.75 -17.12
CA VAL R 128 -40.81 -88.41 -16.78
C VAL R 128 -41.73 -89.65 -16.68
N ALA R 129 -42.34 -89.85 -15.52
CA ALA R 129 -43.29 -90.93 -15.33
C ALA R 129 -44.64 -90.34 -15.00
N VAL R 130 -45.71 -90.98 -15.48
CA VAL R 130 -47.07 -90.63 -15.06
C VAL R 130 -47.51 -91.68 -14.09
N PHE R 131 -48.28 -91.34 -13.06
CA PHE R 131 -48.72 -92.39 -12.14
C PHE R 131 -50.24 -92.41 -12.08
N GLU R 132 -50.82 -93.60 -12.20
CA GLU R 132 -52.28 -93.71 -12.36
C GLU R 132 -53.02 -93.64 -11.02
N PRO R 133 -54.17 -92.95 -11.00
CA PRO R 133 -54.81 -92.71 -9.70
C PRO R 133 -55.11 -94.02 -9.00
N SER R 134 -55.03 -94.04 -7.68
CA SER R 134 -55.38 -95.23 -6.91
C SER R 134 -56.88 -95.37 -7.02
N GLU R 135 -57.40 -96.60 -6.92
CA GLU R 135 -58.83 -96.77 -7.08
C GLU R 135 -59.45 -96.40 -5.73
N ALA R 136 -58.60 -96.32 -4.72
CA ALA R 136 -59.00 -95.93 -3.38
C ALA R 136 -59.72 -94.60 -3.37
N GLU R 137 -59.14 -93.60 -4.01
CA GLU R 137 -59.73 -92.26 -3.96
C GLU R 137 -60.99 -92.17 -4.84
N ILE R 138 -61.07 -93.05 -5.83
CA ILE R 138 -62.22 -93.03 -6.74
C ILE R 138 -63.50 -93.45 -5.99
N SER R 139 -63.35 -94.39 -5.05
CA SER R 139 -64.45 -94.75 -4.15
C SER R 139 -64.69 -93.64 -3.17
N HIS R 140 -63.66 -93.33 -2.38
CA HIS R 140 -63.75 -92.39 -1.25
C HIS R 140 -64.05 -90.92 -1.61
N THR R 141 -63.79 -90.52 -2.85
CA THR R 141 -63.93 -89.10 -3.22
C THR R 141 -64.69 -88.85 -4.53
N GLN R 142 -64.85 -89.91 -5.34
CA GLN R 142 -65.42 -89.83 -6.69
C GLN R 142 -64.58 -88.97 -7.62
N LYS R 143 -63.26 -88.98 -7.39
CA LYS R 143 -62.31 -88.15 -8.12
C LYS R 143 -61.03 -88.94 -8.38
N ALA R 144 -60.26 -88.52 -9.39
CA ALA R 144 -59.09 -89.27 -9.78
C ALA R 144 -57.89 -88.33 -9.98
N THR R 145 -56.92 -88.42 -9.07
CA THR R 145 -55.69 -87.62 -9.16
C THR R 145 -54.55 -88.42 -9.76
N LEU R 146 -54.08 -87.96 -10.92
CA LEU R 146 -52.85 -88.41 -11.54
C LEU R 146 -51.62 -87.62 -11.04
N VAL R 147 -50.48 -88.29 -10.95
CA VAL R 147 -49.23 -87.64 -10.55
C VAL R 147 -48.18 -87.79 -11.63
N CYS R 148 -47.53 -86.68 -11.96
CA CYS R 148 -46.42 -86.74 -12.90
C CYS R 148 -45.13 -86.51 -12.15
N LEU R 149 -44.10 -87.31 -12.44
CA LEU R 149 -42.77 -87.06 -11.89
C LEU R 149 -41.68 -86.81 -12.92
N ALA R 150 -41.12 -85.60 -12.89
CA ALA R 150 -39.95 -85.29 -13.70
C ALA R 150 -38.72 -85.22 -12.80
N THR R 151 -37.74 -86.09 -13.06
CA THR R 151 -36.63 -86.30 -12.13
C THR R 151 -35.26 -86.43 -12.77
N GLY R 152 -34.24 -86.06 -12.00
CA GLY R 152 -32.85 -86.27 -12.39
C GLY R 152 -32.46 -85.32 -13.52
N PHE R 153 -32.76 -84.04 -13.35
CA PHE R 153 -32.49 -83.06 -14.40
C PHE R 153 -31.64 -81.94 -13.85
N TYR R 154 -30.80 -81.35 -14.70
CA TYR R 154 -29.93 -80.27 -14.24
C TYR R 154 -29.48 -79.41 -15.40
N PRO R 155 -29.51 -78.09 -15.25
CA PRO R 155 -30.11 -77.30 -14.15
C PRO R 155 -31.64 -77.23 -14.16
N ASP R 156 -32.21 -76.31 -13.39
CA ASP R 156 -33.65 -76.20 -13.27
C ASP R 156 -34.24 -75.43 -14.46
N HIS R 157 -34.20 -76.06 -15.63
CA HIS R 157 -34.76 -75.45 -16.83
C HIS R 157 -35.87 -76.28 -17.43
N VAL R 158 -37.00 -76.33 -16.72
CA VAL R 158 -38.11 -77.12 -17.17
C VAL R 158 -39.44 -76.38 -17.19
N GLU R 159 -40.30 -76.85 -18.09
CA GLU R 159 -41.68 -76.41 -18.22
C GLU R 159 -42.59 -77.64 -18.34
N LEU R 160 -43.33 -77.94 -17.27
CA LEU R 160 -44.13 -79.14 -17.22
C LEU R 160 -45.56 -78.81 -17.59
N SER R 161 -46.18 -79.67 -18.39
CA SER R 161 -47.56 -79.45 -18.83
C SER R 161 -48.41 -80.72 -19.03
N TRP R 162 -49.71 -80.55 -18.82
CA TRP R 162 -50.69 -81.63 -19.01
C TRP R 162 -51.54 -81.45 -20.26
N TRP R 163 -51.57 -82.50 -21.07
CA TRP R 163 -52.41 -82.58 -22.26
C TRP R 163 -53.47 -83.65 -22.04
N VAL R 164 -54.73 -83.28 -22.14
CA VAL R 164 -55.79 -84.28 -22.00
C VAL R 164 -56.53 -84.41 -23.33
N ASN R 165 -56.47 -85.62 -23.89
CA ASN R 165 -56.97 -85.86 -25.24
C ASN R 165 -56.35 -84.82 -26.17
N GLY R 166 -55.03 -84.72 -26.09
CA GLY R 166 -54.26 -83.92 -27.02
C GLY R 166 -54.52 -82.42 -27.02
N LYS R 167 -55.14 -81.88 -25.96
CA LYS R 167 -55.27 -80.42 -25.83
C LYS R 167 -54.71 -80.00 -24.46
N GLU R 168 -54.05 -78.83 -24.37
CA GLU R 168 -53.37 -78.46 -23.11
C GLU R 168 -54.38 -77.98 -22.09
N VAL R 169 -54.27 -78.53 -20.89
CA VAL R 169 -55.27 -78.39 -19.85
C VAL R 169 -54.71 -77.64 -18.63
N HIS R 170 -55.50 -76.74 -18.06
CA HIS R 170 -55.06 -75.98 -16.89
C HIS R 170 -55.93 -76.29 -15.68
N SER R 171 -57.24 -76.44 -15.90
CA SER R 171 -58.12 -76.77 -14.80
C SER R 171 -57.69 -78.08 -14.15
N GLY R 172 -57.91 -78.18 -12.84
CA GLY R 172 -57.56 -79.36 -12.09
C GLY R 172 -56.06 -79.59 -11.96
N VAL R 173 -55.24 -78.71 -12.55
CA VAL R 173 -53.79 -78.91 -12.49
C VAL R 173 -53.18 -78.14 -11.33
N CYS R 174 -52.19 -78.75 -10.68
CA CYS R 174 -51.30 -78.03 -9.79
C CYS R 174 -49.85 -78.56 -9.97
N THR R 175 -48.90 -77.65 -10.24
CA THR R 175 -47.48 -78.05 -10.38
C THR R 175 -46.63 -77.49 -9.25
N ASP R 176 -45.74 -78.30 -8.68
CA ASP R 176 -44.84 -77.86 -7.60
C ASP R 176 -44.28 -76.46 -7.90
N PRO R 177 -44.39 -75.53 -6.93
CA PRO R 177 -43.89 -74.19 -7.23
C PRO R 177 -42.37 -74.21 -7.46
N GLN R 178 -41.66 -75.07 -6.73
CA GLN R 178 -40.21 -75.21 -6.88
C GLN R 178 -39.79 -76.68 -6.87
N PRO R 179 -38.68 -77.00 -7.56
CA PRO R 179 -38.23 -78.40 -7.61
C PRO R 179 -37.57 -78.84 -6.32
N LEU R 180 -37.26 -80.12 -6.21
CA LEU R 180 -36.49 -80.62 -5.09
C LEU R 180 -35.08 -81.01 -5.49
N LYS R 181 -34.11 -80.80 -4.62
CA LYS R 181 -32.78 -81.33 -4.87
C LYS R 181 -32.73 -82.73 -4.28
N GLU R 182 -32.27 -83.67 -5.10
CA GLU R 182 -32.38 -85.09 -4.79
C GLU R 182 -31.40 -85.46 -3.66
N GLN R 183 -30.26 -84.77 -3.60
CA GLN R 183 -29.42 -84.76 -2.41
C GLN R 183 -28.97 -83.31 -2.15
N PRO R 184 -29.70 -82.58 -1.29
CA PRO R 184 -29.47 -81.15 -1.04
C PRO R 184 -28.09 -80.84 -0.47
N ALA R 185 -27.30 -81.90 -0.31
CA ALA R 185 -25.94 -81.83 0.18
C ALA R 185 -25.06 -81.21 -0.90
N LEU R 186 -25.40 -81.46 -2.17
CA LEU R 186 -24.50 -81.04 -3.24
C LEU R 186 -24.90 -79.72 -3.90
N ASN R 187 -23.89 -79.13 -4.55
CA ASN R 187 -24.00 -77.89 -5.31
C ASN R 187 -24.12 -78.28 -6.76
N ASP R 188 -23.97 -79.59 -6.95
CA ASP R 188 -24.15 -80.29 -8.23
C ASP R 188 -25.53 -80.89 -8.36
N SER R 189 -26.25 -80.93 -7.25
CA SER R 189 -27.47 -81.73 -7.14
C SER R 189 -28.42 -81.59 -8.32
N ARG R 190 -28.89 -82.74 -8.80
CA ARG R 190 -29.96 -82.77 -9.79
C ARG R 190 -31.27 -82.34 -9.15
N TYR R 191 -32.35 -82.31 -9.93
CA TYR R 191 -33.62 -81.84 -9.42
C TYR R 191 -34.73 -82.86 -9.71
N ALA R 192 -35.87 -82.66 -9.06
CA ALA R 192 -37.00 -83.53 -9.24
C ALA R 192 -38.23 -82.68 -9.08
N LEU R 193 -39.09 -82.71 -10.09
CA LEU R 193 -40.29 -81.89 -10.09
C LEU R 193 -41.53 -82.75 -10.14
N SER R 194 -42.56 -82.42 -9.36
CA SER R 194 -43.82 -83.17 -9.41
C SER R 194 -45.00 -82.26 -9.73
N SER R 195 -46.03 -82.83 -10.34
CA SER R 195 -47.22 -82.07 -10.70
C SER R 195 -48.44 -82.97 -10.62
N ARG R 196 -49.61 -82.37 -10.50
CA ARG R 196 -50.77 -83.12 -10.06
C ARG R 196 -51.96 -82.72 -10.94
N LEU R 197 -52.55 -83.69 -11.63
CA LEU R 197 -53.79 -83.50 -12.38
C LEU R 197 -54.93 -84.31 -11.81
N ARG R 198 -55.96 -83.61 -11.32
CA ARG R 198 -57.12 -84.28 -10.75
C ARG R 198 -58.31 -84.15 -11.70
N VAL R 199 -58.88 -85.30 -12.08
CA VAL R 199 -60.06 -85.35 -12.95
C VAL R 199 -61.18 -86.13 -12.29
N SER R 200 -62.40 -85.85 -12.73
CA SER R 200 -63.60 -86.68 -12.45
C SER R 200 -63.41 -88.21 -12.48
N ALA R 201 -64.09 -88.91 -11.57
CA ALA R 201 -64.06 -90.40 -11.58
C ALA R 201 -64.56 -90.97 -12.91
N THR R 202 -65.56 -90.31 -13.48
CA THR R 202 -66.10 -90.67 -14.76
C THR R 202 -65.03 -90.54 -15.82
N PHE R 203 -64.39 -89.37 -15.84
CA PHE R 203 -63.43 -89.06 -16.87
C PHE R 203 -62.27 -90.04 -16.85
N TRP R 204 -61.80 -90.37 -15.65
CA TRP R 204 -60.74 -91.34 -15.56
C TRP R 204 -61.19 -92.69 -16.07
N GLN R 205 -62.40 -93.08 -15.69
CA GLN R 205 -62.94 -94.37 -16.06
C GLN R 205 -63.54 -94.36 -17.47
N ASN R 206 -62.65 -94.41 -18.48
CA ASN R 206 -62.97 -94.34 -19.89
C ASN R 206 -61.65 -94.40 -20.66
N PRO R 207 -61.33 -95.56 -21.23
CA PRO R 207 -60.00 -95.63 -21.83
C PRO R 207 -59.92 -95.09 -23.23
N ARG R 208 -60.86 -94.26 -23.63
CA ARG R 208 -60.67 -93.42 -24.81
C ARG R 208 -60.36 -91.98 -24.41
N ASN R 209 -59.82 -91.86 -23.19
CA ASN R 209 -59.37 -90.57 -22.66
C ASN R 209 -57.87 -90.69 -22.48
N HIS R 210 -57.16 -89.72 -23.04
CA HIS R 210 -55.71 -89.79 -23.15
C HIS R 210 -55.07 -88.74 -22.25
N PHE R 211 -54.19 -89.21 -21.36
CA PHE R 211 -53.51 -88.34 -20.43
C PHE R 211 -52.03 -88.29 -20.76
N ARG R 212 -51.52 -87.10 -21.06
CA ARG R 212 -50.10 -86.95 -21.26
C ARG R 212 -49.50 -85.83 -20.43
N CYS R 213 -48.45 -86.18 -19.67
CA CYS R 213 -47.57 -85.25 -18.95
C CYS R 213 -46.28 -84.97 -19.73
N GLN R 214 -46.01 -83.69 -19.99
CA GLN R 214 -44.98 -83.31 -20.96
C GLN R 214 -44.03 -82.20 -20.44
N VAL R 215 -42.75 -82.55 -20.29
CA VAL R 215 -41.78 -81.61 -19.74
C VAL R 215 -40.72 -81.13 -20.75
N GLN R 216 -40.75 -79.85 -21.04
CA GLN R 216 -39.70 -79.26 -21.85
C GLN R 216 -38.42 -79.12 -21.06
N PHE R 217 -37.34 -79.70 -21.57
CA PHE R 217 -36.06 -79.46 -20.96
C PHE R 217 -35.35 -78.50 -21.87
N TYR R 218 -34.65 -77.56 -21.25
CA TYR R 218 -33.87 -76.62 -21.98
C TYR R 218 -32.42 -76.93 -21.68
N GLY R 219 -31.66 -77.34 -22.70
CA GLY R 219 -30.31 -77.80 -22.46
C GLY R 219 -29.24 -77.19 -23.35
N LEU R 220 -28.42 -78.02 -23.96
CA LEU R 220 -27.31 -77.52 -24.79
C LEU R 220 -27.75 -77.30 -26.22
N SER R 221 -27.14 -76.33 -26.87
CA SER R 221 -27.40 -76.09 -28.29
C SER R 221 -26.42 -76.81 -29.22
N GLU R 222 -26.46 -76.44 -30.51
CA GLU R 222 -25.65 -77.05 -31.55
C GLU R 222 -24.28 -76.38 -31.53
N ASN R 223 -23.61 -76.40 -30.38
CA ASN R 223 -22.40 -75.63 -30.22
C ASN R 223 -21.60 -76.17 -29.09
N ASP R 224 -22.29 -76.26 -27.97
CA ASP R 224 -21.77 -76.81 -26.75
C ASP R 224 -21.27 -78.18 -27.22
N GLU R 225 -20.04 -78.57 -26.92
CA GLU R 225 -19.62 -79.85 -27.48
C GLU R 225 -19.45 -80.80 -26.32
N TRP R 226 -20.15 -81.90 -26.51
CA TRP R 226 -20.25 -83.01 -25.58
C TRP R 226 -19.10 -84.01 -25.70
N THR R 227 -18.32 -84.12 -24.63
CA THR R 227 -17.25 -85.11 -24.57
C THR R 227 -17.54 -86.05 -23.41
N GLN R 228 -18.12 -87.21 -23.73
CA GLN R 228 -18.51 -88.19 -22.73
C GLN R 228 -19.12 -89.42 -23.44
N ASP R 229 -20.35 -89.30 -23.98
CA ASP R 229 -21.05 -90.30 -24.83
C ASP R 229 -22.56 -90.12 -24.68
N ARG R 230 -22.92 -89.81 -23.43
CA ARG R 230 -24.25 -89.79 -22.84
C ARG R 230 -25.25 -88.83 -23.49
N ALA R 231 -25.80 -89.21 -24.63
CA ALA R 231 -26.85 -88.41 -25.29
C ALA R 231 -26.44 -86.98 -25.65
N LYS R 232 -26.04 -86.23 -24.61
CA LYS R 232 -25.78 -84.80 -24.61
C LYS R 232 -27.14 -84.17 -24.44
N PRO R 233 -27.33 -83.50 -23.29
CA PRO R 233 -28.61 -82.86 -23.00
C PRO R 233 -28.92 -81.67 -23.90
N VAL R 234 -29.35 -81.95 -25.13
CA VAL R 234 -29.88 -80.90 -25.98
C VAL R 234 -31.25 -80.51 -25.43
N THR R 235 -31.62 -79.25 -25.62
CA THR R 235 -33.00 -78.85 -25.45
C THR R 235 -33.83 -79.92 -26.18
N GLN R 236 -34.83 -80.40 -25.48
CA GLN R 236 -35.62 -81.54 -25.92
C GLN R 236 -36.90 -81.59 -25.11
N ILE R 237 -37.84 -82.44 -25.51
CA ILE R 237 -39.07 -82.64 -24.76
C ILE R 237 -39.12 -84.09 -24.32
N VAL R 238 -39.68 -84.33 -23.14
CA VAL R 238 -39.83 -85.67 -22.59
C VAL R 238 -41.25 -85.91 -22.12
N SER R 239 -41.91 -86.86 -22.77
CA SER R 239 -43.34 -87.10 -22.57
C SER R 239 -43.57 -88.32 -21.68
N ALA R 240 -44.83 -88.50 -21.29
CA ALA R 240 -45.29 -89.65 -20.53
C ALA R 240 -46.81 -89.71 -20.66
N GLU R 241 -47.33 -90.90 -20.97
CA GLU R 241 -48.74 -91.03 -21.31
C GLU R 241 -49.48 -91.96 -20.35
N ALA R 242 -50.81 -91.96 -20.45
CA ALA R 242 -51.65 -92.99 -19.81
C ALA R 242 -53.05 -92.88 -20.38
N TRP R 243 -53.79 -93.99 -20.32
CA TRP R 243 -55.18 -94.04 -20.79
C TRP R 243 -56.06 -94.45 -19.62
N GLY R 244 -57.34 -94.06 -19.65
CA GLY R 244 -58.22 -94.35 -18.52
C GLY R 244 -58.50 -95.82 -18.30
N ARG R 245 -58.89 -96.22 -17.07
CA ARG R 245 -59.27 -97.63 -16.84
C ARG R 245 -60.66 -97.80 -16.25
N ALA R 246 -61.07 -99.06 -16.15
CA ALA R 246 -62.27 -99.46 -15.42
C ALA R 246 -62.06 -100.85 -14.81
N GLU S 3 38.66 28.92 20.27
CA GLU S 3 39.41 30.16 20.41
C GLU S 3 40.90 29.84 20.61
N ASN S 4 41.63 30.75 21.28
CA ASN S 4 43.04 30.56 21.75
C ASN S 4 44.19 30.81 20.72
N VAL S 5 45.21 31.51 21.22
CA VAL S 5 46.48 31.81 20.53
C VAL S 5 47.67 31.69 21.50
N GLU S 6 48.69 30.92 21.13
CA GLU S 6 49.85 30.64 21.99
C GLU S 6 51.08 31.53 21.76
N GLN S 7 51.44 32.30 22.78
CA GLN S 7 52.58 33.18 22.67
C GLN S 7 53.77 32.57 23.41
N HIS S 8 54.86 32.30 22.69
CA HIS S 8 56.10 31.81 23.34
C HIS S 8 57.38 32.48 22.82
N PRO S 9 58.32 32.79 23.75
CA PRO S 9 58.34 32.50 25.19
C PRO S 9 57.75 33.54 26.15
N SER S 10 57.57 33.12 27.39
CA SER S 10 56.95 33.91 28.45
C SER S 10 57.73 35.21 28.70
N THR S 11 59.02 35.00 28.95
CA THR S 11 60.02 36.05 29.12
C THR S 11 61.13 35.77 28.10
N LEU S 12 61.96 36.76 27.83
CA LEU S 12 63.00 36.63 26.81
C LEU S 12 64.08 37.69 26.98
N SER S 13 65.33 37.26 27.16
CA SER S 13 66.46 38.21 27.29
C SER S 13 67.42 38.20 26.12
N VAL S 14 67.85 39.39 25.74
CA VAL S 14 68.72 39.61 24.60
C VAL S 14 69.69 40.75 24.95
N GLN S 15 70.95 40.67 24.50
CA GLN S 15 71.90 41.77 24.69
C GLN S 15 71.65 42.91 23.70
N GLU S 16 72.18 44.09 24.00
CA GLU S 16 71.80 45.29 23.26
C GLU S 16 72.16 45.17 21.77
N GLY S 17 72.97 44.17 21.41
CA GLY S 17 73.39 44.02 20.03
C GLY S 17 72.58 43.02 19.23
N ASP S 18 72.14 41.97 19.90
CA ASP S 18 71.61 40.80 19.21
C ASP S 18 70.26 41.05 18.58
N SER S 19 69.69 39.96 18.10
CA SER S 19 68.39 39.94 17.48
C SER S 19 67.45 39.17 18.41
N ALA S 20 66.17 39.56 18.40
CA ALA S 20 65.17 38.90 19.23
C ALA S 20 64.02 38.41 18.35
N VAL S 21 63.62 37.15 18.52
CA VAL S 21 62.56 36.61 17.69
C VAL S 21 61.48 35.96 18.55
N ILE S 22 60.26 36.48 18.41
CA ILE S 22 59.08 35.94 19.10
C ILE S 22 58.09 35.32 18.11
N LYS S 23 57.74 34.07 18.31
CA LYS S 23 56.77 33.47 17.41
C LYS S 23 55.56 32.91 18.16
N CYS S 24 54.41 33.13 17.53
CA CYS S 24 53.09 32.84 18.08
C CYS S 24 52.41 31.79 17.20
N THR S 25 51.61 30.95 17.82
CA THR S 25 50.91 29.91 17.10
C THR S 25 49.45 30.09 17.37
N TYR S 26 48.68 30.25 16.30
CA TYR S 26 47.25 30.49 16.45
C TYR S 26 46.49 29.20 16.14
N SER S 27 45.23 29.08 16.59
CA SER S 27 44.54 27.80 16.44
C SER S 27 43.40 27.91 15.47
N ASP S 28 42.35 28.65 15.82
CA ASP S 28 41.26 28.80 14.85
C ASP S 28 41.82 29.40 13.57
N SER S 29 42.02 28.56 12.56
CA SER S 29 42.52 29.02 11.28
C SER S 29 41.50 29.95 10.60
N ALA S 30 41.57 30.07 9.28
CA ALA S 30 40.66 30.96 8.54
C ALA S 30 40.84 32.41 9.05
N SER S 31 41.84 32.55 9.91
CA SER S 31 42.41 33.80 10.35
C SER S 31 43.06 34.43 9.14
N ASN S 32 43.09 35.75 9.08
CA ASN S 32 43.74 36.39 7.94
C ASN S 32 44.35 37.71 8.36
N TYR S 33 44.21 38.02 9.66
CA TYR S 33 44.80 39.21 10.25
C TYR S 33 45.50 38.92 11.58
N PHE S 34 46.75 39.35 11.67
CA PHE S 34 47.62 39.03 12.79
C PHE S 34 48.44 40.24 13.12
N PRO S 35 48.01 41.03 14.12
CA PRO S 35 48.75 42.23 14.50
C PRO S 35 49.66 42.00 15.72
N TRP S 36 50.69 42.86 15.86
CA TRP S 36 51.59 42.86 17.03
C TRP S 36 51.51 44.17 17.84
N TYR S 37 51.24 44.04 19.15
CA TYR S 37 51.16 45.22 20.01
C TYR S 37 52.31 45.23 21.00
N LYS S 38 52.93 46.41 21.11
CA LYS S 38 54.00 46.70 22.06
C LYS S 38 53.36 47.40 23.25
N GLN S 39 53.55 46.86 24.46
CA GLN S 39 53.02 47.51 25.68
C GLN S 39 54.19 47.97 26.55
N GLU S 40 54.48 49.27 26.59
CA GLU S 40 55.75 49.68 27.21
C GLU S 40 55.79 49.35 28.70
N LEU S 41 54.97 49.98 29.54
CA LEU S 41 54.88 49.50 30.92
C LEU S 41 53.58 49.95 31.51
N GLY S 42 52.65 49.00 31.63
CA GLY S 42 51.33 49.26 32.13
C GLY S 42 50.63 50.38 31.39
N LYS S 43 51.23 50.90 30.32
CA LYS S 43 50.53 51.92 29.55
C LYS S 43 49.77 51.22 28.45
N GLY S 44 49.23 52.01 27.54
CA GLY S 44 48.35 51.48 26.52
C GLY S 44 49.14 50.74 25.46
N PRO S 45 48.79 49.46 25.25
CA PRO S 45 49.36 48.70 24.14
C PRO S 45 49.33 49.50 22.85
N GLN S 46 50.34 49.36 21.99
CA GLN S 46 50.37 50.12 20.74
C GLN S 46 50.88 49.27 19.61
N LEU S 47 50.19 49.35 18.47
CA LEU S 47 50.47 48.50 17.30
C LEU S 47 51.80 48.80 16.64
N ILE S 48 52.70 47.84 16.58
CA ILE S 48 53.95 48.04 15.85
C ILE S 48 53.93 47.52 14.40
N ILE S 49 53.30 46.38 14.20
CA ILE S 49 53.22 45.82 12.86
C ILE S 49 52.11 44.77 12.76
N ASP S 50 51.46 44.74 11.62
CA ASP S 50 50.48 43.70 11.35
C ASP S 50 50.59 43.15 9.95
N ILE S 51 50.50 41.83 9.84
CA ILE S 51 50.58 41.15 8.55
C ILE S 51 49.12 40.79 8.23
N ARG S 52 48.64 41.38 7.13
CA ARG S 52 47.21 41.40 6.77
C ARG S 52 46.90 40.69 5.41
N SER S 53 47.34 39.46 5.24
CA SER S 53 47.06 38.77 3.96
C SER S 53 47.40 37.31 4.05
N ASN S 54 48.04 36.85 2.97
CA ASN S 54 49.11 35.87 3.03
C ASN S 54 50.25 36.29 2.08
N VAL S 55 50.93 37.36 2.53
CA VAL S 55 52.14 37.99 1.97
C VAL S 55 53.39 37.35 2.59
N GLY S 56 53.13 36.43 3.51
CA GLY S 56 54.10 35.80 4.39
C GLY S 56 55.33 36.56 4.86
N GLU S 57 55.36 37.89 4.73
CA GLU S 57 56.45 38.73 5.24
C GLU S 57 56.31 40.20 4.87
N LYS S 58 56.22 41.02 5.90
CA LYS S 58 56.31 42.46 5.79
C LYS S 58 57.46 42.90 6.71
N LYS S 59 58.40 43.69 6.20
CA LYS S 59 59.47 44.18 7.09
C LYS S 59 59.34 45.68 7.14
N ASP S 60 59.58 46.28 8.30
CA ASP S 60 59.60 47.74 8.31
C ASP S 60 60.79 48.20 9.12
N GLN S 61 61.75 48.72 8.37
CA GLN S 61 63.05 49.03 8.90
C GLN S 61 63.53 47.87 9.73
N ARG S 62 63.46 48.04 11.04
CA ARG S 62 64.16 47.16 11.92
C ARG S 62 63.29 46.02 12.45
N ILE S 63 62.04 45.94 12.01
CA ILE S 63 61.11 44.89 12.46
C ILE S 63 60.50 44.15 11.29
N ALA S 64 60.26 42.85 11.48
CA ALA S 64 59.61 42.07 10.45
C ALA S 64 58.71 40.95 10.97
N VAL S 65 57.65 40.67 10.19
CA VAL S 65 56.68 39.60 10.49
C VAL S 65 56.81 38.45 9.52
N THR S 66 56.71 37.22 10.01
CA THR S 66 56.60 36.06 9.13
C THR S 66 55.31 35.33 9.39
N LEU S 67 54.71 34.77 8.34
CA LEU S 67 53.46 34.01 8.45
C LEU S 67 53.49 32.71 7.68
N ASN S 68 53.23 31.60 8.39
CA ASN S 68 53.17 30.28 7.76
C ASN S 68 51.81 29.65 8.06
N LYS S 69 50.83 30.05 7.25
CA LYS S 69 49.42 29.85 7.54
C LYS S 69 49.06 28.37 7.38
N THR S 70 49.99 27.58 6.88
CA THR S 70 49.79 26.14 6.85
C THR S 70 50.04 25.48 8.21
N ALA S 71 51.15 25.80 8.85
CA ALA S 71 51.43 25.24 10.18
C ALA S 71 50.70 26.01 11.28
N LYS S 72 50.05 27.09 10.88
CA LYS S 72 49.36 28.05 11.76
C LYS S 72 50.27 28.74 12.82
N HIS S 73 51.42 29.24 12.37
CA HIS S 73 52.24 30.08 13.24
C HIS S 73 52.81 31.30 12.50
N PHE S 74 53.11 32.32 13.27
CA PHE S 74 53.62 33.60 12.75
C PHE S 74 54.63 34.25 13.71
N SER S 75 55.55 35.06 13.18
CA SER S 75 56.70 35.56 13.98
C SER S 75 56.94 37.07 13.98
N LEU S 76 57.32 37.60 15.13
CA LEU S 76 57.84 38.97 15.18
C LEU S 76 59.35 38.87 15.21
N HIS S 77 60.00 39.59 14.31
CA HIS S 77 61.43 39.57 14.28
C HIS S 77 62.00 40.95 14.63
N ILE S 78 62.68 41.03 15.76
CA ILE S 78 63.44 42.25 16.03
C ILE S 78 64.93 41.99 15.89
N THR S 79 65.54 42.41 14.77
CA THR S 79 66.98 42.27 14.55
C THR S 79 67.55 43.34 15.50
N GLU S 80 68.75 43.85 15.27
CA GLU S 80 68.95 45.24 15.70
C GLU S 80 68.77 45.75 17.21
N THR S 81 68.40 44.88 18.19
CA THR S 81 67.73 45.35 19.43
C THR S 81 68.30 46.59 20.12
N GLN S 82 67.51 47.28 20.95
CA GLN S 82 67.93 48.54 21.57
C GLN S 82 67.21 48.62 22.90
N PRO S 83 67.62 49.56 23.79
CA PRO S 83 66.99 49.62 25.10
C PRO S 83 65.50 49.92 25.03
N GLU S 84 65.07 50.74 24.06
CA GLU S 84 63.65 51.03 23.88
C GLU S 84 62.81 49.80 23.47
N ASP S 85 63.45 48.87 22.80
CA ASP S 85 62.80 47.62 22.47
C ASP S 85 62.38 46.84 23.71
N SER S 86 62.96 47.15 24.88
CA SER S 86 62.53 46.50 26.12
C SER S 86 61.04 46.78 26.41
N ALA S 87 60.24 45.72 26.50
CA ALA S 87 58.79 45.85 26.54
C ALA S 87 58.08 44.51 26.67
N VAL S 88 56.76 44.60 26.80
CA VAL S 88 55.90 43.45 26.71
C VAL S 88 55.22 43.52 25.35
N TYR S 89 55.43 42.45 24.59
CA TYR S 89 54.96 42.34 23.22
C TYR S 89 53.75 41.44 23.22
N PHE S 90 52.74 41.80 22.41
CA PHE S 90 51.53 40.99 22.27
C PHE S 90 51.28 40.65 20.83
N CYS S 91 51.00 39.37 20.55
CA CYS S 91 50.56 38.98 19.22
C CYS S 91 49.09 38.69 19.24
N ALA S 92 48.41 39.01 18.14
CA ALA S 92 47.00 38.72 18.07
C ALA S 92 46.68 37.99 16.76
N ALA S 93 45.60 37.20 16.79
CA ALA S 93 45.08 36.59 15.58
C ALA S 93 43.59 36.86 15.51
N SER S 94 43.14 37.22 14.32
CA SER S 94 41.74 37.56 14.09
C SER S 94 41.27 37.02 12.75
N ARG S 95 39.97 37.13 12.47
CA ARG S 95 39.44 36.79 11.15
C ARG S 95 39.13 38.06 10.37
N GLY S 96 39.75 39.15 10.80
CA GLY S 96 39.57 40.44 10.15
C GLY S 96 38.17 41.00 10.37
N GLY S 97 37.93 42.19 9.82
CA GLY S 97 36.63 42.85 9.93
C GLY S 97 36.23 43.08 11.36
N ALA S 98 34.93 43.09 11.60
CA ALA S 98 34.42 43.39 12.92
C ALA S 98 34.58 42.26 13.95
N GLN S 99 35.44 41.28 13.70
CA GLN S 99 35.58 40.19 14.67
C GLN S 99 36.80 40.32 15.59
N LYS S 100 36.75 39.59 16.71
CA LYS S 100 37.68 39.76 17.83
C LYS S 100 39.15 39.30 17.64
N LEU S 101 40.04 40.09 18.24
CA LEU S 101 41.44 39.72 18.33
C LEU S 101 41.63 38.71 19.45
N VAL S 102 42.55 37.78 19.26
CA VAL S 102 42.81 36.82 20.30
C VAL S 102 44.30 36.93 20.60
N PHE S 103 44.64 37.26 21.84
CA PHE S 103 46.02 37.56 22.17
C PHE S 103 46.70 36.42 22.91
N GLY S 104 48.02 36.38 22.82
CA GLY S 104 48.77 35.42 23.61
C GLY S 104 48.89 36.07 24.97
N GLN S 105 49.61 35.44 25.92
CA GLN S 105 49.76 36.07 27.22
C GLN S 105 50.73 37.23 27.08
N GLY S 106 51.46 37.29 25.96
CA GLY S 106 52.45 38.33 25.75
C GLY S 106 53.86 37.96 26.17
N THR S 107 54.85 38.66 25.65
CA THR S 107 56.23 38.28 25.95
C THR S 107 56.93 39.47 26.62
N ARG S 108 57.62 39.21 27.74
CA ARG S 108 58.32 40.27 28.44
C ARG S 108 59.78 40.36 27.98
N LEU S 109 60.05 41.32 27.09
CA LEU S 109 61.34 41.42 26.44
C LEU S 109 62.30 42.39 27.14
N THR S 110 63.41 41.83 27.64
CA THR S 110 64.48 42.59 28.28
C THR S 110 65.71 42.75 27.39
N ILE S 111 66.06 43.98 27.08
CA ILE S 111 67.27 44.26 26.32
C ILE S 111 68.41 44.68 27.24
N ASN S 112 69.26 43.74 27.66
CA ASN S 112 70.38 44.12 28.52
C ASN S 112 71.28 45.07 27.75
N PRO S 113 71.73 46.13 28.42
CA PRO S 113 72.43 47.21 27.73
C PRO S 113 73.89 46.85 27.54
N ASN S 114 74.57 47.54 26.62
CA ASN S 114 76.00 47.36 26.54
C ASN S 114 76.74 48.30 27.48
N ILE S 115 77.37 47.67 28.47
CA ILE S 115 78.08 48.34 29.54
C ILE S 115 79.50 48.56 29.06
N GLN S 116 79.82 49.80 28.67
CA GLN S 116 81.11 50.04 28.05
C GLN S 116 82.34 50.01 28.98
N ASN S 117 82.29 50.59 30.17
CA ASN S 117 83.41 50.41 31.09
C ASN S 117 82.99 50.10 32.52
N PRO S 118 82.65 48.83 32.78
CA PRO S 118 82.21 48.40 34.12
C PRO S 118 83.14 48.92 35.22
N ASP S 119 82.65 49.79 36.11
CA ASP S 119 83.45 50.23 37.24
C ASP S 119 82.73 49.84 38.54
N PRO S 120 82.44 48.55 38.69
CA PRO S 120 81.47 48.13 39.71
C PRO S 120 81.92 48.39 41.14
N ALA S 121 80.97 48.69 42.02
CA ALA S 121 81.26 49.22 43.35
C ALA S 121 79.99 49.30 44.23
N VAL S 122 80.17 49.34 45.54
CA VAL S 122 79.04 49.54 46.46
C VAL S 122 79.32 50.68 47.44
N TYR S 123 78.71 51.83 47.19
CA TYR S 123 78.86 52.98 48.04
C TYR S 123 77.70 52.91 49.04
N GLN S 124 77.82 53.58 50.17
CA GLN S 124 76.69 53.65 51.08
C GLN S 124 76.35 55.11 51.27
N LEU S 125 75.10 55.43 50.98
CA LEU S 125 74.64 56.80 50.97
C LEU S 125 73.93 57.08 52.23
N ARG S 126 73.94 58.32 52.72
CA ARG S 126 72.94 58.62 53.73
C ARG S 126 72.28 60.02 53.66
N ASP S 127 71.45 60.36 54.65
CA ASP S 127 70.14 60.97 54.44
C ASP S 127 69.95 62.46 54.75
N SER S 128 69.25 62.69 55.87
CA SER S 128 68.53 63.91 56.24
C SER S 128 67.54 63.24 57.16
N LYS S 129 68.07 62.87 58.33
CA LYS S 129 67.54 61.78 59.12
C LYS S 129 66.31 61.79 60.01
N SER S 130 65.36 60.99 59.55
CA SER S 130 64.85 59.86 60.32
C SER S 130 64.16 59.10 59.20
N SER S 131 63.61 57.94 59.53
CA SER S 131 63.21 56.85 58.63
C SER S 131 64.31 55.82 58.73
N ASP S 132 65.04 55.87 59.86
CA ASP S 132 65.98 54.80 60.19
C ASP S 132 67.26 54.90 59.34
N LYS S 133 68.11 53.89 59.44
CA LYS S 133 69.45 53.85 58.85
C LYS S 133 69.35 53.36 57.41
N SER S 134 70.45 53.50 56.68
CA SER S 134 70.40 53.79 55.25
C SER S 134 70.33 52.73 54.16
N VAL S 135 70.68 53.22 52.98
CA VAL S 135 70.63 52.49 51.74
C VAL S 135 72.02 52.33 51.11
N CYS S 136 72.22 51.20 50.42
CA CYS S 136 73.49 50.90 49.76
C CYS S 136 73.28 50.77 48.26
N LEU S 137 74.21 51.27 47.47
CA LEU S 137 74.01 51.27 46.04
C LEU S 137 75.06 50.40 45.38
N PHE S 138 74.61 49.37 44.67
CA PHE S 138 75.52 48.48 43.97
C PHE S 138 75.46 48.89 42.52
N THR S 139 76.35 49.79 42.10
CA THR S 139 76.23 50.45 40.81
C THR S 139 77.27 50.02 39.77
N ASP S 140 77.07 50.52 38.56
CA ASP S 140 78.11 50.56 37.52
C ASP S 140 78.44 49.22 36.85
N PHE S 141 78.14 48.09 37.50
CA PHE S 141 78.53 46.77 36.97
C PHE S 141 77.98 46.47 35.57
N ASP S 142 78.46 45.39 34.94
CA ASP S 142 78.10 45.05 33.56
C ASP S 142 76.99 44.00 33.48
N SER S 143 76.54 43.74 32.25
CA SER S 143 75.28 43.05 32.00
C SER S 143 75.22 41.61 32.50
N GLN S 144 76.37 40.96 32.69
CA GLN S 144 76.31 39.55 33.06
C GLN S 144 76.23 39.40 34.58
N THR S 145 76.36 40.52 35.29
CA THR S 145 76.08 40.46 36.71
C THR S 145 74.57 40.36 36.86
N ASN S 146 74.15 39.29 37.51
CA ASN S 146 72.74 39.07 37.78
C ASN S 146 72.57 39.33 39.27
N VAL S 147 71.40 39.85 39.64
CA VAL S 147 71.15 40.26 41.02
C VAL S 147 70.15 39.32 41.71
N SER S 148 70.54 38.81 42.88
CA SER S 148 69.62 38.00 43.67
C SER S 148 69.14 38.91 44.77
N GLN S 149 68.24 38.41 45.60
CA GLN S 149 67.66 39.28 46.61
C GLN S 149 68.03 38.87 48.05
N SER S 150 67.29 39.43 48.99
CA SER S 150 67.30 39.12 50.44
C SER S 150 67.56 37.67 50.89
N LYS S 151 67.99 37.50 52.15
CA LYS S 151 67.80 36.22 52.85
C LYS S 151 67.47 36.38 54.37
N ASP S 152 66.89 37.54 54.71
CA ASP S 152 66.24 37.82 55.98
C ASP S 152 64.98 38.65 55.64
N SER S 153 63.90 38.51 56.41
CA SER S 153 62.69 39.33 56.27
C SER S 153 62.79 40.89 56.34
N ASP S 154 63.95 41.45 56.71
CA ASP S 154 64.07 42.91 56.97
C ASP S 154 65.23 43.59 56.22
N VAL S 155 65.84 42.86 55.29
CA VAL S 155 66.82 43.45 54.38
C VAL S 155 66.22 43.45 52.98
N TYR S 156 66.04 44.66 52.45
CA TYR S 156 65.31 44.88 51.23
C TYR S 156 66.24 45.08 50.05
N ILE S 157 66.12 44.20 49.08
CA ILE S 157 66.98 44.25 47.91
C ILE S 157 66.13 44.35 46.63
N THR S 158 66.41 45.36 45.83
CA THR S 158 65.64 45.62 44.63
C THR S 158 66.13 44.79 43.43
N ASP S 159 65.48 44.99 42.30
CA ASP S 159 65.90 44.37 41.06
C ASP S 159 66.99 45.22 40.39
N LYS S 160 67.73 44.62 39.46
CA LYS S 160 68.67 45.35 38.61
C LYS S 160 67.96 46.53 37.93
N CYS S 161 68.69 47.55 37.48
CA CYS S 161 68.06 48.78 37.01
C CYS S 161 69.02 49.62 36.15
N VAL S 162 68.53 50.24 35.07
CA VAL S 162 69.43 50.85 34.08
C VAL S 162 69.10 52.33 33.80
N LEU S 163 70.01 53.24 34.13
CA LEU S 163 69.82 54.66 33.81
C LEU S 163 70.75 55.14 32.69
N ASP S 164 70.27 56.09 31.88
CA ASP S 164 71.06 56.63 30.79
C ASP S 164 71.21 58.14 30.97
N MET S 165 72.33 58.56 31.55
CA MET S 165 72.68 59.97 31.62
C MET S 165 72.89 60.44 30.22
N ARG S 166 71.87 61.00 29.61
CA ARG S 166 71.86 61.22 28.17
C ARG S 166 72.81 62.32 27.74
N SER S 167 73.15 63.20 28.69
CA SER S 167 74.08 64.31 28.48
C SER S 167 75.49 63.80 28.26
N MET S 168 75.80 62.69 28.93
CA MET S 168 77.12 62.06 28.84
C MET S 168 77.10 60.68 28.15
N ASP S 169 76.02 60.38 27.40
CA ASP S 169 75.90 59.12 26.64
C ASP S 169 76.50 57.97 27.43
N PHE S 170 76.27 58.00 28.73
CA PHE S 170 76.79 57.00 29.63
C PHE S 170 75.63 56.28 30.33
N LYS S 171 75.59 54.94 30.22
CA LYS S 171 74.58 54.15 30.90
C LYS S 171 75.18 53.38 32.09
N SER S 172 74.39 53.14 33.12
CA SER S 172 74.90 52.40 34.27
C SER S 172 73.81 51.64 35.00
N ASN S 173 74.15 50.45 35.48
CA ASN S 173 73.21 49.64 36.27
C ASN S 173 73.25 50.09 37.70
N SER S 174 72.24 49.66 38.45
CA SER S 174 72.37 49.46 39.88
C SER S 174 71.14 48.80 40.48
N ALA S 175 71.30 48.41 41.73
CA ALA S 175 70.22 47.99 42.58
C ALA S 175 70.43 48.66 43.91
N VAL S 176 69.36 48.85 44.66
CA VAL S 176 69.44 49.52 45.95
C VAL S 176 69.16 48.53 47.09
N ALA S 177 69.73 48.79 48.26
CA ALA S 177 69.55 47.90 49.40
C ALA S 177 69.48 48.66 50.72
N TRP S 178 68.42 48.39 51.50
CA TRP S 178 68.23 49.06 52.79
C TRP S 178 67.65 48.12 53.85
N SER S 179 67.85 48.48 55.09
CA SER S 179 67.38 47.68 56.22
C SER S 179 67.42 48.54 57.46
N ASN S 180 66.78 48.06 58.52
CA ASN S 180 66.59 48.88 59.71
C ASN S 180 67.74 48.78 60.71
N LYS S 181 67.96 47.56 61.20
CA LYS S 181 69.07 47.23 62.10
C LYS S 181 70.35 47.80 61.49
N SER S 182 71.23 48.40 62.29
CA SER S 182 72.52 48.77 61.75
C SER S 182 73.44 47.56 61.82
N ASP S 183 72.85 46.41 62.18
CA ASP S 183 73.46 45.10 61.99
C ASP S 183 73.12 44.73 60.53
N PHE S 184 73.76 45.43 59.60
CA PHE S 184 73.48 45.25 58.20
C PHE S 184 74.73 45.65 57.40
N ALA S 185 74.92 46.95 57.20
CA ALA S 185 76.03 47.55 56.42
C ALA S 185 76.32 46.92 55.05
N CYS S 186 77.13 47.61 54.25
CA CYS S 186 77.28 47.25 52.85
C CYS S 186 78.34 46.20 52.51
N ALA S 187 79.35 46.02 53.37
CA ALA S 187 80.48 45.14 53.06
C ALA S 187 80.01 43.74 52.69
N ASN S 188 79.14 43.17 53.53
CA ASN S 188 78.31 42.05 53.10
C ASN S 188 76.86 42.42 53.27
N ALA S 189 76.27 42.86 52.17
CA ALA S 189 74.86 43.13 52.14
C ALA S 189 74.35 42.21 51.05
N PHE S 190 75.23 41.97 50.09
CA PHE S 190 74.88 41.15 48.96
C PHE S 190 75.39 39.69 49.06
N ASN S 191 74.48 38.75 49.31
CA ASN S 191 74.74 37.32 49.13
C ASN S 191 74.58 37.02 47.64
N ASN S 192 75.40 37.69 46.83
CA ASN S 192 75.32 37.58 45.39
C ASN S 192 76.62 37.27 44.72
N SER S 193 76.53 37.02 43.42
CA SER S 193 77.75 36.92 42.67
C SER S 193 78.12 38.32 42.23
N ILE S 194 78.72 39.05 43.17
CA ILE S 194 79.32 40.35 42.92
C ILE S 194 80.27 40.12 41.77
N ILE S 195 80.64 41.16 41.04
CA ILE S 195 81.74 40.98 40.11
C ILE S 195 82.97 40.60 40.96
N PRO S 196 83.90 39.80 40.41
CA PRO S 196 84.47 38.72 41.21
C PRO S 196 85.07 39.19 42.53
N GLU S 197 86.05 40.07 42.49
CA GLU S 197 86.61 40.69 43.68
C GLU S 197 87.18 42.04 43.29
N ASP S 198 86.59 42.63 42.25
CA ASP S 198 86.95 44.00 41.88
C ASP S 198 86.22 45.06 42.72
N THR S 199 85.01 44.72 43.16
CA THR S 199 84.05 45.71 43.68
C THR S 199 84.63 46.71 44.68
N PHE S 200 84.80 47.96 44.24
CA PHE S 200 85.30 49.05 45.08
C PHE S 200 84.43 49.27 46.35
N PHE S 201 85.03 49.08 47.53
CA PHE S 201 84.30 49.04 48.80
C PHE S 201 84.87 49.96 49.86
N PRO S 202 84.83 51.28 49.65
CA PRO S 202 85.44 52.24 50.58
C PRO S 202 84.89 52.19 52.01
N ASP T 2 47.87 66.57 21.30
CA ASP T 2 46.82 66.56 20.28
C ASP T 2 45.77 65.50 20.55
N THR T 3 45.59 64.58 19.58
CA THR T 3 44.43 63.67 19.60
C THR T 3 44.79 62.28 20.12
N ALA T 4 43.84 61.65 20.83
CA ALA T 4 44.13 60.36 21.45
C ALA T 4 42.94 59.76 22.19
N VAL T 5 43.20 58.62 22.80
CA VAL T 5 42.19 57.89 23.56
C VAL T 5 42.46 58.04 25.05
N SER T 6 41.65 58.90 25.67
CA SER T 6 41.75 59.23 27.09
C SER T 6 40.67 58.52 27.89
N GLN T 7 40.95 58.37 29.19
CA GLN T 7 40.25 57.40 30.01
C GLN T 7 40.44 57.71 31.51
N THR T 8 39.34 57.98 32.19
CA THR T 8 39.36 58.28 33.61
C THR T 8 38.46 57.32 34.38
N PRO T 9 38.77 57.07 35.68
CA PRO T 9 39.98 57.52 36.35
C PRO T 9 41.18 56.73 35.90
N LYS T 10 42.36 57.13 36.37
CA LYS T 10 43.60 56.47 36.00
C LYS T 10 43.83 55.33 36.97
N TYR T 11 43.74 55.61 38.27
CA TYR T 11 43.74 54.54 39.28
C TYR T 11 42.40 54.58 40.03
N LEU T 12 42.18 53.60 40.90
CA LEU T 12 40.92 53.48 41.64
C LEU T 12 40.92 52.39 42.69
N VAL T 13 40.32 52.66 43.84
CA VAL T 13 40.30 51.66 44.89
C VAL T 13 39.10 51.76 45.84
N THR T 14 38.40 50.64 46.01
CA THR T 14 37.35 50.45 47.03
C THR T 14 37.25 49.02 47.51
N GLN T 15 36.19 48.76 48.25
CA GLN T 15 35.99 47.47 48.88
C GLN T 15 34.99 46.68 48.07
N MET T 16 34.88 45.39 48.38
CA MET T 16 34.02 44.48 47.63
C MET T 16 32.57 44.96 47.66
N GLY T 17 31.86 44.80 46.55
CA GLY T 17 30.45 45.11 46.50
C GLY T 17 30.04 46.57 46.56
N ASN T 18 30.95 47.47 46.21
CA ASN T 18 30.62 48.88 46.02
C ASN T 18 30.09 49.10 44.60
N ASP T 19 29.78 50.35 44.25
CA ASP T 19 29.40 50.68 42.88
C ASP T 19 30.25 51.81 42.28
N LYS T 20 30.80 51.50 41.11
CA LYS T 20 31.81 52.35 40.48
C LYS T 20 31.54 52.56 38.99
N SER T 21 32.00 53.69 38.45
CA SER T 21 31.86 53.91 37.01
C SER T 21 33.16 54.38 36.40
N ILE T 22 33.44 53.82 35.22
CA ILE T 22 34.60 54.25 34.46
C ILE T 22 34.14 54.83 33.14
N LYS T 23 34.74 55.93 32.77
CA LYS T 23 34.39 56.64 31.55
C LYS T 23 35.57 56.59 30.59
N CYS T 24 35.33 56.99 29.34
CA CYS T 24 36.38 56.96 28.32
C CYS T 24 35.99 57.79 27.09
N GLU T 25 36.98 58.20 26.33
CA GLU T 25 36.66 59.07 25.20
C GLU T 25 37.71 58.99 24.12
N GLN T 26 37.25 59.21 22.89
CA GLN T 26 38.09 59.22 21.73
C GLN T 26 37.69 60.40 20.87
N ASN T 27 38.65 61.24 20.49
CA ASN T 27 38.33 62.32 19.58
C ASN T 27 39.10 62.13 18.30
N LEU T 28 39.33 60.86 17.96
CA LEU T 28 39.99 60.44 16.72
C LEU T 28 39.10 60.48 15.50
N GLY T 29 37.79 60.47 15.74
CA GLY T 29 36.80 60.36 14.69
C GLY T 29 36.19 59.05 15.08
N HIS T 30 36.72 57.99 14.49
CA HIS T 30 36.37 56.58 14.73
C HIS T 30 34.89 56.22 14.88
N ASP T 31 34.57 54.96 14.63
CA ASP T 31 33.24 54.41 14.90
C ASP T 31 33.47 52.99 15.39
N THR T 32 33.50 52.86 16.72
CA THR T 32 33.90 51.67 17.50
C THR T 32 34.82 52.07 18.64
N MET T 33 34.45 51.63 19.83
CA MET T 33 35.30 51.73 20.99
C MET T 33 35.18 50.38 21.67
N TYR T 34 36.08 50.09 22.60
CA TYR T 34 36.19 48.75 23.14
C TYR T 34 36.43 48.79 24.63
N TRP T 35 36.32 47.62 25.26
CA TRP T 35 36.76 47.46 26.63
C TRP T 35 37.48 46.14 26.75
N TYR T 36 38.74 46.16 27.14
CA TYR T 36 39.44 44.90 27.37
C TYR T 36 39.74 44.83 28.85
N LYS T 37 39.79 43.63 29.41
CA LYS T 37 40.24 43.51 30.78
C LYS T 37 41.66 42.94 30.85
N GLN T 38 42.54 43.65 31.55
CA GLN T 38 43.90 43.16 31.77
C GLN T 38 44.15 42.90 33.24
N ASP T 39 44.21 41.60 33.54
CA ASP T 39 44.51 41.06 34.85
C ASP T 39 45.99 40.82 35.05
N SER T 40 46.33 40.10 36.11
CA SER T 40 47.73 39.89 36.47
C SER T 40 48.37 38.86 35.56
N LYS T 41 47.56 38.19 34.74
CA LYS T 41 48.11 37.33 33.69
C LYS T 41 48.62 38.22 32.53
N LYS T 42 48.64 39.55 32.72
CA LYS T 42 48.81 40.54 31.65
C LYS T 42 48.05 40.17 30.38
N PHE T 43 46.94 39.45 30.52
CA PHE T 43 46.27 38.87 29.39
C PHE T 43 45.10 39.74 28.97
N LEU T 44 45.01 40.06 27.68
CA LEU T 44 43.91 40.88 27.20
C LEU T 44 42.70 40.00 26.82
N LYS T 45 41.53 40.28 27.39
CA LYS T 45 40.34 39.64 26.86
C LYS T 45 39.31 40.74 26.58
N ILE T 46 38.88 40.82 25.32
CA ILE T 46 37.89 41.79 24.91
C ILE T 46 36.62 41.58 25.71
N MET T 47 35.99 42.68 26.13
CA MET T 47 34.74 42.57 26.89
C MET T 47 33.57 43.05 26.06
N PHE T 48 33.54 44.33 25.75
CA PHE T 48 32.44 44.86 24.97
C PHE T 48 33.01 45.66 23.83
N SER T 49 32.17 46.09 22.89
CA SER T 49 32.60 46.98 21.80
C SER T 49 31.37 47.72 21.27
N TYR T 50 31.55 48.83 20.58
CA TYR T 50 30.36 49.57 20.19
C TYR T 50 30.54 50.28 18.87
N ASN T 51 29.75 49.91 17.88
CA ASN T 51 29.80 50.67 16.64
C ASN T 51 28.60 51.60 16.52
N ASN T 52 28.88 52.89 16.55
CA ASN T 52 27.82 53.91 16.44
C ASN T 52 26.67 53.64 17.42
N LYS T 53 26.98 53.72 18.72
CA LYS T 53 26.06 53.42 19.82
C LYS T 53 25.68 51.94 19.95
N GLU T 54 25.66 51.22 18.83
CA GLU T 54 25.17 49.83 18.75
C GLU T 54 26.12 48.78 19.32
N LEU T 55 25.63 47.93 20.22
CA LEU T 55 26.55 46.97 20.84
C LEU T 55 26.83 45.77 19.93
N ILE T 56 28.13 45.52 19.68
CA ILE T 56 28.56 44.44 18.82
C ILE T 56 29.15 43.29 19.63
N ILE T 57 30.42 43.38 19.99
CA ILE T 57 31.05 42.27 20.70
C ILE T 57 30.46 42.21 22.09
N ASN T 58 30.21 41.03 22.63
CA ASN T 58 29.67 41.00 23.98
C ASN T 58 30.30 39.91 24.89
N GLU T 59 30.82 38.86 24.27
CA GLU T 59 31.51 37.78 24.98
C GLU T 59 30.78 37.30 26.26
N THR T 60 31.42 37.45 27.41
CA THR T 60 30.82 37.02 28.67
C THR T 60 30.45 38.20 29.55
N VAL T 61 29.20 38.22 29.96
CA VAL T 61 28.65 39.36 30.66
C VAL T 61 28.04 38.94 32.01
N PRO T 62 28.87 38.97 33.07
CA PRO T 62 28.27 39.12 34.39
C PRO T 62 27.49 40.42 34.44
N ASN T 63 26.17 40.39 34.58
CA ASN T 63 25.38 41.59 34.28
C ASN T 63 25.57 42.70 35.29
N ARG T 64 26.57 42.54 36.16
CA ARG T 64 27.14 43.64 36.94
C ARG T 64 27.76 44.73 36.07
N PHE T 65 28.70 44.30 35.23
CA PHE T 65 29.36 45.14 34.23
C PHE T 65 28.33 45.76 33.31
N SER T 66 28.08 47.05 33.40
CA SER T 66 27.07 47.67 32.54
C SER T 66 27.69 48.74 31.68
N PRO T 67 28.06 48.37 30.45
CA PRO T 67 28.56 49.33 29.47
C PRO T 67 27.50 50.32 29.04
N LYS T 68 27.90 51.28 28.21
CA LYS T 68 26.98 52.23 27.59
C LYS T 68 27.72 53.18 26.67
N SER T 69 27.19 53.34 25.45
CA SER T 69 27.77 54.26 24.51
C SER T 69 26.78 55.35 24.15
N PRO T 70 26.86 56.48 24.87
CA PRO T 70 26.07 57.68 24.70
C PRO T 70 26.20 58.24 23.29
N ASP T 71 27.43 58.32 22.78
CA ASP T 71 27.64 58.62 21.37
C ASP T 71 28.79 57.81 20.78
N LYS T 72 29.05 58.05 19.50
CA LYS T 72 30.12 57.38 18.76
C LYS T 72 31.49 57.54 19.45
N ALA T 73 31.63 58.63 20.21
CA ALA T 73 32.91 59.11 20.70
C ALA T 73 33.16 58.82 22.17
N HIS T 74 32.13 58.36 22.87
CA HIS T 74 32.28 58.11 24.30
C HIS T 74 31.95 56.69 24.64
N LEU T 75 32.43 56.22 25.78
CA LEU T 75 32.17 54.83 26.15
C LEU T 75 32.42 54.55 27.61
N ASN T 76 31.36 54.27 28.34
CA ASN T 76 31.52 54.11 29.76
C ASN T 76 31.23 52.71 30.22
N LEU T 77 31.78 52.38 31.38
CA LEU T 77 31.54 51.07 31.96
C LEU T 77 31.21 51.25 33.43
N HIS T 78 29.96 50.95 33.76
CA HIS T 78 29.52 50.94 35.14
C HIS T 78 29.53 49.52 35.61
N ILE T 79 30.25 49.30 36.69
CA ILE T 79 30.36 47.99 37.30
C ILE T 79 29.64 48.06 38.65
N ASN T 80 28.79 47.08 38.92
CA ASN T 80 27.93 47.04 40.09
C ASN T 80 28.30 45.80 40.91
N SER T 81 28.23 45.93 42.24
CA SER T 81 28.62 44.85 43.17
C SER T 81 30.04 44.32 42.88
N LEU T 82 31.06 45.03 43.35
CA LEU T 82 32.43 44.70 42.95
C LEU T 82 32.98 43.48 43.70
N GLU T 83 33.94 42.83 43.07
CA GLU T 83 34.44 41.52 43.50
C GLU T 83 35.95 41.54 43.43
N LEU T 84 36.61 40.89 44.39
CA LEU T 84 38.07 40.80 44.42
C LEU T 84 38.71 40.27 43.12
N GLY T 85 37.94 39.54 42.32
CA GLY T 85 38.45 38.96 41.09
C GLY T 85 38.43 39.97 39.96
N ASP T 86 37.78 41.10 40.22
CA ASP T 86 37.80 42.25 39.32
C ASP T 86 39.00 43.18 39.53
N SER T 87 39.83 42.89 40.53
CA SER T 87 41.03 43.68 40.73
C SER T 87 41.97 43.55 39.52
N ALA T 88 41.75 44.41 38.52
CA ALA T 88 42.50 44.34 37.28
C ALA T 88 42.53 45.72 36.62
N VAL T 89 43.16 45.83 35.45
CA VAL T 89 43.22 47.11 34.74
C VAL T 89 42.39 47.10 33.47
N TYR T 90 41.50 48.09 33.36
CA TYR T 90 40.52 48.09 32.31
C TYR T 90 40.99 49.05 31.22
N PHE T 91 41.04 48.56 29.99
CA PHE T 91 41.57 49.36 28.90
C PHE T 91 40.49 49.69 27.90
N CYS T 92 40.09 50.95 27.85
CA CYS T 92 39.34 51.41 26.70
C CYS T 92 40.20 51.36 25.41
N ALA T 93 39.54 51.16 24.27
CA ALA T 93 40.22 51.26 22.97
C ALA T 93 39.27 51.79 21.91
N SER T 94 39.80 52.07 20.71
CA SER T 94 38.95 52.51 19.58
C SER T 94 39.59 52.17 18.21
N SER T 95 38.77 51.82 17.23
CA SER T 95 39.23 51.38 15.90
C SER T 95 38.47 52.20 14.85
N GLN T 96 38.51 51.79 13.59
CA GLN T 96 37.56 52.39 12.66
C GLN T 96 36.48 51.39 12.25
N LEU T 97 36.80 50.53 11.27
CA LEU T 97 35.95 49.48 10.65
C LEU T 97 35.40 49.97 9.31
N ALA T 98 34.74 51.13 9.27
CA ALA T 98 34.17 51.61 8.00
C ALA T 98 35.24 51.61 6.92
N GLY T 99 34.88 51.12 5.74
CA GLY T 99 35.83 51.01 4.64
C GLY T 99 36.72 49.77 4.51
N GLY T 100 36.37 48.65 5.16
CA GLY T 100 37.12 47.42 4.97
C GLY T 100 37.04 46.30 6.01
N PRO T 101 37.59 46.54 7.21
CA PRO T 101 38.25 47.77 7.68
C PRO T 101 39.55 48.06 6.93
N LEU T 102 39.69 49.29 6.47
CA LEU T 102 40.92 49.76 5.87
C LEU T 102 41.99 49.90 6.96
N TYR T 103 41.60 50.54 8.06
CA TYR T 103 42.54 50.64 9.16
C TYR T 103 42.13 49.71 10.28
N ASN T 104 43.02 48.76 10.54
CA ASN T 104 42.84 47.64 11.45
C ASN T 104 43.34 47.82 12.88
N GLU T 105 44.16 48.84 13.11
CA GLU T 105 44.82 48.91 14.40
C GLU T 105 43.82 49.44 15.40
N GLN T 106 43.95 48.97 16.63
CA GLN T 106 43.13 49.49 17.70
C GLN T 106 43.98 50.42 18.59
N PHE T 107 43.39 51.57 18.91
CA PHE T 107 44.02 52.62 19.67
C PHE T 107 43.59 52.55 21.11
N PHE T 108 44.55 52.28 21.98
CA PHE T 108 44.26 52.04 23.39
C PHE T 108 44.36 53.28 24.24
N GLY T 109 43.62 53.26 25.34
CA GLY T 109 43.78 54.26 26.38
C GLY T 109 44.88 53.87 27.36
N PRO T 110 45.17 54.77 28.30
CA PRO T 110 46.26 54.59 29.26
C PRO T 110 45.89 53.63 30.36
N GLY T 111 44.66 53.12 30.27
CA GLY T 111 44.12 52.13 31.18
C GLY T 111 43.64 52.71 32.52
N THR T 112 42.57 52.12 33.02
CA THR T 112 42.07 52.44 34.35
C THR T 112 42.33 51.28 35.29
N ARG T 113 43.28 51.43 36.19
CA ARG T 113 43.58 50.39 37.16
C ARG T 113 42.52 50.34 38.22
N LEU T 114 42.07 49.15 38.55
CA LEU T 114 41.09 49.03 39.60
C LEU T 114 41.50 47.82 40.39
N THR T 115 41.91 48.05 41.62
CA THR T 115 42.15 46.95 42.51
C THR T 115 41.15 47.16 43.63
N VAL T 116 40.35 46.11 43.89
CA VAL T 116 39.35 46.16 44.94
C VAL T 116 39.75 45.27 46.12
N LEU T 117 39.65 45.84 47.32
CA LEU T 117 40.15 45.15 48.50
C LEU T 117 38.96 44.70 49.30
N GLU T 118 39.13 43.64 50.07
CA GLU T 118 38.06 43.23 50.96
C GLU T 118 37.84 44.35 51.97
N ASP T 119 38.91 45.08 52.27
CA ASP T 119 38.83 45.99 53.41
C ASP T 119 39.84 47.16 53.35
N LEU T 120 39.30 48.38 53.43
CA LEU T 120 40.10 49.61 53.40
C LEU T 120 40.95 49.90 54.65
N LYS T 121 40.96 49.04 55.67
CA LYS T 121 41.77 49.34 56.87
C LYS T 121 43.24 49.24 56.52
N ASN T 122 43.54 48.61 55.39
CA ASN T 122 44.91 48.33 55.02
C ASN T 122 45.44 49.25 53.93
N VAL T 123 44.82 50.42 53.78
CA VAL T 123 45.35 51.40 52.84
C VAL T 123 46.33 52.34 53.53
N PHE T 124 47.47 52.56 52.89
CA PHE T 124 48.46 53.49 53.38
C PHE T 124 49.08 54.24 52.24
N PRO T 125 49.34 55.54 52.46
CA PRO T 125 50.16 56.35 51.57
C PRO T 125 51.64 56.05 51.86
N PRO T 126 52.54 56.43 50.95
CA PRO T 126 53.95 56.11 51.16
C PRO T 126 54.70 57.23 51.85
N GLU T 127 55.72 56.90 52.61
CA GLU T 127 56.62 57.92 53.10
C GLU T 127 57.81 58.00 52.15
N VAL T 128 58.29 59.21 51.89
CA VAL T 128 59.32 59.43 50.88
C VAL T 128 60.58 60.05 51.45
N ALA T 129 61.69 59.36 51.25
CA ALA T 129 63.00 59.86 51.65
C ALA T 129 63.88 60.02 50.42
N VAL T 130 64.70 61.06 50.42
CA VAL T 130 65.75 61.17 49.43
C VAL T 130 67.06 60.98 50.17
N PHE T 131 68.03 60.37 49.51
CA PHE T 131 69.31 60.10 50.13
C PHE T 131 70.45 60.73 49.35
N GLU T 132 71.36 61.39 50.04
CA GLU T 132 72.43 62.13 49.34
C GLU T 132 73.60 61.21 48.97
N PRO T 133 74.17 61.43 47.77
CA PRO T 133 75.17 60.53 47.21
C PRO T 133 76.42 60.42 48.09
N SER T 134 77.06 59.25 48.17
CA SER T 134 78.30 59.15 48.93
C SER T 134 79.38 59.82 48.10
N GLU T 135 80.38 60.38 48.79
CA GLU T 135 81.43 61.12 48.11
C GLU T 135 82.43 60.13 47.52
N ALA T 136 82.28 58.88 47.95
CA ALA T 136 83.08 57.79 47.42
C ALA T 136 82.93 57.76 45.90
N GLU T 137 81.69 57.72 45.40
CA GLU T 137 81.51 57.62 43.97
C GLU T 137 81.86 58.96 43.33
N ILE T 138 81.75 60.03 44.11
CA ILE T 138 82.03 61.36 43.57
C ILE T 138 83.49 61.52 43.25
N SER T 139 84.36 60.95 44.06
CA SER T 139 85.76 60.90 43.68
C SER T 139 85.96 59.80 42.59
N HIS T 140 85.61 58.55 42.93
CA HIS T 140 85.96 57.40 42.12
C HIS T 140 85.39 57.36 40.70
N THR T 141 84.35 58.14 40.44
CA THR T 141 83.67 58.09 39.14
C THR T 141 83.39 59.48 38.59
N GLN T 142 83.50 60.47 39.46
CA GLN T 142 83.13 61.84 39.16
C GLN T 142 81.64 61.98 38.82
N LYS T 143 80.83 61.15 39.48
CA LYS T 143 79.38 61.11 39.23
C LYS T 143 78.64 60.94 40.56
N ALA T 144 77.38 61.35 40.59
CA ALA T 144 76.61 61.36 41.85
C ALA T 144 75.21 60.78 41.72
N THR T 145 74.99 59.62 42.34
CA THR T 145 73.69 58.98 42.30
C THR T 145 72.85 59.29 43.56
N LEU T 146 71.73 59.97 43.35
CA LEU T 146 70.71 60.16 44.40
C LEU T 146 69.73 58.99 44.39
N VAL T 147 69.28 58.60 45.57
CA VAL T 147 68.31 57.51 45.72
C VAL T 147 67.05 57.96 46.43
N CYS T 148 65.91 57.62 45.86
CA CYS T 148 64.64 57.91 46.51
C CYS T 148 63.98 56.62 47.02
N LEU T 149 63.47 56.70 48.25
CA LEU T 149 62.68 55.62 48.81
C LEU T 149 61.28 56.05 49.19
N ALA T 150 60.30 55.43 48.52
CA ALA T 150 58.88 55.54 48.86
C ALA T 150 58.45 54.24 49.49
N THR T 151 57.99 54.31 50.73
CA THR T 151 57.82 53.11 51.54
C THR T 151 56.50 53.03 52.30
N GLY T 152 56.04 51.80 52.55
CA GLY T 152 54.88 51.58 53.40
C GLY T 152 53.57 52.02 52.77
N PHE T 153 53.32 51.61 51.53
CA PHE T 153 52.09 52.01 50.90
C PHE T 153 51.38 50.81 50.36
N TYR T 154 50.07 50.91 50.31
CA TYR T 154 49.19 49.87 49.81
C TYR T 154 47.93 50.60 49.37
N PRO T 155 47.37 50.21 48.22
CA PRO T 155 47.89 49.28 47.21
C PRO T 155 49.04 49.85 46.37
N ASP T 156 49.35 49.18 45.27
CA ASP T 156 50.42 49.61 44.38
C ASP T 156 49.89 50.71 43.43
N HIS T 157 49.58 51.88 43.99
CA HIS T 157 49.11 53.01 43.18
C HIS T 157 49.97 54.26 43.31
N VAL T 158 51.20 54.24 42.79
CA VAL T 158 52.08 55.40 42.91
C VAL T 158 52.74 55.80 41.62
N GLU T 159 53.14 57.07 41.57
CA GLU T 159 53.93 57.59 40.47
C GLU T 159 55.09 58.49 40.97
N LEU T 160 56.31 57.98 40.92
CA LEU T 160 57.44 58.70 41.50
C LEU T 160 58.13 59.45 40.38
N SER T 161 58.55 60.67 40.68
CA SER T 161 59.22 61.47 39.67
C SER T 161 60.29 62.28 40.33
N TRP T 162 61.30 62.65 39.55
CA TRP T 162 62.38 63.49 40.00
C TRP T 162 62.27 64.89 39.41
N TRP T 163 62.31 65.88 40.28
CA TRP T 163 62.34 67.25 39.84
C TRP T 163 63.67 67.88 40.15
N VAL T 164 64.32 68.39 39.12
CA VAL T 164 65.55 69.12 39.33
C VAL T 164 65.30 70.56 38.92
N ASN T 165 65.48 71.45 39.89
CA ASN T 165 65.18 72.87 39.77
C ASN T 165 63.78 73.15 39.22
N GLY T 166 62.79 72.49 39.81
CA GLY T 166 61.40 72.77 39.50
C GLY T 166 61.02 72.43 38.07
N LYS T 167 61.86 71.62 37.43
CA LYS T 167 61.57 71.04 36.12
C LYS T 167 61.60 69.52 36.23
N GLU T 168 60.67 68.85 35.56
CA GLU T 168 60.62 67.41 35.73
C GLU T 168 61.69 66.76 34.86
N VAL T 169 62.47 65.90 35.49
CA VAL T 169 63.68 65.38 34.89
C VAL T 169 63.57 63.91 34.64
N HIS T 170 64.04 63.46 33.47
CA HIS T 170 63.98 62.04 33.13
C HIS T 170 65.35 61.44 32.93
N SER T 171 66.24 62.20 32.29
CA SER T 171 67.59 61.73 32.05
C SER T 171 68.24 61.32 33.36
N GLY T 172 69.14 60.35 33.31
CA GLY T 172 69.82 59.91 34.51
C GLY T 172 68.94 59.27 35.56
N VAL T 173 67.64 59.23 35.28
CA VAL T 173 66.70 58.63 36.22
C VAL T 173 66.49 57.19 35.86
N CYS T 174 66.39 56.38 36.90
CA CYS T 174 65.82 55.05 36.81
C CYS T 174 64.93 54.82 38.03
N THR T 175 63.68 54.43 37.83
CA THR T 175 62.81 54.10 38.95
C THR T 175 62.53 52.61 38.85
N ASP T 176 62.57 51.88 39.97
CA ASP T 176 62.27 50.43 39.98
C ASP T 176 61.06 50.08 39.10
N PRO T 177 61.20 49.04 38.26
CA PRO T 177 60.09 48.69 37.37
C PRO T 177 58.85 48.24 38.17
N GLN T 178 59.06 47.55 39.28
CA GLN T 178 57.95 47.12 40.14
C GLN T 178 58.30 47.26 41.60
N PRO T 179 57.26 47.34 42.45
CA PRO T 179 57.51 47.55 43.89
C PRO T 179 58.08 46.32 44.58
N LEU T 180 58.47 46.51 45.83
CA LEU T 180 58.85 45.42 46.71
C LEU T 180 57.75 45.29 47.75
N LYS T 181 57.43 44.04 48.11
CA LYS T 181 56.55 43.79 49.24
C LYS T 181 57.42 43.44 50.46
N GLU T 182 57.14 44.10 51.59
CA GLU T 182 58.02 44.15 52.78
C GLU T 182 58.07 42.85 53.58
N GLN T 183 57.00 42.06 53.46
CA GLN T 183 56.99 40.74 54.05
C GLN T 183 56.55 39.73 52.99
N PRO T 184 57.51 38.85 52.50
CA PRO T 184 57.06 37.94 51.45
C PRO T 184 55.89 37.03 51.95
N ALA T 185 55.51 37.11 53.24
CA ALA T 185 54.45 36.27 53.77
C ALA T 185 53.00 36.72 53.49
N LEU T 186 52.70 38.02 53.57
CA LEU T 186 51.29 38.43 53.51
C LEU T 186 50.91 39.01 52.17
N ASN T 187 49.60 39.01 51.87
CA ASN T 187 49.12 39.77 50.71
C ASN T 187 48.30 40.98 51.19
N ASP T 188 48.50 41.32 52.47
CA ASP T 188 47.97 42.57 53.03
C ASP T 188 49.10 43.55 52.90
N SER T 189 50.26 43.00 52.54
CA SER T 189 51.53 43.69 52.50
C SER T 189 51.53 45.05 51.84
N ARG T 190 52.04 46.03 52.58
CA ARG T 190 52.25 47.36 52.05
C ARG T 190 53.36 47.27 50.99
N TYR T 191 53.78 48.40 50.44
CA TYR T 191 54.83 48.38 49.42
C TYR T 191 55.96 49.39 49.67
N ALA T 192 57.07 49.21 48.95
CA ALA T 192 58.24 50.07 49.05
C ALA T 192 58.94 50.11 47.69
N LEU T 193 59.11 51.31 47.16
CA LEU T 193 59.65 51.48 45.83
C LEU T 193 60.95 52.26 45.91
N SER T 194 61.94 51.93 45.09
CA SER T 194 63.17 52.73 45.11
C SER T 194 63.38 53.32 43.73
N SER T 195 64.11 54.43 43.66
CA SER T 195 64.42 55.04 42.38
C SER T 195 65.75 55.77 42.41
N ARG T 196 66.30 56.05 41.22
CA ARG T 196 67.70 56.46 41.08
C ARG T 196 67.89 57.62 40.10
N LEU T 197 68.37 58.75 40.61
CA LEU T 197 68.79 59.86 39.78
C LEU T 197 70.27 60.11 39.88
N ARG T 198 71.00 59.96 38.77
CA ARG T 198 72.43 60.21 38.77
C ARG T 198 72.73 61.51 38.03
N VAL T 199 73.45 62.41 38.70
CA VAL T 199 73.88 63.66 38.08
C VAL T 199 75.40 63.75 38.09
N SER T 200 75.91 64.59 37.20
CA SER T 200 77.28 65.08 37.25
C SER T 200 77.77 65.41 38.67
N ALA T 201 79.01 65.03 38.98
CA ALA T 201 79.57 65.37 40.30
C ALA T 201 79.56 66.88 40.52
N THR T 202 79.93 67.64 39.49
CA THR T 202 79.98 69.09 39.60
C THR T 202 78.56 69.62 39.83
N PHE T 203 77.58 69.09 39.10
CA PHE T 203 76.20 69.54 39.27
C PHE T 203 75.75 69.38 40.70
N TRP T 204 76.04 68.23 41.29
CA TRP T 204 75.69 68.01 42.68
C TRP T 204 76.38 69.02 43.60
N GLN T 205 77.66 69.27 43.31
CA GLN T 205 78.49 70.18 44.11
C GLN T 205 78.21 71.63 43.74
N ASN T 206 77.09 72.11 44.25
CA ASN T 206 76.54 73.44 43.98
C ASN T 206 75.21 73.49 44.72
N PRO T 207 75.17 74.17 45.87
CA PRO T 207 73.96 74.13 46.67
C PRO T 207 72.91 75.16 46.26
N ARG T 208 72.99 75.64 45.01
CA ARG T 208 71.90 76.38 44.40
C ARG T 208 71.15 75.46 43.44
N ASN T 209 71.37 74.16 43.62
CA ASN T 209 70.78 73.13 42.79
C ASN T 209 69.87 72.28 43.64
N HIS T 210 68.66 72.11 43.15
CA HIS T 210 67.57 71.58 43.95
C HIS T 210 67.10 70.22 43.47
N PHE T 211 67.10 69.26 44.40
CA PHE T 211 66.63 67.92 44.08
C PHE T 211 65.32 67.67 44.82
N ARG T 212 64.27 67.31 44.10
CA ARG T 212 63.03 66.88 44.75
C ARG T 212 62.52 65.53 44.24
N CYS T 213 62.34 64.59 45.16
CA CYS T 213 61.69 63.32 44.83
C CYS T 213 60.25 63.37 45.23
N GLN T 214 59.37 63.01 44.29
CA GLN T 214 57.94 63.24 44.39
C GLN T 214 57.09 62.04 43.94
N VAL T 215 56.29 61.49 44.86
CA VAL T 215 55.42 60.32 44.62
C VAL T 215 53.91 60.62 44.73
N GLN T 216 53.19 60.55 43.63
CA GLN T 216 51.75 60.69 43.70
C GLN T 216 51.18 59.38 44.25
N PHE T 217 50.42 59.44 45.33
CA PHE T 217 49.72 58.24 45.78
C PHE T 217 48.29 58.40 45.36
N TYR T 218 47.67 57.30 44.92
CA TYR T 218 46.27 57.31 44.55
C TYR T 218 45.53 56.43 45.54
N GLY T 219 44.63 57.02 46.31
CA GLY T 219 43.96 56.29 47.37
C GLY T 219 42.45 56.53 47.45
N LEU T 220 42.03 56.94 48.65
CA LEU T 220 40.63 57.24 48.88
C LEU T 220 40.42 58.70 48.52
N SER T 221 39.33 59.03 47.83
CA SER T 221 38.96 60.41 47.78
C SER T 221 37.76 60.54 48.71
N GLU T 222 37.19 61.74 48.80
CA GLU T 222 36.31 62.01 49.92
C GLU T 222 34.90 61.49 49.77
N ASN T 223 34.77 60.20 50.08
CA ASN T 223 33.51 59.45 50.05
C ASN T 223 33.68 58.19 50.90
N ASP T 224 34.87 57.61 50.82
CA ASP T 224 35.22 56.40 51.55
C ASP T 224 35.15 56.51 53.09
N GLU T 225 34.45 55.55 53.70
CA GLU T 225 34.21 55.55 55.14
C GLU T 225 35.51 55.45 55.93
N TRP T 226 36.08 56.56 56.39
CA TRP T 226 37.27 56.38 57.21
C TRP T 226 36.96 56.39 58.71
N THR T 227 37.05 55.21 59.30
CA THR T 227 36.97 55.05 60.73
C THR T 227 38.19 54.29 61.24
N GLN T 228 39.19 55.06 61.67
CA GLN T 228 40.46 54.56 62.23
C GLN T 228 41.34 55.78 62.37
N ASP T 229 40.79 56.88 62.88
CA ASP T 229 41.56 58.08 63.25
C ASP T 229 42.74 58.55 62.35
N ARG T 230 43.69 57.65 62.04
CA ARG T 230 44.96 58.00 61.38
C ARG T 230 44.82 58.66 60.00
N ALA T 231 44.61 59.98 60.01
CA ALA T 231 44.54 60.82 58.81
C ALA T 231 43.48 60.39 57.77
N LYS T 232 43.65 59.18 57.23
CA LYS T 232 42.92 58.61 56.08
C LYS T 232 43.72 58.84 54.81
N PRO T 233 44.03 57.74 54.12
CA PRO T 233 44.79 57.76 52.87
C PRO T 233 43.99 58.41 51.74
N VAL T 234 43.98 59.74 51.71
CA VAL T 234 43.42 60.42 50.56
C VAL T 234 44.40 60.29 49.41
N THR T 235 43.89 60.24 48.19
CA THR T 235 44.72 60.47 47.03
C THR T 235 45.55 61.75 47.29
N GLN T 236 46.88 61.66 47.17
CA GLN T 236 47.79 62.73 47.55
C GLN T 236 49.20 62.56 46.94
N ILE T 237 50.02 63.58 47.12
CA ILE T 237 51.39 63.56 46.61
C ILE T 237 52.29 63.62 47.82
N VAL T 238 53.45 62.94 47.77
CA VAL T 238 54.36 62.93 48.92
C VAL T 238 55.81 63.31 48.52
N SER T 239 56.29 64.45 49.04
CA SER T 239 57.58 65.02 48.59
C SER T 239 58.73 64.81 49.58
N ALA T 240 59.92 65.16 49.11
CA ALA T 240 61.16 65.13 49.89
C ALA T 240 62.22 65.89 49.08
N GLU T 241 63.03 66.71 49.72
CA GLU T 241 63.97 67.56 48.97
C GLU T 241 65.44 67.29 49.28
N ALA T 242 66.32 67.92 48.51
CA ALA T 242 67.74 67.94 48.82
C ALA T 242 68.41 69.06 48.04
N TRP T 243 69.54 69.54 48.58
CA TRP T 243 70.34 70.61 47.98
C TRP T 243 71.77 70.13 47.79
N GLY T 244 72.50 70.76 46.87
CA GLY T 244 73.89 70.39 46.62
C GLY T 244 74.81 70.66 47.80
N ARG T 245 75.95 69.99 47.84
CA ARG T 245 76.97 70.23 48.87
C ARG T 245 78.31 70.57 48.25
N ALA T 246 79.35 70.59 49.10
CA ALA T 246 80.73 70.67 48.64
C ALA T 246 81.62 69.80 49.54
#